data_3VSZ
#
_entry.id   3VSZ
#
_cell.length_a   107.787
_cell.length_b   122.600
_cell.length_c   405.082
_cell.angle_alpha   90.000
_cell.angle_beta   90.000
_cell.angle_gamma   90.000
#
_symmetry.space_group_name_H-M   'P 21 21 21'
#
loop_
_entity.id
_entity.type
_entity.pdbx_description
1 polymer 'Ricin B lectin'
2 branched beta-D-galactopyranose-(1-3)-beta-D-galactopyranose-(1-3)-beta-D-galactopyranose
3 branched beta-D-galactopyranose-(1-3)-beta-D-galactopyranose
4 non-polymer GLYCEROL
5 water water
#
_entity_poly.entity_id   1
_entity_poly.type   'polypeptide(L)'
_entity_poly.pdbx_seq_one_letter_code
;MGSSHHHHHHSSGLVPRGSHMASMTGGQQMGRGSEFAAEGVIVNGTQFKDTSGNVIHAHGGGMLKHGDYYYWYGEYRDDS
NLFLGVSCYRSKDLVNWEYRGEVLSRNSAPELNHCNIERPKVMYNASTGEFVMWMHWENGINYGQARAAVAYSKTPDGKF
TYIRSFRPMQDTGVMDHGLPGYMSRDCNVFVDTDGKGYFISAANENMDLHLYELTPDYKNIASLKAKLFVGQQREAPCLI
KRNGYYYLITSGCTGWNPNQAKYAYSKDLASGWSQLYNLGNSTTYRSQPTFIIPVQGSSGTSYLYMGDRWAGAWGGKVND
SQYVWLPLNFISDTTLELPYYDSVKIDASSGIISEYIPDTTRYKLVNKNSGKVLDVLDGSVDNAAQIVQWTDNGSLSQQW
YLVDVGGGYKKIVNVKSGRALDVKDESKEDGGVLIQYTSNGGYNQHWKFTDIGDGYYKISSRHCGKLIDVRKWSTEDGGI
IQQWSDAGGTNQHWKLVLVSSPEPSPSPSPQVVKGDVNGDLKVNST
;
_entity_poly.pdbx_strand_id   A,B,C,D,E,F
#
# COMPACT_ATOMS: atom_id res chain seq x y z
N GLU A 39 2.95 -18.34 -39.82
CA GLU A 39 2.86 -16.88 -39.75
C GLU A 39 1.41 -16.41 -39.65
N GLY A 40 0.74 -16.82 -38.58
CA GLY A 40 -0.64 -16.42 -38.34
C GLY A 40 -0.68 -15.02 -37.75
N VAL A 41 -0.21 -14.03 -38.52
CA VAL A 41 -0.13 -12.66 -38.06
C VAL A 41 -1.04 -11.72 -38.85
N ILE A 42 -1.72 -10.82 -38.14
CA ILE A 42 -2.65 -9.87 -38.74
C ILE A 42 -2.15 -8.44 -38.59
N VAL A 43 -2.33 -7.63 -39.63
CA VAL A 43 -1.92 -6.23 -39.60
C VAL A 43 -3.13 -5.29 -39.52
N ASN A 44 -3.32 -4.68 -38.35
CA ASN A 44 -4.46 -3.76 -38.16
C ASN A 44 -4.34 -2.47 -38.96
N GLY A 45 -5.48 -1.80 -39.13
CA GLY A 45 -5.53 -0.55 -39.88
C GLY A 45 -5.46 -0.75 -41.38
N THR A 46 -5.70 -1.98 -41.81
CA THR A 46 -5.65 -2.34 -43.23
C THR A 46 -6.86 -3.18 -43.64
N GLN A 47 -6.94 -3.50 -44.92
CA GLN A 47 -8.01 -4.37 -45.41
C GLN A 47 -7.49 -5.77 -45.70
N PHE A 48 -7.86 -6.72 -44.84
CA PHE A 48 -7.41 -8.11 -44.97
C PHE A 48 -7.78 -8.67 -46.32
N LYS A 49 -6.91 -9.52 -46.87
CA LYS A 49 -7.17 -10.16 -48.15
C LYS A 49 -7.43 -11.66 -48.01
N ASP A 50 -8.43 -12.15 -48.73
CA ASP A 50 -8.78 -13.58 -48.71
C ASP A 50 -7.72 -14.39 -49.45
N THR A 51 -7.86 -15.70 -49.44
CA THR A 51 -6.91 -16.60 -50.09
C THR A 51 -6.77 -16.29 -51.58
N SER A 52 -7.83 -15.75 -52.17
CA SER A 52 -7.83 -15.43 -53.60
C SER A 52 -6.94 -14.24 -53.92
N GLY A 53 -6.60 -13.44 -52.90
CA GLY A 53 -5.78 -12.27 -53.12
C GLY A 53 -6.63 -11.02 -53.29
N ASN A 54 -7.91 -11.13 -52.94
CA ASN A 54 -8.82 -10.02 -53.05
C ASN A 54 -9.18 -9.40 -51.71
N VAL A 55 -9.46 -8.09 -51.71
CA VAL A 55 -9.81 -7.40 -50.48
C VAL A 55 -11.11 -7.94 -49.89
N ILE A 56 -11.06 -8.35 -48.62
CA ILE A 56 -12.24 -8.84 -47.92
C ILE A 56 -13.22 -7.71 -47.66
N HIS A 57 -14.49 -7.95 -47.98
CA HIS A 57 -15.53 -6.93 -47.77
C HIS A 57 -16.66 -7.40 -46.86
N ALA A 58 -16.43 -7.35 -45.55
CA ALA A 58 -17.45 -7.72 -44.58
C ALA A 58 -17.57 -6.67 -43.49
N HIS A 59 -17.96 -5.47 -43.89
CA HIS A 59 -18.04 -4.33 -42.97
C HIS A 59 -19.19 -4.47 -41.97
N GLY A 60 -18.95 -4.03 -40.75
CA GLY A 60 -19.94 -4.11 -39.69
C GLY A 60 -20.47 -5.51 -39.48
N GLY A 61 -19.69 -6.50 -39.86
CA GLY A 61 -20.10 -7.89 -39.79
C GLY A 61 -19.90 -8.52 -38.43
N GLY A 62 -19.99 -9.84 -38.39
CA GLY A 62 -19.79 -10.59 -37.16
C GLY A 62 -19.16 -11.93 -37.47
N MET A 63 -19.17 -12.85 -36.51
CA MET A 63 -18.56 -14.15 -36.70
C MET A 63 -19.24 -15.25 -35.90
N LEU A 64 -19.20 -16.47 -36.43
CA LEU A 64 -19.81 -17.62 -35.76
C LEU A 64 -18.91 -18.84 -35.85
N LYS A 65 -18.77 -19.54 -34.73
CA LYS A 65 -17.96 -20.76 -34.68
C LYS A 65 -18.85 -21.99 -34.70
N HIS A 66 -18.86 -22.69 -35.84
CA HIS A 66 -19.67 -23.89 -35.99
C HIS A 66 -18.85 -25.00 -36.64
N GLY A 67 -18.80 -26.15 -35.97
CA GLY A 67 -18.06 -27.29 -36.46
C GLY A 67 -16.55 -27.11 -36.32
N ASP A 68 -15.88 -27.00 -37.46
CA ASP A 68 -14.43 -26.85 -37.51
C ASP A 68 -14.03 -25.53 -38.15
N TYR A 69 -15.02 -24.68 -38.42
CA TYR A 69 -14.75 -23.43 -39.13
C TYR A 69 -15.29 -22.20 -38.40
N TYR A 70 -14.60 -21.08 -38.58
CA TYR A 70 -15.10 -19.79 -38.12
C TYR A 70 -15.67 -19.04 -39.32
N TYR A 71 -16.94 -18.66 -39.24
CA TYR A 71 -17.58 -17.98 -40.35
C TYR A 71 -17.69 -16.48 -40.11
N TRP A 72 -17.19 -15.70 -41.06
CA TRP A 72 -17.20 -14.24 -40.94
C TRP A 72 -18.19 -13.64 -41.92
N TYR A 73 -19.29 -13.09 -41.39
CA TYR A 73 -20.30 -12.45 -42.22
C TYR A 73 -20.12 -10.94 -42.18
N GLY A 74 -20.73 -10.25 -43.15
CA GLY A 74 -20.66 -8.80 -43.22
C GLY A 74 -21.30 -8.27 -44.49
N GLU A 75 -21.54 -6.97 -44.52
CA GLU A 75 -22.19 -6.34 -45.67
C GLU A 75 -21.26 -5.35 -46.37
N TYR A 76 -21.67 -4.92 -47.56
CA TYR A 76 -20.87 -3.95 -48.31
C TYR A 76 -21.74 -3.31 -49.38
N ARG A 77 -21.62 -1.99 -49.51
CA ARG A 77 -22.41 -1.24 -50.48
C ARG A 77 -21.89 -1.42 -51.90
N ASP A 78 -22.51 -0.71 -52.83
CA ASP A 78 -22.09 -0.75 -54.23
C ASP A 78 -21.70 0.64 -54.73
N ASP A 79 -22.05 0.94 -55.97
CA ASP A 79 -21.72 2.25 -56.55
C ASP A 79 -22.65 3.35 -56.06
N SER A 80 -23.89 2.98 -55.73
CA SER A 80 -24.89 3.93 -55.26
C SER A 80 -24.98 3.94 -53.73
N ASN A 81 -23.97 3.37 -53.10
CA ASN A 81 -23.90 3.30 -51.64
C ASN A 81 -25.12 2.61 -51.03
N LEU A 82 -25.60 1.58 -51.72
CA LEU A 82 -26.76 0.83 -51.25
C LEU A 82 -26.39 -0.62 -51.01
N PHE A 83 -27.24 -1.33 -50.27
CA PHE A 83 -27.02 -2.74 -49.96
C PHE A 83 -26.82 -3.58 -51.23
N LEU A 84 -25.65 -4.20 -51.33
CA LEU A 84 -25.35 -5.05 -52.48
C LEU A 84 -25.47 -6.51 -52.06
N GLY A 85 -24.79 -6.88 -50.99
CA GLY A 85 -24.84 -8.25 -50.50
C GLY A 85 -24.15 -8.45 -49.16
N VAL A 86 -24.50 -9.54 -48.48
CA VAL A 86 -23.88 -9.88 -47.21
C VAL A 86 -22.91 -11.04 -47.42
N SER A 87 -21.63 -10.70 -47.58
CA SER A 87 -20.60 -11.69 -47.87
C SER A 87 -20.38 -12.66 -46.72
N CYS A 88 -19.72 -13.77 -47.01
CA CYS A 88 -19.40 -14.77 -46.00
C CYS A 88 -18.05 -15.41 -46.25
N TYR A 89 -17.17 -15.32 -45.25
CA TYR A 89 -15.82 -15.88 -45.36
C TYR A 89 -15.60 -16.98 -44.32
N ARG A 90 -14.90 -18.03 -44.72
CA ARG A 90 -14.68 -19.19 -43.87
C ARG A 90 -13.19 -19.43 -43.60
N SER A 91 -12.86 -19.88 -42.39
CA SER A 91 -11.48 -20.14 -42.02
C SER A 91 -11.38 -20.97 -40.75
N LYS A 92 -10.24 -21.65 -40.58
CA LYS A 92 -10.00 -22.45 -39.38
C LYS A 92 -8.95 -21.76 -38.51
N ASP A 93 -8.06 -21.01 -39.17
CA ASP A 93 -6.95 -20.36 -38.48
C ASP A 93 -7.23 -18.90 -38.13
N LEU A 94 -8.32 -18.35 -38.65
CA LEU A 94 -8.72 -16.97 -38.36
C LEU A 94 -7.81 -15.93 -39.01
N VAL A 95 -6.93 -16.37 -39.90
CA VAL A 95 -6.04 -15.44 -40.59
C VAL A 95 -6.21 -15.53 -42.10
N ASN A 96 -6.28 -16.76 -42.62
CA ASN A 96 -6.51 -16.99 -44.04
C ASN A 96 -7.98 -17.25 -44.33
N TRP A 97 -8.64 -16.30 -44.98
CA TRP A 97 -10.08 -16.40 -45.21
C TRP A 97 -10.42 -16.81 -46.63
N GLU A 98 -11.45 -17.67 -46.75
CA GLU A 98 -11.89 -18.16 -48.05
C GLU A 98 -13.27 -17.60 -48.40
N TYR A 99 -13.39 -17.12 -49.63
CA TYR A 99 -14.65 -16.56 -50.13
C TYR A 99 -15.71 -17.65 -50.29
N ARG A 100 -16.93 -17.37 -49.82
CA ARG A 100 -18.00 -18.36 -49.91
C ARG A 100 -19.26 -17.81 -50.59
N GLY A 101 -19.15 -16.61 -51.15
CA GLY A 101 -20.26 -16.00 -51.86
C GLY A 101 -21.16 -15.17 -50.96
N GLU A 102 -22.24 -14.66 -51.54
CA GLU A 102 -23.20 -13.86 -50.78
C GLU A 102 -24.34 -14.71 -50.24
N VAL A 103 -24.33 -14.93 -48.93
CA VAL A 103 -25.40 -15.67 -48.27
C VAL A 103 -26.70 -14.89 -48.37
N LEU A 104 -26.58 -13.59 -48.60
CA LEU A 104 -27.74 -12.72 -48.79
C LEU A 104 -27.43 -11.69 -49.87
N SER A 105 -28.35 -11.52 -50.81
CA SER A 105 -28.15 -10.59 -51.92
C SER A 105 -29.29 -9.59 -52.01
N ARG A 106 -29.11 -8.55 -52.80
CA ARG A 106 -30.16 -7.57 -53.04
C ARG A 106 -31.27 -8.20 -53.87
N ASN A 107 -31.03 -9.43 -54.33
CA ASN A 107 -32.00 -10.17 -55.13
C ASN A 107 -32.80 -11.17 -54.31
N SER A 108 -32.37 -11.39 -53.07
CA SER A 108 -33.01 -12.36 -52.17
C SER A 108 -34.45 -11.98 -51.84
N ALA A 109 -34.77 -10.69 -51.97
CA ALA A 109 -36.11 -10.20 -51.65
C ALA A 109 -36.40 -8.92 -52.43
N PRO A 110 -37.70 -8.59 -52.61
CA PRO A 110 -38.11 -7.39 -53.35
C PRO A 110 -37.72 -6.09 -52.68
N GLU A 111 -37.79 -6.05 -51.35
CA GLU A 111 -37.46 -4.85 -50.59
C GLU A 111 -35.96 -4.72 -50.33
N LEU A 112 -35.20 -5.72 -50.75
CA LEU A 112 -33.75 -5.69 -50.60
C LEU A 112 -33.06 -5.09 -51.82
N ASN A 113 -33.86 -4.78 -52.84
CA ASN A 113 -33.34 -4.18 -54.07
C ASN A 113 -32.80 -2.77 -53.80
N HIS A 114 -33.65 -1.90 -53.24
CA HIS A 114 -33.26 -0.52 -52.97
C HIS A 114 -33.35 -0.20 -51.49
N CYS A 115 -32.28 -0.52 -50.76
CA CYS A 115 -32.26 -0.33 -49.31
C CYS A 115 -30.85 -0.31 -48.72
N ASN A 116 -30.77 -0.03 -47.43
CA ASN A 116 -29.53 -0.05 -46.68
C ASN A 116 -29.56 -1.18 -45.65
N ILE A 117 -28.57 -2.06 -45.72
CA ILE A 117 -28.43 -3.13 -44.75
C ILE A 117 -27.05 -3.08 -44.11
N GLU A 118 -27.04 -2.98 -42.78
CA GLU A 118 -25.78 -2.88 -42.05
C GLU A 118 -25.81 -3.67 -40.75
N ARG A 119 -24.62 -4.08 -40.31
CA ARG A 119 -24.47 -4.87 -39.09
C ARG A 119 -25.26 -6.17 -39.11
N PRO A 120 -24.98 -7.03 -40.09
CA PRO A 120 -25.65 -8.33 -40.12
C PRO A 120 -24.93 -9.31 -39.20
N LYS A 121 -25.67 -9.96 -38.32
CA LYS A 121 -25.11 -10.91 -37.37
C LYS A 121 -25.76 -12.27 -37.55
N VAL A 122 -24.99 -13.33 -37.32
CA VAL A 122 -25.51 -14.68 -37.47
C VAL A 122 -25.37 -15.51 -36.20
N MET A 123 -26.47 -16.16 -35.81
CA MET A 123 -26.47 -17.00 -34.62
C MET A 123 -27.03 -18.39 -34.95
N TYR A 124 -26.56 -19.40 -34.22
CA TYR A 124 -26.98 -20.77 -34.47
C TYR A 124 -28.00 -21.28 -33.46
N ASN A 125 -28.95 -22.08 -33.93
CA ASN A 125 -29.96 -22.67 -33.08
C ASN A 125 -29.75 -24.18 -32.97
N ALA A 126 -29.48 -24.65 -31.76
CA ALA A 126 -29.24 -26.08 -31.53
C ALA A 126 -30.49 -26.90 -31.77
N SER A 127 -31.63 -26.38 -31.29
CA SER A 127 -32.92 -27.05 -31.43
C SER A 127 -33.25 -27.30 -32.90
N THR A 128 -33.48 -26.21 -33.63
CA THR A 128 -33.87 -26.30 -35.03
C THR A 128 -32.75 -26.88 -35.90
N GLY A 129 -31.55 -26.36 -35.74
CA GLY A 129 -30.42 -26.79 -36.54
C GLY A 129 -30.22 -25.89 -37.74
N GLU A 130 -30.81 -24.70 -37.67
CA GLU A 130 -30.71 -23.72 -38.75
C GLU A 130 -30.08 -22.42 -38.26
N PHE A 131 -29.38 -21.73 -39.16
CA PHE A 131 -28.70 -20.49 -38.79
C PHE A 131 -29.61 -19.29 -39.03
N VAL A 132 -29.95 -18.59 -37.95
CA VAL A 132 -30.80 -17.41 -38.04
C VAL A 132 -29.93 -16.15 -38.15
N MET A 133 -30.31 -15.26 -39.06
CA MET A 133 -29.54 -14.04 -39.29
C MET A 133 -30.36 -12.77 -39.06
N TRP A 134 -29.82 -11.87 -38.25
CA TRP A 134 -30.47 -10.58 -37.99
C TRP A 134 -29.66 -9.44 -38.58
N MET A 135 -30.27 -8.26 -38.70
CA MET A 135 -29.59 -7.11 -39.30
C MET A 135 -30.39 -5.82 -39.12
N HIS A 136 -29.86 -4.73 -39.68
CA HIS A 136 -30.51 -3.44 -39.62
C HIS A 136 -30.94 -2.99 -41.01
N TRP A 137 -32.23 -2.69 -41.17
CA TRP A 137 -32.78 -2.34 -42.47
C TRP A 137 -33.24 -0.88 -42.55
N GLU A 138 -33.01 -0.26 -43.70
CA GLU A 138 -33.42 1.12 -43.96
C GLU A 138 -33.89 1.28 -45.40
N ASN A 139 -34.54 2.41 -45.69
CA ASN A 139 -35.12 2.65 -47.01
C ASN A 139 -34.08 2.73 -48.12
N GLY A 140 -32.93 3.32 -47.82
CA GLY A 140 -31.93 3.61 -48.84
C GLY A 140 -32.10 5.04 -49.30
N ILE A 141 -33.18 5.66 -48.86
CA ILE A 141 -33.44 7.06 -49.14
C ILE A 141 -33.25 7.88 -47.87
N ASN A 142 -33.56 7.26 -46.74
CA ASN A 142 -33.43 7.91 -45.43
C ASN A 142 -33.33 6.88 -44.31
N TYR A 143 -33.38 7.33 -43.07
CA TYR A 143 -33.28 6.42 -41.93
C TYR A 143 -34.51 6.45 -41.04
N GLY A 144 -35.68 6.71 -41.63
CA GLY A 144 -36.92 6.77 -40.88
C GLY A 144 -37.51 5.42 -40.52
N GLN A 145 -37.25 4.43 -41.37
CA GLN A 145 -37.78 3.08 -41.15
C GLN A 145 -36.79 2.28 -40.33
N ALA A 146 -36.62 2.65 -39.07
CA ALA A 146 -35.70 1.96 -38.16
C ALA A 146 -36.24 0.59 -37.76
N ARG A 147 -35.99 -0.39 -38.62
CA ARG A 147 -36.51 -1.74 -38.40
C ARG A 147 -35.41 -2.80 -38.53
N ALA A 148 -35.67 -3.97 -37.94
CA ALA A 148 -34.75 -5.10 -38.03
C ALA A 148 -35.23 -6.08 -39.09
N ALA A 149 -34.29 -6.84 -39.66
CA ALA A 149 -34.63 -7.84 -40.67
C ALA A 149 -34.12 -9.21 -40.27
N VAL A 150 -34.78 -10.26 -40.76
CA VAL A 150 -34.44 -11.62 -40.37
C VAL A 150 -34.31 -12.53 -41.59
N ALA A 151 -33.42 -13.51 -41.50
CA ALA A 151 -33.24 -14.51 -42.54
C ALA A 151 -32.75 -15.80 -41.90
N TYR A 152 -32.64 -16.86 -42.69
CA TYR A 152 -32.15 -18.14 -42.16
C TYR A 152 -31.76 -19.12 -43.26
N SER A 153 -31.00 -20.15 -42.88
CA SER A 153 -30.54 -21.16 -43.82
C SER A 153 -30.19 -22.44 -43.07
N LYS A 154 -30.32 -23.58 -43.74
CA LYS A 154 -29.97 -24.86 -43.15
C LYS A 154 -28.46 -25.00 -43.00
N THR A 155 -27.73 -24.30 -43.86
CA THR A 155 -26.27 -24.30 -43.83
C THR A 155 -25.74 -22.89 -43.57
N PRO A 156 -24.53 -22.79 -43.01
CA PRO A 156 -23.91 -21.51 -42.65
C PRO A 156 -23.51 -20.69 -43.88
N ASP A 157 -22.88 -21.33 -44.86
CA ASP A 157 -22.42 -20.63 -46.06
C ASP A 157 -23.37 -20.78 -47.24
N GLY A 158 -24.60 -21.19 -46.95
CA GLY A 158 -25.61 -21.36 -47.98
C GLY A 158 -26.45 -20.12 -48.19
N LYS A 159 -27.18 -20.08 -49.29
CA LYS A 159 -28.03 -18.94 -49.61
C LYS A 159 -29.16 -18.78 -48.60
N PHE A 160 -29.13 -17.70 -47.84
CA PHE A 160 -30.17 -17.44 -46.86
C PHE A 160 -31.46 -17.02 -47.55
N THR A 161 -32.59 -17.33 -46.89
CA THR A 161 -33.89 -16.97 -47.40
C THR A 161 -34.50 -15.84 -46.57
N TYR A 162 -34.64 -14.67 -47.17
CA TYR A 162 -35.17 -13.51 -46.46
C TYR A 162 -36.59 -13.76 -45.98
N ILE A 163 -36.89 -13.30 -44.77
CA ILE A 163 -38.21 -13.47 -44.18
C ILE A 163 -38.98 -12.15 -44.22
N ARG A 164 -38.59 -11.22 -43.37
CA ARG A 164 -39.31 -9.95 -43.25
C ARG A 164 -38.47 -8.90 -42.54
N SER A 165 -38.90 -7.64 -42.65
CA SER A 165 -38.30 -6.55 -41.90
C SER A 165 -39.40 -5.91 -41.08
N PHE A 166 -39.10 -5.51 -39.86
CA PHE A 166 -40.14 -5.01 -38.96
C PHE A 166 -39.57 -4.24 -37.79
N ARG A 167 -40.42 -3.41 -37.18
CA ARG A 167 -40.07 -2.74 -35.94
C ARG A 167 -40.61 -3.53 -34.76
N PRO A 168 -39.72 -4.06 -33.92
CA PRO A 168 -40.06 -4.92 -32.78
C PRO A 168 -41.29 -4.41 -32.03
N MET A 169 -42.13 -5.33 -31.59
CA MET A 169 -43.34 -4.99 -30.83
C MET A 169 -44.28 -4.10 -31.65
N GLN A 170 -44.47 -4.42 -32.93
CA GLN A 170 -45.37 -3.61 -33.76
C GLN A 170 -46.82 -3.84 -33.39
N ASP A 171 -47.15 -5.09 -33.08
CA ASP A 171 -48.51 -5.48 -32.75
C ASP A 171 -48.96 -4.99 -31.38
N THR A 172 -47.99 -4.74 -30.51
CA THR A 172 -48.30 -4.26 -29.16
C THR A 172 -48.98 -2.89 -29.23
N GLY A 173 -48.83 -2.22 -30.38
CA GLY A 173 -49.44 -0.93 -30.62
C GLY A 173 -48.63 0.26 -30.15
N VAL A 174 -47.51 0.00 -29.50
CA VAL A 174 -46.65 1.06 -28.99
C VAL A 174 -46.12 1.92 -30.13
N MET A 175 -46.07 3.23 -29.91
CA MET A 175 -45.58 4.16 -30.93
C MET A 175 -44.22 4.72 -30.53
N ASP A 176 -43.27 4.66 -31.45
CA ASP A 176 -41.93 5.17 -31.19
C ASP A 176 -41.51 6.20 -32.23
N HIS A 177 -41.79 7.47 -31.94
CA HIS A 177 -41.44 8.56 -32.83
C HIS A 177 -42.14 8.51 -34.18
N GLY A 178 -43.48 8.56 -34.14
CA GLY A 178 -44.28 8.65 -35.35
C GLY A 178 -44.75 7.35 -35.96
N LEU A 179 -44.00 6.27 -35.77
CA LEU A 179 -44.35 4.99 -36.37
C LEU A 179 -44.63 3.91 -35.32
N PRO A 180 -45.45 2.91 -35.68
CA PRO A 180 -45.75 1.82 -34.76
C PRO A 180 -44.59 0.84 -34.63
N GLY A 181 -44.27 0.45 -33.40
CA GLY A 181 -43.18 -0.46 -33.14
C GLY A 181 -41.89 0.26 -32.76
N TYR A 182 -41.12 -0.35 -31.87
CA TYR A 182 -39.84 0.21 -31.44
C TYR A 182 -38.85 0.36 -32.58
N MET A 183 -38.13 1.47 -32.59
CA MET A 183 -37.07 1.69 -33.56
C MET A 183 -35.96 0.68 -33.32
N SER A 184 -35.27 0.28 -34.39
CA SER A 184 -34.22 -0.71 -34.28
C SER A 184 -33.13 -0.42 -35.30
N ARG A 185 -32.05 0.23 -34.87
CA ARG A 185 -30.93 0.52 -35.76
C ARG A 185 -29.76 -0.42 -35.49
N ASP A 186 -28.64 0.13 -35.00
CA ASP A 186 -27.48 -0.68 -34.67
C ASP A 186 -27.88 -1.86 -33.80
N CYS A 187 -27.51 -3.06 -34.23
CA CYS A 187 -27.98 -4.27 -33.57
C CYS A 187 -26.88 -5.30 -33.35
N ASN A 188 -27.24 -6.40 -32.72
CA ASN A 188 -26.33 -7.52 -32.48
C ASN A 188 -27.06 -8.68 -31.82
N VAL A 189 -26.53 -9.89 -32.00
CA VAL A 189 -27.16 -11.08 -31.45
C VAL A 189 -26.31 -11.75 -30.38
N PHE A 190 -26.94 -12.58 -29.57
CA PHE A 190 -26.26 -13.27 -28.48
C PHE A 190 -26.98 -14.55 -28.08
N VAL A 191 -26.22 -15.63 -27.96
CA VAL A 191 -26.78 -16.91 -27.54
C VAL A 191 -26.31 -17.26 -26.13
N ASP A 192 -27.25 -17.34 -25.20
CA ASP A 192 -26.92 -17.60 -23.81
C ASP A 192 -26.66 -19.09 -23.58
N THR A 193 -26.13 -19.42 -22.40
CA THR A 193 -25.80 -20.80 -22.07
C THR A 193 -27.03 -21.71 -22.02
N ASP A 194 -28.16 -21.16 -21.56
CA ASP A 194 -29.38 -21.93 -21.42
C ASP A 194 -30.04 -22.20 -22.77
N GLY A 195 -29.50 -21.60 -23.82
CA GLY A 195 -29.99 -21.80 -25.18
C GLY A 195 -30.97 -20.74 -25.64
N LYS A 196 -31.21 -19.73 -24.78
CA LYS A 196 -32.10 -18.64 -25.16
C LYS A 196 -31.41 -17.63 -26.05
N GLY A 197 -32.07 -17.28 -27.16
CA GLY A 197 -31.54 -16.30 -28.09
C GLY A 197 -31.93 -14.89 -27.70
N TYR A 198 -31.05 -13.94 -28.02
CA TYR A 198 -31.27 -12.53 -27.68
C TYR A 198 -30.87 -11.60 -28.82
N PHE A 199 -31.70 -10.59 -29.04
CA PHE A 199 -31.44 -9.57 -30.06
C PHE A 199 -31.43 -8.19 -29.42
N ILE A 200 -30.34 -7.46 -29.62
CA ILE A 200 -30.19 -6.12 -29.05
C ILE A 200 -30.02 -5.06 -30.13
N SER A 201 -30.64 -3.90 -29.94
CA SER A 201 -30.56 -2.81 -30.90
C SER A 201 -30.84 -1.46 -30.26
N ALA A 202 -30.47 -0.39 -30.95
CA ALA A 202 -30.69 0.96 -30.42
C ALA A 202 -32.07 1.48 -30.78
N ALA A 203 -32.88 1.76 -29.76
CA ALA A 203 -34.24 2.26 -29.95
C ALA A 203 -34.39 3.68 -29.42
N ASN A 204 -35.59 4.24 -29.59
CA ASN A 204 -35.90 5.58 -29.10
C ASN A 204 -34.90 6.62 -29.62
N GLU A 205 -34.70 6.66 -30.93
CA GLU A 205 -33.76 7.59 -31.54
C GLU A 205 -32.32 7.35 -31.07
N ASN A 206 -31.92 6.09 -31.03
CA ASN A 206 -30.58 5.72 -30.63
C ASN A 206 -30.23 6.14 -29.20
N MET A 207 -31.24 6.56 -28.45
CA MET A 207 -31.02 7.03 -27.08
C MET A 207 -31.03 5.88 -26.08
N ASP A 208 -31.78 4.82 -26.38
CA ASP A 208 -31.89 3.66 -25.51
C ASP A 208 -31.46 2.37 -26.20
N LEU A 209 -31.03 1.40 -25.41
CA LEU A 209 -30.71 0.08 -25.93
C LEU A 209 -31.80 -0.91 -25.52
N HIS A 210 -32.34 -1.63 -26.49
CA HIS A 210 -33.38 -2.61 -26.20
C HIS A 210 -32.85 -4.02 -26.37
N LEU A 211 -32.96 -4.82 -25.32
CA LEU A 211 -32.56 -6.22 -25.37
C LEU A 211 -33.81 -7.07 -25.51
N TYR A 212 -34.01 -7.62 -26.71
CA TYR A 212 -35.20 -8.43 -26.97
C TYR A 212 -34.89 -9.92 -26.81
N GLU A 213 -35.79 -10.63 -26.13
CA GLU A 213 -35.66 -12.07 -26.01
C GLU A 213 -36.39 -12.74 -27.17
N LEU A 214 -35.69 -13.64 -27.87
CA LEU A 214 -36.25 -14.28 -29.04
C LEU A 214 -37.02 -15.54 -28.68
N THR A 215 -37.98 -15.89 -29.53
CA THR A 215 -38.71 -17.14 -29.39
C THR A 215 -37.73 -18.29 -29.63
N PRO A 216 -38.10 -19.51 -29.19
CA PRO A 216 -37.22 -20.68 -29.32
C PRO A 216 -36.63 -20.88 -30.71
N ASP A 217 -37.31 -20.38 -31.74
CA ASP A 217 -36.85 -20.57 -33.12
C ASP A 217 -35.86 -19.48 -33.57
N TYR A 218 -35.66 -18.47 -32.71
CA TYR A 218 -34.73 -17.38 -32.99
C TYR A 218 -35.21 -16.44 -34.10
N LYS A 219 -36.27 -16.81 -34.81
CA LYS A 219 -36.71 -16.03 -35.96
C LYS A 219 -37.71 -14.93 -35.59
N ASN A 220 -38.17 -14.94 -34.34
CA ASN A 220 -39.14 -13.93 -33.88
C ASN A 220 -38.80 -13.38 -32.50
N ILE A 221 -39.45 -12.29 -32.13
CA ILE A 221 -39.25 -11.68 -30.81
C ILE A 221 -40.33 -12.10 -29.82
N ALA A 222 -39.89 -12.67 -28.70
CA ALA A 222 -40.81 -13.18 -27.69
C ALA A 222 -41.19 -12.12 -26.66
N SER A 223 -40.25 -11.24 -26.33
CA SER A 223 -40.49 -10.20 -25.34
C SER A 223 -39.35 -9.19 -25.24
N LEU A 224 -39.62 -8.10 -24.55
CA LEU A 224 -38.61 -7.08 -24.28
C LEU A 224 -37.93 -7.39 -22.96
N LYS A 225 -36.75 -7.99 -23.03
CA LYS A 225 -36.03 -8.45 -21.85
C LYS A 225 -35.74 -7.30 -20.88
N ALA A 226 -35.17 -6.22 -21.39
CA ALA A 226 -34.86 -5.07 -20.55
C ALA A 226 -34.39 -3.86 -21.36
N LYS A 227 -34.64 -2.67 -20.83
CA LYS A 227 -34.13 -1.44 -21.42
C LYS A 227 -32.83 -1.08 -20.72
N LEU A 228 -31.77 -0.93 -21.51
CA LEU A 228 -30.42 -0.72 -20.98
C LEU A 228 -29.83 0.64 -21.32
N PHE A 229 -29.28 1.31 -20.32
CA PHE A 229 -28.58 2.58 -20.53
C PHE A 229 -29.48 3.61 -21.19
N VAL A 230 -30.57 3.96 -20.51
CA VAL A 230 -31.53 4.90 -21.08
C VAL A 230 -30.97 6.32 -21.13
N GLY A 231 -31.20 7.00 -22.25
CA GLY A 231 -30.78 8.37 -22.42
C GLY A 231 -29.27 8.56 -22.51
N GLN A 232 -28.53 7.45 -22.45
CA GLN A 232 -27.07 7.53 -22.50
C GLN A 232 -26.54 7.42 -23.93
N GLN A 233 -27.40 6.99 -24.85
CA GLN A 233 -27.09 7.03 -26.27
C GLN A 233 -25.85 6.20 -26.64
N ARG A 234 -25.94 4.89 -26.45
CA ARG A 234 -24.85 3.98 -26.79
C ARG A 234 -25.16 3.23 -28.09
N GLU A 235 -24.15 3.05 -28.94
CA GLU A 235 -24.36 2.40 -30.23
C GLU A 235 -23.44 1.20 -30.41
N ALA A 236 -23.56 0.52 -31.55
CA ALA A 236 -22.73 -0.63 -31.86
C ALA A 236 -22.50 -1.55 -30.67
N PRO A 237 -23.58 -2.07 -30.07
CA PRO A 237 -23.48 -2.92 -28.88
C PRO A 237 -22.97 -4.32 -29.19
N CYS A 238 -22.18 -4.88 -28.27
CA CYS A 238 -21.69 -6.25 -28.41
C CYS A 238 -21.93 -6.98 -27.08
N LEU A 239 -22.80 -7.99 -27.12
CA LEU A 239 -23.18 -8.73 -25.92
C LEU A 239 -22.43 -10.06 -25.85
N ILE A 240 -21.72 -10.27 -24.75
CA ILE A 240 -20.98 -11.52 -24.53
C ILE A 240 -21.11 -12.01 -23.09
N LYS A 241 -20.64 -13.22 -22.84
CA LYS A 241 -20.68 -13.80 -21.51
C LYS A 241 -19.40 -14.60 -21.23
N ARG A 242 -18.96 -14.59 -19.98
CA ARG A 242 -17.73 -15.28 -19.60
C ARG A 242 -17.90 -16.26 -18.45
N ASN A 243 -17.90 -15.74 -17.23
CA ASN A 243 -18.05 -16.57 -16.03
C ASN A 243 -19.26 -16.15 -15.21
N GLY A 244 -20.45 -16.42 -15.73
CA GLY A 244 -21.67 -15.99 -15.07
C GLY A 244 -21.82 -14.49 -15.11
N TYR A 245 -20.94 -13.84 -15.88
CA TYR A 245 -20.95 -12.39 -16.04
C TYR A 245 -21.25 -11.97 -17.47
N TYR A 246 -22.28 -11.14 -17.65
CA TYR A 246 -22.60 -10.60 -18.97
C TYR A 246 -21.87 -9.29 -19.17
N TYR A 247 -21.27 -9.12 -20.33
CA TYR A 247 -20.51 -7.91 -20.64
C TYR A 247 -21.08 -7.24 -21.89
N LEU A 248 -21.28 -5.93 -21.81
CA LEU A 248 -21.85 -5.18 -22.93
C LEU A 248 -20.92 -4.09 -23.44
N ILE A 249 -20.21 -4.37 -24.52
CA ILE A 249 -19.31 -3.39 -25.13
C ILE A 249 -20.04 -2.50 -26.13
N THR A 250 -20.07 -1.20 -25.84
CA THR A 250 -20.77 -0.24 -26.69
C THR A 250 -19.80 0.83 -27.17
N SER A 251 -20.29 1.69 -28.06
CA SER A 251 -19.51 2.83 -28.54
C SER A 251 -20.35 4.09 -28.40
N GLY A 252 -19.79 5.22 -28.81
CA GLY A 252 -20.53 6.47 -28.74
C GLY A 252 -21.30 6.73 -30.03
N CYS A 253 -22.10 7.78 -30.05
CA CYS A 253 -22.86 8.13 -31.24
C CYS A 253 -22.33 9.39 -31.90
N THR A 254 -21.36 9.21 -32.80
CA THR A 254 -20.76 10.34 -33.51
C THR A 254 -20.50 10.00 -34.97
N GLY A 255 -21.43 9.29 -35.60
CA GLY A 255 -21.28 8.96 -37.00
C GLY A 255 -20.00 8.19 -37.31
N TRP A 256 -19.30 8.62 -38.35
CA TRP A 256 -18.05 7.99 -38.75
C TRP A 256 -16.96 8.18 -37.70
N ASN A 257 -16.92 9.36 -37.10
CA ASN A 257 -15.89 9.71 -36.13
C ASN A 257 -15.71 8.66 -35.04
N PRO A 258 -14.50 8.08 -34.95
CA PRO A 258 -14.22 7.13 -33.87
C PRO A 258 -14.38 7.84 -32.52
N ASN A 259 -14.80 7.12 -31.50
CA ASN A 259 -15.02 7.71 -30.19
C ASN A 259 -14.65 6.79 -29.04
N GLN A 260 -14.86 7.26 -27.82
CA GLN A 260 -14.55 6.48 -26.62
C GLN A 260 -15.51 5.31 -26.44
N ALA A 261 -14.99 4.09 -26.59
CA ALA A 261 -15.79 2.90 -26.35
C ALA A 261 -15.89 2.63 -24.85
N LYS A 262 -16.99 1.99 -24.44
CA LYS A 262 -17.21 1.67 -23.03
C LYS A 262 -17.80 0.27 -22.86
N TYR A 263 -17.82 -0.21 -21.62
CA TYR A 263 -18.37 -1.53 -21.32
C TYR A 263 -19.06 -1.55 -19.96
N ALA A 264 -19.87 -2.57 -19.74
CA ALA A 264 -20.54 -2.76 -18.46
C ALA A 264 -20.74 -4.25 -18.20
N TYR A 265 -21.06 -4.60 -16.95
CA TYR A 265 -21.23 -6.00 -16.58
C TYR A 265 -22.43 -6.22 -15.67
N SER A 266 -22.87 -7.46 -15.58
CA SER A 266 -24.01 -7.83 -14.74
C SER A 266 -24.12 -9.35 -14.61
N LYS A 267 -24.65 -9.81 -13.49
CA LYS A 267 -24.84 -11.24 -13.26
C LYS A 267 -26.10 -11.73 -13.97
N ASP A 268 -27.02 -10.80 -14.23
CA ASP A 268 -28.28 -11.12 -14.91
C ASP A 268 -28.55 -10.13 -16.04
N LEU A 269 -29.15 -10.63 -17.12
CA LEU A 269 -29.48 -9.78 -18.27
C LEU A 269 -30.62 -8.82 -17.98
N ALA A 270 -31.57 -9.26 -17.15
CA ALA A 270 -32.74 -8.44 -16.84
C ALA A 270 -32.37 -7.16 -16.08
N SER A 271 -31.54 -7.28 -15.06
CA SER A 271 -31.14 -6.13 -14.26
C SER A 271 -29.80 -6.39 -13.57
N GLY A 272 -29.33 -5.41 -12.80
CA GLY A 272 -28.08 -5.56 -12.08
C GLY A 272 -26.89 -5.05 -12.87
N TRP A 273 -27.15 -4.35 -13.96
CA TRP A 273 -26.09 -3.81 -14.80
C TRP A 273 -25.33 -2.68 -14.11
N SER A 274 -24.01 -2.67 -14.30
CA SER A 274 -23.16 -1.68 -13.70
C SER A 274 -23.12 -0.39 -14.52
N GLN A 275 -22.23 0.52 -14.13
CA GLN A 275 -22.04 1.76 -14.87
C GLN A 275 -21.12 1.54 -16.06
N LEU A 276 -20.91 2.59 -16.85
CA LEU A 276 -20.06 2.50 -18.03
C LEU A 276 -18.59 2.73 -17.67
N TYR A 277 -17.73 1.82 -18.09
CA TYR A 277 -16.29 1.97 -17.87
C TYR A 277 -15.55 2.09 -19.19
N ASN A 278 -14.66 3.06 -19.30
CA ASN A 278 -13.93 3.29 -20.54
C ASN A 278 -13.14 2.08 -21.01
N LEU A 279 -13.17 1.82 -22.31
CA LEU A 279 -12.42 0.72 -22.90
C LEU A 279 -11.59 1.26 -24.06
N GLY A 280 -10.30 0.93 -24.07
CA GLY A 280 -9.39 1.44 -25.06
C GLY A 280 -9.15 2.93 -24.84
N ASN A 281 -8.67 3.63 -25.86
CA ASN A 281 -8.45 5.07 -25.74
C ASN A 281 -9.66 5.91 -26.13
N SER A 282 -9.42 7.18 -26.43
CA SER A 282 -10.51 8.11 -26.72
C SER A 282 -11.13 7.89 -28.09
N THR A 283 -10.50 7.07 -28.92
CA THR A 283 -11.03 6.82 -30.25
C THR A 283 -11.09 5.32 -30.54
N THR A 284 -10.99 4.52 -29.49
CA THR A 284 -10.98 3.07 -29.64
C THR A 284 -9.96 2.66 -30.70
N TYR A 285 -8.83 3.34 -30.73
CA TYR A 285 -7.77 3.06 -31.68
C TYR A 285 -8.26 3.26 -33.11
N ARG A 286 -8.98 4.36 -33.32
CA ARG A 286 -9.54 4.69 -34.63
C ARG A 286 -10.37 3.58 -35.23
N SER A 287 -11.40 3.15 -34.50
CA SER A 287 -12.33 2.12 -34.98
C SER A 287 -13.63 2.12 -34.18
N GLN A 288 -14.60 1.33 -34.63
CA GLN A 288 -15.86 1.18 -33.92
C GLN A 288 -16.18 -0.30 -33.77
N PRO A 289 -16.48 -0.75 -32.53
CA PRO A 289 -16.75 -2.16 -32.22
C PRO A 289 -17.87 -2.74 -33.07
N THR A 290 -17.71 -3.98 -33.50
CA THR A 290 -18.73 -4.63 -34.32
C THR A 290 -19.13 -6.00 -33.77
N PHE A 291 -18.19 -6.73 -33.18
CA PHE A 291 -18.50 -8.05 -32.64
C PHE A 291 -17.34 -8.61 -31.80
N ILE A 292 -17.68 -9.49 -30.87
CA ILE A 292 -16.68 -10.10 -29.99
C ILE A 292 -17.00 -11.58 -29.76
N ILE A 293 -16.12 -12.46 -30.23
CA ILE A 293 -16.32 -13.90 -30.06
C ILE A 293 -15.23 -14.57 -29.23
N PRO A 294 -15.62 -15.57 -28.44
CA PRO A 294 -14.66 -16.37 -27.67
C PRO A 294 -13.93 -17.33 -28.60
N VAL A 295 -12.61 -17.24 -28.65
CA VAL A 295 -11.81 -18.17 -29.44
C VAL A 295 -11.26 -19.25 -28.52
N GLN A 296 -11.87 -20.42 -28.56
CA GLN A 296 -11.50 -21.50 -27.65
C GLN A 296 -10.50 -22.44 -28.32
N GLY A 297 -9.51 -22.87 -27.55
CA GLY A 297 -8.49 -23.77 -28.05
C GLY A 297 -7.97 -24.72 -26.98
N SER A 298 -6.78 -25.25 -27.20
CA SER A 298 -6.17 -26.21 -26.28
C SER A 298 -5.67 -25.54 -25.00
N SER A 299 -5.04 -24.38 -25.15
CA SER A 299 -4.49 -23.66 -24.01
C SER A 299 -5.59 -23.08 -23.13
N GLY A 300 -6.58 -22.46 -23.76
CA GLY A 300 -7.69 -21.88 -23.04
C GLY A 300 -8.64 -21.14 -23.96
N THR A 301 -9.21 -20.04 -23.47
CA THR A 301 -10.14 -19.26 -24.26
C THR A 301 -9.70 -17.80 -24.32
N SER A 302 -9.56 -17.26 -25.53
CA SER A 302 -9.20 -15.87 -25.73
C SER A 302 -10.26 -15.13 -26.54
N TYR A 303 -10.83 -14.08 -25.94
CA TYR A 303 -11.88 -13.31 -26.61
C TYR A 303 -11.31 -12.32 -27.63
N LEU A 304 -11.81 -12.43 -28.86
CA LEU A 304 -11.34 -11.59 -29.96
C LEU A 304 -12.26 -10.38 -30.19
N TYR A 305 -11.66 -9.21 -30.36
CA TYR A 305 -12.42 -8.00 -30.63
C TYR A 305 -12.33 -7.65 -32.11
N MET A 306 -13.48 -7.34 -32.71
CA MET A 306 -13.54 -6.95 -34.11
C MET A 306 -14.04 -5.51 -34.20
N GLY A 307 -13.43 -4.73 -35.07
CA GLY A 307 -13.82 -3.35 -35.24
C GLY A 307 -13.78 -2.89 -36.69
N ASP A 308 -14.32 -1.71 -36.93
CA ASP A 308 -14.32 -1.14 -38.27
C ASP A 308 -13.71 0.25 -38.30
N ARG A 309 -12.68 0.41 -39.14
CA ARG A 309 -12.12 1.72 -39.39
C ARG A 309 -12.83 2.34 -40.59
N TRP A 310 -14.02 2.88 -40.36
CA TRP A 310 -14.84 3.40 -41.44
C TRP A 310 -14.09 4.45 -42.26
N ALA A 311 -14.03 4.24 -43.56
CA ALA A 311 -13.33 5.17 -44.46
C ALA A 311 -13.98 6.54 -44.46
N GLY A 312 -15.23 6.61 -43.98
CA GLY A 312 -15.95 7.86 -43.92
C GLY A 312 -15.24 8.90 -43.09
N ALA A 313 -14.33 8.46 -42.24
CA ALA A 313 -13.56 9.35 -41.38
C ALA A 313 -12.69 10.29 -42.21
N TRP A 314 -12.16 9.79 -43.31
CA TRP A 314 -11.31 10.61 -44.18
C TRP A 314 -11.94 10.87 -45.55
N GLY A 315 -13.27 10.76 -45.61
CA GLY A 315 -14.01 11.06 -46.82
C GLY A 315 -13.96 10.00 -47.90
N GLY A 316 -13.86 8.74 -47.46
CA GLY A 316 -13.84 7.61 -48.38
C GLY A 316 -15.14 6.83 -48.39
N LYS A 317 -15.34 6.01 -49.42
CA LYS A 317 -16.54 5.19 -49.52
C LYS A 317 -16.50 4.04 -48.52
N VAL A 318 -17.68 3.55 -48.14
CA VAL A 318 -17.78 2.48 -47.14
C VAL A 318 -16.91 1.27 -47.48
N ASN A 319 -16.84 0.95 -48.77
CA ASN A 319 -16.07 -0.21 -49.23
C ASN A 319 -14.57 -0.07 -48.99
N ASP A 320 -14.14 1.15 -48.69
CA ASP A 320 -12.72 1.41 -48.43
C ASP A 320 -12.40 1.32 -46.94
N SER A 321 -13.32 0.77 -46.16
CA SER A 321 -13.13 0.63 -44.72
C SER A 321 -12.18 -0.51 -44.36
N GLN A 322 -11.34 -0.27 -43.35
CA GLN A 322 -10.36 -1.25 -42.89
C GLN A 322 -10.81 -1.91 -41.59
N TYR A 323 -10.09 -2.94 -41.16
CA TYR A 323 -10.45 -3.68 -39.96
C TYR A 323 -9.42 -3.56 -38.86
N VAL A 324 -9.87 -3.70 -37.61
CA VAL A 324 -8.98 -3.65 -36.46
C VAL A 324 -9.34 -4.77 -35.49
N TRP A 325 -8.49 -5.79 -35.42
CA TRP A 325 -8.71 -6.91 -34.52
C TRP A 325 -7.72 -6.88 -33.36
N LEU A 326 -8.26 -7.00 -32.15
CA LEU A 326 -7.45 -6.94 -30.94
C LEU A 326 -7.96 -7.93 -29.91
N PRO A 327 -7.08 -8.39 -29.02
CA PRO A 327 -7.47 -9.32 -27.96
C PRO A 327 -8.17 -8.60 -26.81
N LEU A 328 -9.28 -9.17 -26.34
CA LEU A 328 -10.00 -8.62 -25.20
C LEU A 328 -9.59 -9.36 -23.93
N ASN A 329 -8.78 -8.72 -23.11
CA ASN A 329 -8.24 -9.34 -21.90
C ASN A 329 -9.08 -9.04 -20.66
N PHE A 330 -9.18 -10.04 -19.77
CA PHE A 330 -9.96 -9.90 -18.55
C PHE A 330 -9.09 -9.87 -17.30
N ILE A 331 -8.75 -8.68 -16.82
CA ILE A 331 -8.01 -8.55 -15.58
C ILE A 331 -8.77 -9.20 -14.43
N SER A 332 -10.06 -8.90 -14.36
CA SER A 332 -10.94 -9.50 -13.36
C SER A 332 -12.33 -9.65 -13.95
N ASP A 333 -13.23 -10.28 -13.20
CA ASP A 333 -14.60 -10.45 -13.66
C ASP A 333 -15.28 -9.09 -13.84
N THR A 334 -14.69 -8.06 -13.25
CA THR A 334 -15.25 -6.72 -13.28
C THR A 334 -14.33 -5.71 -13.97
N THR A 335 -13.13 -6.15 -14.32
CA THR A 335 -12.13 -5.27 -14.95
C THR A 335 -11.67 -5.78 -16.31
N LEU A 336 -11.94 -5.01 -17.36
CA LEU A 336 -11.57 -5.40 -18.72
C LEU A 336 -10.46 -4.53 -19.31
N GLU A 337 -9.72 -5.12 -20.24
CA GLU A 337 -8.60 -4.47 -20.91
C GLU A 337 -8.67 -4.69 -22.41
N LEU A 338 -8.44 -3.63 -23.18
CA LEU A 338 -8.44 -3.74 -24.64
C LEU A 338 -7.19 -3.05 -25.17
N PRO A 339 -6.08 -3.80 -25.27
CA PRO A 339 -4.81 -3.23 -25.72
C PRO A 339 -4.76 -3.09 -27.23
N TYR A 340 -3.90 -2.19 -27.72
CA TYR A 340 -3.73 -2.01 -29.15
C TYR A 340 -2.36 -2.52 -29.61
N TYR A 341 -2.38 -3.54 -30.45
CA TYR A 341 -1.16 -4.08 -31.04
C TYR A 341 -1.18 -3.82 -32.55
N ASP A 342 -0.18 -3.11 -33.05
CA ASP A 342 -0.11 -2.80 -34.47
C ASP A 342 -0.12 -4.07 -35.31
N SER A 343 0.31 -5.17 -34.70
CA SER A 343 0.27 -6.48 -35.35
C SER A 343 -0.13 -7.52 -34.32
N VAL A 344 -1.11 -8.34 -34.66
CA VAL A 344 -1.60 -9.34 -33.71
C VAL A 344 -1.37 -10.74 -34.24
N LYS A 345 -0.83 -11.61 -33.38
CA LYS A 345 -0.62 -13.00 -33.72
C LYS A 345 -1.75 -13.86 -33.14
N ILE A 346 -2.27 -14.76 -33.95
CA ILE A 346 -3.38 -15.62 -33.53
C ILE A 346 -3.12 -17.09 -33.81
N ASP A 347 -3.37 -17.92 -32.80
CA ASP A 347 -3.27 -19.37 -32.96
C ASP A 347 -4.57 -20.00 -32.48
N ALA A 348 -5.55 -20.07 -33.39
CA ALA A 348 -6.88 -20.56 -33.06
C ALA A 348 -6.85 -21.95 -32.43
N SER A 349 -5.90 -22.77 -32.88
CA SER A 349 -5.78 -24.13 -32.38
C SER A 349 -5.57 -24.14 -30.86
N SER A 350 -4.66 -23.31 -30.38
CA SER A 350 -4.36 -23.26 -28.95
C SER A 350 -5.32 -22.30 -28.23
N GLY A 351 -5.94 -21.40 -28.98
CA GLY A 351 -6.83 -20.42 -28.41
C GLY A 351 -6.05 -19.32 -27.72
N ILE A 352 -5.06 -18.79 -28.41
CA ILE A 352 -4.22 -17.74 -27.85
C ILE A 352 -4.12 -16.54 -28.79
N ILE A 353 -4.43 -15.37 -28.27
CA ILE A 353 -4.35 -14.12 -29.02
C ILE A 353 -3.45 -13.11 -28.32
N SER A 354 -2.26 -12.89 -28.87
CA SER A 354 -1.30 -11.99 -28.25
C SER A 354 -0.67 -11.03 -29.26
N GLU A 355 0.29 -10.24 -28.78
CA GLU A 355 0.98 -9.26 -29.61
C GLU A 355 2.07 -9.92 -30.45
N TYR A 356 2.27 -9.39 -31.65
CA TYR A 356 3.35 -9.86 -32.52
C TYR A 356 4.56 -8.94 -32.44
N ILE A 357 5.67 -9.46 -31.93
CA ILE A 357 6.89 -8.68 -31.81
C ILE A 357 7.84 -8.93 -32.99
N PRO A 358 8.01 -7.93 -33.85
CA PRO A 358 8.87 -7.95 -35.04
C PRO A 358 10.32 -8.29 -34.72
N ASP A 359 10.74 -8.04 -33.48
CA ASP A 359 12.12 -8.30 -33.07
C ASP A 359 12.15 -8.97 -31.69
N THR A 360 12.34 -10.29 -31.68
CA THR A 360 12.27 -11.06 -30.45
C THR A 360 13.49 -10.89 -29.54
N THR A 361 14.44 -10.07 -29.97
CA THR A 361 15.66 -9.82 -29.21
C THR A 361 15.38 -9.30 -27.80
N ARG A 362 15.83 -10.04 -26.79
CA ARG A 362 15.66 -9.66 -25.39
C ARG A 362 16.75 -8.70 -24.92
N TYR A 363 16.43 -7.85 -23.94
CA TYR A 363 17.38 -6.87 -23.42
C TYR A 363 17.32 -6.71 -21.90
N LYS A 364 18.40 -6.19 -21.32
CA LYS A 364 18.44 -5.81 -19.92
C LYS A 364 18.89 -4.36 -19.80
N LEU A 365 18.19 -3.59 -18.97
CA LEU A 365 18.54 -2.18 -18.76
C LEU A 365 19.27 -1.96 -17.43
N VAL A 366 20.58 -1.81 -17.51
CA VAL A 366 21.41 -1.65 -16.32
C VAL A 366 21.67 -0.19 -16.00
N ASN A 367 21.42 0.20 -14.76
CA ASN A 367 21.67 1.57 -14.32
C ASN A 367 23.16 1.81 -14.08
N LYS A 368 23.66 2.95 -14.55
CA LYS A 368 25.07 3.27 -14.42
C LYS A 368 25.48 3.45 -12.96
N ASN A 369 24.63 4.13 -12.20
CA ASN A 369 24.95 4.45 -10.81
C ASN A 369 24.81 3.27 -9.86
N SER A 370 23.69 2.55 -9.95
CA SER A 370 23.39 1.47 -9.00
C SER A 370 23.92 0.11 -9.44
N GLY A 371 23.97 -0.12 -10.75
CA GLY A 371 24.38 -1.40 -11.28
C GLY A 371 23.20 -2.36 -11.33
N LYS A 372 22.06 -1.90 -10.82
CA LYS A 372 20.83 -2.67 -10.82
C LYS A 372 20.16 -2.59 -12.18
N VAL A 373 19.22 -3.49 -12.44
CA VAL A 373 18.54 -3.52 -13.73
C VAL A 373 17.05 -3.16 -13.59
N LEU A 374 16.46 -2.73 -14.70
CA LEU A 374 15.04 -2.37 -14.72
C LEU A 374 14.20 -3.62 -14.50
N ASP A 375 13.26 -3.56 -13.56
CA ASP A 375 12.48 -4.74 -13.19
C ASP A 375 11.07 -4.35 -12.77
N VAL A 376 10.22 -5.37 -12.59
CA VAL A 376 8.86 -5.14 -12.11
C VAL A 376 8.72 -5.58 -10.66
N LEU A 377 8.07 -4.75 -9.86
CA LEU A 377 7.88 -5.02 -8.44
C LEU A 377 7.27 -6.41 -8.21
N ASP A 378 7.92 -7.21 -7.38
CA ASP A 378 7.47 -8.57 -7.08
C ASP A 378 7.35 -9.42 -8.35
N GLY A 379 8.03 -9.00 -9.41
CA GLY A 379 7.98 -9.71 -10.67
C GLY A 379 6.55 -9.93 -11.11
N SER A 380 5.68 -8.99 -10.74
CA SER A 380 4.25 -9.11 -11.02
C SER A 380 3.91 -8.93 -12.50
N VAL A 381 2.82 -9.56 -12.91
CA VAL A 381 2.29 -9.41 -14.27
C VAL A 381 1.00 -8.61 -14.22
N ASP A 382 0.64 -8.16 -13.02
CA ASP A 382 -0.55 -7.34 -12.84
C ASP A 382 -0.45 -6.04 -13.61
N ASN A 383 -1.60 -5.46 -13.95
CA ASN A 383 -1.63 -4.20 -14.68
C ASN A 383 -1.28 -3.05 -13.75
N ALA A 384 -0.57 -2.05 -14.27
CA ALA A 384 -0.18 -0.89 -13.49
C ALA A 384 0.80 -1.25 -12.37
N ALA A 385 1.55 -2.33 -12.55
CA ALA A 385 2.51 -2.76 -11.55
C ALA A 385 3.71 -1.81 -11.51
N GLN A 386 4.12 -1.44 -10.30
CA GLN A 386 5.22 -0.50 -10.10
C GLN A 386 6.54 -1.01 -10.68
N ILE A 387 7.26 -0.12 -11.36
CA ILE A 387 8.56 -0.46 -11.91
C ILE A 387 9.68 -0.10 -10.93
N VAL A 388 10.54 -1.06 -10.62
CA VAL A 388 11.62 -0.84 -9.67
C VAL A 388 12.93 -1.39 -10.22
N GLN A 389 14.05 -0.94 -9.65
CA GLN A 389 15.35 -1.49 -10.01
C GLN A 389 15.65 -2.68 -9.13
N TRP A 390 16.35 -3.68 -9.68
CA TRP A 390 16.66 -4.87 -8.92
C TRP A 390 17.98 -5.50 -9.37
N THR A 391 18.56 -6.33 -8.51
CA THR A 391 19.81 -6.99 -8.82
C THR A 391 19.64 -7.92 -10.03
N ASP A 392 20.60 -7.88 -10.94
CA ASP A 392 20.56 -8.73 -12.12
C ASP A 392 20.49 -10.19 -11.71
N ASN A 393 19.31 -10.79 -11.81
CA ASN A 393 19.12 -12.18 -11.45
C ASN A 393 18.64 -13.02 -12.62
N GLY A 394 18.75 -12.48 -13.83
CA GLY A 394 18.37 -13.19 -15.03
C GLY A 394 16.92 -13.64 -15.05
N SER A 395 16.07 -12.92 -14.33
CA SER A 395 14.66 -13.28 -14.27
C SER A 395 13.93 -12.77 -15.51
N LEU A 396 12.71 -13.27 -15.72
CA LEU A 396 11.90 -12.86 -16.87
C LEU A 396 11.47 -11.41 -16.69
N SER A 397 11.11 -11.06 -15.46
CA SER A 397 10.63 -9.72 -15.17
C SER A 397 11.66 -8.65 -15.54
N GLN A 398 12.92 -9.06 -15.69
CA GLN A 398 13.99 -8.12 -16.00
C GLN A 398 14.42 -8.14 -17.46
N GLN A 399 13.58 -8.72 -18.32
CA GLN A 399 13.85 -8.78 -19.75
C GLN A 399 12.83 -7.98 -20.56
N TRP A 400 13.31 -7.23 -21.55
CA TRP A 400 12.45 -6.33 -22.30
C TRP A 400 12.67 -6.39 -23.81
N TYR A 401 11.58 -6.30 -24.57
CA TYR A 401 11.66 -6.20 -26.02
C TYR A 401 11.75 -4.72 -26.40
N LEU A 402 12.10 -4.44 -27.65
CA LEU A 402 12.12 -3.07 -28.15
C LEU A 402 11.43 -3.00 -29.50
N VAL A 403 10.18 -2.56 -29.48
CA VAL A 403 9.35 -2.47 -30.68
C VAL A 403 9.30 -1.06 -31.25
N ASP A 404 9.88 -0.88 -32.43
CA ASP A 404 9.87 0.41 -33.10
C ASP A 404 8.42 0.81 -33.41
N VAL A 405 8.09 2.07 -33.14
CA VAL A 405 6.72 2.55 -33.32
C VAL A 405 6.70 3.86 -34.10
N GLY A 406 7.64 4.01 -35.03
CA GLY A 406 7.73 5.20 -35.85
C GLY A 406 8.61 6.26 -35.22
N GLY A 407 9.23 7.08 -36.06
CA GLY A 407 10.16 8.09 -35.60
C GLY A 407 11.36 7.45 -34.94
N GLY A 408 11.96 8.15 -33.97
CA GLY A 408 13.09 7.61 -33.24
C GLY A 408 12.69 7.00 -31.91
N TYR A 409 11.38 6.79 -31.74
CA TYR A 409 10.82 6.28 -30.50
C TYR A 409 10.50 4.79 -30.58
N LYS A 410 10.44 4.15 -29.41
CA LYS A 410 10.21 2.72 -29.34
C LYS A 410 9.35 2.33 -28.14
N LYS A 411 8.82 1.12 -28.17
CA LYS A 411 8.05 0.56 -27.08
C LYS A 411 8.93 -0.37 -26.25
N ILE A 412 8.97 -0.13 -24.95
CA ILE A 412 9.70 -1.01 -24.05
C ILE A 412 8.73 -2.00 -23.42
N VAL A 413 8.68 -3.21 -23.96
CA VAL A 413 7.70 -4.20 -23.49
C VAL A 413 8.33 -5.27 -22.61
N ASN A 414 7.71 -5.52 -21.45
CA ASN A 414 8.17 -6.57 -20.55
C ASN A 414 7.93 -7.95 -21.14
N VAL A 415 8.76 -8.91 -20.79
CA VAL A 415 8.64 -10.27 -21.32
C VAL A 415 7.68 -11.15 -20.53
N LYS A 416 7.86 -11.19 -19.20
CA LYS A 416 7.00 -12.00 -18.35
C LYS A 416 5.54 -11.55 -18.49
N SER A 417 5.34 -10.26 -18.75
CA SER A 417 4.01 -9.72 -19.01
C SER A 417 4.10 -8.82 -20.22
N GLY A 418 3.21 -9.02 -21.19
CA GLY A 418 3.24 -8.30 -22.45
C GLY A 418 2.94 -6.82 -22.34
N ARG A 419 2.92 -6.31 -21.12
CA ARG A 419 2.63 -4.90 -20.88
C ARG A 419 3.82 -4.01 -21.19
N ALA A 420 3.53 -2.74 -21.48
CA ALA A 420 4.58 -1.80 -21.89
C ALA A 420 4.93 -0.82 -20.78
N LEU A 421 6.16 -0.32 -20.82
CA LEU A 421 6.61 0.71 -19.90
C LEU A 421 5.79 1.96 -20.11
N ASP A 422 5.17 2.48 -19.05
CA ASP A 422 4.21 3.56 -19.17
C ASP A 422 4.41 4.57 -18.05
N VAL A 423 4.26 5.85 -18.38
CA VAL A 423 4.31 6.90 -17.38
C VAL A 423 2.92 7.10 -16.79
N LYS A 424 2.76 6.66 -15.54
CA LYS A 424 1.47 6.68 -14.85
C LYS A 424 0.70 7.98 -15.03
N ASP A 425 -0.53 7.87 -15.52
CA ASP A 425 -1.45 9.00 -15.67
C ASP A 425 -0.95 10.08 -16.62
N GLU A 426 -0.12 9.67 -17.59
CA GLU A 426 0.42 10.60 -18.57
C GLU A 426 0.98 11.84 -17.88
N SER A 427 1.65 11.63 -16.76
CA SER A 427 2.20 12.74 -15.98
C SER A 427 3.29 13.48 -16.74
N LYS A 428 3.38 14.79 -16.51
CA LYS A 428 4.41 15.62 -17.11
C LYS A 428 5.27 16.27 -16.03
N GLU A 429 5.18 15.75 -14.81
CA GLU A 429 5.88 16.34 -13.67
C GLU A 429 7.07 15.48 -13.21
N ASP A 430 8.02 16.12 -12.55
CA ASP A 430 9.15 15.40 -11.97
C ASP A 430 8.63 14.46 -10.87
N GLY A 431 9.26 13.30 -10.74
CA GLY A 431 8.84 12.33 -9.75
C GLY A 431 7.69 11.46 -10.21
N GLY A 432 7.28 11.64 -11.46
CA GLY A 432 6.22 10.85 -12.04
C GLY A 432 6.58 9.37 -12.08
N VAL A 433 5.85 8.57 -11.31
CA VAL A 433 6.13 7.14 -11.19
C VAL A 433 6.00 6.40 -12.53
N LEU A 434 6.89 5.45 -12.76
CA LEU A 434 6.80 4.61 -13.95
C LEU A 434 6.21 3.25 -13.62
N ILE A 435 5.29 2.80 -14.47
CA ILE A 435 4.63 1.51 -14.27
C ILE A 435 4.56 0.75 -15.58
N GLN A 436 4.12 -0.51 -15.50
CA GLN A 436 3.81 -1.29 -16.69
C GLN A 436 2.31 -1.28 -16.92
N TYR A 437 1.88 -0.89 -18.12
CA TYR A 437 0.47 -0.75 -18.42
C TYR A 437 0.13 -1.35 -19.77
N THR A 438 -1.16 -1.60 -20.01
CA THR A 438 -1.59 -2.17 -21.27
C THR A 438 -1.23 -1.23 -22.43
N SER A 439 -0.71 -1.81 -23.51
CA SER A 439 -0.33 -1.01 -24.66
C SER A 439 -1.54 -0.28 -25.25
N ASN A 440 -1.43 1.04 -25.34
CA ASN A 440 -2.52 1.86 -25.88
C ASN A 440 -2.03 2.95 -26.84
N GLY A 441 -0.83 2.79 -27.36
CA GLY A 441 -0.29 3.73 -28.32
C GLY A 441 -0.11 5.14 -27.82
N GLY A 442 -0.25 5.33 -26.51
CA GLY A 442 -0.09 6.65 -25.91
C GLY A 442 1.37 7.08 -25.96
N TYR A 443 1.60 8.38 -26.04
CA TYR A 443 2.98 8.89 -26.11
C TYR A 443 3.74 8.65 -24.81
N ASN A 444 3.01 8.43 -23.73
CA ASN A 444 3.64 8.13 -22.44
C ASN A 444 4.14 6.68 -22.42
N GLN A 445 4.12 6.04 -23.58
CA GLN A 445 4.62 4.67 -23.70
C GLN A 445 5.69 4.59 -24.79
N HIS A 446 6.00 5.73 -25.40
CA HIS A 446 7.05 5.80 -26.41
C HIS A 446 8.35 6.37 -25.85
N TRP A 447 9.47 5.70 -26.12
CA TRP A 447 10.75 6.11 -25.56
C TRP A 447 11.84 6.22 -26.62
N LYS A 448 12.60 7.31 -26.57
CA LYS A 448 13.72 7.49 -27.47
C LYS A 448 15.05 7.29 -26.76
N PHE A 449 15.94 6.51 -27.39
CA PHE A 449 17.26 6.23 -26.82
C PHE A 449 18.31 7.18 -27.40
N THR A 450 19.01 7.89 -26.52
CA THR A 450 20.04 8.83 -26.94
C THR A 450 21.43 8.39 -26.49
N ASP A 451 22.24 7.92 -27.43
CA ASP A 451 23.59 7.45 -27.11
C ASP A 451 24.48 8.55 -26.53
N ILE A 452 25.02 8.28 -25.36
CA ILE A 452 25.94 9.21 -24.69
C ILE A 452 27.36 8.64 -24.64
N GLY A 453 27.52 7.43 -25.18
CA GLY A 453 28.82 6.78 -25.25
C GLY A 453 29.00 5.62 -24.28
N ASP A 454 29.90 4.72 -24.64
CA ASP A 454 30.26 3.57 -23.79
C ASP A 454 29.09 2.62 -23.57
N GLY A 455 28.10 2.68 -24.46
CA GLY A 455 26.98 1.77 -24.38
C GLY A 455 25.87 2.23 -23.44
N TYR A 456 25.93 3.48 -23.02
CA TYR A 456 24.89 4.02 -22.15
C TYR A 456 23.99 4.98 -22.90
N TYR A 457 22.73 5.06 -22.49
CA TYR A 457 21.75 5.91 -23.15
C TYR A 457 20.94 6.75 -22.18
N LYS A 458 20.32 7.81 -22.70
CA LYS A 458 19.35 8.60 -21.95
C LYS A 458 17.96 8.39 -22.53
N ILE A 459 17.15 7.59 -21.84
CA ILE A 459 15.83 7.23 -22.34
C ILE A 459 14.77 8.27 -22.00
N SER A 460 14.43 9.11 -22.97
CA SER A 460 13.47 10.19 -22.76
C SER A 460 12.07 9.80 -23.24
N SER A 461 11.05 10.29 -22.56
CA SER A 461 9.66 10.03 -22.95
C SER A 461 9.28 10.93 -24.13
N ARG A 462 8.31 10.47 -24.92
CA ARG A 462 7.87 11.24 -26.08
C ARG A 462 6.87 12.30 -25.66
N HIS A 463 6.30 12.12 -24.47
CA HIS A 463 5.25 13.00 -23.98
C HIS A 463 5.79 14.35 -23.50
N CYS A 464 6.83 14.33 -22.69
CA CYS A 464 7.39 15.57 -22.13
C CYS A 464 8.91 15.68 -22.33
N GLY A 465 9.57 14.54 -22.49
CA GLY A 465 11.01 14.54 -22.75
C GLY A 465 11.86 14.26 -21.52
N LYS A 466 11.20 13.95 -20.40
CA LYS A 466 11.93 13.66 -19.16
C LYS A 466 12.49 12.24 -19.19
N LEU A 467 13.62 12.03 -18.53
CA LEU A 467 14.33 10.75 -18.60
C LEU A 467 13.84 9.74 -17.57
N ILE A 468 14.10 8.47 -17.84
CA ILE A 468 13.86 7.39 -16.90
C ILE A 468 14.85 7.51 -15.74
N ASP A 469 14.32 7.70 -14.53
CA ASP A 469 15.14 8.04 -13.37
C ASP A 469 14.95 7.12 -12.17
N VAL A 470 16.05 6.76 -11.54
CA VAL A 470 16.01 6.02 -10.28
C VAL A 470 15.82 7.00 -9.14
N ARG A 471 14.66 6.92 -8.48
CA ARG A 471 14.31 7.89 -7.44
C ARG A 471 15.39 8.05 -6.38
N LYS A 472 15.76 9.30 -6.11
CA LYS A 472 16.69 9.62 -5.05
C LYS A 472 18.05 8.91 -5.18
N TRP A 473 18.46 8.65 -6.42
CA TRP A 473 19.74 7.99 -6.67
C TRP A 473 19.87 6.67 -5.91
N SER A 474 18.74 6.03 -5.64
CA SER A 474 18.73 4.79 -4.87
C SER A 474 19.68 3.75 -5.45
N THR A 475 20.31 2.99 -4.57
CA THR A 475 21.28 1.97 -4.95
C THR A 475 20.89 0.62 -4.37
N GLU A 476 19.67 0.54 -3.84
CA GLU A 476 19.20 -0.68 -3.21
C GLU A 476 18.09 -1.33 -4.05
N ASP A 477 17.74 -2.57 -3.70
CA ASP A 477 16.67 -3.28 -4.38
C ASP A 477 15.33 -2.62 -4.10
N GLY A 478 14.47 -2.55 -5.11
CA GLY A 478 13.15 -1.97 -4.94
C GLY A 478 13.12 -0.48 -5.20
N GLY A 479 14.24 0.07 -5.68
CA GLY A 479 14.32 1.49 -5.98
C GLY A 479 13.27 1.89 -7.01
N ILE A 480 12.44 2.86 -6.64
CA ILE A 480 11.36 3.30 -7.52
C ILE A 480 11.90 3.95 -8.79
N ILE A 481 11.49 3.41 -9.93
CA ILE A 481 11.84 4.00 -11.23
C ILE A 481 10.80 5.06 -11.59
N GLN A 482 11.26 6.26 -11.89
CA GLN A 482 10.37 7.39 -12.11
C GLN A 482 10.71 8.21 -13.34
N GLN A 483 10.16 9.41 -13.40
CA GLN A 483 10.36 10.34 -14.50
C GLN A 483 10.97 11.62 -13.95
N TRP A 484 12.03 12.10 -14.59
CA TRP A 484 12.71 13.28 -14.10
C TRP A 484 13.45 14.01 -15.21
N SER A 485 13.63 15.32 -15.04
CA SER A 485 14.33 16.13 -16.03
C SER A 485 15.76 15.65 -16.19
N ASP A 486 16.31 15.85 -17.39
CA ASP A 486 17.68 15.47 -17.68
C ASP A 486 18.63 16.32 -16.84
N ALA A 487 19.10 15.75 -15.74
CA ALA A 487 19.98 16.46 -14.81
C ALA A 487 21.44 16.04 -14.98
N GLY A 488 21.69 15.13 -15.91
CA GLY A 488 23.04 14.67 -16.21
C GLY A 488 23.57 13.70 -15.17
N GLY A 489 22.70 13.28 -14.27
CA GLY A 489 23.07 12.33 -13.24
C GLY A 489 23.28 10.93 -13.80
N THR A 490 24.11 10.15 -13.12
CA THR A 490 24.41 8.79 -13.57
C THR A 490 23.24 7.86 -13.26
N ASN A 491 22.34 8.30 -12.38
CA ASN A 491 21.15 7.53 -12.05
C ASN A 491 20.11 7.62 -13.16
N GLN A 492 20.42 8.38 -14.20
CA GLN A 492 19.54 8.55 -15.34
C GLN A 492 20.11 7.88 -16.60
N HIS A 493 21.29 7.29 -16.46
CA HIS A 493 21.96 6.63 -17.57
C HIS A 493 21.79 5.11 -17.53
N TRP A 494 21.42 4.52 -18.66
CA TRP A 494 21.16 3.09 -18.72
C TRP A 494 21.95 2.41 -19.84
N LYS A 495 22.46 1.21 -19.56
CA LYS A 495 23.15 0.44 -20.57
C LYS A 495 22.25 -0.66 -21.12
N LEU A 496 22.23 -0.82 -22.44
CA LEU A 496 21.43 -1.84 -23.10
C LEU A 496 22.25 -3.11 -23.29
N VAL A 497 21.82 -4.20 -22.66
CA VAL A 497 22.54 -5.48 -22.67
C VAL A 497 21.72 -6.65 -23.23
N LEU A 498 22.26 -7.31 -24.24
CA LEU A 498 21.62 -8.48 -24.85
C LEU A 498 21.62 -9.71 -23.94
N VAL A 499 20.57 -10.51 -24.04
CA VAL A 499 20.43 -11.72 -23.23
C VAL A 499 19.92 -12.91 -24.05
N GLU B 39 -75.95 -27.89 -67.59
CA GLU B 39 -76.31 -28.71 -66.44
C GLU B 39 -75.34 -28.48 -65.29
N GLY B 40 -75.56 -27.43 -64.52
CA GLY B 40 -74.73 -27.10 -63.39
C GLY B 40 -75.10 -27.89 -62.14
N VAL B 41 -75.01 -29.22 -62.25
CA VAL B 41 -75.36 -30.10 -61.16
C VAL B 41 -74.14 -30.64 -60.42
N ILE B 42 -74.26 -30.81 -59.10
CA ILE B 42 -73.16 -31.32 -58.29
C ILE B 42 -73.61 -32.54 -57.49
N VAL B 43 -72.84 -33.63 -57.59
CA VAL B 43 -73.15 -34.85 -56.85
C VAL B 43 -72.39 -34.91 -55.54
N ASN B 44 -73.05 -34.56 -54.43
CA ASN B 44 -72.40 -34.58 -53.13
C ASN B 44 -71.94 -35.96 -52.71
N GLY B 45 -70.98 -36.01 -51.78
CA GLY B 45 -70.46 -37.26 -51.26
C GLY B 45 -69.52 -37.95 -52.24
N THR B 46 -68.93 -37.18 -53.14
CA THR B 46 -68.00 -37.71 -54.12
C THR B 46 -66.80 -36.80 -54.32
N GLN B 47 -65.85 -37.25 -55.12
CA GLN B 47 -64.68 -36.44 -55.46
C GLN B 47 -64.88 -35.74 -56.80
N PHE B 48 -65.09 -34.43 -56.74
CA PHE B 48 -65.29 -33.63 -57.96
C PHE B 48 -64.10 -33.77 -58.89
N LYS B 49 -64.30 -33.47 -60.16
CA LYS B 49 -63.21 -33.55 -61.14
C LYS B 49 -62.98 -32.23 -61.86
N ASP B 50 -61.73 -31.99 -62.21
CA ASP B 50 -61.36 -30.82 -62.99
C ASP B 50 -61.74 -31.04 -64.45
N THR B 51 -61.57 -30.00 -65.27
CA THR B 51 -61.91 -30.09 -66.69
C THR B 51 -61.07 -31.13 -67.42
N SER B 52 -60.01 -31.60 -66.76
CA SER B 52 -59.11 -32.58 -67.36
C SER B 52 -59.55 -34.01 -67.10
N GLY B 53 -60.52 -34.18 -66.19
CA GLY B 53 -61.01 -35.50 -65.87
C GLY B 53 -60.29 -36.11 -64.67
N ASN B 54 -59.49 -35.30 -63.99
CA ASN B 54 -58.76 -35.75 -62.82
C ASN B 54 -59.42 -35.30 -61.52
N VAL B 55 -59.29 -36.10 -60.47
CA VAL B 55 -59.92 -35.78 -59.19
C VAL B 55 -59.33 -34.50 -58.60
N ILE B 56 -60.20 -33.58 -58.18
CA ILE B 56 -59.75 -32.35 -57.54
C ILE B 56 -59.25 -32.61 -56.13
N HIS B 57 -58.11 -32.03 -55.79
CA HIS B 57 -57.53 -32.22 -54.46
C HIS B 57 -57.33 -30.89 -53.72
N ALA B 58 -58.42 -30.25 -53.32
CA ALA B 58 -58.36 -29.02 -52.56
C ALA B 58 -59.10 -29.15 -51.23
N HIS B 59 -58.60 -30.01 -50.35
CA HIS B 59 -59.26 -30.31 -49.09
C HIS B 59 -59.08 -29.21 -48.05
N GLY B 60 -60.09 -29.05 -47.19
CA GLY B 60 -60.07 -28.05 -46.14
C GLY B 60 -59.70 -26.68 -46.64
N GLY B 61 -60.16 -26.37 -47.85
CA GLY B 61 -59.82 -25.12 -48.50
C GLY B 61 -60.98 -24.14 -48.55
N GLY B 62 -60.69 -22.92 -48.99
CA GLY B 62 -61.71 -21.89 -49.12
C GLY B 62 -61.88 -21.50 -50.57
N MET B 63 -62.49 -20.34 -50.80
CA MET B 63 -62.72 -19.85 -52.16
C MET B 63 -62.85 -18.33 -52.21
N LEU B 64 -62.34 -17.75 -53.29
CA LEU B 64 -62.35 -16.30 -53.44
C LEU B 64 -62.92 -15.87 -54.79
N LYS B 65 -63.70 -14.80 -54.76
CA LYS B 65 -64.29 -14.25 -55.99
C LYS B 65 -63.66 -12.92 -56.35
N HIS B 66 -62.77 -12.94 -57.33
CA HIS B 66 -62.09 -11.72 -57.76
C HIS B 66 -62.23 -11.49 -59.26
N GLY B 67 -62.91 -10.41 -59.62
CA GLY B 67 -63.15 -10.08 -61.01
C GLY B 67 -64.29 -10.89 -61.59
N ASP B 68 -63.97 -11.76 -62.53
CA ASP B 68 -64.96 -12.62 -63.16
C ASP B 68 -64.64 -14.10 -62.98
N TYR B 69 -63.96 -14.42 -61.88
CA TYR B 69 -63.53 -15.79 -61.61
C TYR B 69 -63.66 -16.17 -60.14
N TYR B 70 -64.01 -17.43 -59.91
CA TYR B 70 -64.01 -18.01 -58.57
C TYR B 70 -62.78 -18.90 -58.39
N TYR B 71 -62.01 -18.64 -57.35
CA TYR B 71 -60.79 -19.40 -57.11
C TYR B 71 -60.91 -20.31 -55.89
N TRP B 72 -60.78 -21.62 -56.12
CA TRP B 72 -60.87 -22.60 -55.05
C TRP B 72 -59.47 -23.07 -54.63
N TYR B 73 -59.08 -22.72 -53.41
CA TYR B 73 -57.78 -23.11 -52.87
C TYR B 73 -57.92 -24.23 -51.86
N GLY B 74 -56.94 -25.14 -51.83
CA GLY B 74 -56.95 -26.25 -50.89
C GLY B 74 -55.60 -26.94 -50.82
N GLU B 75 -55.47 -27.91 -49.91
CA GLU B 75 -54.21 -28.61 -49.75
C GLU B 75 -54.38 -30.12 -49.72
N TYR B 76 -53.33 -30.84 -50.10
CA TYR B 76 -53.37 -32.30 -50.09
C TYR B 76 -52.04 -32.94 -49.65
N ARG B 77 -52.14 -34.06 -48.94
CA ARG B 77 -50.98 -34.75 -48.38
C ARG B 77 -50.10 -35.47 -49.41
N ASP B 78 -48.91 -35.86 -48.97
CA ASP B 78 -47.99 -36.65 -49.78
C ASP B 78 -48.00 -38.10 -49.31
N ASP B 79 -46.96 -38.85 -49.69
CA ASP B 79 -46.86 -40.25 -49.31
C ASP B 79 -46.58 -40.41 -47.82
N SER B 80 -46.22 -39.31 -47.17
CA SER B 80 -45.88 -39.33 -45.75
C SER B 80 -46.90 -38.58 -44.89
N ASN B 81 -48.07 -38.32 -45.45
CA ASN B 81 -49.12 -37.59 -44.74
C ASN B 81 -48.73 -36.17 -44.36
N LEU B 82 -47.74 -35.61 -45.05
CA LEU B 82 -47.27 -34.26 -44.77
C LEU B 82 -47.68 -33.32 -45.91
N PHE B 83 -47.65 -32.01 -45.64
CA PHE B 83 -48.00 -31.03 -46.66
C PHE B 83 -47.04 -31.06 -47.83
N LEU B 84 -47.59 -31.10 -49.04
CA LEU B 84 -46.78 -31.10 -50.26
C LEU B 84 -47.09 -29.92 -51.18
N GLY B 85 -48.31 -29.41 -51.14
CA GLY B 85 -48.70 -28.32 -52.00
C GLY B 85 -50.13 -27.84 -51.83
N VAL B 86 -50.34 -26.54 -52.04
CA VAL B 86 -51.67 -25.96 -52.02
C VAL B 86 -52.12 -25.70 -53.46
N SER B 87 -53.14 -26.42 -53.90
CA SER B 87 -53.59 -26.35 -55.28
C SER B 87 -54.55 -25.20 -55.50
N CYS B 88 -54.74 -24.83 -56.76
CA CYS B 88 -55.62 -23.72 -57.12
C CYS B 88 -56.46 -24.04 -58.34
N TYR B 89 -57.77 -23.94 -58.19
CA TYR B 89 -58.71 -24.17 -59.29
C TYR B 89 -59.58 -22.94 -59.48
N ARG B 90 -59.85 -22.58 -60.73
CA ARG B 90 -60.72 -21.44 -61.01
C ARG B 90 -61.86 -21.83 -61.95
N SER B 91 -63.02 -21.20 -61.74
CA SER B 91 -64.19 -21.48 -62.56
C SER B 91 -65.19 -20.32 -62.48
N LYS B 92 -65.97 -20.15 -63.53
CA LYS B 92 -66.96 -19.07 -63.56
C LYS B 92 -68.39 -19.58 -63.32
N ASP B 93 -68.59 -20.89 -63.47
CA ASP B 93 -69.90 -21.49 -63.24
C ASP B 93 -69.94 -22.31 -61.97
N LEU B 94 -68.79 -22.40 -61.30
CA LEU B 94 -68.67 -23.12 -60.03
C LEU B 94 -68.91 -24.62 -60.18
N VAL B 95 -68.84 -25.12 -61.40
CA VAL B 95 -69.06 -26.55 -61.64
C VAL B 95 -67.89 -27.18 -62.39
N ASN B 96 -67.38 -26.47 -63.39
CA ASN B 96 -66.25 -26.95 -64.18
C ASN B 96 -64.97 -26.23 -63.80
N TRP B 97 -64.13 -26.91 -63.03
CA TRP B 97 -62.92 -26.32 -62.48
C TRP B 97 -61.69 -26.61 -63.33
N GLU B 98 -60.91 -25.56 -63.60
CA GLU B 98 -59.68 -25.66 -64.35
C GLU B 98 -58.46 -25.60 -63.42
N TYR B 99 -57.66 -26.65 -63.42
CA TYR B 99 -56.49 -26.71 -62.55
C TYR B 99 -55.45 -25.68 -62.95
N ARG B 100 -54.93 -24.95 -61.98
CA ARG B 100 -53.97 -23.89 -62.25
C ARG B 100 -52.65 -24.08 -61.53
N GLY B 101 -52.38 -25.31 -61.11
CA GLY B 101 -51.13 -25.64 -60.43
C GLY B 101 -51.12 -25.22 -58.98
N GLU B 102 -50.02 -25.52 -58.29
CA GLU B 102 -49.83 -25.15 -56.89
C GLU B 102 -49.39 -23.71 -56.68
N VAL B 103 -50.22 -22.94 -55.99
CA VAL B 103 -49.85 -21.57 -55.62
C VAL B 103 -48.83 -21.57 -54.49
N LEU B 104 -48.78 -22.68 -53.75
CA LEU B 104 -47.80 -22.85 -52.68
C LEU B 104 -47.31 -24.30 -52.66
N SER B 105 -46.04 -24.49 -52.33
CA SER B 105 -45.45 -25.82 -52.33
C SER B 105 -44.47 -26.01 -51.17
N ARG B 106 -44.08 -27.26 -50.93
CA ARG B 106 -43.13 -27.58 -49.89
C ARG B 106 -41.75 -27.04 -50.24
N ASN B 107 -41.56 -26.72 -51.51
CA ASN B 107 -40.28 -26.19 -51.99
C ASN B 107 -40.24 -24.67 -52.04
N SER B 108 -41.36 -24.02 -51.71
CA SER B 108 -41.44 -22.56 -51.73
C SER B 108 -40.60 -21.94 -50.62
N ALA B 109 -40.38 -22.71 -49.56
CA ALA B 109 -39.59 -22.25 -48.42
C ALA B 109 -38.98 -23.44 -47.70
N PRO B 110 -37.76 -23.26 -47.15
CA PRO B 110 -37.06 -24.32 -46.43
C PRO B 110 -37.81 -24.77 -45.18
N GLU B 111 -38.69 -23.92 -44.67
CA GLU B 111 -39.48 -24.24 -43.50
C GLU B 111 -40.68 -25.13 -43.85
N LEU B 112 -41.01 -25.19 -45.13
CA LEU B 112 -42.17 -25.95 -45.60
C LEU B 112 -41.77 -27.32 -46.16
N ASN B 113 -40.46 -27.57 -46.23
CA ASN B 113 -39.94 -28.82 -46.74
C ASN B 113 -40.55 -30.02 -46.01
N HIS B 114 -40.75 -29.87 -44.71
CA HIS B 114 -41.28 -30.94 -43.87
C HIS B 114 -42.19 -30.37 -42.79
N CYS B 115 -43.48 -30.36 -43.05
CA CYS B 115 -44.45 -29.79 -42.12
C CYS B 115 -45.89 -30.18 -42.45
N ASN B 116 -46.81 -29.85 -41.55
CA ASN B 116 -48.23 -30.07 -41.75
C ASN B 116 -49.00 -28.77 -41.93
N ILE B 117 -49.55 -28.57 -43.12
CA ILE B 117 -50.35 -27.39 -43.40
C ILE B 117 -51.78 -27.77 -43.73
N GLU B 118 -52.74 -27.14 -43.06
CA GLU B 118 -54.15 -27.47 -43.28
C GLU B 118 -55.03 -26.22 -43.16
N ARG B 119 -56.15 -26.24 -43.89
CA ARG B 119 -57.10 -25.14 -43.88
C ARG B 119 -56.50 -23.82 -44.36
N PRO B 120 -56.02 -23.80 -45.62
CA PRO B 120 -55.46 -22.59 -46.21
C PRO B 120 -56.56 -21.69 -46.77
N LYS B 121 -56.59 -20.44 -46.34
CA LYS B 121 -57.58 -19.48 -46.82
C LYS B 121 -56.89 -18.26 -47.41
N VAL B 122 -57.43 -17.73 -48.50
CA VAL B 122 -56.87 -16.53 -49.12
C VAL B 122 -57.82 -15.35 -49.07
N MET B 123 -57.24 -14.15 -49.04
CA MET B 123 -58.02 -12.92 -48.96
C MET B 123 -57.38 -11.82 -49.80
N TYR B 124 -58.22 -11.00 -50.43
CA TYR B 124 -57.75 -9.90 -51.27
C TYR B 124 -57.72 -8.58 -50.51
N ASN B 125 -56.79 -7.70 -50.89
CA ASN B 125 -56.67 -6.41 -50.24
C ASN B 125 -56.75 -5.28 -51.27
N ALA B 126 -57.74 -4.41 -51.09
CA ALA B 126 -57.96 -3.30 -52.01
C ALA B 126 -56.85 -2.26 -51.93
N SER B 127 -56.32 -2.05 -50.74
CA SER B 127 -55.26 -1.07 -50.52
C SER B 127 -53.97 -1.48 -51.23
N THR B 128 -53.52 -2.70 -50.95
CA THR B 128 -52.27 -3.23 -51.50
C THR B 128 -52.41 -3.66 -52.95
N GLY B 129 -53.51 -4.33 -53.27
CA GLY B 129 -53.74 -4.85 -54.60
C GLY B 129 -53.20 -6.26 -54.77
N GLU B 130 -52.83 -6.88 -53.65
CA GLU B 130 -52.30 -8.24 -53.67
C GLU B 130 -53.12 -9.17 -52.77
N PHE B 131 -52.95 -10.47 -52.96
CA PHE B 131 -53.67 -11.47 -52.18
C PHE B 131 -52.80 -12.01 -51.06
N VAL B 132 -53.40 -12.23 -49.90
CA VAL B 132 -52.69 -12.76 -48.74
C VAL B 132 -53.26 -14.10 -48.30
N MET B 133 -52.39 -15.10 -48.15
CA MET B 133 -52.80 -16.45 -47.78
C MET B 133 -52.46 -16.76 -46.33
N TRP B 134 -53.39 -17.42 -45.64
CA TRP B 134 -53.18 -17.86 -44.26
C TRP B 134 -53.43 -19.36 -44.13
N MET B 135 -52.95 -19.96 -43.05
CA MET B 135 -53.07 -21.40 -42.87
C MET B 135 -52.65 -21.86 -41.48
N HIS B 136 -52.87 -23.14 -41.21
CA HIS B 136 -52.45 -23.76 -39.95
C HIS B 136 -51.15 -24.51 -40.16
N TRP B 137 -50.16 -24.23 -39.32
CA TRP B 137 -48.83 -24.83 -39.49
C TRP B 137 -48.42 -25.73 -38.31
N GLU B 138 -47.83 -26.87 -38.65
CA GLU B 138 -47.30 -27.80 -37.67
C GLU B 138 -45.97 -28.34 -38.15
N ASN B 139 -45.14 -28.79 -37.22
CA ASN B 139 -43.78 -29.24 -37.56
C ASN B 139 -43.75 -30.51 -38.41
N GLY B 140 -44.75 -31.38 -38.24
CA GLY B 140 -44.83 -32.60 -39.02
C GLY B 140 -44.57 -33.84 -38.21
N ILE B 141 -44.16 -33.67 -36.96
CA ILE B 141 -43.90 -34.79 -36.06
C ILE B 141 -44.88 -34.80 -34.88
N ASN B 142 -45.44 -33.63 -34.58
CA ASN B 142 -46.46 -33.52 -33.54
C ASN B 142 -47.27 -32.24 -33.69
N TYR B 143 -48.33 -32.10 -32.89
CA TYR B 143 -49.17 -30.92 -32.94
C TYR B 143 -48.91 -30.03 -31.72
N GLY B 144 -47.64 -29.76 -31.45
CA GLY B 144 -47.25 -28.94 -30.32
C GLY B 144 -47.02 -27.49 -30.68
N GLN B 145 -46.53 -27.27 -31.89
CA GLN B 145 -46.21 -25.92 -32.37
C GLN B 145 -47.46 -25.03 -32.37
N ALA B 146 -48.52 -25.53 -33.00
CA ALA B 146 -49.79 -24.82 -33.07
C ALA B 146 -49.59 -23.35 -33.43
N ARG B 147 -49.26 -23.09 -34.69
CA ARG B 147 -49.02 -21.73 -35.16
C ARG B 147 -49.63 -21.48 -36.54
N ALA B 148 -49.80 -20.21 -36.88
CA ALA B 148 -50.35 -19.81 -38.17
C ALA B 148 -49.23 -19.42 -39.13
N ALA B 149 -49.52 -19.47 -40.43
CA ALA B 149 -48.53 -19.10 -41.44
C ALA B 149 -49.11 -18.07 -42.42
N VAL B 150 -48.23 -17.31 -43.06
CA VAL B 150 -48.65 -16.24 -43.97
C VAL B 150 -47.91 -16.30 -45.30
N ALA B 151 -48.60 -15.90 -46.38
CA ALA B 151 -48.02 -15.82 -47.70
C ALA B 151 -48.76 -14.77 -48.52
N TYR B 152 -48.21 -14.39 -49.68
CA TYR B 152 -48.86 -13.39 -50.53
C TYR B 152 -48.40 -13.47 -51.98
N SER B 153 -49.21 -12.89 -52.87
CA SER B 153 -48.92 -12.89 -54.30
C SER B 153 -49.64 -11.77 -55.03
N LYS B 154 -49.12 -11.39 -56.19
CA LYS B 154 -49.73 -10.34 -57.00
C LYS B 154 -50.93 -10.88 -57.77
N THR B 155 -50.83 -12.14 -58.19
CA THR B 155 -51.90 -12.80 -58.93
C THR B 155 -52.41 -14.03 -58.18
N PRO B 156 -53.71 -14.35 -58.36
CA PRO B 156 -54.32 -15.49 -57.68
C PRO B 156 -53.70 -16.83 -58.06
N ASP B 157 -53.64 -17.11 -59.37
CA ASP B 157 -53.11 -18.37 -59.86
C ASP B 157 -51.58 -18.44 -59.75
N GLY B 158 -50.95 -17.29 -59.50
CA GLY B 158 -49.50 -17.22 -59.38
C GLY B 158 -49.01 -17.83 -58.08
N LYS B 159 -47.76 -18.31 -58.09
CA LYS B 159 -47.19 -18.93 -56.89
C LYS B 159 -46.84 -17.92 -55.79
N PHE B 160 -47.53 -18.05 -54.66
CA PHE B 160 -47.32 -17.17 -53.51
C PHE B 160 -45.90 -17.31 -52.95
N THR B 161 -45.48 -16.31 -52.18
CA THR B 161 -44.17 -16.34 -51.54
C THR B 161 -44.34 -16.45 -50.02
N TYR B 162 -43.94 -17.58 -49.46
CA TYR B 162 -44.10 -17.83 -48.04
C TYR B 162 -43.33 -16.82 -47.21
N ILE B 163 -43.98 -16.31 -46.16
CA ILE B 163 -43.35 -15.35 -45.27
C ILE B 163 -42.79 -16.05 -44.05
N ARG B 164 -43.67 -16.32 -43.08
CA ARG B 164 -43.29 -16.91 -41.81
C ARG B 164 -44.44 -17.59 -41.09
N SER B 165 -44.11 -18.55 -40.23
CA SER B 165 -45.09 -19.19 -39.35
C SER B 165 -44.87 -18.70 -37.92
N PHE B 166 -45.94 -18.41 -37.21
CA PHE B 166 -45.83 -17.86 -35.87
C PHE B 166 -47.12 -18.04 -35.06
N ARG B 167 -47.00 -18.02 -33.74
CA ARG B 167 -48.16 -18.04 -32.87
C ARG B 167 -48.60 -16.62 -32.56
N PRO B 168 -49.86 -16.30 -32.84
CA PRO B 168 -50.43 -14.96 -32.72
C PRO B 168 -49.95 -14.20 -31.48
N MET B 169 -49.35 -13.04 -31.70
CA MET B 169 -48.86 -12.20 -30.61
C MET B 169 -47.87 -12.93 -29.71
N GLN B 170 -46.67 -13.19 -30.24
CA GLN B 170 -45.62 -13.84 -29.47
C GLN B 170 -44.96 -12.85 -28.51
N ASP B 171 -44.83 -11.60 -28.95
CA ASP B 171 -44.12 -10.58 -28.19
C ASP B 171 -44.93 -9.94 -27.06
N THR B 172 -46.23 -10.24 -27.03
CA THR B 172 -47.10 -9.65 -26.01
C THR B 172 -46.81 -10.23 -24.63
N GLY B 173 -45.81 -11.10 -24.56
CA GLY B 173 -45.40 -11.74 -23.32
C GLY B 173 -46.42 -12.72 -22.77
N VAL B 174 -47.29 -13.21 -23.65
CA VAL B 174 -48.32 -14.17 -23.27
C VAL B 174 -47.87 -15.61 -23.53
N MET B 175 -48.24 -16.52 -22.64
CA MET B 175 -47.89 -17.94 -22.77
C MET B 175 -49.13 -18.81 -22.84
N ASP B 176 -49.18 -19.71 -23.83
CA ASP B 176 -50.31 -20.63 -23.98
C ASP B 176 -49.82 -22.07 -24.05
N HIS B 177 -49.82 -22.74 -22.89
CA HIS B 177 -49.39 -24.14 -22.80
C HIS B 177 -47.91 -24.33 -23.13
N GLY B 178 -47.06 -23.61 -22.41
CA GLY B 178 -45.61 -23.81 -22.48
C GLY B 178 -44.84 -23.07 -23.56
N LEU B 179 -45.54 -22.41 -24.47
CA LEU B 179 -44.87 -21.68 -25.55
C LEU B 179 -45.36 -20.24 -25.61
N PRO B 180 -44.56 -19.35 -26.23
CA PRO B 180 -44.93 -17.93 -26.31
C PRO B 180 -45.87 -17.64 -27.47
N GLY B 181 -47.00 -17.01 -27.15
CA GLY B 181 -48.02 -16.72 -28.13
C GLY B 181 -49.16 -17.73 -28.06
N TYR B 182 -50.36 -17.28 -28.44
CA TYR B 182 -51.54 -18.13 -28.42
C TYR B 182 -51.45 -19.26 -29.44
N MET B 183 -51.94 -20.43 -29.06
CA MET B 183 -52.00 -21.56 -29.98
C MET B 183 -52.95 -21.25 -31.13
N SER B 184 -52.58 -21.65 -32.34
CA SER B 184 -53.42 -21.39 -33.50
C SER B 184 -53.61 -22.66 -34.32
N ARG B 185 -54.79 -23.27 -34.18
CA ARG B 185 -55.11 -24.49 -34.91
C ARG B 185 -56.01 -24.22 -36.11
N ASP B 186 -57.25 -24.69 -36.04
CA ASP B 186 -58.22 -24.45 -37.11
C ASP B 186 -58.38 -22.94 -37.32
N CYS B 187 -58.33 -22.52 -38.58
CA CYS B 187 -58.34 -21.10 -38.92
C CYS B 187 -59.24 -20.74 -40.10
N ASN B 188 -59.45 -19.45 -40.30
CA ASN B 188 -60.25 -18.94 -41.41
C ASN B 188 -60.15 -17.41 -41.49
N VAL B 189 -60.29 -16.86 -42.69
CA VAL B 189 -60.15 -15.42 -42.90
C VAL B 189 -61.49 -14.74 -43.19
N PHE B 190 -61.55 -13.43 -42.91
CA PHE B 190 -62.76 -12.65 -43.14
C PHE B 190 -62.47 -11.17 -43.41
N VAL B 191 -63.06 -10.64 -44.49
CA VAL B 191 -62.90 -9.22 -44.82
C VAL B 191 -64.21 -8.47 -44.60
N ASP B 192 -64.20 -7.54 -43.66
CA ASP B 192 -65.39 -6.78 -43.31
C ASP B 192 -65.74 -5.78 -44.40
N THR B 193 -66.83 -5.04 -44.21
CA THR B 193 -67.27 -4.07 -45.20
C THR B 193 -66.38 -2.82 -45.20
N ASP B 194 -65.90 -2.43 -44.02
CA ASP B 194 -65.05 -1.25 -43.90
C ASP B 194 -63.64 -1.50 -44.43
N GLY B 195 -63.38 -2.74 -44.86
CA GLY B 195 -62.11 -3.09 -45.46
C GLY B 195 -61.06 -3.62 -44.50
N LYS B 196 -61.43 -3.80 -43.24
CA LYS B 196 -60.52 -4.35 -42.25
C LYS B 196 -60.39 -5.87 -42.40
N GLY B 197 -59.18 -6.38 -42.26
CA GLY B 197 -58.94 -7.80 -42.37
C GLY B 197 -58.97 -8.48 -41.01
N TYR B 198 -59.39 -9.74 -41.00
CA TYR B 198 -59.49 -10.50 -39.76
C TYR B 198 -59.06 -11.96 -39.93
N PHE B 199 -58.45 -12.50 -38.89
CA PHE B 199 -58.00 -13.88 -38.88
C PHE B 199 -58.47 -14.56 -37.61
N ILE B 200 -59.29 -15.59 -37.75
CA ILE B 200 -59.82 -16.31 -36.61
C ILE B 200 -59.27 -17.73 -36.52
N SER B 201 -58.93 -18.16 -35.31
CA SER B 201 -58.38 -19.50 -35.11
C SER B 201 -58.72 -20.05 -33.73
N ALA B 202 -58.52 -21.34 -33.54
CA ALA B 202 -58.77 -22.00 -32.26
C ALA B 202 -57.54 -21.93 -31.37
N ALA B 203 -57.72 -21.38 -30.17
CA ALA B 203 -56.62 -21.21 -29.22
C ALA B 203 -56.90 -21.91 -27.89
N ASN B 204 -55.97 -21.77 -26.94
CA ASN B 204 -56.10 -22.38 -25.64
C ASN B 204 -56.43 -23.86 -25.71
N GLU B 205 -55.63 -24.61 -26.46
CA GLU B 205 -55.83 -26.04 -26.65
C GLU B 205 -57.17 -26.35 -27.29
N ASN B 206 -57.54 -25.55 -28.28
CA ASN B 206 -58.77 -25.75 -29.03
C ASN B 206 -60.04 -25.48 -28.21
N MET B 207 -59.87 -24.95 -27.00
CA MET B 207 -61.01 -24.70 -26.13
C MET B 207 -61.71 -23.39 -26.44
N ASP B 208 -60.94 -22.43 -26.95
CA ASP B 208 -61.48 -21.10 -27.24
C ASP B 208 -61.25 -20.67 -28.68
N LEU B 209 -61.98 -19.64 -29.12
CA LEU B 209 -61.77 -19.06 -30.44
C LEU B 209 -61.24 -17.63 -30.30
N HIS B 210 -60.31 -17.27 -31.17
CA HIS B 210 -59.70 -15.94 -31.13
C HIS B 210 -59.83 -15.23 -32.48
N LEU B 211 -60.48 -14.07 -32.46
CA LEU B 211 -60.61 -13.26 -33.66
C LEU B 211 -59.55 -12.16 -33.65
N TYR B 212 -58.55 -12.28 -34.52
CA TYR B 212 -57.46 -11.32 -34.55
C TYR B 212 -57.67 -10.27 -35.64
N GLU B 213 -57.52 -9.01 -35.26
CA GLU B 213 -57.56 -7.90 -36.22
C GLU B 213 -56.22 -7.74 -36.92
N LEU B 214 -56.22 -7.80 -38.25
CA LEU B 214 -54.97 -7.78 -39.00
C LEU B 214 -54.51 -6.36 -39.33
N THR B 215 -53.25 -6.26 -39.76
CA THR B 215 -52.66 -5.00 -40.19
C THR B 215 -53.22 -4.61 -41.56
N PRO B 216 -53.09 -3.34 -41.93
CA PRO B 216 -53.60 -2.83 -43.21
C PRO B 216 -53.09 -3.61 -44.43
N ASP B 217 -52.02 -4.38 -44.27
CA ASP B 217 -51.46 -5.16 -45.37
C ASP B 217 -51.86 -6.64 -45.30
N TYR B 218 -52.59 -7.00 -44.26
CA TYR B 218 -53.10 -8.37 -44.07
C TYR B 218 -52.00 -9.40 -43.83
N LYS B 219 -50.75 -8.94 -43.81
CA LYS B 219 -49.61 -9.84 -43.67
C LYS B 219 -49.15 -10.02 -42.22
N ASN B 220 -49.80 -9.30 -41.30
CA ASN B 220 -49.48 -9.43 -39.88
C ASN B 220 -50.69 -9.26 -38.97
N ILE B 221 -50.55 -9.68 -37.72
CA ILE B 221 -51.62 -9.54 -36.75
C ILE B 221 -51.44 -8.30 -35.90
N ALA B 222 -52.37 -7.36 -36.03
CA ALA B 222 -52.32 -6.11 -35.28
C ALA B 222 -52.66 -6.32 -33.81
N SER B 223 -53.72 -7.07 -33.56
CA SER B 223 -54.18 -7.35 -32.20
C SER B 223 -55.30 -8.38 -32.22
N LEU B 224 -55.93 -8.60 -31.07
CA LEU B 224 -57.08 -9.49 -30.99
C LEU B 224 -58.33 -8.67 -30.74
N LYS B 225 -59.40 -9.02 -31.43
CA LYS B 225 -60.66 -8.29 -31.35
C LYS B 225 -61.45 -8.75 -30.13
N ALA B 226 -61.60 -10.06 -29.98
CA ALA B 226 -62.36 -10.63 -28.86
C ALA B 226 -62.21 -12.14 -28.75
N LYS B 227 -62.41 -12.66 -27.54
CA LYS B 227 -62.43 -14.10 -27.31
C LYS B 227 -63.87 -14.61 -27.43
N LEU B 228 -64.09 -15.57 -28.32
CA LEU B 228 -65.43 -16.06 -28.62
C LEU B 228 -65.67 -17.51 -28.15
N PHE B 229 -66.78 -17.72 -27.46
CA PHE B 229 -67.21 -19.07 -27.06
C PHE B 229 -66.14 -19.82 -26.28
N VAL B 230 -65.71 -19.24 -25.15
CA VAL B 230 -64.72 -19.89 -24.31
C VAL B 230 -65.26 -21.14 -23.65
N GLY B 231 -64.50 -22.23 -23.72
CA GLY B 231 -64.91 -23.48 -23.12
C GLY B 231 -65.85 -24.27 -24.01
N GLN B 232 -66.34 -23.63 -25.07
CA GLN B 232 -67.25 -24.27 -26.00
C GLN B 232 -66.52 -25.30 -26.87
N GLN B 233 -65.24 -25.07 -27.10
CA GLN B 233 -64.42 -25.99 -27.87
C GLN B 233 -64.92 -26.17 -29.31
N ARG B 234 -65.26 -25.06 -29.95
CA ARG B 234 -65.73 -25.09 -31.34
C ARG B 234 -64.55 -25.05 -32.30
N GLU B 235 -64.63 -25.82 -33.38
CA GLU B 235 -63.53 -25.92 -34.34
C GLU B 235 -63.99 -25.55 -35.75
N ALA B 236 -63.07 -25.65 -36.71
CA ALA B 236 -63.37 -25.35 -38.11
C ALA B 236 -64.34 -24.18 -38.26
N PRO B 237 -63.92 -22.98 -37.83
CA PRO B 237 -64.77 -21.79 -37.83
C PRO B 237 -64.92 -21.17 -39.23
N CYS B 238 -66.12 -20.67 -39.53
CA CYS B 238 -66.39 -19.98 -40.78
C CYS B 238 -67.08 -18.65 -40.53
N LEU B 239 -66.42 -17.55 -40.86
CA LEU B 239 -66.94 -16.22 -40.59
C LEU B 239 -67.48 -15.52 -41.84
N ILE B 240 -68.74 -15.13 -41.81
CA ILE B 240 -69.39 -14.44 -42.92
C ILE B 240 -70.27 -13.28 -42.43
N LYS B 241 -70.70 -12.42 -43.35
CA LYS B 241 -71.54 -11.29 -43.00
C LYS B 241 -72.68 -11.08 -44.01
N ARG B 242 -73.86 -10.76 -43.49
CA ARG B 242 -75.04 -10.53 -44.33
C ARG B 242 -76.05 -9.63 -43.64
N ASN B 243 -76.56 -8.63 -44.36
CA ASN B 243 -77.54 -7.70 -43.83
C ASN B 243 -77.12 -7.04 -42.52
N GLY B 244 -75.85 -6.63 -42.43
CA GLY B 244 -75.34 -5.98 -41.25
C GLY B 244 -75.19 -6.92 -40.07
N TYR B 245 -75.32 -8.22 -40.32
CA TYR B 245 -75.16 -9.25 -39.31
C TYR B 245 -73.91 -10.10 -39.52
N TYR B 246 -73.27 -10.46 -38.41
CA TYR B 246 -72.12 -11.36 -38.46
C TYR B 246 -72.56 -12.77 -38.08
N TYR B 247 -72.18 -13.74 -38.91
CA TYR B 247 -72.52 -15.13 -38.66
C TYR B 247 -71.26 -15.98 -38.53
N LEU B 248 -71.26 -16.89 -37.56
CA LEU B 248 -70.10 -17.74 -37.32
C LEU B 248 -70.49 -19.21 -37.28
N ILE B 249 -70.18 -19.94 -38.35
CA ILE B 249 -70.47 -21.38 -38.40
C ILE B 249 -69.27 -22.18 -37.91
N THR B 250 -69.49 -23.01 -36.89
CA THR B 250 -68.42 -23.79 -36.30
C THR B 250 -68.81 -25.27 -36.17
N SER B 251 -67.81 -26.14 -36.18
CA SER B 251 -68.02 -27.56 -35.96
C SER B 251 -67.61 -27.94 -34.54
N GLY B 252 -67.67 -29.23 -34.24
CA GLY B 252 -67.27 -29.73 -32.94
C GLY B 252 -65.86 -30.29 -32.98
N CYS B 253 -65.26 -30.47 -31.81
CA CYS B 253 -63.90 -31.00 -31.72
C CYS B 253 -63.91 -32.51 -31.48
N THR B 254 -64.04 -33.28 -32.57
CA THR B 254 -64.08 -34.73 -32.48
C THR B 254 -63.29 -35.43 -33.58
N GLY B 255 -62.17 -34.84 -33.97
CA GLY B 255 -61.31 -35.43 -34.98
C GLY B 255 -62.03 -35.72 -36.29
N TRP B 256 -61.79 -36.89 -36.85
CA TRP B 256 -62.42 -37.28 -38.12
C TRP B 256 -63.93 -37.44 -37.99
N ASN B 257 -64.39 -37.85 -36.80
CA ASN B 257 -65.81 -38.06 -36.58
C ASN B 257 -66.66 -36.84 -36.93
N PRO B 258 -67.52 -36.98 -37.97
CA PRO B 258 -68.45 -35.90 -38.30
C PRO B 258 -69.35 -35.62 -37.12
N ASN B 259 -69.61 -34.35 -36.83
CA ASN B 259 -70.42 -33.98 -35.66
C ASN B 259 -71.45 -32.92 -35.98
N GLN B 260 -72.03 -32.34 -34.94
CA GLN B 260 -73.07 -31.32 -35.08
C GLN B 260 -72.49 -29.94 -35.34
N ALA B 261 -72.82 -29.37 -36.49
CA ALA B 261 -72.40 -28.01 -36.82
C ALA B 261 -73.33 -27.02 -36.15
N LYS B 262 -72.78 -25.89 -35.70
CA LYS B 262 -73.57 -24.86 -35.04
C LYS B 262 -73.21 -23.47 -35.57
N TYR B 263 -74.05 -22.48 -35.26
CA TYR B 263 -73.80 -21.11 -35.69
C TYR B 263 -74.28 -20.11 -34.65
N ALA B 264 -73.89 -18.86 -34.84
CA ALA B 264 -74.30 -17.78 -33.95
C ALA B 264 -74.21 -16.45 -34.69
N TYR B 265 -74.98 -15.48 -34.23
CA TYR B 265 -75.03 -14.17 -34.88
C TYR B 265 -74.77 -13.02 -33.92
N SER B 266 -74.38 -11.88 -34.46
CA SER B 266 -74.12 -10.68 -33.66
C SER B 266 -74.03 -9.43 -34.51
N LYS B 267 -74.38 -8.29 -33.92
CA LYS B 267 -74.33 -7.01 -34.60
C LYS B 267 -72.90 -6.47 -34.69
N ASP B 268 -72.08 -6.82 -33.69
CA ASP B 268 -70.69 -6.41 -33.67
C ASP B 268 -69.78 -7.62 -33.51
N LEU B 269 -68.47 -7.40 -33.60
CA LEU B 269 -67.50 -8.48 -33.47
C LEU B 269 -67.01 -8.62 -32.03
N ALA B 270 -66.98 -7.50 -31.31
CA ALA B 270 -66.48 -7.51 -29.94
C ALA B 270 -67.44 -8.15 -28.95
N SER B 271 -68.73 -7.89 -29.13
CA SER B 271 -69.75 -8.39 -28.23
C SER B 271 -71.12 -8.49 -28.91
N GLY B 272 -72.09 -9.06 -28.21
CA GLY B 272 -73.44 -9.18 -28.74
C GLY B 272 -73.69 -10.50 -29.46
N TRP B 273 -72.83 -11.48 -29.18
CA TRP B 273 -72.93 -12.79 -29.80
C TRP B 273 -74.01 -13.65 -29.15
N SER B 274 -74.87 -14.23 -29.99
CA SER B 274 -75.94 -15.08 -29.50
C SER B 274 -75.44 -16.46 -29.11
N GLN B 275 -76.29 -17.23 -28.46
CA GLN B 275 -75.98 -18.60 -28.09
C GLN B 275 -75.84 -19.46 -29.35
N LEU B 276 -75.23 -20.63 -29.20
CA LEU B 276 -75.03 -21.54 -30.33
C LEU B 276 -76.33 -22.23 -30.72
N TYR B 277 -76.67 -22.18 -32.00
CA TYR B 277 -77.86 -22.86 -32.50
C TYR B 277 -77.46 -23.97 -33.46
N ASN B 278 -78.15 -25.10 -33.39
CA ASN B 278 -77.81 -26.24 -34.25
C ASN B 278 -78.00 -25.94 -35.73
N LEU B 279 -77.15 -26.52 -36.56
CA LEU B 279 -77.23 -26.34 -38.00
C LEU B 279 -76.99 -27.69 -38.69
N GLY B 280 -77.97 -28.14 -39.46
CA GLY B 280 -77.91 -29.45 -40.09
C GLY B 280 -78.20 -30.54 -39.07
N ASN B 281 -77.97 -31.79 -39.46
CA ASN B 281 -78.21 -32.92 -38.55
C ASN B 281 -77.08 -33.13 -37.55
N SER B 282 -77.05 -34.32 -36.96
CA SER B 282 -76.09 -34.63 -35.90
C SER B 282 -74.67 -34.84 -36.44
N THR B 283 -74.56 -35.05 -37.75
CA THR B 283 -73.25 -35.30 -38.34
C THR B 283 -72.95 -34.29 -39.46
N THR B 284 -73.71 -33.20 -39.49
CA THR B 284 -73.58 -32.21 -40.55
C THR B 284 -73.52 -32.92 -41.91
N TYR B 285 -74.32 -33.97 -42.05
CA TYR B 285 -74.39 -34.72 -43.29
C TYR B 285 -73.02 -35.31 -43.65
N ARG B 286 -72.37 -35.93 -42.67
CA ARG B 286 -71.05 -36.52 -42.86
C ARG B 286 -70.07 -35.54 -43.52
N SER B 287 -69.83 -34.42 -42.85
CA SER B 287 -68.89 -33.42 -43.35
C SER B 287 -68.47 -32.47 -42.23
N GLN B 288 -67.50 -31.61 -42.53
CA GLN B 288 -67.05 -30.60 -41.59
C GLN B 288 -66.91 -29.27 -42.32
N PRO B 289 -67.54 -28.21 -41.77
CA PRO B 289 -67.53 -26.89 -42.41
C PRO B 289 -66.11 -26.37 -42.64
N THR B 290 -65.85 -25.92 -43.87
CA THR B 290 -64.52 -25.43 -44.23
C THR B 290 -64.53 -23.96 -44.65
N PHE B 291 -65.60 -23.54 -45.31
CA PHE B 291 -65.72 -22.15 -45.75
C PHE B 291 -67.10 -21.85 -46.31
N ILE B 292 -67.51 -20.59 -46.21
CA ILE B 292 -68.80 -20.15 -46.74
C ILE B 292 -68.59 -18.88 -47.54
N ILE B 293 -69.13 -18.84 -48.76
CA ILE B 293 -68.92 -17.72 -49.66
C ILE B 293 -70.20 -17.23 -50.33
N PRO B 294 -70.41 -15.91 -50.34
CA PRO B 294 -71.56 -15.29 -51.00
C PRO B 294 -71.45 -15.37 -52.53
N VAL B 295 -72.50 -15.84 -53.19
CA VAL B 295 -72.52 -15.92 -54.65
C VAL B 295 -73.43 -14.87 -55.25
N GLN B 296 -72.84 -13.81 -55.80
CA GLN B 296 -73.61 -12.71 -56.37
C GLN B 296 -74.19 -13.06 -57.74
N GLY B 297 -75.44 -12.69 -57.96
CA GLY B 297 -76.13 -12.96 -59.21
C GLY B 297 -77.15 -11.89 -59.57
N SER B 298 -77.87 -12.12 -60.65
CA SER B 298 -78.88 -11.18 -61.13
C SER B 298 -80.15 -11.20 -60.30
N SER B 299 -80.68 -12.40 -60.04
CA SER B 299 -81.91 -12.56 -59.28
C SER B 299 -81.71 -12.30 -57.79
N GLY B 300 -80.47 -12.43 -57.34
CA GLY B 300 -80.14 -12.23 -55.93
C GLY B 300 -78.88 -12.95 -55.53
N THR B 301 -78.66 -13.07 -54.23
CA THR B 301 -77.46 -13.74 -53.73
C THR B 301 -77.78 -14.99 -52.91
N SER B 302 -77.00 -16.05 -53.12
CA SER B 302 -77.18 -17.28 -52.37
C SER B 302 -75.83 -17.74 -51.82
N TYR B 303 -75.79 -18.06 -50.53
CA TYR B 303 -74.55 -18.45 -49.87
C TYR B 303 -74.20 -19.93 -50.08
N LEU B 304 -72.97 -20.21 -50.49
CA LEU B 304 -72.55 -21.60 -50.71
C LEU B 304 -71.74 -22.09 -49.52
N TYR B 305 -72.24 -23.12 -48.85
CA TYR B 305 -71.52 -23.71 -47.73
C TYR B 305 -70.64 -24.84 -48.27
N MET B 306 -69.34 -24.78 -48.00
CA MET B 306 -68.41 -25.83 -48.42
C MET B 306 -67.95 -26.69 -47.23
N GLY B 307 -67.97 -28.01 -47.43
CA GLY B 307 -67.57 -28.94 -46.39
C GLY B 307 -66.68 -30.07 -46.87
N ASP B 308 -65.98 -30.70 -45.93
CA ASP B 308 -65.09 -31.81 -46.24
C ASP B 308 -65.55 -33.13 -45.63
N ARG B 309 -65.65 -34.15 -46.48
CA ARG B 309 -65.93 -35.50 -46.01
C ARG B 309 -64.62 -36.25 -45.84
N TRP B 310 -64.01 -36.10 -44.66
CA TRP B 310 -62.70 -36.69 -44.39
C TRP B 310 -62.72 -38.21 -44.47
N ALA B 311 -61.85 -38.76 -45.30
CA ALA B 311 -61.77 -40.21 -45.45
C ALA B 311 -61.34 -40.90 -44.16
N GLY B 312 -60.77 -40.13 -43.25
CA GLY B 312 -60.34 -40.66 -41.96
C GLY B 312 -61.50 -41.28 -41.19
N ALA B 313 -62.72 -40.93 -41.59
CA ALA B 313 -63.90 -41.48 -40.95
C ALA B 313 -63.97 -43.00 -41.15
N TRP B 314 -63.44 -43.46 -42.27
CA TRP B 314 -63.41 -44.89 -42.56
C TRP B 314 -61.99 -45.40 -42.75
N GLY B 315 -61.03 -44.78 -42.06
CA GLY B 315 -59.64 -45.21 -42.12
C GLY B 315 -58.99 -45.00 -43.48
N GLY B 316 -59.37 -43.92 -44.15
CA GLY B 316 -58.84 -43.59 -45.47
C GLY B 316 -57.84 -42.45 -45.49
N LYS B 317 -57.03 -42.38 -46.54
CA LYS B 317 -56.02 -41.34 -46.67
C LYS B 317 -56.70 -39.98 -46.82
N VAL B 318 -56.04 -38.93 -46.37
CA VAL B 318 -56.59 -37.58 -46.48
C VAL B 318 -56.88 -37.22 -47.93
N ASN B 319 -56.08 -37.75 -48.84
CA ASN B 319 -56.26 -37.51 -50.27
C ASN B 319 -57.52 -38.15 -50.83
N ASP B 320 -58.08 -39.10 -50.10
CA ASP B 320 -59.30 -39.78 -50.54
C ASP B 320 -60.55 -39.05 -50.07
N SER B 321 -60.37 -38.05 -49.21
CA SER B 321 -61.49 -37.28 -48.68
C SER B 321 -62.33 -36.69 -49.80
N GLN B 322 -63.62 -36.55 -49.55
CA GLN B 322 -64.56 -36.04 -50.55
C GLN B 322 -65.09 -34.65 -50.16
N TYR B 323 -66.02 -34.14 -50.95
CA TYR B 323 -66.56 -32.80 -50.72
C TYR B 323 -68.08 -32.82 -50.57
N VAL B 324 -68.62 -31.83 -49.86
CA VAL B 324 -70.06 -31.70 -49.66
C VAL B 324 -70.49 -30.24 -49.74
N TRP B 325 -71.08 -29.86 -50.88
CA TRP B 325 -71.53 -28.47 -51.06
C TRP B 325 -73.05 -28.36 -50.91
N LEU B 326 -73.48 -27.38 -50.13
CA LEU B 326 -74.90 -27.18 -49.85
C LEU B 326 -75.26 -25.69 -49.81
N PRO B 327 -76.51 -25.36 -50.11
CA PRO B 327 -77.00 -23.97 -50.04
C PRO B 327 -77.33 -23.57 -48.61
N LEU B 328 -76.71 -22.49 -48.13
CA LEU B 328 -77.01 -21.97 -46.80
C LEU B 328 -78.14 -20.95 -46.88
N ASN B 329 -79.33 -21.38 -46.48
CA ASN B 329 -80.51 -20.53 -46.57
C ASN B 329 -80.76 -19.68 -45.32
N PHE B 330 -81.07 -18.41 -45.53
CA PHE B 330 -81.39 -17.51 -44.42
C PHE B 330 -82.89 -17.25 -44.33
N ILE B 331 -83.60 -18.13 -43.63
CA ILE B 331 -85.03 -17.94 -43.40
C ILE B 331 -85.29 -16.55 -42.83
N SER B 332 -84.45 -16.14 -41.89
CA SER B 332 -84.51 -14.80 -41.31
C SER B 332 -83.12 -14.37 -40.87
N ASP B 333 -83.03 -13.23 -40.18
CA ASP B 333 -81.75 -12.73 -39.71
C ASP B 333 -81.20 -13.55 -38.54
N THR B 334 -82.09 -14.27 -37.86
CA THR B 334 -81.70 -15.07 -36.70
C THR B 334 -82.08 -16.54 -36.88
N THR B 335 -82.19 -16.96 -38.13
CA THR B 335 -82.55 -18.34 -38.42
C THR B 335 -81.94 -18.82 -39.73
N LEU B 336 -81.03 -19.78 -39.63
CA LEU B 336 -80.39 -20.36 -40.79
C LEU B 336 -80.79 -21.82 -40.93
N GLU B 337 -80.73 -22.33 -42.16
CA GLU B 337 -81.04 -23.72 -42.43
C GLU B 337 -80.05 -24.30 -43.43
N LEU B 338 -79.49 -25.46 -43.09
CA LEU B 338 -78.57 -26.15 -43.97
C LEU B 338 -79.15 -27.47 -44.41
N PRO B 339 -79.84 -27.46 -45.56
CA PRO B 339 -80.49 -28.65 -46.14
C PRO B 339 -79.48 -29.51 -46.89
N TYR B 340 -79.74 -30.81 -46.97
CA TYR B 340 -78.87 -31.70 -47.73
C TYR B 340 -79.56 -32.24 -48.98
N TYR B 341 -79.00 -31.94 -50.13
CA TYR B 341 -79.48 -32.49 -51.39
C TYR B 341 -78.38 -33.31 -52.06
N ASP B 342 -78.65 -34.60 -52.28
CA ASP B 342 -77.68 -35.48 -52.91
C ASP B 342 -77.17 -34.87 -54.22
N SER B 343 -78.01 -34.06 -54.85
CA SER B 343 -77.64 -33.35 -56.06
C SER B 343 -78.08 -31.90 -55.99
N VAL B 344 -77.13 -30.98 -56.17
CA VAL B 344 -77.40 -29.55 -56.08
C VAL B 344 -77.10 -28.80 -57.38
N LYS B 345 -78.07 -28.03 -57.86
CA LYS B 345 -77.90 -27.23 -59.06
C LYS B 345 -77.58 -25.78 -58.70
N ILE B 346 -76.65 -25.19 -59.43
CA ILE B 346 -76.23 -23.82 -59.16
C ILE B 346 -76.07 -23.00 -60.44
N ASP B 347 -76.41 -21.72 -60.35
CA ASP B 347 -76.25 -20.79 -61.47
C ASP B 347 -75.55 -19.54 -60.98
N ALA B 348 -74.31 -19.35 -61.42
CA ALA B 348 -73.49 -18.23 -60.97
C ALA B 348 -74.07 -16.88 -61.40
N SER B 349 -74.41 -16.77 -62.68
CA SER B 349 -74.97 -15.54 -63.23
C SER B 349 -76.29 -15.16 -62.56
N SER B 350 -77.06 -16.18 -62.19
CA SER B 350 -78.35 -15.96 -61.54
C SER B 350 -78.17 -15.74 -60.04
N GLY B 351 -77.17 -16.38 -59.47
CA GLY B 351 -76.94 -16.30 -58.04
C GLY B 351 -77.91 -17.17 -57.28
N ILE B 352 -78.24 -18.32 -57.86
CA ILE B 352 -79.21 -19.22 -57.26
C ILE B 352 -78.61 -20.59 -56.94
N ILE B 353 -78.83 -21.05 -55.72
CA ILE B 353 -78.38 -22.38 -55.31
C ILE B 353 -79.55 -23.15 -54.71
N SER B 354 -79.92 -24.25 -55.34
CA SER B 354 -81.06 -25.04 -54.87
C SER B 354 -80.91 -26.51 -55.27
N GLU B 355 -81.85 -27.34 -54.81
CA GLU B 355 -81.83 -28.76 -55.12
C GLU B 355 -82.12 -29.02 -56.60
N TYR B 356 -81.47 -30.03 -57.17
CA TYR B 356 -81.72 -30.42 -58.55
C TYR B 356 -82.71 -31.58 -58.61
N ILE B 357 -83.86 -31.33 -59.21
CA ILE B 357 -84.92 -32.33 -59.34
C ILE B 357 -85.04 -32.82 -60.79
N PRO B 358 -84.54 -34.03 -61.07
CA PRO B 358 -84.56 -34.61 -62.41
C PRO B 358 -85.98 -34.69 -62.98
N ASP B 359 -86.97 -34.93 -62.12
CA ASP B 359 -88.36 -35.05 -62.57
C ASP B 359 -89.24 -34.02 -61.87
N THR B 360 -89.63 -32.98 -62.59
CA THR B 360 -90.38 -31.88 -62.00
C THR B 360 -91.91 -32.04 -62.13
N THR B 361 -92.35 -33.24 -62.51
CA THR B 361 -93.78 -33.51 -62.65
C THR B 361 -94.50 -33.36 -61.31
N ARG B 362 -95.50 -32.48 -61.28
CA ARG B 362 -96.25 -32.23 -60.06
C ARG B 362 -97.32 -33.30 -59.82
N TYR B 363 -97.60 -33.58 -58.55
CA TYR B 363 -98.56 -34.63 -58.19
C TYR B 363 -99.54 -34.21 -57.10
N LYS B 364 -100.64 -34.93 -57.01
CA LYS B 364 -101.64 -34.73 -55.96
C LYS B 364 -102.02 -36.06 -55.32
N LEU B 365 -101.79 -36.18 -54.02
CA LEU B 365 -102.09 -37.41 -53.30
C LEU B 365 -103.50 -37.38 -52.71
N VAL B 366 -104.36 -38.23 -53.25
CA VAL B 366 -105.76 -38.29 -52.82
C VAL B 366 -106.04 -39.53 -51.97
N ASN B 367 -106.63 -39.32 -50.80
CA ASN B 367 -106.96 -40.43 -49.91
C ASN B 367 -108.24 -41.14 -50.35
N LYS B 368 -108.16 -42.47 -50.44
CA LYS B 368 -109.30 -43.28 -50.85
C LYS B 368 -110.54 -43.00 -50.01
N ASN B 369 -110.40 -43.20 -48.70
CA ASN B 369 -111.52 -43.04 -47.77
C ASN B 369 -112.13 -41.65 -47.78
N SER B 370 -111.39 -40.68 -47.25
CA SER B 370 -111.88 -39.31 -47.08
C SER B 370 -112.14 -38.60 -48.42
N GLY B 371 -111.32 -38.93 -49.42
CA GLY B 371 -111.41 -38.26 -50.70
C GLY B 371 -110.64 -36.95 -50.72
N LYS B 372 -110.11 -36.57 -49.56
CA LYS B 372 -109.31 -35.36 -49.44
C LYS B 372 -107.91 -35.57 -50.00
N VAL B 373 -107.16 -34.49 -50.17
CA VAL B 373 -105.82 -34.57 -50.72
C VAL B 373 -104.79 -34.14 -49.68
N LEU B 374 -103.57 -34.65 -49.83
CA LEU B 374 -102.46 -34.32 -48.94
C LEU B 374 -102.11 -32.83 -49.05
N ASP B 375 -102.08 -32.15 -47.90
CA ASP B 375 -101.87 -30.71 -47.89
C ASP B 375 -101.14 -30.28 -46.62
N VAL B 376 -100.57 -29.09 -46.65
CA VAL B 376 -99.92 -28.52 -45.48
C VAL B 376 -100.88 -27.59 -44.76
N LEU B 377 -100.96 -27.73 -43.44
CA LEU B 377 -101.87 -26.92 -42.65
C LEU B 377 -101.66 -25.44 -42.95
N ASP B 378 -102.74 -24.77 -43.33
CA ASP B 378 -102.71 -23.34 -43.66
C ASP B 378 -101.79 -23.03 -44.84
N GLY B 379 -101.43 -24.06 -45.60
CA GLY B 379 -100.54 -23.89 -46.74
C GLY B 379 -99.24 -23.22 -46.34
N SER B 380 -98.88 -23.37 -45.06
CA SER B 380 -97.70 -22.75 -44.50
C SER B 380 -96.41 -23.24 -45.13
N VAL B 381 -95.43 -22.34 -45.24
CA VAL B 381 -94.11 -22.69 -45.75
C VAL B 381 -93.11 -22.83 -44.60
N ASP B 382 -93.58 -22.64 -43.38
CA ASP B 382 -92.76 -22.76 -42.18
C ASP B 382 -92.25 -24.17 -41.97
N ASN B 383 -91.11 -24.29 -41.29
CA ASN B 383 -90.52 -25.59 -41.01
C ASN B 383 -91.26 -26.29 -39.88
N ALA B 384 -91.35 -27.62 -39.96
CA ALA B 384 -92.06 -28.40 -38.95
C ALA B 384 -93.56 -28.14 -38.98
N ALA B 385 -94.08 -27.72 -40.13
CA ALA B 385 -95.51 -27.47 -40.28
C ALA B 385 -96.29 -28.78 -40.34
N GLN B 386 -97.44 -28.80 -39.67
CA GLN B 386 -98.28 -29.99 -39.60
C GLN B 386 -98.84 -30.37 -40.97
N ILE B 387 -98.89 -31.67 -41.25
CA ILE B 387 -99.46 -32.18 -42.49
C ILE B 387 -100.90 -32.65 -42.30
N VAL B 388 -101.83 -32.07 -43.07
CA VAL B 388 -103.24 -32.42 -42.95
C VAL B 388 -103.89 -32.67 -44.31
N GLN B 389 -105.06 -33.31 -44.28
CA GLN B 389 -105.82 -33.55 -45.51
C GLN B 389 -106.78 -32.38 -45.74
N TRP B 390 -107.16 -32.18 -46.99
CA TRP B 390 -108.02 -31.05 -47.36
C TRP B 390 -108.72 -31.30 -48.69
N THR B 391 -109.85 -30.64 -48.89
CA THR B 391 -110.59 -30.74 -50.14
C THR B 391 -109.73 -30.23 -51.29
N ASP B 392 -109.73 -30.96 -52.40
CA ASP B 392 -108.93 -30.59 -53.56
C ASP B 392 -109.29 -29.20 -54.05
N ASN B 393 -108.42 -28.23 -53.79
CA ASN B 393 -108.63 -26.86 -54.23
C ASN B 393 -107.59 -26.36 -55.24
N GLY B 394 -106.76 -27.27 -55.72
CA GLY B 394 -105.78 -26.94 -56.74
C GLY B 394 -104.73 -25.94 -56.27
N SER B 395 -104.53 -25.87 -54.95
CA SER B 395 -103.56 -24.94 -54.39
C SER B 395 -102.13 -25.49 -54.54
N LEU B 396 -101.15 -24.60 -54.43
CA LEU B 396 -99.76 -24.99 -54.55
C LEU B 396 -99.35 -25.90 -53.39
N SER B 397 -99.87 -25.59 -52.21
CA SER B 397 -99.54 -26.36 -51.00
C SER B 397 -99.98 -27.81 -51.07
N GLN B 398 -100.76 -28.15 -52.10
CA GLN B 398 -101.28 -29.50 -52.25
C GLN B 398 -100.59 -30.24 -53.41
N GLN B 399 -99.54 -29.64 -53.95
CA GLN B 399 -98.78 -30.26 -55.03
C GLN B 399 -97.43 -30.74 -54.52
N TRP B 400 -96.95 -31.87 -55.05
CA TRP B 400 -95.74 -32.50 -54.55
C TRP B 400 -94.81 -33.02 -55.64
N TYR B 401 -93.51 -32.85 -55.43
CA TYR B 401 -92.48 -33.40 -56.31
C TYR B 401 -92.14 -34.81 -55.84
N LEU B 402 -91.43 -35.54 -56.69
CA LEU B 402 -90.97 -36.88 -56.33
C LEU B 402 -89.49 -37.06 -56.70
N VAL B 403 -88.63 -37.07 -55.70
CA VAL B 403 -87.20 -37.18 -55.94
C VAL B 403 -86.69 -38.57 -55.56
N ASP B 404 -86.25 -39.32 -56.56
CA ASP B 404 -85.71 -40.65 -56.33
C ASP B 404 -84.45 -40.54 -55.48
N VAL B 405 -84.35 -41.36 -54.43
CA VAL B 405 -83.19 -41.30 -53.54
C VAL B 405 -82.51 -42.66 -53.41
N GLY B 406 -82.54 -43.44 -54.48
CA GLY B 406 -81.94 -44.76 -54.47
C GLY B 406 -82.89 -45.82 -53.94
N GLY B 407 -82.83 -47.01 -54.53
CA GLY B 407 -83.73 -48.08 -54.14
C GLY B 407 -85.16 -47.77 -54.55
N GLY B 408 -86.12 -48.42 -53.90
CA GLY B 408 -87.51 -48.20 -54.20
C GLY B 408 -88.11 -47.04 -53.43
N TYR B 409 -87.24 -46.22 -52.82
CA TYR B 409 -87.66 -45.09 -51.99
C TYR B 409 -87.53 -43.75 -52.71
N LYS B 410 -88.35 -42.80 -52.28
CA LYS B 410 -88.37 -41.48 -52.91
C LYS B 410 -88.63 -40.38 -51.87
N LYS B 411 -88.29 -39.15 -52.21
CA LYS B 411 -88.58 -38.00 -51.35
C LYS B 411 -89.87 -37.34 -51.81
N ILE B 412 -90.75 -37.05 -50.86
CA ILE B 412 -91.97 -36.33 -51.17
C ILE B 412 -91.80 -34.85 -50.83
N VAL B 413 -91.45 -34.06 -51.84
CA VAL B 413 -91.16 -32.64 -51.61
C VAL B 413 -92.33 -31.75 -52.01
N ASN B 414 -92.76 -30.91 -51.07
CA ASN B 414 -93.84 -29.95 -51.32
C ASN B 414 -93.42 -28.94 -52.40
N VAL B 415 -94.39 -28.43 -53.14
CA VAL B 415 -94.10 -27.48 -54.21
C VAL B 415 -93.98 -26.04 -53.71
N LYS B 416 -94.97 -25.59 -52.94
CA LYS B 416 -94.95 -24.23 -52.40
C LYS B 416 -93.69 -24.00 -51.56
N SER B 417 -93.46 -24.87 -50.59
CA SER B 417 -92.24 -24.84 -49.77
C SER B 417 -91.38 -26.04 -50.10
N GLY B 418 -90.08 -25.81 -50.32
CA GLY B 418 -89.18 -26.87 -50.73
C GLY B 418 -88.94 -27.95 -49.70
N ARG B 419 -89.70 -27.92 -48.61
CA ARG B 419 -89.54 -28.90 -47.53
C ARG B 419 -90.18 -30.23 -47.92
N ALA B 420 -89.67 -31.31 -47.32
CA ALA B 420 -90.12 -32.65 -47.64
C ALA B 420 -90.98 -33.28 -46.55
N LEU B 421 -91.79 -34.26 -46.93
CA LEU B 421 -92.62 -34.99 -45.98
C LEU B 421 -91.71 -35.69 -44.99
N ASP B 422 -92.01 -35.54 -43.71
CA ASP B 422 -91.11 -36.01 -42.67
C ASP B 422 -91.86 -36.57 -41.47
N VAL B 423 -91.28 -37.58 -40.83
CA VAL B 423 -91.84 -38.14 -39.60
C VAL B 423 -91.22 -37.46 -38.38
N LYS B 424 -92.02 -36.63 -37.71
CA LYS B 424 -91.56 -35.85 -36.57
C LYS B 424 -90.73 -36.66 -35.58
N ASP B 425 -89.52 -36.17 -35.27
CA ASP B 425 -88.65 -36.80 -34.29
C ASP B 425 -88.30 -38.25 -34.61
N GLU B 426 -88.26 -38.59 -35.89
CA GLU B 426 -87.96 -39.94 -36.32
C GLU B 426 -88.69 -40.98 -35.46
N SER B 427 -89.98 -40.77 -35.25
CA SER B 427 -90.78 -41.67 -34.43
C SER B 427 -90.94 -43.04 -35.10
N LYS B 428 -90.95 -44.10 -34.29
CA LYS B 428 -91.10 -45.45 -34.81
C LYS B 428 -92.37 -46.13 -34.32
N GLU B 429 -93.38 -45.34 -33.96
CA GLU B 429 -94.58 -45.90 -33.34
C GLU B 429 -95.85 -45.38 -34.01
N ASP B 430 -96.96 -46.05 -33.73
CA ASP B 430 -98.25 -45.67 -34.29
C ASP B 430 -98.70 -44.31 -33.75
N GLY B 431 -99.27 -43.50 -34.63
CA GLY B 431 -99.74 -42.17 -34.28
C GLY B 431 -98.67 -41.11 -34.43
N GLY B 432 -97.54 -41.50 -35.01
CA GLY B 432 -96.44 -40.59 -35.24
C GLY B 432 -96.79 -39.51 -36.25
N VAL B 433 -97.00 -38.29 -35.75
CA VAL B 433 -97.39 -37.15 -36.58
C VAL B 433 -96.41 -36.87 -37.72
N LEU B 434 -96.94 -36.56 -38.89
CA LEU B 434 -96.12 -36.18 -40.05
C LEU B 434 -96.09 -34.67 -40.25
N ILE B 435 -94.92 -34.16 -40.61
CA ILE B 435 -94.73 -32.73 -40.84
C ILE B 435 -93.86 -32.52 -42.08
N GLN B 436 -93.69 -31.26 -42.47
CA GLN B 436 -92.76 -30.92 -43.53
C GLN B 436 -91.48 -30.36 -42.91
N TYR B 437 -90.33 -30.92 -43.28
CA TYR B 437 -89.09 -30.53 -42.65
C TYR B 437 -87.98 -30.33 -43.66
N THR B 438 -86.91 -29.65 -43.25
CA THR B 438 -85.77 -29.42 -44.11
C THR B 438 -85.15 -30.75 -44.54
N SER B 439 -84.88 -30.89 -45.83
CA SER B 439 -84.27 -32.11 -46.35
C SER B 439 -82.93 -32.41 -45.68
N ASN B 440 -82.89 -33.50 -44.92
CA ASN B 440 -81.68 -33.86 -44.18
C ASN B 440 -81.19 -35.29 -44.48
N GLY B 441 -81.68 -35.89 -45.56
CA GLY B 441 -81.25 -37.21 -45.95
C GLY B 441 -81.59 -38.31 -44.97
N GLY B 442 -82.41 -37.98 -43.97
CA GLY B 442 -82.82 -38.95 -42.97
C GLY B 442 -83.81 -39.95 -43.53
N TYR B 443 -83.81 -41.16 -43.01
CA TYR B 443 -84.69 -42.22 -43.48
C TYR B 443 -86.16 -41.91 -43.20
N ASN B 444 -86.43 -41.08 -42.21
CA ASN B 444 -87.79 -40.68 -41.89
C ASN B 444 -88.36 -39.74 -42.95
N GLN B 445 -87.57 -39.49 -43.99
CA GLN B 445 -88.00 -38.64 -45.11
C GLN B 445 -88.02 -39.41 -46.44
N HIS B 446 -87.68 -40.70 -46.38
CA HIS B 446 -87.74 -41.56 -47.55
C HIS B 446 -88.98 -42.43 -47.53
N TRP B 447 -89.64 -42.55 -48.68
CA TRP B 447 -90.91 -43.26 -48.76
C TRP B 447 -90.94 -44.25 -49.92
N LYS B 448 -91.51 -45.42 -49.68
CA LYS B 448 -91.63 -46.43 -50.72
C LYS B 448 -93.07 -46.63 -51.18
N PHE B 449 -93.28 -46.57 -52.50
CA PHE B 449 -94.60 -46.73 -53.07
C PHE B 449 -94.88 -48.17 -53.46
N THR B 450 -96.00 -48.72 -53.00
CA THR B 450 -96.37 -50.08 -53.33
C THR B 450 -97.75 -50.08 -53.98
N ASP B 451 -97.83 -50.56 -55.21
CA ASP B 451 -99.08 -50.56 -55.95
C ASP B 451 -100.02 -51.68 -55.46
N ILE B 452 -101.29 -51.34 -55.27
CA ILE B 452 -102.27 -52.31 -54.80
C ILE B 452 -103.56 -52.27 -55.63
N GLY B 453 -104.02 -51.06 -55.96
CA GLY B 453 -105.28 -50.90 -56.68
C GLY B 453 -105.20 -49.93 -57.86
N ASP B 454 -106.35 -49.35 -58.21
CA ASP B 454 -106.42 -48.44 -59.35
C ASP B 454 -105.78 -47.10 -59.02
N GLY B 455 -104.46 -47.07 -59.20
CA GLY B 455 -103.62 -45.91 -58.98
C GLY B 455 -103.41 -45.58 -57.51
N TYR B 456 -103.80 -46.51 -56.64
CA TYR B 456 -103.68 -46.34 -55.20
C TYR B 456 -102.43 -47.07 -54.72
N TYR B 457 -101.71 -46.47 -53.78
CA TYR B 457 -100.49 -47.08 -53.27
C TYR B 457 -100.51 -47.13 -51.75
N LYS B 458 -99.57 -47.89 -51.19
CA LYS B 458 -99.32 -47.87 -49.75
C LYS B 458 -97.94 -47.29 -49.49
N ILE B 459 -97.89 -46.00 -49.19
CA ILE B 459 -96.63 -45.29 -49.02
C ILE B 459 -96.00 -45.57 -47.65
N SER B 460 -95.03 -46.47 -47.62
CA SER B 460 -94.38 -46.86 -46.36
C SER B 460 -93.12 -46.04 -46.10
N SER B 461 -92.82 -45.84 -44.83
CA SER B 461 -91.62 -45.11 -44.43
C SER B 461 -90.42 -46.04 -44.39
N ARG B 462 -89.26 -45.51 -44.77
CA ARG B 462 -88.04 -46.30 -44.83
C ARG B 462 -87.48 -46.59 -43.44
N HIS B 463 -87.99 -45.86 -42.44
CA HIS B 463 -87.47 -45.97 -41.08
C HIS B 463 -87.94 -47.23 -40.35
N CYS B 464 -89.24 -47.50 -40.41
CA CYS B 464 -89.81 -48.65 -39.68
C CYS B 464 -90.82 -49.45 -40.52
N GLY B 465 -91.11 -48.96 -41.71
CA GLY B 465 -92.03 -49.64 -42.60
C GLY B 465 -93.46 -49.16 -42.48
N LYS B 466 -93.78 -48.53 -41.36
CA LYS B 466 -95.12 -47.99 -41.16
C LYS B 466 -95.46 -47.00 -42.26
N LEU B 467 -96.72 -46.99 -42.69
CA LEU B 467 -97.14 -46.20 -43.84
C LEU B 467 -98.00 -44.99 -43.48
N ILE B 468 -98.21 -44.11 -44.45
CA ILE B 468 -99.01 -42.90 -44.26
C ILE B 468 -100.47 -43.22 -43.95
N ASP B 469 -100.97 -42.64 -42.86
CA ASP B 469 -102.32 -42.94 -42.37
C ASP B 469 -103.07 -41.69 -41.91
N VAL B 470 -104.31 -41.54 -42.37
CA VAL B 470 -105.16 -40.46 -41.90
C VAL B 470 -105.71 -40.82 -40.52
N ARG B 471 -105.42 -39.99 -39.52
CA ARG B 471 -105.79 -40.29 -38.15
C ARG B 471 -107.29 -40.54 -37.98
N LYS B 472 -107.64 -41.71 -37.48
CA LYS B 472 -109.03 -42.04 -37.16
C LYS B 472 -109.93 -42.10 -38.39
N TRP B 473 -109.35 -42.37 -39.55
CA TRP B 473 -110.11 -42.42 -40.80
C TRP B 473 -110.84 -41.11 -41.05
N SER B 474 -110.35 -40.04 -40.43
CA SER B 474 -111.00 -38.73 -40.53
C SER B 474 -111.42 -38.43 -41.97
N THR B 475 -112.61 -37.85 -42.12
CA THR B 475 -113.14 -37.52 -43.43
C THR B 475 -113.38 -36.02 -43.58
N GLU B 476 -112.85 -35.26 -42.63
CA GLU B 476 -113.04 -33.82 -42.62
C GLU B 476 -111.74 -33.07 -42.93
N ASP B 477 -111.85 -31.78 -43.19
CA ASP B 477 -110.67 -30.97 -43.45
C ASP B 477 -109.87 -30.80 -42.16
N GLY B 478 -108.55 -30.75 -42.30
CA GLY B 478 -107.67 -30.60 -41.16
C GLY B 478 -107.37 -31.92 -40.49
N GLY B 479 -107.82 -33.01 -41.10
CA GLY B 479 -107.57 -34.34 -40.57
C GLY B 479 -106.07 -34.60 -40.49
N ILE B 480 -105.58 -34.84 -39.28
CA ILE B 480 -104.16 -35.03 -39.06
C ILE B 480 -103.59 -36.24 -39.82
N ILE B 481 -102.64 -35.96 -40.70
CA ILE B 481 -101.92 -37.02 -41.41
C ILE B 481 -100.82 -37.56 -40.52
N GLN B 482 -100.81 -38.87 -40.31
CA GLN B 482 -99.88 -39.49 -39.38
C GLN B 482 -99.24 -40.76 -39.93
N GLN B 483 -98.56 -41.49 -39.04
CA GLN B 483 -97.88 -42.73 -39.38
C GLN B 483 -98.53 -43.87 -38.61
N TRP B 484 -98.76 -45.00 -39.28
CA TRP B 484 -99.42 -46.12 -38.62
C TRP B 484 -99.10 -47.45 -39.32
N SER B 485 -99.20 -48.53 -38.56
CA SER B 485 -98.95 -49.88 -39.09
C SER B 485 -99.94 -50.21 -40.20
N ASP B 486 -99.51 -51.03 -41.16
CA ASP B 486 -100.38 -51.42 -42.25
C ASP B 486 -101.55 -52.22 -41.71
N ALA B 487 -102.74 -51.62 -41.78
CA ALA B 487 -103.96 -52.24 -41.27
C ALA B 487 -104.92 -52.58 -42.40
N GLY B 488 -104.51 -52.30 -43.63
CA GLY B 488 -105.33 -52.58 -44.79
C GLY B 488 -106.54 -51.69 -44.90
N GLY B 489 -106.57 -50.63 -44.10
CA GLY B 489 -107.68 -49.68 -44.13
C GLY B 489 -107.58 -48.67 -45.25
N THR B 490 -108.72 -48.35 -45.84
CA THR B 490 -108.78 -47.43 -46.96
C THR B 490 -108.15 -46.07 -46.65
N ASN B 491 -108.12 -45.72 -45.37
CA ASN B 491 -107.52 -44.45 -44.95
C ASN B 491 -106.01 -44.46 -45.15
N GLN B 492 -105.46 -45.63 -45.48
CA GLN B 492 -104.03 -45.77 -45.70
C GLN B 492 -103.69 -45.92 -47.18
N HIS B 493 -104.68 -45.73 -48.04
CA HIS B 493 -104.48 -45.87 -49.48
C HIS B 493 -104.53 -44.51 -50.17
N TRP B 494 -103.54 -44.23 -51.01
CA TRP B 494 -103.44 -42.93 -51.67
C TRP B 494 -103.34 -43.04 -53.18
N LYS B 495 -104.03 -42.14 -53.87
CA LYS B 495 -104.01 -42.09 -55.32
C LYS B 495 -103.07 -41.00 -55.82
N LEU B 496 -102.18 -41.37 -56.73
CA LEU B 496 -101.22 -40.44 -57.29
C LEU B 496 -101.77 -39.84 -58.59
N VAL B 497 -102.09 -38.55 -58.55
CA VAL B 497 -102.68 -37.88 -59.71
C VAL B 497 -101.78 -36.77 -60.23
N LEU B 498 -101.62 -36.73 -61.55
CA LEU B 498 -100.79 -35.72 -62.20
C LEU B 498 -101.51 -34.38 -62.29
N VAL B 499 -100.74 -33.30 -62.39
CA VAL B 499 -101.28 -31.96 -62.48
C VAL B 499 -100.58 -31.14 -63.56
N GLY C 18 54.80 6.82 40.07
CA GLY C 18 55.53 6.14 39.02
C GLY C 18 55.75 7.03 37.81
N SER C 19 57.02 7.30 37.50
CA SER C 19 57.38 8.19 36.39
C SER C 19 57.52 7.45 35.06
N HIS C 20 58.12 6.26 35.09
CA HIS C 20 58.37 5.50 33.87
C HIS C 20 57.73 4.11 33.88
N MET C 21 56.48 4.03 34.33
CA MET C 21 55.78 2.76 34.38
C MET C 21 55.22 2.34 33.02
N ALA C 22 55.62 1.16 32.55
CA ALA C 22 55.08 0.64 31.30
C ALA C 22 53.58 0.44 31.44
N SER C 23 52.85 0.71 30.37
CA SER C 23 51.40 0.66 30.39
C SER C 23 50.90 -0.77 30.41
N MET C 24 49.76 -0.98 31.07
CA MET C 24 49.10 -2.28 31.07
C MET C 24 48.96 -2.78 29.63
N THR C 25 49.07 -4.09 29.44
CA THR C 25 49.00 -4.69 28.11
C THR C 25 47.82 -4.16 27.30
N GLY C 26 48.11 -3.55 26.16
CA GLY C 26 47.09 -3.02 25.28
C GLY C 26 46.40 -1.79 25.85
N GLY C 27 47.05 -1.15 26.82
CA GLY C 27 46.52 0.01 27.48
C GLY C 27 45.77 -0.31 28.77
N GLN C 28 45.37 0.73 29.49
CA GLN C 28 44.59 0.56 30.71
C GLN C 28 43.20 0.05 30.38
N GLN C 29 42.97 -1.22 30.70
CA GLN C 29 41.69 -1.86 30.40
C GLN C 29 40.54 -1.27 31.20
N MET C 30 40.81 -0.95 32.46
CA MET C 30 39.79 -0.40 33.36
C MET C 30 39.92 1.11 33.52
N GLY C 31 38.91 1.71 34.15
CA GLY C 31 38.91 3.15 34.39
C GLY C 31 38.12 3.93 33.35
N ARG C 32 37.70 3.24 32.30
CA ARG C 32 36.93 3.86 31.22
C ARG C 32 35.50 4.21 31.66
N GLY C 33 35.10 5.46 31.41
CA GLY C 33 33.75 5.89 31.71
C GLY C 33 32.86 5.79 30.50
N SER C 34 31.99 4.77 30.50
CA SER C 34 31.10 4.51 29.38
C SER C 34 30.48 5.80 28.85
N GLU C 35 30.48 5.94 27.53
CA GLU C 35 29.91 7.12 26.89
C GLU C 35 28.39 7.04 26.84
N PHE C 36 27.87 5.86 27.18
CA PHE C 36 26.43 5.64 27.17
C PHE C 36 25.78 6.20 28.44
N ALA C 37 26.58 6.43 29.47
CA ALA C 37 26.06 6.89 30.76
C ALA C 37 26.67 8.23 31.20
N ALA C 38 27.47 8.84 30.34
CA ALA C 38 28.11 10.12 30.66
C ALA C 38 27.13 11.29 30.50
N GLU C 39 27.29 12.30 31.35
CA GLU C 39 26.42 13.48 31.31
C GLU C 39 26.76 14.39 30.13
N GLY C 40 25.73 14.95 29.51
CA GLY C 40 25.91 15.86 28.39
C GLY C 40 26.76 15.28 27.29
N VAL C 41 26.49 14.03 26.93
CA VAL C 41 27.22 13.34 25.87
C VAL C 41 26.31 12.70 24.83
N ILE C 42 26.45 13.15 23.59
CA ILE C 42 25.70 12.57 22.47
C ILE C 42 26.55 11.52 21.78
N VAL C 43 25.97 10.33 21.57
CA VAL C 43 26.71 9.26 20.93
C VAL C 43 26.22 9.04 19.49
N ASN C 44 27.00 9.53 18.53
CA ASN C 44 26.68 9.35 17.13
C ASN C 44 26.69 7.89 16.71
N GLY C 45 25.64 7.47 16.00
CA GLY C 45 25.51 6.09 15.58
C GLY C 45 24.45 5.36 16.39
N THR C 46 23.99 6.01 17.45
CA THR C 46 22.95 5.46 18.30
C THR C 46 21.67 6.27 18.20
N GLN C 47 20.55 5.64 18.50
CA GLN C 47 19.25 6.30 18.47
C GLN C 47 19.15 7.39 19.53
N PHE C 48 18.58 8.54 19.15
CA PHE C 48 18.40 9.64 20.08
C PHE C 48 17.00 9.61 20.68
N LYS C 49 16.91 9.38 21.98
CA LYS C 49 15.62 9.27 22.63
C LYS C 49 15.29 10.55 23.39
N ASP C 50 14.01 10.74 23.70
CA ASP C 50 13.58 11.89 24.47
C ASP C 50 13.47 11.54 25.95
N THR C 51 12.86 12.44 26.71
CA THR C 51 12.73 12.26 28.16
C THR C 51 11.86 11.03 28.48
N SER C 52 10.95 10.70 27.58
CA SER C 52 10.03 9.58 27.80
C SER C 52 10.56 8.28 27.19
N GLY C 53 11.85 8.21 26.95
CA GLY C 53 12.48 7.02 26.42
C GLY C 53 12.00 6.63 25.04
N ASN C 54 11.44 7.59 24.32
CA ASN C 54 10.96 7.36 22.96
C ASN C 54 11.90 7.97 21.91
N VAL C 55 12.07 7.28 20.80
CA VAL C 55 12.93 7.76 19.74
C VAL C 55 12.42 9.10 19.22
N ILE C 56 13.32 10.06 19.11
CA ILE C 56 12.96 11.40 18.63
C ILE C 56 12.70 11.35 17.12
N HIS C 57 11.56 11.88 16.70
CA HIS C 57 11.23 11.91 15.28
C HIS C 57 11.13 13.33 14.73
N ALA C 58 12.28 13.95 14.48
CA ALA C 58 12.34 15.29 13.93
C ALA C 58 13.41 15.37 12.84
N HIS C 59 13.09 14.82 11.67
CA HIS C 59 14.07 14.72 10.58
C HIS C 59 14.13 15.95 9.69
N GLY C 60 15.33 16.24 9.18
CA GLY C 60 15.54 17.38 8.30
C GLY C 60 15.06 18.68 8.90
N GLY C 61 15.06 18.76 10.22
CA GLY C 61 14.57 19.92 10.92
C GLY C 61 15.66 20.88 11.33
N GLY C 62 15.30 21.88 12.12
CA GLY C 62 16.26 22.85 12.61
C GLY C 62 16.03 23.11 14.08
N MET C 63 16.79 24.04 14.63
CA MET C 63 16.70 24.36 16.04
C MET C 63 16.55 25.86 16.28
N LEU C 64 15.85 26.22 17.35
CA LEU C 64 15.59 27.61 17.68
C LEU C 64 15.89 27.88 19.14
N LYS C 65 16.70 28.90 19.39
CA LYS C 65 17.03 29.31 20.75
C LYS C 65 16.09 30.43 21.18
N HIS C 66 15.37 30.20 22.26
CA HIS C 66 14.43 31.19 22.78
C HIS C 66 14.27 31.10 24.29
N GLY C 67 14.64 32.17 24.99
CA GLY C 67 14.59 32.18 26.43
C GLY C 67 15.68 31.31 27.03
N ASP C 68 15.25 30.33 27.81
CA ASP C 68 16.17 29.38 28.45
C ASP C 68 16.13 28.05 27.73
N TYR C 69 15.26 27.94 26.73
CA TYR C 69 15.04 26.67 26.05
C TYR C 69 15.51 26.64 24.60
N TYR C 70 16.00 25.47 24.18
CA TYR C 70 16.24 25.20 22.78
C TYR C 70 15.07 24.41 22.23
N TYR C 71 14.61 24.76 21.04
CA TYR C 71 13.48 24.08 20.41
C TYR C 71 13.91 23.36 19.13
N TRP C 72 13.72 22.04 19.12
CA TRP C 72 14.11 21.21 17.99
C TRP C 72 12.90 20.81 17.14
N TYR C 73 12.80 21.36 15.93
CA TYR C 73 11.69 21.03 15.05
C TYR C 73 12.07 20.06 13.94
N GLY C 74 11.10 19.25 13.49
CA GLY C 74 11.34 18.30 12.42
C GLY C 74 10.05 17.64 11.95
N GLU C 75 10.10 16.99 10.80
CA GLU C 75 8.92 16.34 10.22
C GLU C 75 9.08 14.82 10.26
N TYR C 76 7.98 14.10 10.41
CA TYR C 76 8.01 12.65 10.41
C TYR C 76 6.84 12.09 9.61
N ARG C 77 7.10 11.07 8.81
CA ARG C 77 6.08 10.49 7.94
C ARG C 77 5.15 9.54 8.67
N ASP C 78 4.16 9.03 7.93
CA ASP C 78 3.22 8.06 8.45
C ASP C 78 3.38 6.69 7.78
N ASP C 79 2.28 5.94 7.71
CA ASP C 79 2.34 4.61 7.13
C ASP C 79 2.52 4.66 5.61
N SER C 80 2.01 5.72 4.98
CA SER C 80 2.11 5.85 3.52
C SER C 80 3.29 6.72 3.10
N ASN C 81 4.23 6.95 4.01
CA ASN C 81 5.40 7.81 3.76
C ASN C 81 5.01 9.22 3.35
N LEU C 82 3.87 9.68 3.85
CA LEU C 82 3.38 11.02 3.60
C LEU C 82 3.50 11.87 4.86
N PHE C 83 3.40 13.19 4.71
CA PHE C 83 3.50 14.09 5.85
C PHE C 83 2.48 13.74 6.94
N LEU C 84 2.97 13.61 8.17
CA LEU C 84 2.09 13.30 9.29
C LEU C 84 2.07 14.45 10.30
N GLY C 85 3.19 15.15 10.43
CA GLY C 85 3.27 16.28 11.33
C GLY C 85 4.69 16.77 11.54
N VAL C 86 4.81 17.95 12.15
CA VAL C 86 6.11 18.50 12.51
C VAL C 86 6.24 18.48 14.03
N SER C 87 7.18 17.68 14.52
CA SER C 87 7.33 17.49 15.96
C SER C 87 8.14 18.62 16.60
N CYS C 88 7.96 18.80 17.90
CA CYS C 88 8.65 19.85 18.63
C CYS C 88 9.18 19.34 19.96
N TYR C 89 10.49 19.44 20.15
CA TYR C 89 11.14 19.05 21.38
C TYR C 89 11.89 20.25 21.95
N ARG C 90 11.97 20.34 23.28
CA ARG C 90 12.72 21.42 23.92
C ARG C 90 13.65 20.91 25.01
N SER C 91 14.80 21.57 25.13
CA SER C 91 15.82 21.20 26.10
C SER C 91 16.61 22.42 26.52
N LYS C 92 17.24 22.35 27.70
CA LYS C 92 18.08 23.42 28.19
C LYS C 92 19.56 23.09 28.00
N ASP C 93 19.87 21.80 27.91
CA ASP C 93 21.25 21.34 27.82
C ASP C 93 21.58 20.70 26.47
N LEU C 94 20.61 20.66 25.57
CA LEU C 94 20.82 20.10 24.23
C LEU C 94 21.06 18.60 24.25
N VAL C 95 20.89 17.99 25.42
CA VAL C 95 21.11 16.56 25.58
C VAL C 95 19.84 15.82 25.97
N ASN C 96 19.08 16.39 26.90
CA ASN C 96 17.81 15.82 27.32
C ASN C 96 16.61 16.55 26.71
N TRP C 97 16.01 15.93 25.70
CA TRP C 97 14.92 16.57 24.97
C TRP C 97 13.54 16.11 25.43
N GLU C 98 12.69 17.07 25.77
CA GLU C 98 11.32 16.78 26.19
C GLU C 98 10.36 16.95 25.03
N TYR C 99 9.56 15.92 24.75
CA TYR C 99 8.58 15.97 23.67
C TYR C 99 7.44 16.92 24.03
N ARG C 100 7.11 17.80 23.10
CA ARG C 100 6.12 18.84 23.36
C ARG C 100 4.88 18.72 22.47
N GLY C 101 4.91 17.81 21.50
CA GLY C 101 3.78 17.58 20.63
C GLY C 101 4.03 18.05 19.20
N GLU C 102 2.97 18.05 18.40
CA GLU C 102 3.07 18.44 16.98
C GLU C 102 2.65 19.90 16.76
N VAL C 103 3.63 20.74 16.45
CA VAL C 103 3.35 22.15 16.18
C VAL C 103 2.60 22.31 14.86
N LEU C 104 2.71 21.32 14.00
CA LEU C 104 1.92 21.28 12.76
C LEU C 104 1.52 19.84 12.48
N SER C 105 0.38 19.67 11.81
CA SER C 105 -0.16 18.34 11.54
C SER C 105 -0.78 18.22 10.15
N ARG C 106 -1.06 17.00 9.72
CA ARG C 106 -1.72 16.78 8.44
C ARG C 106 -3.18 17.23 8.51
N ASN C 107 -3.66 17.51 9.71
CA ASN C 107 -5.02 17.98 9.91
C ASN C 107 -5.09 19.50 10.09
N SER C 108 -3.93 20.15 10.01
CA SER C 108 -3.84 21.59 10.18
C SER C 108 -4.43 22.34 8.98
N ALA C 109 -4.50 21.66 7.85
CA ALA C 109 -5.03 22.26 6.63
C ALA C 109 -5.35 21.18 5.59
N PRO C 110 -6.42 21.41 4.81
CA PRO C 110 -6.86 20.44 3.79
C PRO C 110 -5.75 19.99 2.84
N GLU C 111 -4.92 20.93 2.37
CA GLU C 111 -3.87 20.60 1.43
C GLU C 111 -2.71 19.86 2.10
N LEU C 112 -2.84 19.65 3.42
CA LEU C 112 -1.83 18.92 4.17
C LEU C 112 -2.29 17.50 4.48
N ASN C 113 -3.54 17.20 4.15
CA ASN C 113 -4.09 15.87 4.39
C ASN C 113 -3.34 14.79 3.61
N HIS C 114 -3.04 15.07 2.35
CA HIS C 114 -2.34 14.12 1.50
C HIS C 114 -1.22 14.82 0.76
N CYS C 115 -0.13 15.11 1.47
CA CYS C 115 1.00 15.82 0.88
C CYS C 115 2.31 15.32 1.46
N ASN C 116 3.38 16.05 1.19
CA ASN C 116 4.70 15.69 1.71
C ASN C 116 5.50 16.93 2.11
N ILE C 117 5.78 17.07 3.40
CA ILE C 117 6.53 18.22 3.91
C ILE C 117 7.97 17.88 4.28
N GLU C 118 8.91 18.72 3.85
CA GLU C 118 10.33 18.48 4.07
C GLU C 118 11.08 19.71 4.58
N ARG C 119 12.05 19.47 5.45
CA ARG C 119 12.95 20.52 5.96
C ARG C 119 12.25 21.75 6.54
N PRO C 120 11.41 21.56 7.56
CA PRO C 120 10.76 22.70 8.21
C PRO C 120 11.73 23.44 9.12
N LYS C 121 11.62 24.77 9.15
CA LYS C 121 12.49 25.59 9.98
C LYS C 121 11.65 26.65 10.68
N VAL C 122 12.08 27.03 11.88
CA VAL C 122 11.36 28.03 12.67
C VAL C 122 12.23 29.23 13.04
N MET C 123 11.78 30.42 12.68
CA MET C 123 12.50 31.64 12.98
C MET C 123 11.62 32.56 13.83
N TYR C 124 12.24 33.27 14.77
CA TYR C 124 11.51 34.18 15.64
C TYR C 124 11.57 35.62 15.15
N ASN C 125 10.43 36.31 15.19
CA ASN C 125 10.36 37.69 14.77
C ASN C 125 10.23 38.58 16.01
N ALA C 126 11.28 39.35 16.30
CA ALA C 126 11.32 40.17 17.50
C ALA C 126 10.30 41.31 17.48
N SER C 127 10.05 41.85 16.29
CA SER C 127 9.18 43.00 16.13
C SER C 127 7.69 42.62 16.23
N THR C 128 7.35 41.42 15.80
CA THR C 128 5.96 40.96 15.82
C THR C 128 5.67 40.04 17.00
N GLY C 129 6.71 39.41 17.52
CA GLY C 129 6.57 38.50 18.65
C GLY C 129 5.99 37.16 18.26
N GLU C 130 5.95 36.89 16.97
CA GLU C 130 5.42 35.63 16.47
C GLU C 130 6.52 34.74 15.94
N PHE C 131 6.30 33.43 15.98
CA PHE C 131 7.25 32.48 15.41
C PHE C 131 6.74 32.08 14.04
N VAL C 132 7.61 32.15 13.03
CA VAL C 132 7.21 31.81 11.67
C VAL C 132 7.90 30.52 11.22
N MET C 133 7.16 29.70 10.47
CA MET C 133 7.69 28.43 10.01
C MET C 133 7.70 28.34 8.49
N TRP C 134 8.87 27.99 7.94
CA TRP C 134 9.01 27.79 6.51
C TRP C 134 9.41 26.35 6.22
N MET C 135 8.92 25.81 5.10
CA MET C 135 9.16 24.41 4.78
C MET C 135 9.02 24.14 3.29
N HIS C 136 9.43 22.95 2.88
CA HIS C 136 9.29 22.50 1.49
C HIS C 136 7.99 21.72 1.35
N TRP C 137 7.19 22.05 0.34
CA TRP C 137 5.89 21.40 0.16
C TRP C 137 5.79 20.69 -1.18
N GLU C 138 5.19 19.50 -1.17
CA GLU C 138 4.93 18.74 -2.38
C GLU C 138 3.53 18.10 -2.32
N ASN C 139 2.94 17.85 -3.49
CA ASN C 139 1.57 17.34 -3.55
C ASN C 139 1.41 15.91 -3.05
N GLY C 140 2.52 15.19 -2.92
CA GLY C 140 2.49 13.84 -2.38
C GLY C 140 2.58 12.75 -3.44
N ILE C 141 2.26 13.10 -4.67
CA ILE C 141 2.32 12.14 -5.77
C ILE C 141 3.58 12.34 -6.61
N ASN C 142 4.08 13.57 -6.62
CA ASN C 142 5.30 13.88 -7.37
C ASN C 142 6.04 15.12 -6.84
N TYR C 143 7.14 15.47 -7.51
CA TYR C 143 7.93 16.64 -7.13
C TYR C 143 7.87 17.71 -8.20
N GLY C 144 6.68 17.94 -8.73
CA GLY C 144 6.48 18.91 -9.79
C GLY C 144 6.16 20.29 -9.26
N GLN C 145 5.39 20.32 -8.17
CA GLN C 145 4.94 21.56 -7.55
C GLN C 145 6.08 22.43 -7.02
N ALA C 146 6.94 21.82 -6.20
CA ALA C 146 8.09 22.52 -5.63
C ALA C 146 7.70 23.87 -5.03
N ARG C 147 6.88 23.85 -3.97
CA ARG C 147 6.43 25.09 -3.35
C ARG C 147 7.13 25.33 -2.01
N ALA C 148 6.80 26.46 -1.40
CA ALA C 148 7.21 26.75 -0.03
C ALA C 148 5.96 26.98 0.79
N ALA C 149 5.99 26.61 2.06
CA ALA C 149 4.82 26.75 2.92
C ALA C 149 5.13 27.60 4.14
N VAL C 150 4.13 28.31 4.65
CA VAL C 150 4.31 29.20 5.79
C VAL C 150 3.29 28.93 6.89
N ALA C 151 3.72 29.07 8.14
CA ALA C 151 2.85 28.92 9.29
C ALA C 151 3.35 29.82 10.42
N TYR C 152 2.46 30.17 11.34
CA TYR C 152 2.83 31.05 12.45
C TYR C 152 2.19 30.66 13.77
N SER C 153 2.81 31.08 14.87
CA SER C 153 2.32 30.79 16.21
C SER C 153 2.79 31.84 17.21
N LYS C 154 1.94 32.14 18.19
CA LYS C 154 2.28 33.09 19.24
C LYS C 154 3.36 32.52 20.16
N THR C 155 3.34 31.20 20.34
CA THR C 155 4.31 30.51 21.18
C THR C 155 5.18 29.62 20.30
N PRO C 156 6.33 29.16 20.83
CA PRO C 156 7.23 28.33 20.03
C PRO C 156 6.83 26.86 20.00
N ASP C 157 6.26 26.37 21.10
CA ASP C 157 5.85 24.96 21.18
C ASP C 157 4.32 24.80 21.09
N GLY C 158 3.66 25.78 20.50
CA GLY C 158 2.21 25.76 20.36
C GLY C 158 1.76 25.29 18.99
N LYS C 159 0.45 25.13 18.81
CA LYS C 159 -0.09 24.65 17.54
C LYS C 159 -0.05 25.73 16.46
N PHE C 160 0.93 25.63 15.57
CA PHE C 160 1.05 26.59 14.47
C PHE C 160 -0.17 26.57 13.56
N THR C 161 -0.58 27.75 13.11
CA THR C 161 -1.69 27.89 12.17
C THR C 161 -1.17 28.01 10.73
N TYR C 162 -1.54 27.05 9.88
CA TYR C 162 -1.07 27.02 8.50
C TYR C 162 -1.60 28.22 7.71
N ILE C 163 -0.75 28.81 6.88
CA ILE C 163 -1.13 29.94 6.04
C ILE C 163 -1.39 29.50 4.61
N ARG C 164 -0.32 29.14 3.91
CA ARG C 164 -0.43 28.78 2.50
C ARG C 164 0.85 28.18 1.95
N SER C 165 0.78 27.68 0.73
CA SER C 165 1.94 27.18 -0.01
C SER C 165 1.98 27.81 -1.39
N PHE C 166 3.18 28.09 -1.90
CA PHE C 166 3.30 28.81 -3.16
C PHE C 166 4.70 28.71 -3.75
N ARG C 167 4.80 29.06 -5.03
CA ARG C 167 6.09 29.18 -5.69
C ARG C 167 6.47 30.66 -5.72
N PRO C 168 7.62 31.00 -5.12
CA PRO C 168 8.10 32.38 -4.98
C PRO C 168 8.03 33.18 -6.28
N MET C 169 7.62 34.44 -6.18
CA MET C 169 7.62 35.35 -7.34
C MET C 169 6.72 34.84 -8.46
N GLN C 170 5.60 34.22 -8.11
CA GLN C 170 4.72 33.64 -9.13
C GLN C 170 3.98 34.69 -9.95
N ASP C 171 3.80 35.88 -9.38
CA ASP C 171 3.07 36.96 -10.06
C ASP C 171 4.01 37.89 -10.84
N THR C 172 5.31 37.66 -10.74
CA THR C 172 6.29 38.47 -11.44
C THR C 172 6.35 38.13 -12.93
N GLY C 173 5.63 37.07 -13.30
CA GLY C 173 5.57 36.64 -14.68
C GLY C 173 6.67 35.66 -15.04
N VAL C 174 7.49 35.32 -14.05
CA VAL C 174 8.58 34.38 -14.26
C VAL C 174 8.07 32.95 -14.38
N MET C 175 8.67 32.18 -15.30
CA MET C 175 8.30 30.78 -15.50
C MET C 175 9.48 29.87 -15.22
N ASP C 176 9.33 28.95 -14.27
CA ASP C 176 10.40 28.02 -13.95
C ASP C 176 9.99 26.58 -14.24
N HIS C 177 10.25 26.13 -15.46
CA HIS C 177 9.93 24.76 -15.86
C HIS C 177 8.44 24.45 -15.86
N GLY C 178 7.68 25.17 -16.68
CA GLY C 178 6.28 24.86 -16.92
C GLY C 178 5.29 25.48 -15.95
N LEU C 179 5.78 26.04 -14.86
CA LEU C 179 4.89 26.63 -13.85
C LEU C 179 5.31 28.04 -13.44
N PRO C 180 4.33 28.89 -13.12
CA PRO C 180 4.58 30.27 -12.70
C PRO C 180 5.25 30.35 -11.33
N GLY C 181 6.34 31.10 -11.24
CA GLY C 181 7.09 31.24 -10.00
C GLY C 181 8.26 30.29 -9.91
N TYR C 182 9.33 30.72 -9.26
CA TYR C 182 10.52 29.89 -9.10
C TYR C 182 10.21 28.62 -8.32
N MET C 183 10.98 27.57 -8.59
CA MET C 183 10.88 26.32 -7.85
C MET C 183 11.51 26.49 -6.47
N SER C 184 10.93 25.82 -5.48
CA SER C 184 11.46 25.90 -4.12
C SER C 184 11.47 24.53 -3.46
N ARG C 185 12.62 23.87 -3.53
CA ARG C 185 12.78 22.54 -2.94
C ARG C 185 13.42 22.65 -1.56
N ASP C 186 14.64 22.13 -1.43
CA ASP C 186 15.38 22.20 -0.17
C ASP C 186 15.48 23.63 0.32
N CYS C 187 15.13 23.86 1.58
CA CYS C 187 15.07 25.23 2.10
C CYS C 187 15.64 25.37 3.51
N ASN C 188 15.76 26.61 3.95
CA ASN C 188 16.25 26.93 5.28
C ASN C 188 16.02 28.41 5.53
N VAL C 189 15.98 28.82 6.79
CA VAL C 189 15.73 30.21 7.14
C VAL C 189 16.92 30.86 7.82
N PHE C 190 17.01 32.18 7.71
CA PHE C 190 18.10 32.94 8.31
C PHE C 190 17.68 34.34 8.76
N VAL C 191 18.08 34.70 9.97
CA VAL C 191 17.79 36.03 10.52
C VAL C 191 19.09 36.83 10.69
N ASP C 192 19.24 37.88 9.89
CA ASP C 192 20.44 38.70 9.94
C ASP C 192 20.44 39.56 11.20
N THR C 193 21.59 40.20 11.47
CA THR C 193 21.73 41.03 12.66
C THR C 193 20.87 42.30 12.57
N ASP C 194 20.72 42.82 11.36
CA ASP C 194 19.94 44.03 11.13
C ASP C 194 18.45 43.83 11.36
N GLY C 195 18.04 42.58 11.50
CA GLY C 195 16.64 42.25 11.72
C GLY C 195 15.95 41.77 10.46
N LYS C 196 16.70 41.65 9.37
CA LYS C 196 16.16 41.17 8.11
C LYS C 196 15.94 39.67 8.15
N GLY C 197 14.79 39.24 7.64
CA GLY C 197 14.50 37.81 7.54
C GLY C 197 14.77 37.31 6.14
N TYR C 198 15.29 36.10 6.04
CA TYR C 198 15.63 35.52 4.75
C TYR C 198 15.17 34.07 4.62
N PHE C 199 14.92 33.66 3.38
CA PHE C 199 14.52 32.30 3.07
C PHE C 199 15.25 31.78 1.85
N ILE C 200 16.16 30.84 2.05
CA ILE C 200 16.96 30.31 0.96
C ILE C 200 16.49 28.92 0.54
N SER C 201 16.33 28.72 -0.77
CA SER C 201 15.87 27.44 -1.27
C SER C 201 16.47 27.14 -2.64
N ALA C 202 16.50 25.86 -3.01
CA ALA C 202 17.03 25.44 -4.30
C ALA C 202 16.01 25.63 -5.40
N ALA C 203 16.39 26.36 -6.45
CA ALA C 203 15.48 26.66 -7.55
C ALA C 203 16.06 26.24 -8.90
N ASN C 204 15.31 26.52 -9.96
CA ASN C 204 15.71 26.19 -11.32
C ASN C 204 16.15 24.73 -11.46
N GLU C 205 15.25 23.82 -11.11
CA GLU C 205 15.52 22.38 -11.19
C GLU C 205 16.75 22.01 -10.36
N ASN C 206 16.81 22.57 -9.15
CA ASN C 206 17.88 22.27 -8.21
C ASN C 206 19.27 22.67 -8.70
N MET C 207 19.33 23.54 -9.72
CA MET C 207 20.62 23.97 -10.26
C MET C 207 21.15 25.22 -9.57
N ASP C 208 20.25 26.11 -9.16
CA ASP C 208 20.64 27.36 -8.52
C ASP C 208 20.10 27.45 -7.10
N LEU C 209 20.71 28.32 -6.29
CA LEU C 209 20.18 28.62 -4.97
C LEU C 209 19.65 30.04 -4.94
N HIS C 210 18.41 30.20 -4.48
CA HIS C 210 17.80 31.52 -4.41
C HIS C 210 17.68 32.01 -2.96
N LEU C 211 18.22 33.18 -2.69
CA LEU C 211 18.11 33.80 -1.38
C LEU C 211 17.02 34.86 -1.42
N TYR C 212 15.91 34.60 -0.73
CA TYR C 212 14.78 35.53 -0.73
C TYR C 212 14.77 36.37 0.53
N GLU C 213 14.52 37.67 0.36
CA GLU C 213 14.33 38.56 1.49
C GLU C 213 12.87 38.57 1.90
N LEU C 214 12.60 38.27 3.16
CA LEU C 214 11.23 38.20 3.67
C LEU C 214 10.67 39.57 4.00
N THR C 215 9.34 39.66 4.02
CA THR C 215 8.65 40.87 4.47
C THR C 215 8.92 41.07 5.96
N PRO C 216 8.66 42.28 6.47
CA PRO C 216 8.92 42.61 7.88
C PRO C 216 8.32 41.63 8.89
N ASP C 217 7.24 40.95 8.54
CA ASP C 217 6.60 40.00 9.46
C ASP C 217 7.07 38.57 9.28
N TYR C 218 8.02 38.37 8.38
CA TYR C 218 8.61 37.05 8.12
C TYR C 218 7.61 36.05 7.52
N LYS C 219 6.38 36.48 7.30
CA LYS C 219 5.34 35.55 6.83
C LYS C 219 5.10 35.61 5.32
N ASN C 220 6.04 36.20 4.58
CA ASN C 220 5.92 36.26 3.12
C ASN C 220 7.21 36.73 2.47
N ILE C 221 7.38 36.36 1.20
CA ILE C 221 8.57 36.76 0.43
C ILE C 221 8.39 38.13 -0.20
N ALA C 222 9.41 38.98 -0.04
CA ALA C 222 9.35 40.35 -0.55
C ALA C 222 10.10 40.52 -1.87
N SER C 223 11.30 39.96 -1.94
CA SER C 223 12.13 40.09 -3.14
C SER C 223 13.23 39.05 -3.20
N LEU C 224 13.88 38.95 -4.36
CA LEU C 224 15.00 38.04 -4.54
C LEU C 224 16.31 38.74 -4.23
N LYS C 225 16.86 38.43 -3.05
CA LYS C 225 18.11 39.04 -2.60
C LYS C 225 19.24 38.76 -3.58
N ALA C 226 19.42 37.50 -3.95
CA ALA C 226 20.47 37.11 -4.87
C ALA C 226 20.37 35.65 -5.33
N LYS C 227 21.00 35.34 -6.45
CA LYS C 227 21.13 33.98 -6.93
C LYS C 227 22.54 33.47 -6.65
N LEU C 228 22.64 32.35 -5.94
CA LEU C 228 23.93 31.85 -5.47
C LEU C 228 24.32 30.51 -6.08
N PHE C 229 25.58 30.44 -6.52
CA PHE C 229 26.16 29.21 -7.06
C PHE C 229 25.27 28.59 -8.13
N VAL C 230 24.98 29.36 -9.17
CA VAL C 230 24.14 28.86 -10.26
C VAL C 230 24.84 27.77 -11.05
N GLY C 231 24.08 26.74 -11.41
CA GLY C 231 24.60 25.64 -12.20
C GLY C 231 25.55 24.72 -11.46
N GLN C 232 25.74 24.99 -10.17
CA GLN C 232 26.65 24.18 -9.35
C GLN C 232 25.90 23.08 -8.60
N GLN C 233 24.58 23.22 -8.53
CA GLN C 233 23.71 22.18 -7.99
C GLN C 233 24.03 21.85 -6.54
N ARG C 234 23.92 22.85 -5.68
CA ARG C 234 24.12 22.65 -4.24
C ARG C 234 22.78 22.56 -3.54
N GLU C 235 22.65 21.59 -2.62
CA GLU C 235 21.39 21.38 -1.93
C GLU C 235 21.54 21.53 -0.42
N ALA C 236 20.46 21.30 0.30
CA ALA C 236 20.46 21.38 1.76
C ALA C 236 21.28 22.57 2.28
N PRO C 237 20.87 23.79 1.92
CA PRO C 237 21.62 25.00 2.26
C PRO C 237 21.49 25.37 3.74
N CYS C 238 22.60 25.73 4.37
CA CYS C 238 22.60 26.20 5.75
C CYS C 238 23.34 27.52 5.84
N LEU C 239 22.60 28.59 6.14
CA LEU C 239 23.15 29.93 6.17
C LEU C 239 23.33 30.44 7.59
N ILE C 240 24.56 30.83 7.93
CA ILE C 240 24.85 31.34 9.27
C ILE C 240 25.78 32.54 9.20
N LYS C 241 25.99 33.17 10.35
CA LYS C 241 26.88 34.34 10.44
C LYS C 241 27.61 34.33 11.77
N ARG C 242 28.90 34.63 11.73
CA ARG C 242 29.73 34.61 12.94
C ARG C 242 30.29 35.99 13.26
N ASN C 243 31.41 36.34 12.66
CA ASN C 243 32.01 37.65 12.89
C ASN C 243 31.95 38.52 11.64
N GLY C 244 30.76 38.99 11.30
CA GLY C 244 30.57 39.81 10.12
C GLY C 244 30.72 39.02 8.84
N TYR C 245 30.91 37.71 8.98
CA TYR C 245 31.07 36.83 7.83
C TYR C 245 29.81 35.97 7.68
N TYR C 246 29.36 35.81 6.44
CA TYR C 246 28.25 34.91 6.15
C TYR C 246 28.79 33.59 5.64
N TYR C 247 28.31 32.49 6.23
CA TYR C 247 28.77 31.16 5.84
C TYR C 247 27.62 30.33 5.29
N LEU C 248 27.88 29.66 4.17
CA LEU C 248 26.87 28.83 3.52
C LEU C 248 27.35 27.40 3.35
N ILE C 249 26.89 26.52 4.22
CA ILE C 249 27.22 25.10 4.13
C ILE C 249 26.19 24.35 3.29
N THR C 250 26.65 23.66 2.26
CA THR C 250 25.76 22.96 1.36
C THR C 250 26.21 21.53 1.12
N SER C 251 25.35 20.76 0.47
CA SER C 251 25.66 19.39 0.09
C SER C 251 25.51 19.20 -1.41
N GLY C 252 26.03 18.09 -1.92
CA GLY C 252 25.86 17.76 -3.32
C GLY C 252 24.45 17.27 -3.56
N CYS C 253 24.14 16.95 -4.82
CA CYS C 253 22.81 16.47 -5.16
C CYS C 253 22.87 15.01 -5.61
N THR C 254 22.75 14.09 -4.65
CA THR C 254 22.78 12.67 -4.96
C THR C 254 21.74 11.90 -4.14
N GLY C 255 20.52 12.40 -4.12
CA GLY C 255 19.44 11.73 -3.41
C GLY C 255 19.79 11.43 -1.97
N TRP C 256 19.52 10.19 -1.55
CA TRP C 256 19.80 9.74 -0.20
C TRP C 256 21.29 9.56 0.03
N ASN C 257 22.01 9.17 -1.01
CA ASN C 257 23.45 8.92 -0.91
C ASN C 257 24.22 10.11 -0.34
N PRO C 258 24.87 9.91 0.82
CA PRO C 258 25.69 10.97 1.41
C PRO C 258 26.79 11.39 0.43
N ASN C 259 27.15 12.67 0.45
CA ASN C 259 28.16 13.18 -0.46
C ASN C 259 29.10 14.19 0.22
N GLN C 260 29.98 14.79 -0.57
CA GLN C 260 30.93 15.77 -0.05
C GLN C 260 30.28 17.11 0.27
N ALA C 261 30.26 17.46 1.54
CA ALA C 261 29.74 18.76 1.96
C ALA C 261 30.78 19.86 1.71
N LYS C 262 30.31 21.01 1.26
CA LYS C 262 31.18 22.14 0.99
C LYS C 262 30.67 23.39 1.69
N TYR C 263 31.54 24.38 1.86
CA TYR C 263 31.15 25.64 2.47
C TYR C 263 31.74 26.82 1.72
N ALA C 264 31.15 27.99 1.91
CA ALA C 264 31.63 29.21 1.26
C ALA C 264 31.33 30.41 2.15
N TYR C 265 32.21 31.40 2.12
CA TYR C 265 32.06 32.58 2.98
C TYR C 265 31.96 33.87 2.17
N SER C 266 31.47 34.92 2.82
CA SER C 266 31.34 36.22 2.18
C SER C 266 30.96 37.26 3.23
N LYS C 267 31.38 38.50 3.02
CA LYS C 267 31.04 39.57 3.96
C LYS C 267 29.76 40.28 3.54
N ASP C 268 29.15 39.79 2.47
CA ASP C 268 27.91 40.36 1.97
C ASP C 268 26.99 39.26 1.42
N LEU C 269 25.72 39.36 1.73
CA LEU C 269 24.74 38.35 1.28
C LEU C 269 24.51 38.37 -0.23
N ALA C 270 24.51 39.57 -0.82
CA ALA C 270 24.16 39.69 -2.24
C ALA C 270 25.29 39.32 -3.19
N SER C 271 26.54 39.51 -2.75
CA SER C 271 27.68 39.24 -3.60
C SER C 271 28.95 39.10 -2.78
N GLY C 272 30.05 38.73 -3.44
CA GLY C 272 31.32 38.58 -2.75
C GLY C 272 31.57 37.19 -2.22
N TRP C 273 30.67 36.27 -2.54
CA TRP C 273 30.80 34.89 -2.09
C TRP C 273 32.02 34.22 -2.68
N SER C 274 32.76 33.51 -1.83
CA SER C 274 33.96 32.82 -2.29
C SER C 274 33.61 31.51 -2.97
N GLN C 275 34.63 30.76 -3.36
CA GLN C 275 34.44 29.46 -3.95
C GLN C 275 34.02 28.45 -2.88
N LEU C 276 33.79 27.21 -3.30
CA LEU C 276 33.40 26.16 -2.38
C LEU C 276 34.63 25.42 -1.84
N TYR C 277 34.66 25.19 -0.54
CA TYR C 277 35.75 24.46 0.10
C TYR C 277 35.22 23.19 0.75
N ASN C 278 35.95 22.09 0.62
CA ASN C 278 35.53 20.82 1.18
C ASN C 278 35.38 20.86 2.70
N LEU C 279 34.32 20.24 3.20
CA LEU C 279 34.06 20.18 4.63
C LEU C 279 33.73 18.74 5.05
N GLY C 280 34.54 18.19 5.95
CA GLY C 280 34.38 16.80 6.34
C GLY C 280 34.90 15.87 5.27
N ASN C 281 34.56 14.59 5.37
CA ASN C 281 35.01 13.61 4.39
C ASN C 281 34.08 13.54 3.18
N SER C 282 34.32 12.58 2.30
CA SER C 282 33.59 12.50 1.04
C SER C 282 32.12 12.13 1.20
N THR C 283 31.70 11.84 2.42
CA THR C 283 30.32 11.46 2.68
C THR C 283 29.72 12.29 3.82
N THR C 284 30.46 13.29 4.28
CA THR C 284 30.04 14.08 5.42
C THR C 284 29.68 13.17 6.58
N TYR C 285 30.46 12.12 6.76
CA TYR C 285 30.25 11.16 7.84
C TYR C 285 28.88 10.51 7.75
N ARG C 286 28.52 10.12 6.53
CA ARG C 286 27.21 9.52 6.25
C ARG C 286 26.07 10.35 6.83
N SER C 287 25.94 11.58 6.33
CA SER C 287 24.88 12.47 6.76
C SER C 287 24.70 13.58 5.73
N GLN C 288 23.69 14.43 5.93
CA GLN C 288 23.47 15.57 5.06
C GLN C 288 23.13 16.79 5.90
N PRO C 289 23.82 17.91 5.67
CA PRO C 289 23.61 19.13 6.43
C PRO C 289 22.13 19.51 6.49
N THR C 290 21.64 19.86 7.67
CA THR C 290 20.24 20.26 7.81
C THR C 290 20.10 21.59 8.55
N PHE C 291 21.01 21.86 9.48
CA PHE C 291 20.97 23.11 10.24
C PHE C 291 22.20 23.26 11.13
N ILE C 292 22.66 24.50 11.26
CA ILE C 292 23.79 24.83 12.12
C ILE C 292 23.38 25.97 13.06
N ILE C 293 23.54 25.75 14.36
CA ILE C 293 23.09 26.73 15.35
C ILE C 293 24.18 27.05 16.37
N PRO C 294 24.35 28.35 16.66
CA PRO C 294 25.32 28.81 17.66
C PRO C 294 24.89 28.46 19.07
N VAL C 295 25.82 27.90 19.85
CA VAL C 295 25.57 27.61 21.25
C VAL C 295 26.45 28.50 22.11
N GLN C 296 25.84 29.54 22.66
CA GLN C 296 26.59 30.55 23.43
C GLN C 296 26.49 30.26 24.92
N GLY C 297 27.60 30.44 25.63
CA GLY C 297 27.67 30.20 27.06
C GLY C 297 28.68 31.10 27.74
N SER C 298 28.96 30.81 29.01
CA SER C 298 29.87 31.65 29.78
C SER C 298 31.30 31.60 29.25
N SER C 299 31.73 30.41 28.81
CA SER C 299 33.11 30.24 28.33
C SER C 299 33.29 30.78 26.91
N GLY C 300 32.24 30.75 26.11
CA GLY C 300 32.31 31.22 24.74
C GLY C 300 31.16 30.75 23.88
N THR C 301 31.38 30.71 22.57
CA THR C 301 30.34 30.29 21.63
C THR C 301 30.84 29.24 20.65
N SER C 302 30.22 28.05 20.70
CA SER C 302 30.53 26.98 19.77
C SER C 302 29.38 26.79 18.78
N TYR C 303 29.66 26.15 17.66
CA TYR C 303 28.65 25.93 16.63
C TYR C 303 28.33 24.45 16.45
N LEU C 304 27.06 24.12 16.59
CA LEU C 304 26.60 22.74 16.51
C LEU C 304 26.11 22.40 15.12
N TYR C 305 26.73 21.40 14.50
CA TYR C 305 26.30 20.92 13.19
C TYR C 305 25.26 19.82 13.35
N MET C 306 24.09 20.05 12.77
CA MET C 306 23.04 19.05 12.75
C MET C 306 22.94 18.43 11.36
N GLY C 307 22.91 17.10 11.31
CA GLY C 307 22.82 16.40 10.05
C GLY C 307 21.85 15.24 10.10
N ASP C 308 21.39 14.80 8.93
CA ASP C 308 20.49 13.67 8.86
C ASP C 308 21.16 12.48 8.18
N ARG C 309 21.08 11.33 8.83
CA ARG C 309 21.53 10.09 8.22
C ARG C 309 20.32 9.36 7.66
N TRP C 310 20.00 9.67 6.40
CA TRP C 310 18.78 9.14 5.78
C TRP C 310 18.85 7.62 5.58
N ALA C 311 17.84 6.94 6.11
CA ALA C 311 17.76 5.49 5.99
C ALA C 311 17.53 5.05 4.55
N GLY C 312 17.06 5.96 3.71
CA GLY C 312 16.83 5.67 2.31
C GLY C 312 18.12 5.29 1.60
N ALA C 313 19.24 5.70 2.17
CA ALA C 313 20.55 5.40 1.60
C ALA C 313 20.79 3.90 1.56
N TRP C 314 20.21 3.18 2.53
CA TRP C 314 20.35 1.73 2.59
C TRP C 314 19.00 1.03 2.43
N GLY C 315 18.04 1.74 1.84
CA GLY C 315 16.75 1.14 1.51
C GLY C 315 15.74 1.13 2.65
N GLY C 316 15.91 2.03 3.61
CA GLY C 316 15.01 2.11 4.75
C GLY C 316 13.97 3.21 4.61
N LYS C 317 13.06 3.28 5.57
CA LYS C 317 12.02 4.30 5.59
C LYS C 317 12.59 5.60 6.15
N VAL C 318 11.99 6.73 5.76
CA VAL C 318 12.43 8.03 6.25
C VAL C 318 12.41 8.07 7.77
N ASN C 319 11.37 7.48 8.36
CA ASN C 319 11.22 7.46 9.81
C ASN C 319 12.33 6.67 10.51
N ASP C 320 13.07 5.89 9.75
CA ASP C 320 14.16 5.10 10.31
C ASP C 320 15.50 5.85 10.23
N SER C 321 15.44 7.11 9.83
CA SER C 321 16.64 7.93 9.71
C SER C 321 17.21 8.39 11.06
N GLN C 322 18.53 8.43 11.16
CA GLN C 322 19.21 8.83 12.39
C GLN C 322 19.74 10.24 12.28
N TYR C 323 20.38 10.71 13.36
CA TYR C 323 20.93 12.06 13.40
C TYR C 323 22.42 12.05 13.70
N VAL C 324 23.14 13.00 13.14
CA VAL C 324 24.57 13.13 13.38
C VAL C 324 24.92 14.53 13.85
N TRP C 325 25.27 14.65 15.14
CA TRP C 325 25.64 15.94 15.71
C TRP C 325 27.15 16.08 15.89
N LEU C 326 27.71 17.15 15.33
CA LEU C 326 29.14 17.39 15.41
C LEU C 326 29.43 18.86 15.64
N PRO C 327 30.58 19.17 16.26
CA PRO C 327 31.00 20.56 16.47
C PRO C 327 31.61 21.15 15.20
N LEU C 328 31.15 22.33 14.81
CA LEU C 328 31.73 23.05 13.68
C LEU C 328 32.76 24.06 14.15
N ASN C 329 34.04 23.79 13.86
CA ASN C 329 35.12 24.65 14.35
C ASN C 329 35.61 25.67 13.33
N PHE C 330 35.84 26.89 13.80
CA PHE C 330 36.37 27.96 12.96
C PHE C 330 37.84 28.22 13.27
N ILE C 331 38.73 27.50 12.57
CA ILE C 331 40.16 27.71 12.73
C ILE C 331 40.52 29.16 12.44
N SER C 332 39.85 29.72 11.44
CA SER C 332 39.99 31.13 11.10
C SER C 332 38.70 31.61 10.46
N ASP C 333 38.67 32.88 10.09
CA ASP C 333 37.49 33.46 9.47
C ASP C 333 37.28 32.89 8.06
N THR C 334 38.29 32.22 7.54
CA THR C 334 38.24 31.67 6.19
C THR C 334 38.41 30.15 6.17
N THR C 335 38.81 29.58 7.30
CA THR C 335 39.04 28.14 7.38
C THR C 335 38.15 27.42 8.41
N LEU C 336 37.23 26.60 7.91
CA LEU C 336 36.34 25.82 8.77
C LEU C 336 36.75 24.36 8.75
N GLU C 337 36.36 23.63 9.80
CA GLU C 337 36.61 22.19 9.86
C GLU C 337 35.46 21.50 10.57
N LEU C 338 35.14 20.29 10.11
CA LEU C 338 34.08 19.50 10.72
C LEU C 338 34.57 18.13 11.12
N PRO C 339 35.14 18.01 12.33
CA PRO C 339 35.67 16.73 12.82
C PRO C 339 34.56 15.75 13.12
N TYR C 340 34.88 14.46 13.08
CA TYR C 340 33.93 13.43 13.47
C TYR C 340 34.33 12.80 14.81
N TYR C 341 33.38 12.77 15.72
CA TYR C 341 33.58 12.15 17.03
C TYR C 341 32.46 11.15 17.29
N ASP C 342 32.82 9.92 17.58
CA ASP C 342 31.83 8.89 17.86
C ASP C 342 30.99 9.31 19.07
N SER C 343 31.61 10.06 19.98
CA SER C 343 30.92 10.60 21.16
C SER C 343 31.26 12.07 21.37
N VAL C 344 30.24 12.92 21.37
CA VAL C 344 30.43 14.36 21.52
C VAL C 344 29.95 14.90 22.87
N LYS C 345 30.74 15.78 23.45
CA LYS C 345 30.42 16.41 24.73
C LYS C 345 29.83 17.79 24.52
N ILE C 346 28.65 18.02 25.08
CA ILE C 346 27.95 19.30 24.92
C ILE C 346 27.65 19.95 26.27
N ASP C 347 28.30 21.09 26.50
CA ASP C 347 28.08 21.87 27.71
C ASP C 347 27.37 23.17 27.37
N ALA C 348 26.04 23.12 27.37
CA ALA C 348 25.23 24.27 26.98
C ALA C 348 25.58 25.54 27.78
N SER C 349 25.64 25.41 29.10
CA SER C 349 25.91 26.55 29.96
C SER C 349 27.26 27.20 29.67
N SER C 350 28.27 26.39 29.39
CA SER C 350 29.62 26.90 29.11
C SER C 350 29.76 27.34 27.66
N GLY C 351 28.90 26.81 26.79
CA GLY C 351 28.98 27.08 25.37
C GLY C 351 30.13 26.32 24.74
N ILE C 352 30.37 25.11 25.25
CA ILE C 352 31.48 24.29 24.79
C ILE C 352 31.00 22.99 24.15
N ILE C 353 31.49 22.73 22.94
CA ILE C 353 31.19 21.47 22.25
C ILE C 353 32.48 20.84 21.75
N SER C 354 32.84 19.70 22.33
CA SER C 354 34.11 19.05 22.00
C SER C 354 33.98 17.53 22.02
N GLU C 355 35.08 16.84 21.75
CA GLU C 355 35.09 15.38 21.76
C GLU C 355 35.12 14.82 23.18
N TYR C 356 34.28 13.83 23.44
CA TYR C 356 34.28 13.16 24.73
C TYR C 356 35.21 11.96 24.70
N ILE C 357 36.24 12.00 25.55
CA ILE C 357 37.21 10.91 25.65
C ILE C 357 36.86 9.98 26.81
N PRO C 358 36.32 8.79 26.50
CA PRO C 358 35.92 7.81 27.52
C PRO C 358 37.07 7.49 28.48
N ASP C 359 38.28 7.37 27.95
CA ASP C 359 39.45 7.06 28.78
C ASP C 359 40.47 8.20 28.76
N THR C 360 40.51 8.96 29.85
CA THR C 360 41.38 10.14 29.94
C THR C 360 42.86 9.79 30.11
N THR C 361 43.16 8.53 30.40
CA THR C 361 44.55 8.10 30.59
C THR C 361 45.49 8.67 29.53
N ARG C 362 46.51 9.40 30.00
CA ARG C 362 47.46 10.05 29.08
C ARG C 362 48.73 9.23 28.94
N TYR C 363 49.14 8.98 27.70
CA TYR C 363 50.27 8.12 27.41
C TYR C 363 51.44 8.85 26.77
N LYS C 364 52.59 8.18 26.79
CA LYS C 364 53.77 8.62 26.06
C LYS C 364 54.22 7.43 25.22
N LEU C 365 54.60 7.70 23.96
CA LEU C 365 55.05 6.64 23.09
C LEU C 365 56.56 6.72 22.89
N VAL C 366 57.29 5.82 23.52
CA VAL C 366 58.75 5.84 23.47
C VAL C 366 59.32 4.84 22.46
N ASN C 367 60.26 5.30 21.64
CA ASN C 367 60.92 4.42 20.67
C ASN C 367 62.07 3.63 21.30
N LYS C 368 62.13 2.34 21.02
CA LYS C 368 63.15 1.49 21.63
C LYS C 368 64.58 1.82 21.18
N ASN C 369 64.72 2.15 19.89
CA ASN C 369 66.04 2.41 19.32
C ASN C 369 66.65 3.75 19.72
N SER C 370 65.84 4.80 19.68
CA SER C 370 66.32 6.16 19.94
C SER C 370 66.10 6.57 21.39
N GLY C 371 65.03 6.05 21.98
CA GLY C 371 64.66 6.41 23.33
C GLY C 371 63.85 7.70 23.34
N LYS C 372 63.66 8.27 22.16
CA LYS C 372 62.86 9.49 22.01
C LYS C 372 61.38 9.15 22.05
N VAL C 373 60.55 10.16 22.30
CA VAL C 373 59.11 9.97 22.42
C VAL C 373 58.38 10.61 21.25
N LEU C 374 57.21 10.05 20.93
CA LEU C 374 56.36 10.56 19.87
C LEU C 374 55.87 11.97 20.19
N ASP C 375 56.06 12.90 19.27
CA ASP C 375 55.77 14.31 19.51
C ASP C 375 55.33 15.03 18.24
N VAL C 376 54.82 16.25 18.39
CA VAL C 376 54.43 17.07 17.26
C VAL C 376 55.48 18.15 17.07
N LEU C 377 55.88 18.39 15.82
CA LEU C 377 56.92 19.37 15.52
C LEU C 377 56.56 20.75 16.08
N ASP C 378 57.47 21.32 16.88
CA ASP C 378 57.25 22.62 17.49
C ASP C 378 56.10 22.61 18.48
N GLY C 379 55.60 21.41 18.79
CA GLY C 379 54.46 21.27 19.66
C GLY C 379 53.25 22.03 19.16
N SER C 380 53.11 22.10 17.84
CA SER C 380 52.04 22.88 17.22
C SER C 380 50.68 22.24 17.38
N VAL C 381 49.64 23.06 17.32
CA VAL C 381 48.26 22.57 17.36
C VAL C 381 47.63 22.77 15.99
N ASP C 382 48.44 23.22 15.03
CA ASP C 382 47.94 23.46 13.69
C ASP C 382 47.66 22.14 12.97
N ASN C 383 46.65 22.15 12.12
CA ASN C 383 46.29 20.95 11.37
C ASN C 383 47.38 20.55 10.38
N ALA C 384 47.56 19.25 10.20
CA ALA C 384 48.53 18.71 9.26
C ALA C 384 49.99 18.94 9.66
N ALA C 385 50.21 19.25 10.95
CA ALA C 385 51.56 19.44 11.48
C ALA C 385 52.35 18.14 11.43
N GLN C 386 53.66 18.24 11.23
CA GLN C 386 54.51 17.07 11.11
C GLN C 386 54.75 16.38 12.46
N ILE C 387 54.79 15.05 12.44
CA ILE C 387 55.05 14.26 13.63
C ILE C 387 56.51 13.85 13.69
N VAL C 388 57.17 14.21 14.78
CA VAL C 388 58.58 13.88 14.97
C VAL C 388 58.80 13.26 16.34
N GLN C 389 60.01 12.77 16.57
CA GLN C 389 60.39 12.27 17.88
C GLN C 389 61.18 13.34 18.61
N TRP C 390 61.22 13.26 19.93
CA TRP C 390 61.91 14.27 20.73
C TRP C 390 62.26 13.72 22.10
N THR C 391 63.28 14.29 22.73
CA THR C 391 63.66 13.89 24.07
C THR C 391 62.51 14.12 25.03
N ASP C 392 62.29 13.17 25.93
CA ASP C 392 61.23 13.28 26.93
C ASP C 392 61.35 14.59 27.71
N ASN C 393 60.44 15.52 27.45
CA ASN C 393 60.43 16.80 28.17
C ASN C 393 59.14 17.03 28.95
N GLY C 394 58.26 16.02 28.93
CA GLY C 394 57.04 16.06 29.70
C GLY C 394 56.08 17.19 29.35
N SER C 395 56.13 17.65 28.10
CA SER C 395 55.20 18.68 27.66
C SER C 395 53.92 18.04 27.13
N LEU C 396 52.92 18.86 26.86
CA LEU C 396 51.61 18.36 26.41
C LEU C 396 51.65 17.77 25.00
N SER C 397 52.48 18.35 24.14
CA SER C 397 52.55 17.90 22.75
C SER C 397 53.06 16.47 22.63
N GLN C 398 53.58 15.93 23.72
CA GLN C 398 54.13 14.57 23.73
C GLN C 398 53.17 13.57 24.38
N GLN C 399 52.00 14.04 24.81
CA GLN C 399 51.02 13.18 25.48
C GLN C 399 49.86 12.82 24.55
N TRP C 400 49.43 11.57 24.60
CA TRP C 400 48.39 11.09 23.69
C TRP C 400 47.34 10.25 24.39
N TYR C 401 46.10 10.36 23.92
CA TYR C 401 45.01 9.51 24.40
C TYR C 401 44.89 8.27 23.53
N LEU C 402 44.11 7.30 24.00
CA LEU C 402 43.81 6.12 23.22
C LEU C 402 42.30 5.88 23.21
N VAL C 403 41.67 6.19 22.08
CA VAL C 403 40.23 6.07 21.95
C VAL C 403 39.82 4.83 21.16
N ASP C 404 38.91 4.05 21.72
CA ASP C 404 38.37 2.88 21.01
C ASP C 404 37.58 3.33 19.79
N VAL C 405 37.94 2.78 18.64
CA VAL C 405 37.28 3.13 17.40
C VAL C 405 36.68 1.88 16.75
N GLY C 406 36.73 0.76 17.47
CA GLY C 406 36.12 -0.47 17.01
C GLY C 406 37.11 -1.53 16.55
N GLY C 407 36.74 -2.80 16.75
CA GLY C 407 37.57 -3.91 16.29
C GLY C 407 38.95 -3.98 16.91
N GLY C 408 39.10 -3.37 18.09
CA GLY C 408 40.37 -3.38 18.80
C GLY C 408 41.29 -2.27 18.36
N TYR C 409 40.95 -1.63 17.25
CA TYR C 409 41.74 -0.51 16.72
C TYR C 409 41.62 0.71 17.62
N LYS C 410 42.65 1.56 17.63
CA LYS C 410 42.67 2.73 18.49
C LYS C 410 42.91 3.99 17.68
N LYS C 411 42.40 5.12 18.18
CA LYS C 411 42.68 6.42 17.58
C LYS C 411 43.56 7.23 18.51
N ILE C 412 44.82 7.42 18.11
CA ILE C 412 45.79 8.12 18.94
C ILE C 412 45.62 9.63 18.86
N VAL C 413 45.00 10.21 19.90
CA VAL C 413 44.69 11.63 19.93
C VAL C 413 45.68 12.42 20.77
N ASN C 414 46.19 13.52 20.21
CA ASN C 414 47.11 14.40 20.93
C ASN C 414 46.40 15.20 22.02
N VAL C 415 46.97 15.19 23.22
CA VAL C 415 46.35 15.87 24.35
C VAL C 415 46.28 17.38 24.15
N LYS C 416 47.33 17.94 23.56
CA LYS C 416 47.39 19.39 23.36
C LYS C 416 46.49 19.86 22.22
N SER C 417 46.78 19.39 21.02
CA SER C 417 46.05 19.80 19.83
C SER C 417 44.64 19.24 19.79
N GLY C 418 44.48 18.01 20.25
CA GLY C 418 43.19 17.35 20.19
C GLY C 418 42.98 16.67 18.85
N ARG C 419 44.03 16.64 18.03
CA ARG C 419 43.95 16.05 16.70
C ARG C 419 44.47 14.62 16.70
N ALA C 420 44.04 13.81 15.74
CA ALA C 420 44.41 12.40 15.71
C ALA C 420 45.62 12.13 14.84
N LEU C 421 46.46 11.20 15.29
CA LEU C 421 47.59 10.73 14.49
C LEU C 421 47.05 10.24 13.14
N ASP C 422 47.68 10.67 12.06
CA ASP C 422 47.14 10.47 10.71
C ASP C 422 48.22 10.19 9.67
N VAL C 423 47.96 9.22 8.80
CA VAL C 423 48.85 8.97 7.68
C VAL C 423 48.49 9.87 6.52
N LYS C 424 49.35 10.85 6.27
CA LYS C 424 49.13 11.89 5.27
C LYS C 424 48.61 11.32 3.95
N ASP C 425 47.52 11.89 3.46
CA ASP C 425 46.96 11.56 2.15
C ASP C 425 46.57 10.09 1.99
N GLU C 426 46.26 9.43 3.09
CA GLU C 426 45.84 8.04 3.06
C GLU C 426 46.84 7.21 2.26
N SER C 427 48.12 7.54 2.40
CA SER C 427 49.17 6.86 1.66
C SER C 427 49.26 5.37 2.01
N LYS C 428 49.79 4.58 1.08
CA LYS C 428 49.99 3.16 1.30
C LYS C 428 51.43 2.78 0.99
N GLU C 429 52.29 3.78 0.84
CA GLU C 429 53.68 3.56 0.45
C GLU C 429 54.65 3.71 1.62
N ASP C 430 55.79 3.06 1.54
CA ASP C 430 56.85 3.22 2.53
C ASP C 430 57.30 4.66 2.59
N GLY C 431 57.65 5.12 3.79
CA GLY C 431 58.13 6.48 3.97
C GLY C 431 57.01 7.51 4.00
N GLY C 432 55.77 7.02 3.96
CA GLY C 432 54.62 7.90 4.05
C GLY C 432 54.63 8.67 5.35
N VAL C 433 54.83 9.99 5.26
CA VAL C 433 54.94 10.84 6.44
C VAL C 433 53.70 10.77 7.32
N LEU C 434 53.90 10.91 8.64
CA LEU C 434 52.78 10.95 9.58
C LEU C 434 52.55 12.37 10.09
N ILE C 435 51.29 12.72 10.25
CA ILE C 435 50.91 14.05 10.70
C ILE C 435 49.74 13.96 11.68
N GLN C 436 49.43 15.07 12.34
CA GLN C 436 48.23 15.16 13.16
C GLN C 436 47.13 15.85 12.36
N TYR C 437 45.94 15.26 12.31
CA TYR C 437 44.91 15.81 11.46
C TYR C 437 43.56 15.79 12.17
N THR C 438 42.59 16.54 11.66
CA THR C 438 41.25 16.54 12.24
C THR C 438 40.61 15.16 12.12
N SER C 439 40.11 14.64 13.24
CA SER C 439 39.47 13.32 13.24
C SER C 439 38.33 13.22 12.22
N ASN C 440 38.48 12.30 11.27
CA ASN C 440 37.47 12.11 10.21
C ASN C 440 37.03 10.67 10.05
N GLY C 441 37.38 9.81 11.01
CA GLY C 441 36.94 8.43 10.98
C GLY C 441 37.56 7.57 9.89
N GLY C 442 38.55 8.11 9.19
CA GLY C 442 39.22 7.38 8.13
C GLY C 442 40.09 6.28 8.71
N TYR C 443 40.31 5.22 7.95
CA TYR C 443 41.13 4.10 8.41
C TYR C 443 42.61 4.48 8.55
N ASN C 444 43.00 5.61 7.96
CA ASN C 444 44.36 6.09 8.10
C ASN C 444 44.60 6.79 9.43
N GLN C 445 43.58 6.78 10.29
CA GLN C 445 43.68 7.34 11.64
C GLN C 445 43.45 6.27 12.69
N HIS C 446 43.21 5.04 12.24
CA HIS C 446 43.01 3.92 13.13
C HIS C 446 44.28 3.09 13.22
N TRP C 447 44.62 2.66 14.43
CA TRP C 447 45.88 1.96 14.65
C TRP C 447 45.71 0.67 15.45
N LYS C 448 46.51 -0.33 15.09
CA LYS C 448 46.49 -1.61 15.77
C LYS C 448 47.73 -1.80 16.64
N PHE C 449 47.52 -2.19 17.89
CA PHE C 449 48.61 -2.42 18.83
C PHE C 449 48.94 -3.91 18.97
N THR C 450 50.07 -4.33 18.42
CA THR C 450 50.50 -5.71 18.52
C THR C 450 51.60 -5.88 19.56
N ASP C 451 51.34 -6.72 20.56
CA ASP C 451 52.29 -6.94 21.64
C ASP C 451 53.48 -7.79 21.21
N ILE C 452 54.69 -7.28 21.45
CA ILE C 452 55.90 -8.01 21.09
C ILE C 452 56.81 -8.28 22.29
N GLY C 453 56.26 -8.10 23.50
CA GLY C 453 57.01 -8.40 24.70
C GLY C 453 57.82 -7.23 25.23
N ASP C 454 58.20 -7.31 26.49
CA ASP C 454 59.01 -6.28 27.14
C ASP C 454 58.35 -4.90 27.12
N GLY C 455 57.03 -4.88 26.95
CA GLY C 455 56.27 -3.63 26.99
C GLY C 455 56.36 -2.82 25.72
N TYR C 456 56.80 -3.45 24.64
CA TYR C 456 56.88 -2.79 23.34
C TYR C 456 55.80 -3.31 22.39
N TYR C 457 55.42 -2.47 21.43
CA TYR C 457 54.36 -2.79 20.49
C TYR C 457 54.78 -2.54 19.05
N LYS C 458 54.07 -3.16 18.11
CA LYS C 458 54.22 -2.83 16.70
C LYS C 458 52.92 -2.16 16.24
N ILE C 459 52.89 -0.84 16.32
CA ILE C 459 51.69 -0.09 15.99
C ILE C 459 51.50 0.05 14.48
N SER C 460 50.54 -0.71 13.94
CA SER C 460 50.28 -0.71 12.50
C SER C 460 49.04 0.10 12.12
N SER C 461 49.03 0.61 10.90
CA SER C 461 47.88 1.36 10.39
C SER C 461 46.80 0.40 9.88
N ARG C 462 45.55 0.78 10.06
CA ARG C 462 44.42 -0.05 9.65
C ARG C 462 44.25 -0.02 8.14
N HIS C 463 44.85 0.98 7.50
CA HIS C 463 44.70 1.17 6.07
C HIS C 463 45.51 0.18 5.24
N CYS C 464 46.82 0.15 5.45
CA CYS C 464 47.71 -0.71 4.67
C CYS C 464 48.42 -1.76 5.52
N GLY C 465 48.52 -1.48 6.82
CA GLY C 465 49.15 -2.42 7.74
C GLY C 465 50.61 -2.11 8.01
N LYS C 466 51.07 -0.94 7.56
CA LYS C 466 52.45 -0.53 7.78
C LYS C 466 52.61 0.06 9.19
N LEU C 467 53.80 -0.09 9.76
CA LEU C 467 54.03 0.29 11.16
C LEU C 467 54.51 1.74 11.30
N ILE C 468 54.24 2.32 12.47
CA ILE C 468 54.81 3.61 12.81
C ILE C 468 56.32 3.45 12.85
N ASP C 469 57.02 4.30 12.11
CA ASP C 469 58.45 4.12 11.90
C ASP C 469 59.24 5.42 12.06
N VAL C 470 60.40 5.35 12.71
CA VAL C 470 61.30 6.49 12.76
C VAL C 470 62.23 6.45 11.55
N ARG C 471 62.08 7.44 10.67
CA ARG C 471 62.83 7.47 9.41
C ARG C 471 64.34 7.29 9.58
N LYS C 472 64.89 6.28 8.92
CA LYS C 472 66.33 6.05 8.87
C LYS C 472 66.95 5.78 10.25
N TRP C 473 66.14 5.23 11.16
CA TRP C 473 66.62 4.90 12.50
C TRP C 473 67.22 6.10 13.21
N SER C 474 66.70 7.30 12.92
CA SER C 474 67.22 8.52 13.50
C SER C 474 67.18 8.44 15.02
N THR C 475 68.21 9.00 15.66
CA THR C 475 68.31 9.02 17.11
C THR C 475 68.41 10.45 17.63
N GLU C 476 67.91 11.39 16.85
CA GLU C 476 68.03 12.80 17.20
C GLU C 476 66.66 13.46 17.30
N ASP C 477 66.62 14.67 17.86
CA ASP C 477 65.37 15.42 17.95
C ASP C 477 64.94 15.87 16.55
N GLY C 478 63.63 15.80 16.30
CA GLY C 478 63.09 16.23 15.02
C GLY C 478 63.06 15.13 13.99
N GLY C 479 63.42 13.92 14.39
CA GLY C 479 63.40 12.78 13.50
C GLY C 479 62.02 12.51 12.95
N ILE C 480 61.85 12.62 11.64
CA ILE C 480 60.55 12.44 11.01
C ILE C 480 59.94 11.06 11.29
N ILE C 481 58.68 11.05 11.71
CA ILE C 481 57.95 9.82 11.94
C ILE C 481 57.10 9.49 10.72
N GLN C 482 57.24 8.27 10.22
CA GLN C 482 56.54 7.85 9.01
C GLN C 482 55.98 6.45 9.18
N GLN C 483 55.42 5.90 8.09
CA GLN C 483 54.97 4.50 8.11
C GLN C 483 55.91 3.69 7.24
N TRP C 484 56.04 2.41 7.54
CA TRP C 484 56.95 1.55 6.80
C TRP C 484 56.59 0.08 7.04
N SER C 485 56.91 -0.77 6.08
CA SER C 485 56.66 -2.20 6.22
C SER C 485 57.39 -2.78 7.43
N ASP C 486 56.79 -3.80 8.03
CA ASP C 486 57.38 -4.45 9.19
C ASP C 486 58.74 -5.06 8.85
N ALA C 487 59.81 -4.40 9.30
CA ALA C 487 61.16 -4.85 9.02
C ALA C 487 61.83 -5.45 10.25
N GLY C 488 61.04 -5.62 11.31
CA GLY C 488 61.54 -6.19 12.54
C GLY C 488 62.65 -5.35 13.17
N GLY C 489 62.67 -4.06 12.86
CA GLY C 489 63.66 -3.16 13.40
C GLY C 489 63.17 -2.48 14.67
N THR C 490 64.09 -2.16 15.57
CA THR C 490 63.76 -1.53 16.84
C THR C 490 63.27 -0.09 16.66
N ASN C 491 63.47 0.46 15.47
CA ASN C 491 62.99 1.80 15.17
C ASN C 491 61.50 1.78 14.86
N GLN C 492 60.93 0.58 14.87
CA GLN C 492 59.51 0.39 14.60
C GLN C 492 58.76 -0.03 15.87
N HIS C 493 59.51 -0.25 16.94
CA HIS C 493 58.95 -0.73 18.19
C HIS C 493 58.77 0.39 19.22
N TRP C 494 57.57 0.50 19.76
CA TRP C 494 57.23 1.58 20.69
C TRP C 494 56.76 1.08 22.06
N LYS C 495 57.11 1.82 23.10
CA LYS C 495 56.73 1.48 24.46
C LYS C 495 55.66 2.41 25.00
N LEU C 496 54.51 1.83 25.36
CA LEU C 496 53.41 2.60 25.90
C LEU C 496 53.66 2.92 27.38
N VAL C 497 53.80 4.19 27.72
CA VAL C 497 54.14 4.57 29.09
C VAL C 497 53.14 5.58 29.67
N LEU C 498 52.79 5.41 30.94
CA LEU C 498 51.89 6.37 31.60
C LEU C 498 52.66 7.63 31.98
N VAL C 499 51.98 8.77 31.90
CA VAL C 499 52.62 10.05 32.26
C VAL C 499 52.54 10.28 33.77
N GLU D 39 -46.64 38.74 -2.05
CA GLU D 39 -45.68 38.46 -0.98
C GLU D 39 -44.28 38.23 -1.54
N GLY D 40 -44.12 38.46 -2.83
CA GLY D 40 -42.83 38.34 -3.48
C GLY D 40 -42.25 39.72 -3.73
N VAL D 41 -42.49 40.62 -2.79
CA VAL D 41 -42.05 41.99 -2.91
C VAL D 41 -41.36 42.47 -1.64
N ILE D 42 -40.33 43.28 -1.81
CA ILE D 42 -39.61 43.91 -0.71
C ILE D 42 -39.74 45.42 -0.73
N VAL D 43 -39.73 46.04 0.45
CA VAL D 43 -39.84 47.50 0.55
C VAL D 43 -38.46 48.15 0.59
N ASN D 44 -38.15 48.96 -0.42
CA ASN D 44 -36.85 49.64 -0.48
C ASN D 44 -36.66 50.67 0.62
N GLY D 45 -35.41 51.06 0.84
CA GLY D 45 -35.08 52.06 1.85
C GLY D 45 -35.39 51.60 3.26
N THR D 46 -35.38 50.30 3.48
CA THR D 46 -35.64 49.74 4.79
C THR D 46 -34.69 48.58 5.09
N GLN D 47 -34.74 48.08 6.31
CA GLN D 47 -33.93 46.93 6.69
C GLN D 47 -34.75 45.65 6.64
N PHE D 48 -34.46 44.80 5.67
CA PHE D 48 -35.17 43.55 5.51
C PHE D 48 -35.01 42.73 6.78
N LYS D 49 -35.91 41.78 7.00
CA LYS D 49 -35.83 40.93 8.17
C LYS D 49 -35.84 39.46 7.78
N ASP D 50 -35.08 38.66 8.51
CA ASP D 50 -35.01 37.23 8.23
C ASP D 50 -36.27 36.53 8.72
N THR D 51 -36.31 35.21 8.55
CA THR D 51 -37.46 34.42 8.94
C THR D 51 -37.67 34.42 10.45
N SER D 52 -36.69 34.92 11.18
CA SER D 52 -36.77 34.97 12.64
C SER D 52 -37.28 36.33 13.13
N GLY D 53 -37.66 37.19 12.19
CA GLY D 53 -38.18 38.51 12.51
C GLY D 53 -37.12 39.49 12.98
N ASN D 54 -35.87 39.18 12.68
CA ASN D 54 -34.75 40.03 13.06
C ASN D 54 -34.17 40.80 11.86
N VAL D 55 -33.65 42.00 12.12
CA VAL D 55 -33.04 42.80 11.06
C VAL D 55 -31.79 42.13 10.53
N ILE D 56 -31.80 41.77 9.25
CA ILE D 56 -30.63 41.13 8.66
C ILE D 56 -29.52 42.15 8.42
N HIS D 57 -28.29 41.76 8.78
CA HIS D 57 -27.14 42.64 8.66
C HIS D 57 -26.07 42.12 7.69
N ALA D 58 -26.24 42.46 6.41
CA ALA D 58 -25.30 42.08 5.37
C ALA D 58 -24.96 43.29 4.50
N HIS D 59 -24.19 44.23 5.07
CA HIS D 59 -23.88 45.48 4.39
C HIS D 59 -22.71 45.36 3.43
N GLY D 60 -22.76 46.13 2.35
CA GLY D 60 -21.72 46.14 1.35
C GLY D 60 -21.36 44.74 0.88
N GLY D 61 -22.32 43.83 0.95
CA GLY D 61 -22.08 42.44 0.60
C GLY D 61 -22.46 42.11 -0.83
N GLY D 62 -22.45 40.82 -1.14
CA GLY D 62 -22.81 40.35 -2.47
C GLY D 62 -23.61 39.07 -2.41
N MET D 63 -23.96 38.54 -3.58
CA MET D 63 -24.74 37.32 -3.66
C MET D 63 -24.12 36.25 -4.55
N LEU D 64 -24.35 35.00 -4.19
CA LEU D 64 -23.86 33.86 -4.94
C LEU D 64 -24.95 32.81 -5.10
N LYS D 65 -25.18 32.36 -6.32
CA LYS D 65 -26.15 31.32 -6.57
C LYS D 65 -25.47 29.97 -6.74
N HIS D 66 -25.83 29.04 -5.86
CA HIS D 66 -25.26 27.69 -5.88
C HIS D 66 -26.28 26.64 -5.50
N GLY D 67 -26.80 25.94 -6.50
CA GLY D 67 -27.80 24.91 -6.26
C GLY D 67 -29.22 25.46 -6.30
N ASP D 68 -29.95 25.22 -5.23
CA ASP D 68 -31.34 25.67 -5.12
C ASP D 68 -31.42 26.99 -4.36
N TYR D 69 -30.40 27.25 -3.53
CA TYR D 69 -30.40 28.42 -2.65
C TYR D 69 -29.58 29.60 -3.19
N TYR D 70 -30.10 30.80 -2.99
CA TYR D 70 -29.33 32.02 -3.22
C TYR D 70 -28.66 32.43 -1.91
N TYR D 71 -27.36 32.71 -1.95
CA TYR D 71 -26.60 33.08 -0.76
C TYR D 71 -26.21 34.55 -0.73
N TRP D 72 -26.50 35.21 0.39
CA TRP D 72 -26.21 36.63 0.55
C TRP D 72 -25.22 36.88 1.69
N TYR D 73 -24.02 37.35 1.35
CA TYR D 73 -22.99 37.66 2.35
C TYR D 73 -22.85 39.16 2.59
N GLY D 74 -22.49 39.55 3.81
CA GLY D 74 -22.32 40.96 4.13
C GLY D 74 -21.58 41.22 5.43
N GLU D 75 -21.22 42.49 5.66
CA GLU D 75 -20.48 42.87 6.86
C GLU D 75 -21.39 43.51 7.88
N TYR D 76 -20.95 43.53 9.13
CA TYR D 76 -21.66 44.27 10.18
C TYR D 76 -20.74 44.50 11.38
N ARG D 77 -20.74 45.73 11.87
CA ARG D 77 -19.78 46.13 12.91
C ARG D 77 -20.22 45.75 14.31
N ASP D 78 -19.43 46.17 15.30
CA ASP D 78 -19.76 45.93 16.69
C ASP D 78 -20.02 47.25 17.44
N ASP D 79 -19.56 47.31 18.69
CA ASP D 79 -19.77 48.48 19.54
C ASP D 79 -18.85 49.65 19.23
N SER D 80 -17.79 49.38 18.46
CA SER D 80 -16.78 50.40 18.17
C SER D 80 -16.61 50.57 16.67
N ASN D 81 -17.65 50.23 15.92
CA ASN D 81 -17.64 50.30 14.47
C ASN D 81 -16.50 49.51 13.85
N LEU D 82 -16.06 48.46 14.55
CA LEU D 82 -15.01 47.59 14.04
C LEU D 82 -15.64 46.31 13.48
N PHE D 83 -14.90 45.61 12.63
CA PHE D 83 -15.38 44.35 12.06
C PHE D 83 -15.75 43.34 13.15
N LEU D 84 -16.99 42.85 13.11
CA LEU D 84 -17.46 41.88 14.09
C LEU D 84 -17.65 40.51 13.45
N GLY D 85 -18.00 40.50 12.16
CA GLY D 85 -18.23 39.26 11.44
C GLY D 85 -18.93 39.46 10.11
N VAL D 86 -18.80 38.47 9.25
CA VAL D 86 -19.51 38.46 7.96
C VAL D 86 -20.66 37.46 8.03
N SER D 87 -21.88 37.94 7.80
CA SER D 87 -23.06 37.09 7.94
C SER D 87 -23.44 36.40 6.63
N CYS D 88 -24.23 35.34 6.73
CA CYS D 88 -24.68 34.59 5.56
C CYS D 88 -26.19 34.35 5.59
N TYR D 89 -26.85 34.61 4.48
CA TYR D 89 -28.30 34.42 4.36
C TYR D 89 -28.66 33.64 3.09
N ARG D 90 -29.48 32.60 3.24
CA ARG D 90 -29.91 31.79 2.10
C ARG D 90 -31.42 31.87 1.90
N SER D 91 -31.84 31.82 0.63
CA SER D 91 -33.25 31.85 0.27
C SER D 91 -33.43 31.38 -1.16
N LYS D 92 -34.59 30.79 -1.45
CA LYS D 92 -34.89 30.29 -2.78
C LYS D 92 -35.67 31.35 -3.56
N ASP D 93 -36.37 32.20 -2.81
CA ASP D 93 -37.24 33.21 -3.38
C ASP D 93 -36.66 34.62 -3.45
N LEU D 94 -35.53 34.83 -2.79
CA LEU D 94 -34.87 36.14 -2.77
C LEU D 94 -35.68 37.17 -1.97
N VAL D 95 -36.60 36.68 -1.14
CA VAL D 95 -37.39 37.58 -0.30
C VAL D 95 -37.35 37.17 1.16
N ASN D 96 -37.62 35.90 1.41
CA ASN D 96 -37.57 35.35 2.78
C ASN D 96 -36.20 34.73 3.06
N TRP D 97 -35.33 35.49 3.72
CA TRP D 97 -33.97 35.01 3.95
C TRP D 97 -33.83 34.33 5.31
N GLU D 98 -33.28 33.12 5.30
CA GLU D 98 -32.98 32.39 6.53
C GLU D 98 -31.55 32.73 6.95
N TYR D 99 -31.38 33.09 8.22
CA TYR D 99 -30.09 33.51 8.74
C TYR D 99 -29.21 32.33 9.14
N ARG D 100 -28.14 32.12 8.38
CA ARG D 100 -27.15 31.10 8.73
C ARG D 100 -26.09 31.75 9.61
N GLY D 101 -25.21 30.94 10.20
CA GLY D 101 -24.20 31.44 11.11
C GLY D 101 -23.22 32.44 10.49
N GLU D 102 -22.22 32.84 11.27
CA GLU D 102 -21.19 33.76 10.78
C GLU D 102 -20.10 33.03 10.02
N VAL D 103 -20.10 33.18 8.70
CA VAL D 103 -19.10 32.52 7.86
C VAL D 103 -17.68 32.95 8.22
N LEU D 104 -17.54 34.17 8.73
CA LEU D 104 -16.25 34.70 9.15
C LEU D 104 -16.45 35.65 10.31
N SER D 105 -15.69 35.46 11.40
CA SER D 105 -15.83 36.32 12.57
C SER D 105 -14.52 37.01 12.93
N ARG D 106 -14.57 37.87 13.94
CA ARG D 106 -13.37 38.57 14.40
C ARG D 106 -12.43 37.63 15.14
N ASN D 107 -12.89 36.40 15.37
CA ASN D 107 -12.08 35.39 16.05
C ASN D 107 -11.54 34.33 15.09
N SER D 108 -11.79 34.55 13.80
CA SER D 108 -11.32 33.64 12.76
C SER D 108 -9.83 33.80 12.50
N ALA D 109 -9.24 34.85 13.05
CA ALA D 109 -7.82 35.14 12.89
C ALA D 109 -7.39 36.27 13.81
N PRO D 110 -6.14 36.22 14.29
CA PRO D 110 -5.63 37.24 15.20
C PRO D 110 -5.77 38.66 14.66
N GLU D 111 -5.38 38.85 13.40
CA GLU D 111 -5.42 40.19 12.80
C GLU D 111 -6.86 40.66 12.52
N LEU D 112 -7.83 39.81 12.79
CA LEU D 112 -9.23 40.17 12.62
C LEU D 112 -9.88 40.56 13.93
N ASN D 113 -9.13 40.42 15.02
CA ASN D 113 -9.61 40.75 16.36
C ASN D 113 -9.99 42.23 16.47
N HIS D 114 -9.20 43.09 15.83
CA HIS D 114 -9.41 44.53 15.90
C HIS D 114 -9.11 45.15 14.55
N CYS D 115 -10.09 45.12 13.65
CA CYS D 115 -9.88 45.59 12.28
C CYS D 115 -11.15 46.07 11.56
N ASN D 116 -10.98 46.53 10.34
CA ASN D 116 -12.08 46.93 9.45
C ASN D 116 -12.14 46.07 8.19
N ILE D 117 -13.21 45.31 8.05
CA ILE D 117 -13.41 44.54 6.83
C ILE D 117 -14.57 45.15 6.05
N GLU D 118 -14.36 45.36 4.75
CA GLU D 118 -15.36 46.02 3.93
C GLU D 118 -15.64 45.26 2.64
N ARG D 119 -16.89 45.32 2.18
CA ARG D 119 -17.29 44.76 0.91
C ARG D 119 -16.79 43.32 0.70
N PRO D 120 -17.29 42.40 1.53
CA PRO D 120 -16.94 40.98 1.39
C PRO D 120 -17.73 40.32 0.28
N LYS D 121 -17.03 39.65 -0.65
CA LYS D 121 -17.68 38.96 -1.75
C LYS D 121 -17.28 37.48 -1.76
N VAL D 122 -18.14 36.64 -2.31
CA VAL D 122 -17.87 35.21 -2.38
C VAL D 122 -18.13 34.69 -3.80
N MET D 123 -17.21 33.86 -4.29
CA MET D 123 -17.34 33.27 -5.62
C MET D 123 -17.17 31.77 -5.51
N TYR D 124 -17.54 31.06 -6.56
CA TYR D 124 -17.42 29.61 -6.58
C TYR D 124 -16.44 29.15 -7.65
N ASN D 125 -15.48 28.33 -7.24
CA ASN D 125 -14.48 27.77 -8.14
C ASN D 125 -14.91 26.40 -8.65
N ALA D 126 -15.20 26.34 -9.95
CA ALA D 126 -15.70 25.11 -10.56
C ALA D 126 -14.76 23.92 -10.40
N SER D 127 -13.47 24.13 -10.64
CA SER D 127 -12.50 23.05 -10.58
C SER D 127 -12.28 22.52 -9.16
N THR D 128 -11.90 23.41 -8.25
CA THR D 128 -11.60 23.02 -6.89
C THR D 128 -12.85 22.57 -6.14
N GLY D 129 -13.96 23.28 -6.34
CA GLY D 129 -15.20 22.93 -5.70
C GLY D 129 -15.36 23.57 -4.34
N GLU D 130 -14.51 24.55 -4.05
CA GLU D 130 -14.56 25.27 -2.78
C GLU D 130 -14.85 26.75 -2.99
N PHE D 131 -15.36 27.41 -1.96
CA PHE D 131 -15.73 28.81 -2.06
C PHE D 131 -14.64 29.74 -1.55
N VAL D 132 -14.19 30.63 -2.42
CA VAL D 132 -13.16 31.61 -2.10
C VAL D 132 -13.82 32.96 -1.82
N MET D 133 -13.42 33.58 -0.71
CA MET D 133 -14.02 34.84 -0.27
C MET D 133 -13.00 35.98 -0.28
N TRP D 134 -13.27 37.02 -1.05
CA TRP D 134 -12.39 38.18 -1.08
C TRP D 134 -13.02 39.36 -0.34
N MET D 135 -12.18 40.26 0.15
CA MET D 135 -12.66 41.39 0.94
C MET D 135 -11.63 42.52 1.05
N HIS D 136 -12.00 43.59 1.75
CA HIS D 136 -11.12 44.73 1.96
C HIS D 136 -10.76 44.86 3.44
N TRP D 137 -9.46 44.88 3.73
CA TRP D 137 -8.99 44.88 5.11
C TRP D 137 -8.25 46.16 5.52
N GLU D 138 -8.53 46.61 6.73
CA GLU D 138 -7.85 47.77 7.31
C GLU D 138 -7.51 47.49 8.77
N ASN D 139 -6.46 48.12 9.27
CA ASN D 139 -5.95 47.83 10.61
C ASN D 139 -6.87 48.28 11.75
N GLY D 140 -7.84 49.14 11.46
CA GLY D 140 -8.79 49.56 12.46
C GLY D 140 -8.52 50.91 13.08
N ILE D 141 -7.33 51.45 12.87
CA ILE D 141 -6.98 52.77 13.40
C ILE D 141 -6.79 53.77 12.26
N ASN D 142 -6.55 53.27 11.05
CA ASN D 142 -6.43 54.11 9.88
C ASN D 142 -6.68 53.34 8.58
N TYR D 143 -6.48 54.00 7.44
CA TYR D 143 -6.70 53.37 6.14
C TYR D 143 -5.42 53.37 5.33
N GLY D 144 -4.30 53.21 6.01
CA GLY D 144 -2.98 53.23 5.38
C GLY D 144 -2.62 51.91 4.73
N GLN D 145 -3.05 50.82 5.34
CA GLN D 145 -2.70 49.49 4.86
C GLN D 145 -3.31 49.14 3.51
N ALA D 146 -4.60 49.40 3.38
CA ALA D 146 -5.32 49.14 2.12
C ALA D 146 -4.94 47.79 1.54
N ARG D 147 -5.37 46.72 2.20
CA ARG D 147 -5.04 45.37 1.76
C ARG D 147 -6.26 44.64 1.23
N ALA D 148 -6.02 43.54 0.53
CA ALA D 148 -7.08 42.61 0.16
C ALA D 148 -6.92 41.37 1.03
N ALA D 149 -8.03 40.77 1.44
CA ALA D 149 -7.98 39.59 2.29
C ALA D 149 -8.73 38.42 1.68
N VAL D 150 -8.26 37.20 1.96
CA VAL D 150 -8.86 36.00 1.37
C VAL D 150 -9.20 34.96 2.43
N ALA D 151 -10.29 34.24 2.19
CA ALA D 151 -10.70 33.13 3.05
C ALA D 151 -11.36 32.06 2.17
N TYR D 152 -11.46 30.84 2.67
CA TYR D 152 -12.05 29.77 1.88
C TYR D 152 -12.80 28.76 2.74
N SER D 153 -13.74 28.05 2.12
CA SER D 153 -14.52 27.04 2.83
C SER D 153 -15.10 26.04 1.83
N LYS D 154 -15.18 24.78 2.25
CA LYS D 154 -15.76 23.72 1.43
C LYS D 154 -17.25 23.92 1.22
N THR D 155 -17.91 24.49 2.24
CA THR D 155 -19.34 24.73 2.18
C THR D 155 -19.62 26.23 2.04
N PRO D 156 -20.77 26.57 1.47
CA PRO D 156 -21.13 27.99 1.24
C PRO D 156 -21.50 28.71 2.53
N ASP D 157 -22.23 28.05 3.42
CA ASP D 157 -22.67 28.67 4.67
C ASP D 157 -21.86 28.21 5.88
N GLY D 158 -20.78 27.48 5.63
CA GLY D 158 -19.90 27.02 6.69
C GLY D 158 -18.88 28.05 7.10
N LYS D 159 -18.27 27.86 8.27
CA LYS D 159 -17.28 28.82 8.77
C LYS D 159 -16.00 28.80 7.95
N PHE D 160 -15.75 29.89 7.25
CA PHE D 160 -14.56 30.03 6.42
C PHE D 160 -13.29 30.05 7.26
N THR D 161 -12.20 29.56 6.69
CA THR D 161 -10.90 29.62 7.34
C THR D 161 -10.06 30.74 6.75
N TYR D 162 -9.62 31.66 7.60
CA TYR D 162 -8.86 32.82 7.14
C TYR D 162 -7.50 32.43 6.59
N ILE D 163 -7.16 32.99 5.43
CA ILE D 163 -5.86 32.74 4.82
C ILE D 163 -4.87 33.83 5.19
N ARG D 164 -5.05 35.02 4.62
CA ARG D 164 -4.14 36.13 4.84
C ARG D 164 -4.68 37.45 4.29
N SER D 165 -3.93 38.52 4.52
CA SER D 165 -4.22 39.83 3.94
C SER D 165 -2.94 40.39 3.32
N PHE D 166 -3.06 41.03 2.15
CA PHE D 166 -1.88 41.49 1.43
C PHE D 166 -2.20 42.61 0.44
N ARG D 167 -1.17 43.35 0.04
CA ARG D 167 -1.30 44.33 -1.02
C ARG D 167 -0.81 43.70 -2.32
N PRO D 168 -1.70 43.58 -3.31
CA PRO D 168 -1.39 42.93 -4.59
C PRO D 168 -0.06 43.37 -5.19
N MET D 169 0.64 42.42 -5.80
CA MET D 169 1.91 42.70 -6.48
C MET D 169 2.95 43.27 -5.52
N GLN D 170 2.92 42.79 -4.28
CA GLN D 170 3.87 43.23 -3.24
C GLN D 170 5.31 42.89 -3.59
N ASP D 171 5.51 41.73 -4.21
CA ASP D 171 6.85 41.22 -4.47
C ASP D 171 7.43 41.67 -5.82
N THR D 172 6.67 42.47 -6.56
CA THR D 172 7.14 42.96 -7.86
C THR D 172 8.02 44.19 -7.67
N GLY D 173 8.09 44.68 -6.44
CA GLY D 173 8.93 45.84 -6.13
C GLY D 173 8.21 47.15 -6.35
N VAL D 174 6.95 47.08 -6.78
CA VAL D 174 6.16 48.27 -7.06
C VAL D 174 5.78 49.00 -5.76
N MET D 175 5.77 50.33 -5.82
CA MET D 175 5.43 51.14 -4.67
C MET D 175 4.19 51.99 -4.93
N ASP D 176 3.21 51.89 -4.05
CA ASP D 176 1.98 52.63 -4.20
C ASP D 176 1.74 53.55 -3.00
N HIS D 177 2.34 54.74 -3.04
CA HIS D 177 2.14 55.74 -2.00
C HIS D 177 2.70 55.34 -0.63
N GLY D 178 3.98 54.98 -0.60
CA GLY D 178 4.66 54.71 0.66
C GLY D 178 4.91 53.24 0.97
N LEU D 179 3.94 52.39 0.67
CA LEU D 179 4.04 50.96 0.99
C LEU D 179 4.21 50.10 -0.25
N PRO D 180 4.91 48.98 -0.11
CA PRO D 180 5.11 48.02 -1.21
C PRO D 180 3.81 47.40 -1.68
N GLY D 181 3.64 47.28 -2.99
CA GLY D 181 2.45 46.69 -3.57
C GLY D 181 1.35 47.71 -3.83
N TYR D 182 0.47 47.38 -4.77
CA TYR D 182 -0.64 48.26 -5.11
C TYR D 182 -1.64 48.38 -3.97
N MET D 183 -2.24 49.55 -3.83
CA MET D 183 -3.29 49.77 -2.86
C MET D 183 -4.54 49.01 -3.30
N SER D 184 -5.33 48.56 -2.33
CA SER D 184 -6.55 47.84 -2.63
C SER D 184 -7.62 48.17 -1.64
N ARG D 185 -8.56 49.01 -2.06
CA ARG D 185 -9.70 49.33 -1.13
C ARG D 185 -10.99 48.70 -1.61
N ASP D 186 -11.92 49.52 -2.07
CA ASP D 186 -13.21 49.00 -2.56
C ASP D 186 -12.96 47.90 -3.58
N CYS D 187 -13.55 46.73 -3.33
CA CYS D 187 -13.26 45.56 -4.14
C CYS D 187 -14.51 44.81 -4.56
N ASN D 188 -14.35 43.88 -5.49
CA ASN D 188 -15.45 43.04 -5.95
C ASN D 188 -14.88 41.89 -6.77
N VAL D 189 -15.62 40.79 -6.83
CA VAL D 189 -15.16 39.60 -7.54
C VAL D 189 -16.01 39.27 -8.77
N PHE D 190 -15.40 38.56 -9.72
CA PHE D 190 -16.06 38.18 -10.96
C PHE D 190 -15.47 36.91 -11.57
N VAL D 191 -16.36 35.99 -11.94
CA VAL D 191 -15.96 34.74 -12.58
C VAL D 191 -16.38 34.75 -14.04
N ASP D 192 -15.40 34.68 -14.94
CA ASP D 192 -15.68 34.73 -16.37
C ASP D 192 -16.29 33.42 -16.86
N THR D 193 -16.72 33.39 -18.11
CA THR D 193 -17.32 32.20 -18.70
C THR D 193 -16.27 31.12 -18.94
N ASP D 194 -15.06 31.54 -19.29
CA ASP D 194 -13.96 30.60 -19.55
C ASP D 194 -13.46 29.96 -18.27
N GLY D 195 -13.98 30.43 -17.15
CA GLY D 195 -13.61 29.91 -15.84
C GLY D 195 -12.52 30.68 -15.14
N LYS D 196 -12.04 31.75 -15.77
CA LYS D 196 -11.03 32.59 -15.17
C LYS D 196 -11.62 33.38 -14.01
N GLY D 197 -10.86 33.48 -12.92
CA GLY D 197 -11.27 34.26 -11.76
C GLY D 197 -10.68 35.64 -11.81
N TYR D 198 -11.41 36.61 -11.28
CA TYR D 198 -10.96 38.00 -11.30
C TYR D 198 -11.30 38.75 -10.02
N PHE D 199 -10.40 39.65 -9.65
CA PHE D 199 -10.56 40.50 -8.48
C PHE D 199 -10.26 41.94 -8.84
N ILE D 200 -11.28 42.80 -8.75
CA ILE D 200 -11.12 44.20 -9.09
C ILE D 200 -11.21 45.08 -7.84
N SER D 201 -10.32 46.06 -7.75
CA SER D 201 -10.28 46.97 -6.61
C SER D 201 -9.70 48.33 -6.99
N ALA D 202 -10.03 49.34 -6.19
CA ALA D 202 -9.54 50.69 -6.42
C ALA D 202 -8.11 50.87 -5.90
N ALA D 203 -7.20 51.28 -6.79
CA ALA D 203 -5.80 51.44 -6.44
C ALA D 203 -5.29 52.85 -6.71
N ASN D 204 -3.99 53.05 -6.56
CA ASN D 204 -3.38 54.36 -6.77
C ASN D 204 -4.15 55.45 -6.05
N GLU D 205 -4.38 55.25 -4.76
CA GLU D 205 -5.12 56.21 -3.93
C GLU D 205 -6.56 56.39 -4.39
N ASN D 206 -7.20 55.28 -4.75
CA ASN D 206 -8.60 55.29 -5.17
C ASN D 206 -8.84 55.99 -6.51
N MET D 207 -7.76 56.43 -7.14
CA MET D 207 -7.86 57.15 -8.41
C MET D 207 -8.09 56.20 -9.58
N ASP D 208 -7.44 55.04 -9.53
CA ASP D 208 -7.54 54.06 -10.61
C ASP D 208 -8.26 52.78 -10.17
N LEU D 209 -8.68 51.99 -11.15
CA LEU D 209 -9.25 50.67 -10.87
C LEU D 209 -8.32 49.59 -11.40
N HIS D 210 -8.02 48.60 -10.56
CA HIS D 210 -7.14 47.52 -10.95
C HIS D 210 -7.89 46.20 -11.07
N LEU D 211 -7.82 45.59 -12.24
CA LEU D 211 -8.42 44.29 -12.48
C LEU D 211 -7.33 43.22 -12.44
N TYR D 212 -7.40 42.34 -11.44
CA TYR D 212 -6.39 41.31 -11.28
C TYR D 212 -6.94 39.97 -11.74
N GLU D 213 -6.13 39.23 -12.51
CA GLU D 213 -6.49 37.86 -12.86
C GLU D 213 -6.01 36.92 -11.77
N LEU D 214 -6.95 36.20 -11.15
CA LEU D 214 -6.62 35.32 -10.04
C LEU D 214 -5.96 34.03 -10.51
N THR D 215 -5.31 33.34 -9.59
CA THR D 215 -4.75 32.02 -9.84
C THR D 215 -5.90 31.03 -10.05
N PRO D 216 -5.61 29.90 -10.71
CA PRO D 216 -6.64 28.90 -11.03
C PRO D 216 -7.52 28.50 -9.84
N ASP D 217 -7.00 28.59 -8.62
CA ASP D 217 -7.77 28.20 -7.44
C ASP D 217 -8.47 29.39 -6.78
N TYR D 218 -8.35 30.56 -7.38
CA TYR D 218 -9.01 31.78 -6.93
C TYR D 218 -8.48 32.30 -5.59
N LYS D 219 -7.58 31.55 -4.95
CA LYS D 219 -7.11 31.92 -3.61
C LYS D 219 -5.90 32.84 -3.61
N ASN D 220 -5.52 33.34 -4.78
CA ASN D 220 -4.39 34.25 -4.88
C ASN D 220 -4.41 35.04 -6.20
N ILE D 221 -3.64 36.12 -6.24
CA ILE D 221 -3.56 36.96 -7.43
C ILE D 221 -2.43 36.53 -8.36
N ALA D 222 -2.77 36.27 -9.61
CA ALA D 222 -1.81 35.80 -10.60
C ALA D 222 -1.09 36.94 -11.30
N SER D 223 -1.86 37.89 -11.82
CA SER D 223 -1.28 39.02 -12.55
C SER D 223 -2.24 40.19 -12.66
N LEU D 224 -1.73 41.32 -13.15
CA LEU D 224 -2.55 42.51 -13.35
C LEU D 224 -3.14 42.50 -14.74
N LYS D 225 -4.44 42.22 -14.83
CA LYS D 225 -5.11 42.14 -16.12
C LYS D 225 -5.05 43.48 -16.85
N ALA D 226 -5.55 44.53 -16.21
CA ALA D 226 -5.55 45.85 -16.82
C ALA D 226 -5.91 46.96 -15.83
N LYS D 227 -5.42 48.16 -16.11
CA LYS D 227 -5.78 49.35 -15.34
C LYS D 227 -6.94 50.06 -16.03
N LEU D 228 -8.07 50.16 -15.35
CA LEU D 228 -9.29 50.73 -15.92
C LEU D 228 -9.65 52.09 -15.33
N PHE D 229 -9.96 53.04 -16.20
CA PHE D 229 -10.43 54.35 -15.77
C PHE D 229 -9.42 55.05 -14.87
N VAL D 230 -8.20 55.21 -15.36
CA VAL D 230 -7.16 55.88 -14.58
C VAL D 230 -7.51 57.35 -14.38
N GLY D 231 -7.43 57.80 -13.13
CA GLY D 231 -7.72 59.19 -12.81
C GLY D 231 -9.20 59.50 -12.69
N GLN D 232 -10.05 58.59 -13.16
CA GLN D 232 -11.49 58.79 -13.10
C GLN D 232 -12.01 58.71 -11.67
N GLN D 233 -11.26 58.05 -10.80
CA GLN D 233 -11.60 57.94 -9.39
C GLN D 233 -12.98 57.32 -9.16
N ARG D 234 -13.17 56.12 -9.70
CA ARG D 234 -14.43 55.39 -9.55
C ARG D 234 -14.34 54.36 -8.43
N GLU D 235 -15.40 54.25 -7.64
CA GLU D 235 -15.40 53.34 -6.49
C GLU D 235 -16.53 52.33 -6.57
N ALA D 236 -16.64 51.49 -5.52
CA ALA D 236 -17.68 50.47 -5.44
C ALA D 236 -18.00 49.82 -6.79
N PRO D 237 -16.98 49.19 -7.41
CA PRO D 237 -17.14 48.60 -8.75
C PRO D 237 -17.91 47.29 -8.75
N CYS D 238 -18.73 47.08 -9.77
CA CYS D 238 -19.47 45.83 -9.92
C CYS D 238 -19.30 45.29 -11.33
N LEU D 239 -18.71 44.10 -11.45
CA LEU D 239 -18.40 43.51 -12.75
C LEU D 239 -19.32 42.33 -13.07
N ILE D 240 -20.07 42.43 -14.17
CA ILE D 240 -20.94 41.36 -14.62
C ILE D 240 -20.88 41.17 -16.13
N LYS D 241 -21.53 40.11 -16.63
CA LYS D 241 -21.51 39.80 -18.06
C LYS D 241 -22.88 39.40 -18.57
N ARG D 242 -23.21 39.86 -19.78
CA ARG D 242 -24.52 39.61 -20.39
C ARG D 242 -24.42 38.73 -21.64
N ASN D 243 -24.32 39.38 -22.79
CA ASN D 243 -24.24 38.66 -24.06
C ASN D 243 -22.90 38.89 -24.75
N GLY D 244 -21.85 38.33 -24.18
CA GLY D 244 -20.51 38.54 -24.70
C GLY D 244 -20.05 39.96 -24.39
N TYR D 245 -20.77 40.62 -23.50
CA TYR D 245 -20.42 41.98 -23.11
C TYR D 245 -20.07 42.07 -21.63
N TYR D 246 -18.99 42.79 -21.33
CA TYR D 246 -18.60 43.05 -19.94
C TYR D 246 -19.10 44.43 -19.52
N TYR D 247 -19.82 44.47 -18.40
CA TYR D 247 -20.34 45.75 -17.89
C TYR D 247 -19.75 46.04 -16.52
N LEU D 248 -19.41 47.31 -16.29
CA LEU D 248 -18.83 47.73 -15.01
C LEU D 248 -19.55 48.93 -14.42
N ILE D 249 -20.29 48.68 -13.34
CA ILE D 249 -21.01 49.74 -12.64
C ILE D 249 -20.19 50.28 -11.47
N THR D 250 -19.87 51.56 -11.53
CA THR D 250 -19.06 52.20 -10.50
C THR D 250 -19.72 53.46 -9.93
N SER D 251 -19.45 53.73 -8.67
CA SER D 251 -19.95 54.93 -8.01
C SER D 251 -18.85 55.99 -7.93
N GLY D 252 -19.20 57.17 -7.44
CA GLY D 252 -18.25 58.25 -7.25
C GLY D 252 -17.63 58.15 -5.87
N CYS D 253 -16.50 58.83 -5.68
CA CYS D 253 -15.79 58.78 -4.41
C CYS D 253 -16.16 59.99 -3.54
N THR D 254 -17.22 59.85 -2.75
CA THR D 254 -17.67 60.94 -1.89
C THR D 254 -18.18 60.44 -0.54
N GLY D 255 -17.44 59.53 0.09
CA GLY D 255 -17.82 59.03 1.39
C GLY D 255 -19.22 58.45 1.46
N TRP D 256 -19.90 58.73 2.57
CA TRP D 256 -21.27 58.26 2.77
C TRP D 256 -22.20 58.91 1.75
N ASN D 257 -21.84 60.12 1.33
CA ASN D 257 -22.65 60.89 0.39
C ASN D 257 -23.00 60.11 -0.87
N PRO D 258 -24.30 59.82 -1.05
CA PRO D 258 -24.79 59.18 -2.28
C PRO D 258 -24.41 60.02 -3.50
N ASN D 259 -24.19 59.38 -4.64
CA ASN D 259 -23.76 60.10 -5.82
C ASN D 259 -24.18 59.45 -7.14
N GLN D 260 -23.71 60.01 -8.25
CA GLN D 260 -24.07 59.52 -9.57
C GLN D 260 -23.35 58.21 -9.91
N ALA D 261 -24.11 57.13 -10.02
CA ALA D 261 -23.54 55.86 -10.46
C ALA D 261 -23.37 55.85 -11.97
N LYS D 262 -22.27 55.29 -12.45
CA LYS D 262 -22.02 55.23 -13.88
C LYS D 262 -21.71 53.81 -14.32
N TYR D 263 -21.81 53.56 -15.63
CA TYR D 263 -21.51 52.26 -16.20
C TYR D 263 -20.69 52.38 -17.48
N ALA D 264 -20.05 51.27 -17.85
CA ALA D 264 -19.27 51.21 -19.09
C ALA D 264 -19.27 49.77 -19.61
N TYR D 265 -19.14 49.62 -20.92
CA TYR D 265 -19.17 48.30 -21.54
C TYR D 265 -17.94 48.06 -22.40
N SER D 266 -17.67 46.79 -22.68
CA SER D 266 -16.54 46.42 -23.52
C SER D 266 -16.61 44.97 -23.98
N LYS D 267 -16.05 44.72 -25.15
CA LYS D 267 -16.01 43.36 -25.71
C LYS D 267 -14.95 42.54 -24.99
N ASP D 268 -13.86 43.20 -24.61
CA ASP D 268 -12.77 42.51 -23.94
C ASP D 268 -12.46 43.17 -22.59
N LEU D 269 -11.93 42.37 -21.66
CA LEU D 269 -11.62 42.88 -20.32
C LEU D 269 -10.36 43.75 -20.31
N ALA D 270 -9.37 43.35 -21.10
CA ALA D 270 -8.07 44.04 -21.12
C ALA D 270 -8.16 45.44 -21.68
N SER D 271 -9.02 45.64 -22.69
CA SER D 271 -9.16 46.94 -23.32
C SER D 271 -10.48 47.04 -24.08
N GLY D 272 -10.66 48.14 -24.81
CA GLY D 272 -11.86 48.37 -25.58
C GLY D 272 -13.03 48.84 -24.75
N TRP D 273 -12.72 49.44 -23.60
CA TRP D 273 -13.76 49.95 -22.71
C TRP D 273 -14.31 51.29 -23.17
N SER D 274 -15.62 51.44 -23.06
CA SER D 274 -16.28 52.68 -23.45
C SER D 274 -16.20 53.71 -22.35
N GLN D 275 -16.64 54.93 -22.63
CA GLN D 275 -16.67 55.98 -21.64
C GLN D 275 -17.79 55.73 -20.63
N LEU D 276 -17.77 56.47 -19.52
CA LEU D 276 -18.78 56.32 -18.48
C LEU D 276 -20.13 56.90 -18.92
N TYR D 277 -21.20 56.19 -18.65
CA TYR D 277 -22.55 56.66 -18.96
C TYR D 277 -23.41 56.67 -17.70
N ASN D 278 -24.14 57.77 -17.52
CA ASN D 278 -24.98 57.96 -16.33
C ASN D 278 -26.00 56.83 -16.12
N LEU D 279 -26.19 56.45 -14.85
CA LEU D 279 -27.11 55.40 -14.49
C LEU D 279 -27.92 55.79 -13.25
N GLY D 280 -29.22 56.03 -13.44
CA GLY D 280 -30.06 56.48 -12.33
C GLY D 280 -29.94 57.97 -12.11
N ASN D 281 -30.52 58.46 -11.02
CA ASN D 281 -30.45 59.89 -10.73
C ASN D 281 -29.11 60.30 -10.13
N SER D 282 -29.00 61.56 -9.74
CA SER D 282 -27.74 62.11 -9.25
C SER D 282 -27.27 61.51 -7.93
N THR D 283 -28.13 60.74 -7.27
CA THR D 283 -27.78 60.14 -5.98
C THR D 283 -27.98 58.63 -5.98
N THR D 284 -28.14 58.05 -7.16
CA THR D 284 -28.44 56.63 -7.29
C THR D 284 -29.55 56.23 -6.32
N TYR D 285 -30.56 57.09 -6.22
CA TYR D 285 -31.71 56.87 -5.35
C TYR D 285 -31.26 56.65 -3.91
N ARG D 286 -30.37 57.50 -3.43
CA ARG D 286 -29.86 57.40 -2.08
C ARG D 286 -29.33 56.00 -1.78
N SER D 287 -28.36 55.56 -2.57
CA SER D 287 -27.73 54.26 -2.40
C SER D 287 -26.38 54.20 -3.11
N GLN D 288 -25.57 53.21 -2.75
CA GLN D 288 -24.28 53.00 -3.38
C GLN D 288 -24.16 51.57 -3.91
N PRO D 289 -23.76 51.41 -5.18
CA PRO D 289 -23.63 50.08 -5.79
C PRO D 289 -22.77 49.16 -4.93
N THR D 290 -23.20 47.92 -4.78
CA THR D 290 -22.42 46.94 -4.00
C THR D 290 -22.20 45.64 -4.78
N PHE D 291 -23.23 45.18 -5.48
CA PHE D 291 -23.14 43.94 -6.25
C PHE D 291 -24.33 43.76 -7.18
N ILE D 292 -24.10 43.09 -8.30
CA ILE D 292 -25.16 42.81 -9.26
C ILE D 292 -25.13 41.33 -9.61
N ILE D 293 -26.27 40.67 -9.50
CA ILE D 293 -26.34 39.23 -9.75
C ILE D 293 -27.44 38.88 -10.75
N PRO D 294 -27.08 38.07 -11.75
CA PRO D 294 -28.03 37.57 -12.75
C PRO D 294 -29.01 36.57 -12.13
N VAL D 295 -30.30 36.82 -12.31
CA VAL D 295 -31.34 35.95 -11.78
C VAL D 295 -32.02 35.16 -12.90
N GLN D 296 -31.62 33.90 -13.06
CA GLN D 296 -32.17 33.06 -14.11
C GLN D 296 -33.51 32.46 -13.68
N GLY D 297 -34.46 32.44 -14.62
CA GLY D 297 -35.77 31.87 -14.36
C GLY D 297 -36.34 31.13 -15.55
N SER D 298 -37.60 30.70 -15.43
CA SER D 298 -38.27 29.95 -16.48
C SER D 298 -38.45 30.78 -17.76
N SER D 299 -38.96 32.00 -17.60
CA SER D 299 -39.24 32.88 -18.73
C SER D 299 -37.99 33.58 -19.27
N GLY D 300 -36.93 33.62 -18.48
CA GLY D 300 -35.69 34.25 -18.91
C GLY D 300 -34.89 34.82 -17.75
N THR D 301 -33.73 35.38 -18.06
CA THR D 301 -32.88 35.95 -17.02
C THR D 301 -32.99 37.47 -16.96
N SER D 302 -32.97 37.99 -15.73
CA SER D 302 -33.05 39.43 -15.52
C SER D 302 -32.18 39.84 -14.32
N TYR D 303 -31.27 40.76 -14.54
CA TYR D 303 -30.27 41.13 -13.53
C TYR D 303 -30.84 41.91 -12.36
N LEU D 304 -30.31 41.64 -11.17
CA LEU D 304 -30.73 42.29 -9.93
C LEU D 304 -29.65 43.23 -9.38
N TYR D 305 -30.02 44.48 -9.15
CA TYR D 305 -29.12 45.46 -8.56
C TYR D 305 -29.25 45.54 -7.05
N MET D 306 -28.12 45.43 -6.35
CA MET D 306 -28.09 45.57 -4.90
C MET D 306 -27.27 46.80 -4.54
N GLY D 307 -27.84 47.64 -3.67
CA GLY D 307 -27.17 48.85 -3.26
C GLY D 307 -27.30 49.10 -1.77
N ASP D 308 -26.39 49.90 -1.22
CA ASP D 308 -26.42 50.22 0.19
C ASP D 308 -26.79 51.68 0.44
N ARG D 309 -27.81 51.88 1.26
CA ARG D 309 -28.14 53.21 1.74
C ARG D 309 -27.49 53.39 3.11
N TRP D 310 -26.26 53.90 3.12
CA TRP D 310 -25.49 53.99 4.35
C TRP D 310 -26.12 54.99 5.32
N ALA D 311 -26.24 54.58 6.57
CA ALA D 311 -26.81 55.43 7.61
C ALA D 311 -25.89 56.58 7.93
N GLY D 312 -24.62 56.45 7.55
CA GLY D 312 -23.65 57.50 7.79
C GLY D 312 -24.06 58.78 7.09
N ALA D 313 -24.94 58.65 6.10
CA ALA D 313 -25.45 59.82 5.36
C ALA D 313 -26.25 60.74 6.27
N TRP D 314 -26.90 60.16 7.28
CA TRP D 314 -27.69 60.95 8.22
C TRP D 314 -27.13 60.87 9.63
N GLY D 315 -25.83 60.58 9.74
CA GLY D 315 -25.14 60.53 11.02
C GLY D 315 -25.42 59.27 11.83
N GLY D 316 -25.88 58.22 11.16
CA GLY D 316 -26.17 56.95 11.81
C GLY D 316 -25.06 55.94 11.76
N LYS D 317 -25.10 54.95 12.67
CA LYS D 317 -24.12 53.88 12.70
C LYS D 317 -24.23 53.03 11.44
N VAL D 318 -23.15 52.32 11.10
CA VAL D 318 -23.14 51.46 9.93
C VAL D 318 -24.18 50.34 10.02
N ASN D 319 -24.43 49.85 11.24
CA ASN D 319 -25.40 48.78 11.43
C ASN D 319 -26.82 49.22 11.11
N ASP D 320 -27.05 50.53 11.20
CA ASP D 320 -28.36 51.10 10.92
C ASP D 320 -28.58 51.33 9.43
N SER D 321 -27.58 51.00 8.62
CA SER D 321 -27.66 51.18 7.18
C SER D 321 -28.83 50.39 6.59
N GLN D 322 -29.29 50.81 5.41
CA GLN D 322 -30.43 50.14 4.77
C GLN D 322 -30.05 49.61 3.39
N TYR D 323 -30.98 48.90 2.76
CA TYR D 323 -30.74 48.28 1.46
C TYR D 323 -31.71 48.78 0.39
N VAL D 324 -31.22 48.80 -0.85
CA VAL D 324 -32.03 49.22 -1.99
C VAL D 324 -31.84 48.27 -3.17
N TRP D 325 -32.82 47.42 -3.41
CA TRP D 325 -32.76 46.48 -4.54
C TRP D 325 -33.63 46.94 -5.69
N LEU D 326 -33.04 47.00 -6.89
CA LEU D 326 -33.74 47.46 -8.08
C LEU D 326 -33.39 46.63 -9.31
N PRO D 327 -34.36 46.49 -10.24
CA PRO D 327 -34.15 45.77 -11.50
C PRO D 327 -33.18 46.50 -12.42
N LEU D 328 -32.16 45.81 -12.91
CA LEU D 328 -31.24 46.40 -13.89
C LEU D 328 -31.67 46.00 -15.31
N ASN D 329 -32.32 46.91 -16.00
CA ASN D 329 -32.85 46.62 -17.33
C ASN D 329 -31.89 46.96 -18.46
N PHE D 330 -31.78 46.05 -19.42
CA PHE D 330 -30.92 46.27 -20.58
C PHE D 330 -31.70 46.61 -21.83
N ILE D 331 -31.99 47.90 -22.02
CA ILE D 331 -32.68 48.37 -23.21
C ILE D 331 -31.91 48.00 -24.48
N SER D 332 -30.59 48.05 -24.38
CA SER D 332 -29.73 47.71 -25.51
C SER D 332 -28.44 47.08 -25.01
N ASP D 333 -27.60 46.63 -25.94
CA ASP D 333 -26.29 46.09 -25.60
C ASP D 333 -25.36 47.21 -25.16
N THR D 334 -25.80 48.45 -25.35
CA THR D 334 -25.00 49.61 -24.99
C THR D 334 -25.79 50.63 -24.17
N THR D 335 -26.98 50.24 -23.72
CA THR D 335 -27.84 51.13 -22.95
C THR D 335 -28.52 50.43 -21.78
N LEU D 336 -28.21 50.86 -20.55
CA LEU D 336 -28.81 50.26 -19.37
C LEU D 336 -29.73 51.24 -18.67
N GLU D 337 -30.62 50.71 -17.83
CA GLU D 337 -31.54 51.55 -17.07
C GLU D 337 -31.76 51.00 -15.67
N LEU D 338 -31.67 51.89 -14.69
CA LEU D 338 -31.90 51.54 -13.29
C LEU D 338 -33.00 52.40 -12.71
N PRO D 339 -34.26 51.96 -12.88
CA PRO D 339 -35.41 52.70 -12.37
C PRO D 339 -35.60 52.46 -10.88
N TYR D 340 -36.31 53.36 -10.21
CA TYR D 340 -36.58 53.20 -8.80
C TYR D 340 -38.04 52.90 -8.55
N TYR D 341 -38.28 51.82 -7.79
CA TYR D 341 -39.62 51.43 -7.42
C TYR D 341 -39.67 51.27 -5.90
N ASP D 342 -40.58 52.00 -5.26
CA ASP D 342 -40.71 51.94 -3.81
C ASP D 342 -40.90 50.49 -3.35
N SER D 343 -41.49 49.68 -4.23
CA SER D 343 -41.67 48.25 -3.98
C SER D 343 -41.36 47.45 -5.26
N VAL D 344 -40.63 46.36 -5.11
CA VAL D 344 -40.21 45.57 -6.27
C VAL D 344 -40.68 44.11 -6.23
N LYS D 345 -41.42 43.71 -7.27
CA LYS D 345 -41.88 42.35 -7.42
C LYS D 345 -40.78 41.47 -8.00
N ILE D 346 -40.42 40.42 -7.28
CA ILE D 346 -39.39 39.49 -7.72
C ILE D 346 -39.83 38.04 -7.55
N ASP D 347 -39.81 37.30 -8.66
CA ASP D 347 -40.16 35.89 -8.63
C ASP D 347 -38.98 35.07 -9.16
N ALA D 348 -38.28 34.42 -8.24
CA ALA D 348 -37.08 33.66 -8.57
C ALA D 348 -37.37 32.53 -9.56
N SER D 349 -38.46 31.80 -9.34
CA SER D 349 -38.81 30.68 -10.20
C SER D 349 -38.94 31.10 -11.66
N SER D 350 -39.74 32.13 -11.91
CA SER D 350 -39.93 32.64 -13.27
C SER D 350 -38.72 33.48 -13.70
N GLY D 351 -38.03 34.05 -12.72
CA GLY D 351 -36.86 34.86 -12.99
C GLY D 351 -37.25 36.23 -13.53
N ILE D 352 -38.19 36.88 -12.86
CA ILE D 352 -38.67 38.19 -13.29
C ILE D 352 -38.54 39.25 -12.21
N ILE D 353 -38.04 40.42 -12.60
CA ILE D 353 -37.97 41.58 -11.73
C ILE D 353 -38.78 42.75 -12.31
N SER D 354 -39.61 43.37 -11.47
CA SER D 354 -40.49 44.44 -11.93
C SER D 354 -41.03 45.27 -10.78
N GLU D 355 -41.86 46.25 -11.10
CA GLU D 355 -42.47 47.11 -10.09
C GLU D 355 -43.69 46.42 -9.48
N TYR D 356 -43.92 46.66 -8.19
CA TYR D 356 -45.07 46.07 -7.52
C TYR D 356 -46.23 47.06 -7.51
N ILE D 357 -47.28 46.74 -8.27
CA ILE D 357 -48.45 47.59 -8.37
C ILE D 357 -49.62 46.96 -7.60
N PRO D 358 -49.94 47.53 -6.42
CA PRO D 358 -51.03 47.03 -5.57
C PRO D 358 -52.39 47.10 -6.26
N ASP D 359 -52.54 47.98 -7.25
CA ASP D 359 -53.80 48.14 -7.95
C ASP D 359 -53.62 48.09 -9.47
N THR D 360 -53.90 46.92 -10.06
CA THR D 360 -53.63 46.71 -11.48
C THR D 360 -54.74 47.22 -12.41
N THR D 361 -55.79 47.81 -11.83
CA THR D 361 -56.90 48.32 -12.63
C THR D 361 -56.40 49.33 -13.68
N ARG D 362 -56.84 49.17 -14.92
CA ARG D 362 -56.40 50.01 -16.03
C ARG D 362 -57.40 51.14 -16.33
N TYR D 363 -56.90 52.37 -16.39
CA TYR D 363 -57.76 53.53 -16.63
C TYR D 363 -57.40 54.27 -17.91
N LYS D 364 -58.30 55.13 -18.36
CA LYS D 364 -58.04 55.99 -19.51
C LYS D 364 -58.44 57.44 -19.19
N LEU D 365 -57.50 58.36 -19.34
CA LEU D 365 -57.74 59.76 -19.00
C LEU D 365 -58.25 60.56 -20.18
N VAL D 366 -59.56 60.80 -20.21
CA VAL D 366 -60.17 61.59 -21.28
C VAL D 366 -60.21 63.06 -20.90
N ASN D 367 -60.39 63.94 -21.90
CA ASN D 367 -60.41 65.38 -21.64
C ASN D 367 -61.70 66.03 -22.11
N LYS D 368 -62.11 67.07 -21.40
CA LYS D 368 -63.35 67.78 -21.71
C LYS D 368 -63.35 68.33 -23.13
N ASN D 369 -62.57 69.38 -23.36
CA ASN D 369 -62.51 70.04 -24.66
C ASN D 369 -62.18 69.09 -25.81
N SER D 370 -61.03 68.43 -25.70
CA SER D 370 -60.55 67.54 -26.76
C SER D 370 -61.51 66.38 -27.01
N GLY D 371 -62.20 65.96 -25.96
CA GLY D 371 -63.10 64.83 -26.03
C GLY D 371 -62.39 63.54 -26.34
N LYS D 372 -61.08 63.53 -26.12
CA LYS D 372 -60.26 62.35 -26.38
C LYS D 372 -59.44 61.98 -25.15
N VAL D 373 -58.85 60.78 -25.16
CA VAL D 373 -58.08 60.31 -24.01
C VAL D 373 -56.59 60.52 -24.19
N LEU D 374 -55.82 60.22 -23.13
CA LEU D 374 -54.37 60.40 -23.16
C LEU D 374 -53.72 59.21 -23.85
N ASP D 375 -52.56 59.45 -24.45
CA ASP D 375 -51.90 58.42 -25.24
C ASP D 375 -50.41 58.74 -25.35
N VAL D 376 -49.63 57.78 -25.83
CA VAL D 376 -48.20 57.99 -26.07
C VAL D 376 -47.93 58.13 -27.56
N LEU D 377 -47.23 59.20 -27.94
CA LEU D 377 -46.96 59.48 -29.35
C LEU D 377 -46.42 58.28 -30.11
N ASP D 378 -47.13 57.88 -31.16
CA ASP D 378 -46.73 56.77 -32.01
C ASP D 378 -46.76 55.45 -31.23
N GLY D 379 -47.18 55.52 -29.98
CA GLY D 379 -47.16 54.38 -29.09
C GLY D 379 -45.74 53.86 -28.91
N SER D 380 -44.81 54.78 -28.68
CA SER D 380 -43.40 54.44 -28.56
C SER D 380 -43.05 53.96 -27.16
N VAL D 381 -42.30 52.86 -27.09
CA VAL D 381 -41.83 52.33 -25.81
C VAL D 381 -40.38 52.71 -25.56
N ASP D 382 -39.93 53.75 -26.25
CA ASP D 382 -38.57 54.27 -26.10
C ASP D 382 -38.58 55.54 -25.24
N ASN D 383 -37.65 55.61 -24.29
CA ASN D 383 -37.56 56.77 -23.41
C ASN D 383 -37.51 58.09 -24.16
N ALA D 384 -37.88 59.15 -23.46
CA ALA D 384 -37.98 60.49 -24.05
C ALA D 384 -39.15 60.56 -25.03
N ALA D 385 -40.02 59.54 -24.99
CA ALA D 385 -41.19 59.52 -25.86
C ALA D 385 -42.19 60.59 -25.48
N GLN D 386 -42.54 61.44 -26.45
CA GLN D 386 -43.48 62.53 -26.25
C GLN D 386 -44.89 62.02 -25.91
N ILE D 387 -45.63 62.79 -25.11
CA ILE D 387 -46.99 62.42 -24.76
C ILE D 387 -48.01 63.24 -25.55
N VAL D 388 -49.02 62.57 -26.09
CA VAL D 388 -50.05 63.23 -26.89
C VAL D 388 -51.44 62.71 -26.54
N GLN D 389 -52.46 63.26 -27.19
CA GLN D 389 -53.83 62.83 -26.93
C GLN D 389 -54.61 62.47 -28.20
N TRP D 390 -54.82 61.17 -28.41
CA TRP D 390 -55.54 60.66 -29.58
C TRP D 390 -56.95 60.21 -29.21
N THR D 391 -57.77 60.00 -30.24
CA THR D 391 -59.11 59.47 -30.03
C THR D 391 -59.03 58.09 -29.38
N ASP D 392 -60.13 57.66 -28.76
CA ASP D 392 -60.18 56.36 -28.10
C ASP D 392 -60.01 55.27 -29.14
N ASN D 393 -58.80 54.71 -29.20
CA ASN D 393 -58.46 53.70 -30.18
C ASN D 393 -58.44 52.30 -29.57
N GLY D 394 -58.58 52.22 -28.25
CA GLY D 394 -58.50 50.96 -27.54
C GLY D 394 -57.06 50.47 -27.47
N SER D 395 -56.15 51.31 -27.96
CA SER D 395 -54.73 50.99 -27.96
C SER D 395 -54.22 50.83 -26.53
N LEU D 396 -53.12 50.11 -26.37
CA LEU D 396 -52.56 49.87 -25.04
C LEU D 396 -51.77 51.08 -24.56
N SER D 397 -51.69 52.11 -25.41
CA SER D 397 -50.98 53.34 -25.05
C SER D 397 -51.91 54.31 -24.34
N GLN D 398 -53.15 53.90 -24.14
CA GLN D 398 -54.16 54.73 -23.48
C GLN D 398 -54.48 54.23 -22.07
N GLN D 399 -54.03 53.02 -21.74
CA GLN D 399 -54.25 52.48 -20.41
C GLN D 399 -53.11 52.82 -19.45
N TRP D 400 -53.46 53.27 -18.25
CA TRP D 400 -52.46 53.70 -17.27
C TRP D 400 -52.75 53.16 -15.87
N TYR D 401 -51.71 53.04 -15.05
CA TYR D 401 -51.85 52.59 -13.66
C TYR D 401 -51.90 53.75 -12.67
N LEU D 402 -52.30 53.46 -11.43
CA LEU D 402 -52.30 54.45 -10.35
C LEU D 402 -51.53 53.95 -9.12
N VAL D 403 -50.25 54.28 -9.05
CA VAL D 403 -49.41 53.94 -7.91
C VAL D 403 -49.30 55.10 -6.95
N ASP D 404 -49.68 54.89 -5.69
CA ASP D 404 -49.67 55.98 -4.73
C ASP D 404 -48.29 56.18 -4.11
N VAL D 405 -47.75 57.38 -4.29
CA VAL D 405 -46.45 57.75 -3.75
C VAL D 405 -46.54 58.91 -2.76
N GLY D 406 -46.14 58.67 -1.51
CA GLY D 406 -46.18 59.70 -0.50
C GLY D 406 -47.52 59.80 0.20
N GLY D 407 -47.99 61.03 0.44
CA GLY D 407 -49.24 61.22 1.15
C GLY D 407 -50.50 61.10 0.31
N GLY D 408 -50.58 61.88 -0.76
CA GLY D 408 -51.76 61.88 -1.61
C GLY D 408 -51.42 61.81 -3.08
N TYR D 409 -50.18 62.19 -3.40
CA TYR D 409 -49.67 62.20 -4.76
C TYR D 409 -49.54 60.80 -5.34
N LYS D 410 -49.77 60.68 -6.65
CA LYS D 410 -49.71 59.39 -7.33
C LYS D 410 -49.02 59.52 -8.68
N LYS D 411 -48.33 58.45 -9.08
CA LYS D 411 -47.60 58.44 -10.34
C LYS D 411 -48.37 57.70 -11.43
N ILE D 412 -48.43 58.30 -12.61
CA ILE D 412 -49.11 57.69 -13.74
C ILE D 412 -48.15 56.83 -14.56
N VAL D 413 -48.45 55.55 -14.67
CA VAL D 413 -47.56 54.64 -15.40
C VAL D 413 -48.27 54.08 -16.63
N ASN D 414 -47.49 53.77 -17.66
CA ASN D 414 -48.03 53.23 -18.91
C ASN D 414 -47.98 51.71 -18.95
N VAL D 415 -48.98 51.10 -19.57
CA VAL D 415 -49.04 49.64 -19.66
C VAL D 415 -48.12 49.10 -20.75
N LYS D 416 -48.13 49.76 -21.90
CA LYS D 416 -47.32 49.34 -23.04
C LYS D 416 -45.82 49.39 -22.72
N SER D 417 -45.31 50.60 -22.50
CA SER D 417 -43.89 50.78 -22.20
C SER D 417 -43.56 50.43 -20.75
N GLY D 418 -44.09 51.21 -19.81
CA GLY D 418 -43.85 50.96 -18.40
C GLY D 418 -43.27 52.16 -17.68
N ARG D 419 -43.16 53.27 -18.40
CA ARG D 419 -42.61 54.50 -17.84
C ARG D 419 -43.69 55.32 -17.13
N ALA D 420 -43.25 56.27 -16.33
CA ALA D 420 -44.16 57.16 -15.61
C ALA D 420 -44.21 58.52 -16.28
N LEU D 421 -45.37 59.18 -16.17
CA LEU D 421 -45.54 60.50 -16.75
C LEU D 421 -44.58 61.48 -16.10
N ASP D 422 -43.70 62.06 -16.91
CA ASP D 422 -42.63 62.90 -16.38
C ASP D 422 -42.55 64.22 -17.14
N VAL D 423 -42.49 65.31 -16.37
CA VAL D 423 -42.31 66.64 -16.93
C VAL D 423 -40.87 66.76 -17.43
N LYS D 424 -40.71 66.92 -18.74
CA LYS D 424 -39.38 66.96 -19.34
C LYS D 424 -38.46 68.00 -18.70
N ASP D 425 -37.28 67.55 -18.30
CA ASP D 425 -36.28 68.42 -17.70
C ASP D 425 -36.76 69.08 -16.41
N GLU D 426 -37.75 68.46 -15.76
CA GLU D 426 -38.31 68.99 -14.53
C GLU D 426 -38.65 70.47 -14.67
N SER D 427 -39.21 70.83 -15.82
CA SER D 427 -39.53 72.22 -16.12
C SER D 427 -40.49 72.85 -15.11
N LYS D 428 -40.11 74.00 -14.59
CA LYS D 428 -40.95 74.74 -13.64
C LYS D 428 -41.63 75.91 -14.33
N GLU D 429 -41.35 76.09 -15.62
CA GLU D 429 -41.95 77.15 -16.41
C GLU D 429 -43.27 76.71 -17.05
N ASP D 430 -44.07 77.68 -17.47
CA ASP D 430 -45.28 77.40 -18.22
C ASP D 430 -44.93 77.02 -19.66
N GLY D 431 -45.73 76.14 -20.24
CA GLY D 431 -45.49 75.68 -21.60
C GLY D 431 -44.45 74.58 -21.69
N GLY D 432 -44.33 73.79 -20.63
CA GLY D 432 -43.38 72.70 -20.59
C GLY D 432 -43.90 71.42 -21.24
N VAL D 433 -43.18 70.94 -22.25
CA VAL D 433 -43.54 69.72 -22.96
C VAL D 433 -43.57 68.53 -22.00
N LEU D 434 -44.46 67.58 -22.26
CA LEU D 434 -44.62 66.41 -21.40
C LEU D 434 -44.23 65.11 -22.11
N ILE D 435 -43.47 64.27 -21.42
CA ILE D 435 -43.02 63.00 -21.96
C ILE D 435 -43.01 61.89 -20.92
N GLN D 436 -42.94 60.65 -21.39
CA GLN D 436 -42.81 59.49 -20.51
C GLN D 436 -41.34 59.25 -20.21
N TYR D 437 -41.05 58.69 -19.04
CA TYR D 437 -39.67 58.48 -18.63
C TYR D 437 -39.58 57.42 -17.55
N THR D 438 -38.43 56.75 -17.46
CA THR D 438 -38.22 55.71 -16.45
C THR D 438 -38.38 56.30 -15.04
N SER D 439 -39.03 55.55 -14.16
CA SER D 439 -39.28 55.99 -12.80
C SER D 439 -37.97 56.33 -12.07
N ASN D 440 -37.73 57.63 -11.89
CA ASN D 440 -36.54 58.09 -11.19
C ASN D 440 -36.86 58.64 -9.80
N GLY D 441 -38.03 58.31 -9.30
CA GLY D 441 -38.44 58.75 -7.97
C GLY D 441 -38.50 60.25 -7.80
N GLY D 442 -38.50 60.98 -8.92
CA GLY D 442 -38.53 62.43 -8.90
C GLY D 442 -39.90 63.00 -8.58
N TYR D 443 -39.91 64.25 -8.09
CA TYR D 443 -41.17 64.91 -7.74
C TYR D 443 -42.03 65.22 -8.96
N ASN D 444 -41.38 65.42 -10.11
CA ASN D 444 -42.10 65.73 -11.35
C ASN D 444 -42.99 64.59 -11.82
N GLN D 445 -42.70 63.37 -11.37
CA GLN D 445 -43.49 62.19 -11.75
C GLN D 445 -44.66 61.92 -10.80
N HIS D 446 -44.81 62.76 -9.79
CA HIS D 446 -45.91 62.64 -8.82
C HIS D 446 -47.07 63.58 -9.17
N TRP D 447 -48.29 63.06 -9.06
CA TRP D 447 -49.49 63.80 -9.43
C TRP D 447 -50.62 63.57 -8.44
N LYS D 448 -51.17 64.65 -7.90
CA LYS D 448 -52.29 64.56 -6.98
C LYS D 448 -53.58 64.96 -7.69
N PHE D 449 -54.62 64.14 -7.55
CA PHE D 449 -55.90 64.38 -8.20
C PHE D 449 -56.81 65.34 -7.45
N THR D 450 -57.58 66.12 -8.21
CA THR D 450 -58.59 67.00 -7.65
C THR D 450 -59.94 66.79 -8.36
N ASP D 451 -60.94 66.44 -7.57
CA ASP D 451 -62.31 66.15 -7.98
C ASP D 451 -63.09 67.42 -8.33
N ILE D 452 -63.71 67.46 -9.50
CA ILE D 452 -64.47 68.64 -9.91
C ILE D 452 -65.98 68.42 -9.98
N GLY D 453 -66.42 67.16 -9.92
CA GLY D 453 -67.84 66.89 -9.82
C GLY D 453 -68.34 66.03 -10.96
N ASP D 454 -67.94 66.37 -12.17
CA ASP D 454 -68.43 65.70 -13.36
C ASP D 454 -67.46 64.62 -13.81
N GLY D 455 -66.88 63.93 -12.82
CA GLY D 455 -65.89 62.90 -13.07
C GLY D 455 -64.55 63.42 -13.56
N TYR D 456 -64.55 64.60 -14.15
CA TYR D 456 -63.31 65.24 -14.60
C TYR D 456 -62.36 65.51 -13.44
N TYR D 457 -61.07 65.24 -13.67
CA TYR D 457 -60.03 65.43 -12.66
C TYR D 457 -58.97 66.43 -13.11
N LYS D 458 -58.78 67.49 -12.34
CA LYS D 458 -57.65 68.38 -12.52
C LYS D 458 -56.41 67.82 -11.83
N ILE D 459 -55.56 67.12 -12.59
CA ILE D 459 -54.36 66.54 -11.97
C ILE D 459 -53.52 67.66 -11.36
N SER D 460 -52.40 67.32 -10.72
CA SER D 460 -51.50 68.32 -10.11
C SER D 460 -50.06 67.87 -10.12
N SER D 461 -49.14 68.79 -10.42
CA SER D 461 -47.73 68.42 -10.41
C SER D 461 -47.09 68.85 -9.09
N ARG D 462 -46.27 67.95 -8.55
CA ARG D 462 -45.66 68.09 -7.24
C ARG D 462 -44.44 69.01 -7.27
N HIS D 463 -43.96 69.30 -8.47
CA HIS D 463 -42.76 70.11 -8.62
C HIS D 463 -43.06 71.60 -8.50
N CYS D 464 -44.04 72.07 -9.28
CA CYS D 464 -44.37 73.49 -9.31
C CYS D 464 -45.83 73.78 -9.01
N GLY D 465 -46.73 72.95 -9.53
CA GLY D 465 -48.16 73.17 -9.31
C GLY D 465 -48.87 73.58 -10.58
N LYS D 466 -48.11 73.65 -11.68
CA LYS D 466 -48.67 73.94 -13.00
C LYS D 466 -49.06 72.63 -13.65
N LEU D 467 -50.08 72.66 -14.50
CA LEU D 467 -50.70 71.40 -14.86
C LEU D 467 -50.85 71.02 -16.34
N ILE D 468 -51.18 69.75 -16.55
CA ILE D 468 -51.34 69.17 -17.87
C ILE D 468 -52.40 69.91 -18.68
N ASP D 469 -51.98 70.54 -19.76
CA ASP D 469 -52.92 71.26 -20.61
C ASP D 469 -52.72 70.80 -22.04
N VAL D 470 -53.75 70.92 -22.86
CA VAL D 470 -53.62 70.62 -24.27
C VAL D 470 -53.16 71.89 -24.97
N ARG D 471 -51.89 71.89 -25.38
CA ARG D 471 -51.27 73.06 -25.98
C ARG D 471 -52.16 73.82 -26.96
N LYS D 472 -52.30 75.12 -26.72
CA LYS D 472 -53.05 76.00 -27.62
C LYS D 472 -54.50 75.56 -27.80
N TRP D 473 -55.05 74.91 -26.78
CA TRP D 473 -56.45 74.50 -26.77
C TRP D 473 -56.81 73.55 -27.92
N SER D 474 -55.80 72.96 -28.54
CA SER D 474 -56.00 72.05 -29.66
C SER D 474 -56.85 70.84 -29.29
N THR D 475 -57.56 70.30 -30.28
CA THR D 475 -58.36 69.09 -30.10
C THR D 475 -58.08 68.09 -31.22
N GLU D 476 -57.07 68.36 -32.03
CA GLU D 476 -56.73 67.52 -33.17
C GLU D 476 -55.72 66.44 -32.79
N ASP D 477 -55.53 65.48 -33.68
CA ASP D 477 -54.58 64.40 -33.44
C ASP D 477 -53.15 64.91 -33.57
N GLY D 478 -52.29 64.47 -32.67
CA GLY D 478 -50.91 64.94 -32.63
C GLY D 478 -50.75 66.13 -31.70
N GLY D 479 -51.72 66.29 -30.79
CA GLY D 479 -51.70 67.39 -29.85
C GLY D 479 -50.62 67.25 -28.79
N ILE D 480 -49.81 68.29 -28.63
CA ILE D 480 -48.72 68.28 -27.66
C ILE D 480 -49.21 68.51 -26.24
N ILE D 481 -49.17 67.47 -25.42
CA ILE D 481 -49.51 67.60 -24.00
C ILE D 481 -48.49 68.51 -23.34
N GLN D 482 -48.96 69.37 -22.44
CA GLN D 482 -48.13 70.42 -21.88
C GLN D 482 -48.44 70.69 -20.41
N GLN D 483 -47.76 71.69 -19.84
CA GLN D 483 -47.96 72.08 -18.46
C GLN D 483 -48.23 73.57 -18.39
N TRP D 484 -49.31 73.96 -17.72
CA TRP D 484 -49.69 75.36 -17.65
C TRP D 484 -50.41 75.69 -16.35
N SER D 485 -50.32 76.93 -15.92
CA SER D 485 -51.00 77.41 -14.72
C SER D 485 -52.51 77.34 -14.90
N ASP D 486 -53.18 76.62 -14.00
CA ASP D 486 -54.63 76.44 -14.12
C ASP D 486 -55.35 77.77 -14.26
N ALA D 487 -55.95 77.98 -15.43
CA ALA D 487 -56.69 79.21 -15.72
C ALA D 487 -58.17 78.88 -15.80
N GLY D 488 -58.52 77.65 -15.46
CA GLY D 488 -59.88 77.20 -15.47
C GLY D 488 -60.31 76.67 -16.84
N GLY D 489 -59.38 76.66 -17.78
CA GLY D 489 -59.67 76.19 -19.12
C GLY D 489 -60.27 74.79 -19.12
N THR D 490 -61.34 74.62 -19.87
CA THR D 490 -62.05 73.34 -19.95
C THR D 490 -61.31 72.34 -20.84
N ASN D 491 -59.99 72.48 -20.88
CA ASN D 491 -59.15 71.53 -21.60
C ASN D 491 -58.07 71.00 -20.67
N GLN D 492 -58.13 71.46 -19.41
CA GLN D 492 -57.19 71.00 -18.40
C GLN D 492 -57.85 70.00 -17.46
N HIS D 493 -59.09 69.64 -17.76
CA HIS D 493 -59.84 68.67 -16.96
C HIS D 493 -59.76 67.29 -17.61
N TRP D 494 -59.75 66.25 -16.78
CA TRP D 494 -59.60 64.88 -17.27
C TRP D 494 -60.43 63.86 -16.50
N LYS D 495 -61.44 63.30 -17.14
CA LYS D 495 -62.25 62.26 -16.51
C LYS D 495 -61.46 60.98 -16.30
N LEU D 496 -61.52 60.45 -15.09
CA LEU D 496 -60.87 59.18 -14.75
C LEU D 496 -61.81 58.04 -15.13
N VAL D 497 -61.59 57.48 -16.32
CA VAL D 497 -62.45 56.44 -16.86
C VAL D 497 -61.79 55.07 -16.74
N LEU D 498 -62.62 54.05 -16.49
CA LEU D 498 -62.13 52.68 -16.37
C LEU D 498 -62.22 51.94 -17.71
N VAL D 499 -61.55 50.80 -17.79
CA VAL D 499 -61.58 49.97 -19.00
C VAL D 499 -61.59 48.49 -18.66
N GLU E 39 79.96 2.65 50.01
CA GLU E 39 79.05 2.65 51.16
C GLU E 39 77.86 1.74 50.95
N GLY E 40 78.13 0.50 50.53
CA GLY E 40 77.07 -0.48 50.33
C GLY E 40 76.65 -1.12 51.64
N VAL E 41 76.32 -0.29 52.63
CA VAL E 41 75.97 -0.80 53.95
C VAL E 41 74.47 -0.68 54.23
N ILE E 42 73.93 -1.69 54.91
CA ILE E 42 72.52 -1.73 55.25
C ILE E 42 72.33 -1.82 56.76
N VAL E 43 71.46 -0.97 57.32
CA VAL E 43 71.22 -1.00 58.76
C VAL E 43 69.94 -1.75 59.10
N ASN E 44 70.09 -2.96 59.63
CA ASN E 44 68.95 -3.79 60.01
C ASN E 44 68.13 -3.21 61.16
N GLY E 45 66.87 -3.62 61.24
CA GLY E 45 65.97 -3.16 62.28
C GLY E 45 65.48 -1.75 62.05
N THR E 46 65.47 -1.35 60.78
CA THR E 46 64.99 -0.02 60.39
C THR E 46 64.17 -0.08 59.11
N GLN E 47 63.65 1.06 58.68
CA GLN E 47 62.94 1.17 57.42
C GLN E 47 63.84 1.77 56.36
N PHE E 48 64.31 0.95 55.43
CA PHE E 48 65.19 1.41 54.36
C PHE E 48 64.49 2.53 53.58
N LYS E 49 65.27 3.49 53.10
CA LYS E 49 64.71 4.58 52.32
C LYS E 49 65.14 4.51 50.86
N ASP E 50 64.21 4.81 49.95
CA ASP E 50 64.52 4.83 48.53
C ASP E 50 65.38 6.04 48.16
N THR E 51 65.77 6.12 46.89
CA THR E 51 66.64 7.19 46.41
C THR E 51 65.97 8.56 46.46
N SER E 52 64.71 8.59 46.88
CA SER E 52 63.97 9.84 46.97
C SER E 52 63.87 10.31 48.41
N GLY E 53 64.43 9.51 49.32
CA GLY E 53 64.44 9.83 50.73
C GLY E 53 63.16 9.40 51.44
N ASN E 54 62.31 8.66 50.74
CA ASN E 54 61.06 8.18 51.30
C ASN E 54 61.16 6.74 51.79
N VAL E 55 60.37 6.43 52.82
CA VAL E 55 60.36 5.10 53.41
C VAL E 55 59.90 4.04 52.41
N ILE E 56 60.70 2.99 52.25
CA ILE E 56 60.37 1.89 51.35
C ILE E 56 59.25 1.01 51.94
N HIS E 57 58.12 0.94 51.24
CA HIS E 57 56.99 0.14 51.66
C HIS E 57 56.82 -1.14 50.84
N ALA E 58 57.60 -2.16 51.16
CA ALA E 58 57.52 -3.45 50.48
C ALA E 58 57.60 -4.60 51.47
N HIS E 59 56.55 -4.77 52.26
CA HIS E 59 56.54 -5.75 53.33
C HIS E 59 56.11 -7.14 52.84
N GLY E 60 56.61 -8.18 53.49
CA GLY E 60 56.30 -9.54 53.13
C GLY E 60 56.49 -9.79 51.65
N GLY E 61 57.46 -9.10 51.06
CA GLY E 61 57.69 -9.19 49.63
C GLY E 61 58.81 -10.11 49.22
N GLY E 62 59.12 -10.10 47.92
CA GLY E 62 60.20 -10.91 47.38
C GLY E 62 61.10 -10.09 46.48
N MET E 63 62.06 -10.74 45.85
CA MET E 63 63.02 -10.06 44.98
C MET E 63 63.28 -10.85 43.71
N LEU E 64 63.48 -10.13 42.61
CA LEU E 64 63.72 -10.77 41.32
C LEU E 64 64.98 -10.20 40.67
N LYS E 65 65.78 -11.08 40.09
CA LYS E 65 66.99 -10.67 39.37
C LYS E 65 66.79 -10.83 37.88
N HIS E 66 66.58 -9.72 37.18
CA HIS E 66 66.38 -9.75 35.74
C HIS E 66 67.23 -8.70 35.03
N GLY E 67 68.19 -9.16 34.24
CA GLY E 67 69.09 -8.25 33.55
C GLY E 67 70.12 -7.62 34.47
N ASP E 68 70.22 -6.29 34.40
CA ASP E 68 71.20 -5.56 35.21
C ASP E 68 70.55 -5.03 36.49
N TYR E 69 69.29 -5.39 36.71
CA TYR E 69 68.53 -4.85 37.83
C TYR E 69 67.96 -5.89 38.80
N TYR E 70 67.95 -5.53 40.08
CA TYR E 70 67.24 -6.31 41.09
C TYR E 70 65.91 -5.63 41.37
N TYR E 71 64.82 -6.38 41.28
CA TYR E 71 63.48 -5.83 41.51
C TYR E 71 62.87 -6.31 42.82
N TRP E 72 62.54 -5.36 43.70
CA TRP E 72 62.00 -5.67 45.02
C TRP E 72 60.50 -5.37 45.08
N TYR E 73 59.70 -6.40 45.26
CA TYR E 73 58.24 -6.25 45.37
C TYR E 73 57.78 -6.46 46.82
N GLY E 74 56.57 -5.99 47.14
CA GLY E 74 56.04 -6.14 48.49
C GLY E 74 54.67 -5.52 48.69
N GLU E 75 53.97 -5.95 49.73
CA GLU E 75 52.63 -5.43 50.03
C GLU E 75 52.70 -4.01 50.55
N TYR E 76 51.55 -3.37 50.65
CA TYR E 76 51.49 -1.97 51.04
C TYR E 76 50.04 -1.73 51.47
N ARG E 77 49.82 -1.33 52.72
CA ARG E 77 48.44 -1.26 53.20
C ARG E 77 48.01 0.19 53.35
N ASP E 78 46.70 0.40 53.47
CA ASP E 78 46.17 1.76 53.57
C ASP E 78 45.74 2.14 54.99
N ASP E 79 44.76 3.03 55.08
CA ASP E 79 44.27 3.50 56.37
C ASP E 79 43.60 2.36 57.13
N SER E 80 42.65 1.71 56.47
CA SER E 80 41.92 0.59 57.07
C SER E 80 42.76 -0.68 57.12
N ASN E 81 44.07 -0.53 56.91
CA ASN E 81 44.99 -1.66 56.91
C ASN E 81 44.68 -2.66 55.79
N LEU E 82 43.92 -2.21 54.80
CA LEU E 82 43.55 -3.05 53.66
C LEU E 82 44.58 -2.94 52.54
N PHE E 83 44.47 -3.81 51.56
CA PHE E 83 45.38 -3.80 50.42
C PHE E 83 45.29 -2.50 49.62
N LEU E 84 46.43 -1.84 49.45
CA LEU E 84 46.49 -0.60 48.69
C LEU E 84 47.22 -0.79 47.37
N GLY E 85 48.28 -1.60 47.39
CA GLY E 85 49.04 -1.86 46.19
C GLY E 85 50.31 -2.66 46.46
N VAL E 86 50.83 -3.30 45.41
CA VAL E 86 52.09 -4.02 45.51
C VAL E 86 53.19 -3.15 44.90
N SER E 87 54.06 -2.64 45.77
CA SER E 87 55.10 -1.70 45.32
C SER E 87 56.28 -2.40 44.67
N CYS E 88 56.98 -1.67 43.81
CA CYS E 88 58.14 -2.20 43.10
C CYS E 88 59.34 -1.24 43.23
N TYR E 89 60.46 -1.77 43.69
CA TYR E 89 61.68 -0.98 43.82
C TYR E 89 62.81 -1.62 43.02
N ARG E 90 63.57 -0.78 42.32
CA ARG E 90 64.64 -1.26 41.45
C ARG E 90 66.01 -0.80 41.95
N SER E 91 67.01 -1.66 41.78
CA SER E 91 68.37 -1.34 42.21
C SER E 91 69.39 -2.26 41.55
N LYS E 92 70.64 -1.77 41.47
CA LYS E 92 71.72 -2.56 40.89
C LYS E 92 72.66 -3.10 41.97
N ASP E 93 72.71 -2.40 43.11
CA ASP E 93 73.63 -2.74 44.19
C ASP E 93 72.94 -3.32 45.42
N LEU E 94 71.61 -3.42 45.36
CA LEU E 94 70.83 -3.96 46.48
C LEU E 94 70.84 -3.04 47.71
N VAL E 95 71.44 -1.86 47.55
CA VAL E 95 71.52 -0.89 48.63
C VAL E 95 70.71 0.37 48.31
N ASN E 96 70.95 0.96 47.15
CA ASN E 96 70.22 2.15 46.72
C ASN E 96 68.98 1.78 45.88
N TRP E 97 67.81 1.85 46.50
CA TRP E 97 66.58 1.42 45.80
C TRP E 97 65.80 2.59 45.22
N GLU E 98 65.48 2.50 43.93
CA GLU E 98 64.69 3.50 43.24
C GLU E 98 63.22 3.06 43.14
N TYR E 99 62.31 3.90 43.62
CA TYR E 99 60.88 3.61 43.60
C TYR E 99 60.31 3.66 42.18
N ARG E 100 59.77 2.54 41.72
CA ARG E 100 59.23 2.46 40.36
C ARG E 100 57.73 2.72 40.31
N GLY E 101 57.03 2.40 41.40
CA GLY E 101 55.59 2.61 41.47
C GLY E 101 54.82 1.36 41.88
N GLU E 102 53.50 1.42 41.78
CA GLU E 102 52.66 0.29 42.15
C GLU E 102 52.36 -0.57 40.93
N VAL E 103 53.04 -1.71 40.83
CA VAL E 103 52.81 -2.64 39.73
C VAL E 103 51.42 -3.26 39.80
N LEU E 104 50.82 -3.20 40.99
CA LEU E 104 49.45 -3.67 41.18
C LEU E 104 48.80 -2.82 42.27
N SER E 105 47.53 -2.50 42.10
CA SER E 105 46.84 -1.64 43.06
C SER E 105 45.41 -2.12 43.32
N ARG E 106 44.73 -1.47 44.25
CA ARG E 106 43.36 -1.81 44.59
C ARG E 106 42.41 -1.50 43.44
N ASN E 107 42.93 -0.81 42.43
CA ASN E 107 42.13 -0.45 41.27
C ASN E 107 42.40 -1.36 40.06
N SER E 108 43.28 -2.34 40.26
CA SER E 108 43.65 -3.26 39.19
C SER E 108 42.52 -4.24 38.87
N ALA E 109 41.62 -4.44 39.84
CA ALA E 109 40.50 -5.36 39.66
C ALA E 109 39.42 -5.09 40.71
N PRO E 110 38.15 -5.34 40.36
CA PRO E 110 37.03 -5.11 41.26
C PRO E 110 37.20 -5.80 42.62
N GLU E 111 37.63 -7.06 42.60
CA GLU E 111 37.77 -7.83 43.84
C GLU E 111 39.00 -7.41 44.65
N LEU E 112 39.70 -6.39 44.16
CA LEU E 112 40.87 -5.85 44.86
C LEU E 112 40.55 -4.49 45.49
N ASN E 113 39.38 -3.95 45.15
CA ASN E 113 38.95 -2.66 45.70
C ASN E 113 38.95 -2.65 47.22
N HIS E 114 38.53 -3.76 47.81
CA HIS E 114 38.43 -3.86 49.26
C HIS E 114 38.79 -5.28 49.69
N CYS E 115 40.07 -5.47 50.02
CA CYS E 115 40.57 -6.80 50.35
C CYS E 115 41.91 -6.78 51.08
N ASN E 116 42.49 -7.97 51.24
CA ASN E 116 43.81 -8.14 51.83
C ASN E 116 44.71 -8.95 50.92
N ILE E 117 45.80 -8.31 50.48
CA ILE E 117 46.83 -8.96 49.68
C ILE E 117 48.13 -8.95 50.48
N GLU E 118 48.74 -10.11 50.64
CA GLU E 118 49.97 -10.22 51.41
C GLU E 118 50.92 -11.27 50.84
N ARG E 119 52.21 -11.00 50.97
CA ARG E 119 53.26 -11.89 50.47
C ARG E 119 53.23 -12.10 48.96
N PRO E 120 53.28 -11.00 48.19
CA PRO E 120 53.33 -11.12 46.73
C PRO E 120 54.74 -11.44 46.26
N LYS E 121 54.85 -12.44 45.38
CA LYS E 121 56.14 -12.85 44.83
C LYS E 121 56.10 -12.81 43.31
N VAL E 122 57.22 -12.46 42.70
CA VAL E 122 57.31 -12.36 41.25
C VAL E 122 58.33 -13.35 40.68
N MET E 123 57.92 -14.09 39.67
CA MET E 123 58.79 -15.06 39.01
C MET E 123 58.81 -14.84 37.50
N TYR E 124 59.98 -15.04 36.89
CA TYR E 124 60.14 -14.83 35.45
C TYR E 124 60.05 -16.13 34.67
N ASN E 125 59.26 -16.13 33.59
CA ASN E 125 59.12 -17.29 32.74
C ASN E 125 59.98 -17.15 31.49
N ALA E 126 61.02 -17.97 31.39
CA ALA E 126 61.99 -17.86 30.30
C ALA E 126 61.40 -18.15 28.92
N SER E 127 60.50 -19.12 28.85
CA SER E 127 59.93 -19.53 27.57
C SER E 127 58.93 -18.52 27.02
N THR E 128 58.08 -17.98 27.89
CA THR E 128 57.05 -17.03 27.48
C THR E 128 57.54 -15.58 27.49
N GLY E 129 58.58 -15.33 28.28
CA GLY E 129 59.16 -13.99 28.34
C GLY E 129 58.35 -13.00 29.16
N GLU E 130 57.34 -13.51 29.86
CA GLU E 130 56.49 -12.66 30.68
C GLU E 130 56.70 -12.91 32.16
N PHE E 131 56.38 -11.92 32.99
CA PHE E 131 56.55 -12.05 34.43
C PHE E 131 55.22 -12.46 35.07
N VAL E 132 55.26 -13.46 35.93
CA VAL E 132 54.07 -13.93 36.62
C VAL E 132 54.17 -13.64 38.10
N MET E 133 53.08 -13.14 38.69
CA MET E 133 53.07 -12.73 40.08
C MET E 133 52.00 -13.49 40.88
N TRP E 134 52.45 -14.20 41.90
CA TRP E 134 51.55 -14.93 42.80
C TRP E 134 51.47 -14.25 44.16
N MET E 135 50.34 -14.40 44.84
CA MET E 135 50.13 -13.74 46.12
C MET E 135 49.02 -14.39 46.93
N HIS E 136 48.88 -13.95 48.18
CA HIS E 136 47.83 -14.44 49.07
C HIS E 136 46.67 -13.46 49.15
N TRP E 137 45.45 -13.94 48.91
CA TRP E 137 44.28 -13.06 48.85
C TRP E 137 43.25 -13.36 49.93
N GLU E 138 42.72 -12.29 50.54
CA GLU E 138 41.62 -12.41 51.49
C GLU E 138 40.58 -11.32 51.20
N ASN E 139 39.33 -11.56 51.57
CA ASN E 139 38.24 -10.65 51.20
C ASN E 139 38.23 -9.28 51.91
N GLY E 140 39.04 -9.14 52.97
CA GLY E 140 39.14 -7.87 53.64
C GLY E 140 38.37 -7.79 54.94
N ILE E 141 37.44 -8.72 55.14
CA ILE E 141 36.66 -8.75 56.37
C ILE E 141 37.04 -9.96 57.23
N ASN E 142 37.51 -11.01 56.58
CA ASN E 142 37.94 -12.21 57.29
C ASN E 142 38.97 -13.02 56.51
N TYR E 143 39.46 -14.10 57.12
CA TYR E 143 40.45 -14.97 56.50
C TYR E 143 39.81 -16.32 56.17
N GLY E 144 38.55 -16.29 55.77
CA GLY E 144 37.81 -17.51 55.47
C GLY E 144 38.03 -18.02 54.07
N GLN E 145 38.36 -17.13 53.15
CA GLN E 145 38.55 -17.46 51.75
C GLN E 145 39.85 -18.22 51.49
N ALA E 146 40.95 -17.66 51.99
CA ALA E 146 42.27 -18.27 51.84
C ALA E 146 42.54 -18.69 50.39
N ARG E 147 42.69 -17.70 49.52
CA ARG E 147 42.90 -17.95 48.09
C ARG E 147 44.31 -17.60 47.65
N ALA E 148 44.66 -18.03 46.44
CA ALA E 148 45.90 -17.63 45.78
C ALA E 148 45.55 -16.77 44.57
N ALA E 149 46.22 -15.63 44.43
CA ALA E 149 45.93 -14.71 43.33
C ALA E 149 47.06 -14.63 42.31
N VAL E 150 46.70 -14.50 41.03
CA VAL E 150 47.67 -14.46 39.95
C VAL E 150 47.59 -13.18 39.13
N ALA E 151 48.76 -12.70 38.68
CA ALA E 151 48.82 -11.52 37.82
C ALA E 151 50.07 -11.61 36.96
N TYR E 152 50.03 -11.03 35.76
CA TYR E 152 51.18 -11.09 34.87
C TYR E 152 51.45 -9.75 34.17
N SER E 153 52.65 -9.62 33.62
CA SER E 153 53.07 -8.40 32.93
C SER E 153 54.16 -8.71 31.91
N LYS E 154 54.34 -7.81 30.95
CA LYS E 154 55.41 -7.97 29.96
C LYS E 154 56.68 -7.30 30.45
N THR E 155 56.53 -6.47 31.49
CA THR E 155 57.66 -5.77 32.08
C THR E 155 57.71 -6.04 33.58
N PRO E 156 58.91 -5.97 34.17
CA PRO E 156 59.11 -6.21 35.61
C PRO E 156 58.57 -5.07 36.46
N ASP E 157 58.71 -3.83 35.97
CA ASP E 157 58.28 -2.67 36.74
C ASP E 157 57.10 -1.93 36.10
N GLY E 158 56.30 -2.66 35.32
CA GLY E 158 55.15 -2.06 34.68
C GLY E 158 53.85 -2.48 35.31
N LYS E 159 52.74 -1.92 34.82
CA LYS E 159 51.42 -2.23 35.35
C LYS E 159 51.04 -3.68 35.04
N PHE E 160 50.91 -4.49 36.08
CA PHE E 160 50.49 -5.87 35.95
C PHE E 160 49.00 -5.97 35.67
N THR E 161 48.59 -6.98 34.91
CA THR E 161 47.19 -7.24 34.65
C THR E 161 46.68 -8.38 35.53
N TYR E 162 45.72 -8.09 36.38
CA TYR E 162 45.18 -9.10 37.30
C TYR E 162 44.46 -10.20 36.54
N ILE E 163 44.66 -11.44 36.97
CA ILE E 163 44.00 -12.58 36.35
C ILE E 163 42.80 -13.01 37.20
N ARG E 164 43.08 -13.68 38.32
CA ARG E 164 42.01 -14.21 39.17
C ARG E 164 42.54 -14.67 40.52
N SER E 165 41.62 -14.92 41.45
CA SER E 165 41.95 -15.50 42.75
C SER E 165 41.15 -16.80 42.89
N PHE E 166 41.78 -17.82 43.46
CA PHE E 166 41.15 -19.13 43.56
C PHE E 166 41.76 -20.03 44.62
N ARG E 167 41.00 -21.03 45.05
CA ARG E 167 41.52 -22.06 45.93
C ARG E 167 41.98 -23.25 45.09
N PRO E 168 43.27 -23.59 45.18
CA PRO E 168 43.92 -24.64 44.38
C PRO E 168 43.14 -25.95 44.36
N MET E 169 43.08 -26.60 43.20
CA MET E 169 42.46 -27.91 43.06
C MET E 169 41.00 -27.90 43.51
N GLN E 170 40.27 -26.86 43.15
CA GLN E 170 38.87 -26.73 43.57
C GLN E 170 37.94 -27.58 42.71
N ASP E 171 38.41 -27.93 41.51
CA ASP E 171 37.59 -28.69 40.57
C ASP E 171 37.83 -30.20 40.65
N THR E 172 38.62 -30.61 41.63
CA THR E 172 38.93 -32.03 41.82
C THR E 172 37.98 -32.67 42.81
N GLY E 173 37.07 -31.86 43.37
CA GLY E 173 36.13 -32.35 44.35
C GLY E 173 36.65 -32.22 45.77
N VAL E 174 37.90 -31.79 45.89
CA VAL E 174 38.53 -31.61 47.19
C VAL E 174 37.84 -30.53 48.04
N MET E 175 37.67 -30.82 49.32
CA MET E 175 37.09 -29.86 50.26
C MET E 175 38.06 -29.59 51.40
N ASP E 176 38.20 -28.32 51.78
CA ASP E 176 39.08 -27.95 52.87
C ASP E 176 38.39 -27.00 53.85
N HIS E 177 37.76 -27.57 54.88
CA HIS E 177 37.08 -26.79 55.90
C HIS E 177 35.88 -25.98 55.37
N GLY E 178 35.00 -26.66 54.65
CA GLY E 178 33.73 -26.10 54.21
C GLY E 178 33.72 -25.42 52.85
N LEU E 179 34.88 -25.31 52.22
CA LEU E 179 34.98 -24.68 50.91
C LEU E 179 35.73 -25.56 49.93
N PRO E 180 35.29 -25.58 48.67
CA PRO E 180 35.91 -26.37 47.60
C PRO E 180 37.36 -25.94 47.35
N GLY E 181 38.27 -26.90 47.35
CA GLY E 181 39.68 -26.63 47.09
C GLY E 181 40.49 -26.37 48.34
N TYR E 182 41.79 -26.64 48.25
CA TYR E 182 42.70 -26.43 49.36
C TYR E 182 42.79 -24.96 49.76
N MET E 183 43.04 -24.70 51.04
CA MET E 183 43.28 -23.36 51.52
C MET E 183 44.66 -22.88 51.11
N SER E 184 44.83 -21.58 50.92
CA SER E 184 46.13 -21.04 50.53
C SER E 184 46.38 -19.73 51.26
N ARG E 185 47.28 -19.77 52.25
CA ARG E 185 47.62 -18.58 53.01
C ARG E 185 49.03 -18.10 52.65
N ASP E 186 49.94 -18.12 53.61
CA ASP E 186 51.32 -17.75 53.35
C ASP E 186 51.86 -18.56 52.17
N CYS E 187 52.52 -17.88 51.24
CA CYS E 187 52.98 -18.51 50.00
C CYS E 187 54.34 -18.04 49.53
N ASN E 188 54.83 -18.67 48.46
CA ASN E 188 56.07 -18.30 47.82
C ASN E 188 56.22 -19.05 46.50
N VAL E 189 57.14 -18.59 45.65
CA VAL E 189 57.36 -19.20 44.35
C VAL E 189 58.79 -19.67 44.17
N PHE E 190 58.97 -20.68 43.31
CA PHE E 190 60.28 -21.26 43.05
C PHE E 190 60.41 -21.79 41.63
N VAL E 191 61.44 -21.32 40.92
CA VAL E 191 61.71 -21.80 39.57
C VAL E 191 62.88 -22.76 39.61
N ASP E 192 62.62 -24.03 39.31
CA ASP E 192 63.66 -25.05 39.34
C ASP E 192 64.59 -24.90 38.13
N THR E 193 65.67 -25.67 38.12
CA THR E 193 66.65 -25.59 37.04
C THR E 193 66.15 -26.23 35.75
N ASP E 194 65.08 -27.01 35.83
CA ASP E 194 64.55 -27.69 34.66
C ASP E 194 63.41 -26.89 34.02
N GLY E 195 63.28 -25.64 34.44
CA GLY E 195 62.27 -24.75 33.90
C GLY E 195 60.90 -24.87 34.56
N LYS E 196 60.76 -25.87 35.42
CA LYS E 196 59.50 -26.07 36.14
C LYS E 196 59.25 -24.93 37.13
N GLY E 197 58.01 -24.46 37.17
CA GLY E 197 57.60 -23.44 38.12
C GLY E 197 56.80 -24.04 39.26
N TYR E 198 56.99 -23.52 40.46
CA TYR E 198 56.32 -24.07 41.63
C TYR E 198 55.73 -22.98 42.52
N PHE E 199 54.57 -23.30 43.11
CA PHE E 199 53.92 -22.41 44.06
C PHE E 199 53.64 -23.16 45.35
N ILE E 200 54.17 -22.64 46.46
CA ILE E 200 54.00 -23.27 47.75
C ILE E 200 53.21 -22.39 48.72
N SER E 201 52.26 -23.00 49.42
CA SER E 201 51.44 -22.26 50.39
C SER E 201 50.97 -23.13 51.55
N ALA E 202 50.56 -22.47 52.64
CA ALA E 202 50.08 -23.18 53.82
C ALA E 202 48.60 -23.53 53.66
N ALA E 203 48.30 -24.83 53.70
CA ALA E 203 46.93 -25.29 53.54
C ALA E 203 46.45 -26.01 54.79
N ASN E 204 45.26 -26.61 54.72
CA ASN E 204 44.70 -27.33 55.85
C ASN E 204 44.79 -26.52 57.14
N GLU E 205 44.15 -25.35 57.14
CA GLU E 205 44.14 -24.48 58.31
C GLU E 205 45.56 -24.18 58.80
N ASN E 206 46.46 -23.90 57.86
CA ASN E 206 47.84 -23.55 58.18
C ASN E 206 48.66 -24.68 58.78
N MET E 207 48.08 -25.87 58.86
CA MET E 207 48.75 -27.03 59.46
C MET E 207 49.79 -27.65 58.51
N ASP E 208 49.48 -27.65 57.22
CA ASP E 208 50.35 -28.30 56.23
C ASP E 208 50.93 -27.32 55.20
N LEU E 209 51.94 -27.78 54.46
CA LEU E 209 52.52 -26.99 53.37
C LEU E 209 52.36 -27.72 52.06
N HIS E 210 51.64 -27.09 51.13
CA HIS E 210 51.41 -27.69 49.83
C HIS E 210 52.37 -27.15 48.75
N LEU E 211 52.99 -28.04 47.98
CA LEU E 211 53.82 -27.64 46.85
C LEU E 211 53.09 -27.93 45.54
N TYR E 212 52.75 -26.88 44.80
CA TYR E 212 52.00 -27.04 43.56
C TYR E 212 52.91 -26.88 42.35
N GLU E 213 52.69 -27.69 41.33
CA GLU E 213 53.43 -27.56 40.08
C GLU E 213 52.65 -26.70 39.11
N LEU E 214 53.20 -25.54 38.76
CA LEU E 214 52.52 -24.60 37.87
C LEU E 214 52.51 -25.09 36.43
N THR E 215 51.51 -24.64 35.67
CA THR E 215 51.45 -24.90 34.24
C THR E 215 52.66 -24.24 33.58
N PRO E 216 53.01 -24.69 32.36
CA PRO E 216 54.18 -24.18 31.64
C PRO E 216 54.32 -22.65 31.66
N ASP E 217 53.20 -21.93 31.67
CA ASP E 217 53.24 -20.48 31.62
C ASP E 217 53.26 -19.83 33.01
N TYR E 218 53.32 -20.65 34.04
CA TYR E 218 53.40 -20.17 35.42
C TYR E 218 52.11 -19.49 35.90
N LYS E 219 51.13 -19.34 35.01
CA LYS E 219 49.93 -18.58 35.36
C LYS E 219 48.79 -19.42 35.93
N ASN E 220 49.02 -20.71 36.12
CA ASN E 220 47.97 -21.58 36.66
C ASN E 220 48.55 -22.85 37.32
N ILE E 221 47.86 -23.37 38.32
CA ILE E 221 48.27 -24.59 39.01
C ILE E 221 47.91 -25.84 38.21
N ALA E 222 48.90 -26.69 37.97
CA ALA E 222 48.70 -27.89 37.15
C ALA E 222 48.43 -29.14 37.98
N SER E 223 49.18 -29.30 39.07
CA SER E 223 49.03 -30.49 39.92
C SER E 223 49.65 -30.30 41.30
N LEU E 224 49.37 -31.22 42.21
CA LEU E 224 49.92 -31.16 43.55
C LEU E 224 51.22 -31.95 43.59
N LYS E 225 52.34 -31.23 43.61
CA LYS E 225 53.65 -31.86 43.61
C LYS E 225 53.83 -32.75 44.82
N ALA E 226 53.57 -32.20 46.01
CA ALA E 226 53.70 -32.95 47.26
C ALA E 226 53.20 -32.18 48.48
N LYS E 227 52.87 -32.92 49.53
CA LYS E 227 52.53 -32.34 50.83
C LYS E 227 53.73 -32.43 51.78
N LEU E 228 54.12 -31.30 52.35
CA LEU E 228 55.33 -31.26 53.17
C LEU E 228 55.10 -30.82 54.61
N PHE E 229 55.71 -31.55 55.55
CA PHE E 229 55.63 -31.24 56.98
C PHE E 229 54.18 -31.11 57.44
N VAL E 230 53.41 -32.18 57.26
CA VAL E 230 52.01 -32.18 57.67
C VAL E 230 51.89 -32.18 59.19
N GLY E 231 51.03 -31.30 59.70
CA GLY E 231 50.74 -31.24 61.12
C GLY E 231 51.77 -30.46 61.92
N GLN E 232 52.86 -30.08 61.26
CA GLN E 232 53.94 -29.35 61.93
C GLN E 232 53.71 -27.84 61.95
N GLN E 233 52.69 -27.40 61.22
CA GLN E 233 52.26 -26.01 61.23
C GLN E 233 53.37 -25.00 60.96
N ARG E 234 53.98 -25.09 59.79
CA ARG E 234 55.05 -24.17 59.37
C ARG E 234 54.50 -23.08 58.45
N GLU E 235 54.96 -21.84 58.65
CA GLU E 235 54.47 -20.72 57.86
C GLU E 235 55.61 -19.97 57.17
N ALA E 236 55.25 -18.94 56.42
CA ALA E 236 56.23 -18.10 55.71
C ALA E 236 57.35 -18.93 55.06
N PRO E 237 56.98 -19.84 54.15
CA PRO E 237 57.92 -20.75 53.49
C PRO E 237 58.81 -20.05 52.46
N CYS E 238 60.06 -20.47 52.39
CA CYS E 238 61.01 -19.94 51.43
C CYS E 238 61.79 -21.07 50.76
N LEU E 239 61.45 -21.36 49.51
CA LEU E 239 62.04 -22.47 48.78
C LEU E 239 63.19 -22.02 47.87
N ILE E 240 64.36 -22.62 48.07
CA ILE E 240 65.54 -22.29 47.26
C ILE E 240 66.31 -23.55 46.87
N LYS E 241 67.44 -23.35 46.19
CA LYS E 241 68.26 -24.46 45.73
C LYS E 241 69.72 -24.02 45.58
N ARG E 242 70.64 -24.89 45.99
CA ARG E 242 72.07 -24.55 45.97
C ARG E 242 72.89 -25.46 45.06
N ASN E 243 73.34 -26.59 45.60
CA ASN E 243 74.16 -27.53 44.83
C ASN E 243 73.48 -28.88 44.66
N GLY E 244 72.34 -28.88 43.98
CA GLY E 244 71.59 -30.12 43.78
C GLY E 244 70.71 -30.42 44.98
N TYR E 245 70.75 -29.52 45.96
CA TYR E 245 69.94 -29.66 47.16
C TYR E 245 68.85 -28.61 47.22
N TYR E 246 67.64 -29.04 47.58
CA TYR E 246 66.55 -28.10 47.80
C TYR E 246 66.51 -27.73 49.27
N TYR E 247 66.25 -26.45 49.56
CA TYR E 247 66.18 -25.96 50.93
C TYR E 247 64.87 -25.24 51.22
N LEU E 248 64.24 -25.58 52.35
CA LEU E 248 62.97 -24.98 52.74
C LEU E 248 63.06 -24.29 54.10
N ILE E 249 63.22 -22.96 54.09
CA ILE E 249 63.24 -22.17 55.31
C ILE E 249 61.84 -21.71 55.70
N THR E 250 61.41 -22.05 56.91
CA THR E 250 60.08 -21.68 57.38
C THR E 250 60.11 -21.05 58.77
N SER E 251 58.95 -20.58 59.22
CA SER E 251 58.83 -20.00 60.56
C SER E 251 57.66 -20.67 61.29
N GLY E 252 57.39 -20.22 62.51
CA GLY E 252 56.27 -20.75 63.27
C GLY E 252 55.01 -19.93 63.07
N CYS E 253 53.87 -20.47 63.48
CA CYS E 253 52.61 -19.77 63.34
C CYS E 253 52.19 -19.13 64.66
N THR E 254 52.71 -17.93 64.93
CA THR E 254 52.43 -17.23 66.17
C THR E 254 52.13 -15.74 65.94
N GLY E 255 51.34 -15.45 64.91
CA GLY E 255 50.94 -14.09 64.61
C GLY E 255 52.10 -13.14 64.34
N TRP E 256 51.98 -11.92 64.86
CA TRP E 256 53.02 -10.91 64.68
C TRP E 256 54.30 -11.30 65.42
N ASN E 257 54.13 -11.86 66.62
CA ASN E 257 55.25 -12.23 67.48
C ASN E 257 56.25 -13.15 66.79
N PRO E 258 57.51 -12.71 66.70
CA PRO E 258 58.58 -13.49 66.07
C PRO E 258 58.83 -14.82 66.79
N ASN E 259 59.25 -15.84 66.03
CA ASN E 259 59.51 -17.16 66.60
C ASN E 259 60.81 -17.78 66.09
N GLN E 260 60.97 -19.08 66.32
CA GLN E 260 62.16 -19.80 65.86
C GLN E 260 62.03 -20.27 64.41
N ALA E 261 62.89 -19.75 63.55
CA ALA E 261 62.91 -20.17 62.15
C ALA E 261 63.67 -21.48 62.00
N LYS E 262 63.14 -22.39 61.18
CA LYS E 262 63.78 -23.68 60.94
C LYS E 262 63.99 -23.91 59.45
N TYR E 263 64.76 -24.95 59.12
CA TYR E 263 65.05 -25.30 57.74
C TYR E 263 65.16 -26.82 57.54
N ALA E 264 65.01 -27.23 56.28
CA ALA E 264 65.16 -28.65 55.93
C ALA E 264 65.69 -28.75 54.51
N TYR E 265 66.27 -29.89 54.17
CA TYR E 265 66.86 -30.09 52.84
C TYR E 265 66.39 -31.40 52.22
N SER E 266 66.58 -31.51 50.91
CA SER E 266 66.23 -32.73 50.19
C SER E 266 66.84 -32.72 48.80
N LYS E 267 67.08 -33.90 48.26
CA LYS E 267 67.66 -34.04 46.93
C LYS E 267 66.56 -33.88 45.89
N ASP E 268 65.33 -34.21 46.28
CA ASP E 268 64.17 -34.09 45.40
C ASP E 268 63.05 -33.29 46.07
N LEU E 269 62.19 -32.67 45.26
CA LEU E 269 61.08 -31.89 45.78
C LEU E 269 59.92 -32.74 46.26
N ALA E 270 59.64 -33.82 45.53
CA ALA E 270 58.52 -34.71 45.85
C ALA E 270 58.66 -35.35 47.22
N SER E 271 59.85 -35.85 47.52
CA SER E 271 60.10 -36.55 48.77
C SER E 271 61.58 -36.54 49.15
N GLY E 272 61.91 -37.17 50.28
CA GLY E 272 63.29 -37.27 50.73
C GLY E 272 63.70 -36.09 51.59
N TRP E 273 62.71 -35.40 52.14
CA TRP E 273 62.94 -34.23 52.98
C TRP E 273 63.43 -34.59 54.37
N SER E 274 64.42 -33.85 54.86
CA SER E 274 64.98 -34.10 56.18
C SER E 274 64.08 -33.52 57.27
N GLN E 275 64.53 -33.66 58.52
CA GLN E 275 63.80 -33.12 59.66
C GLN E 275 64.01 -31.62 59.81
N LEU E 276 63.35 -31.04 60.80
CA LEU E 276 63.45 -29.62 61.06
C LEU E 276 64.66 -29.32 61.94
N TYR E 277 65.56 -28.48 61.44
CA TYR E 277 66.72 -28.05 62.22
C TYR E 277 66.62 -26.56 62.55
N ASN E 278 66.96 -26.20 63.79
CA ASN E 278 66.91 -24.80 64.20
C ASN E 278 67.78 -23.91 63.32
N LEU E 279 67.39 -22.65 63.20
CA LEU E 279 68.09 -21.71 62.33
C LEU E 279 67.98 -20.28 62.85
N GLY E 280 69.07 -19.77 63.42
CA GLY E 280 69.02 -18.47 64.07
C GLY E 280 68.64 -18.64 65.53
N ASN E 281 68.29 -17.54 66.20
CA ASN E 281 67.87 -17.63 67.59
C ASN E 281 66.37 -17.91 67.71
N SER E 282 65.88 -17.96 68.94
CA SER E 282 64.48 -18.30 69.20
C SER E 282 63.52 -17.28 68.62
N THR E 283 64.06 -16.18 68.13
CA THR E 283 63.25 -15.08 67.61
C THR E 283 63.59 -14.71 66.17
N THR E 284 64.46 -15.49 65.54
CA THR E 284 64.95 -15.17 64.21
C THR E 284 65.40 -13.72 64.17
N TYR E 285 65.97 -13.27 65.28
CA TYR E 285 66.45 -11.89 65.40
C TYR E 285 65.31 -10.91 65.17
N ARG E 286 64.17 -11.18 65.82
CA ARG E 286 62.99 -10.34 65.68
C ARG E 286 62.63 -10.07 64.23
N SER E 287 62.35 -11.16 63.50
CA SER E 287 61.95 -11.08 62.10
C SER E 287 61.26 -12.37 61.66
N GLN E 288 60.59 -12.32 60.51
CA GLN E 288 59.95 -13.49 59.93
C GLN E 288 60.39 -13.65 58.48
N PRO E 289 60.83 -14.88 58.12
CA PRO E 289 61.30 -15.16 56.77
C PRO E 289 60.29 -14.72 55.72
N THR E 290 60.77 -14.10 54.64
CA THR E 290 59.87 -13.67 53.58
C THR E 290 60.37 -14.10 52.20
N PHE E 291 61.68 -14.13 52.02
CA PHE E 291 62.24 -14.54 50.73
C PHE E 291 63.77 -14.66 50.82
N ILE E 292 64.32 -15.64 50.10
CA ILE E 292 65.77 -15.84 50.05
C ILE E 292 66.24 -15.88 48.59
N ILE E 293 67.14 -14.96 48.24
CA ILE E 293 67.62 -14.84 46.87
C ILE E 293 69.13 -14.92 46.74
N PRO E 294 69.61 -15.79 45.83
CA PRO E 294 71.05 -15.94 45.58
C PRO E 294 71.61 -14.71 44.87
N VAL E 295 72.64 -14.10 45.44
CA VAL E 295 73.28 -12.93 44.85
C VAL E 295 74.60 -13.32 44.21
N GLN E 296 74.58 -13.57 42.90
CA GLN E 296 75.78 -14.02 42.19
C GLN E 296 76.60 -12.85 41.66
N GLY E 297 77.91 -12.95 41.81
CA GLY E 297 78.82 -11.93 41.33
C GLY E 297 80.08 -12.52 40.73
N SER E 298 81.13 -11.71 40.64
CA SER E 298 82.40 -12.14 40.08
C SER E 298 83.09 -13.17 40.98
N SER E 299 83.19 -12.83 42.26
CA SER E 299 83.85 -13.70 43.24
C SER E 299 83.12 -15.01 43.46
N GLY E 300 81.83 -14.92 43.80
CA GLY E 300 81.03 -16.11 44.05
C GLY E 300 79.56 -15.79 44.26
N THR E 301 78.85 -16.72 44.89
CA THR E 301 77.42 -16.54 45.14
C THR E 301 77.09 -16.56 46.64
N SER E 302 76.55 -15.46 47.13
CA SER E 302 76.13 -15.34 48.53
C SER E 302 74.62 -15.19 48.64
N TYR E 303 73.97 -16.16 49.28
CA TYR E 303 72.52 -16.15 49.44
C TYR E 303 72.06 -15.06 50.40
N LEU E 304 71.10 -14.24 49.96
CA LEU E 304 70.59 -13.14 50.78
C LEU E 304 69.29 -13.52 51.48
N TYR E 305 69.23 -13.29 52.80
CA TYR E 305 68.02 -13.54 53.56
C TYR E 305 67.24 -12.25 53.80
N MET E 306 65.99 -12.23 53.36
CA MET E 306 65.11 -11.09 53.58
C MET E 306 64.05 -11.44 54.63
N GLY E 307 63.88 -10.55 55.62
CA GLY E 307 62.91 -10.77 56.67
C GLY E 307 62.15 -9.53 57.07
N ASP E 308 60.98 -9.72 57.67
CA ASP E 308 60.15 -8.61 58.11
C ASP E 308 60.06 -8.52 59.63
N ARG E 309 60.34 -7.33 60.17
CA ARG E 309 60.12 -7.05 61.58
C ARG E 309 58.77 -6.37 61.76
N TRP E 310 57.72 -7.17 61.81
CA TRP E 310 56.35 -6.65 61.83
C TRP E 310 56.09 -5.72 63.02
N ALA E 311 55.58 -4.53 62.71
CA ALA E 311 55.29 -3.55 63.75
C ALA E 311 54.12 -4.02 64.62
N GLY E 312 53.41 -5.04 64.14
CA GLY E 312 52.28 -5.58 64.88
C GLY E 312 52.72 -6.17 66.19
N ALA E 313 54.00 -6.54 66.27
CA ALA E 313 54.56 -7.13 67.47
C ALA E 313 54.53 -6.16 68.65
N TRP E 314 54.54 -4.86 68.35
CA TRP E 314 54.48 -3.84 69.40
C TRP E 314 53.28 -2.89 69.23
N GLY E 315 52.24 -3.36 68.55
CA GLY E 315 51.01 -2.60 68.43
C GLY E 315 50.93 -1.63 67.27
N GLY E 316 52.02 -1.47 66.54
CA GLY E 316 52.07 -0.57 65.40
C GLY E 316 51.35 -1.15 64.19
N LYS E 317 51.00 -0.29 63.24
CA LYS E 317 50.32 -0.76 62.04
C LYS E 317 51.34 -1.34 61.06
N VAL E 318 50.85 -2.14 60.11
CA VAL E 318 51.71 -2.86 59.17
C VAL E 318 52.72 -1.98 58.44
N ASN E 319 52.30 -0.80 58.01
CA ASN E 319 53.16 0.11 57.27
C ASN E 319 54.31 0.68 58.10
N ASP E 320 54.34 0.32 59.37
CA ASP E 320 55.42 0.74 60.26
C ASP E 320 56.46 -0.37 60.47
N SER E 321 56.23 -1.52 59.85
CA SER E 321 57.14 -2.65 59.95
C SER E 321 58.52 -2.29 59.41
N GLN E 322 59.53 -3.06 59.82
CA GLN E 322 60.90 -2.80 59.42
C GLN E 322 61.47 -4.00 58.65
N TYR E 323 62.73 -3.91 58.26
CA TYR E 323 63.33 -4.98 57.46
C TYR E 323 64.61 -5.52 58.09
N VAL E 324 64.84 -6.82 57.92
CA VAL E 324 66.04 -7.47 58.43
C VAL E 324 66.69 -8.36 57.36
N TRP E 325 67.82 -7.90 56.83
CA TRP E 325 68.55 -8.66 55.82
C TRP E 325 69.85 -9.24 56.37
N LEU E 326 70.02 -10.54 56.22
CA LEU E 326 71.20 -11.24 56.73
C LEU E 326 71.72 -12.22 55.69
N PRO E 327 73.01 -12.55 55.75
CA PRO E 327 73.58 -13.55 54.84
C PRO E 327 73.23 -14.97 55.28
N LEU E 328 72.79 -15.81 54.35
CA LEU E 328 72.54 -17.21 54.67
C LEU E 328 73.75 -18.04 54.26
N ASN E 329 74.54 -18.46 55.26
CA ASN E 329 75.78 -19.17 55.00
C ASN E 329 75.58 -20.68 54.97
N PHE E 330 76.25 -21.34 54.03
CA PHE E 330 76.19 -22.79 53.89
C PHE E 330 77.49 -23.48 54.30
N ILE E 331 77.61 -23.76 55.59
CA ILE E 331 78.77 -24.49 56.12
C ILE E 331 78.92 -25.83 55.41
N SER E 332 77.80 -26.48 55.14
CA SER E 332 77.79 -27.75 54.42
C SER E 332 76.53 -27.86 53.57
N ASP E 333 76.44 -28.89 52.75
CA ASP E 333 75.25 -29.12 51.95
C ASP E 333 74.06 -29.46 52.84
N THR E 334 74.34 -29.77 54.10
CA THR E 334 73.29 -30.16 55.04
C THR E 334 73.27 -29.27 56.29
N THR E 335 74.24 -28.37 56.39
CA THR E 335 74.33 -27.48 57.55
C THR E 335 74.26 -26.01 57.16
N LEU E 336 73.20 -25.33 57.62
CA LEU E 336 73.03 -23.90 57.31
C LEU E 336 73.24 -23.03 58.55
N GLU E 337 73.56 -21.76 58.32
CA GLU E 337 73.87 -20.83 59.39
C GLU E 337 73.38 -19.42 59.07
N LEU E 338 72.64 -18.82 59.99
CA LEU E 338 72.12 -17.47 59.82
C LEU E 338 72.56 -16.55 60.95
N PRO E 339 73.69 -15.86 60.76
CA PRO E 339 74.23 -14.93 61.76
C PRO E 339 73.50 -13.60 61.75
N TYR E 340 73.62 -12.83 62.82
CA TYR E 340 73.02 -11.50 62.89
C TYR E 340 74.08 -10.42 62.95
N TYR E 341 73.96 -9.44 62.06
CA TYR E 341 74.86 -8.31 62.04
C TYR E 341 74.02 -7.04 62.08
N ASP E 342 74.26 -6.21 63.08
CA ASP E 342 73.52 -4.96 63.22
C ASP E 342 73.63 -4.14 61.94
N SER E 343 74.74 -4.34 61.22
CA SER E 343 74.97 -3.69 59.93
C SER E 343 75.59 -4.68 58.94
N VAL E 344 75.02 -4.76 57.74
CA VAL E 344 75.49 -5.70 56.73
C VAL E 344 75.98 -5.01 55.45
N LYS E 345 77.18 -5.36 55.01
CA LYS E 345 77.74 -4.82 53.78
C LYS E 345 77.45 -5.74 52.59
N ILE E 346 76.93 -5.15 51.52
CA ILE E 346 76.59 -5.92 50.32
C ILE E 346 77.32 -5.36 49.11
N ASP E 347 77.89 -6.27 48.30
CA ASP E 347 78.57 -5.89 47.09
C ASP E 347 78.12 -6.81 45.95
N ALA E 348 77.07 -6.38 45.24
CA ALA E 348 76.45 -7.21 44.21
C ALA E 348 77.40 -7.59 43.08
N SER E 349 78.31 -6.69 42.75
CA SER E 349 79.28 -6.93 41.68
C SER E 349 80.14 -8.15 41.96
N SER E 350 80.67 -8.22 43.18
CA SER E 350 81.52 -9.34 43.59
C SER E 350 80.69 -10.50 44.09
N GLY E 351 79.50 -10.20 44.60
CA GLY E 351 78.62 -11.22 45.14
C GLY E 351 78.97 -11.53 46.59
N ILE E 352 79.41 -10.49 47.30
CA ILE E 352 79.81 -10.66 48.70
C ILE E 352 78.77 -10.08 49.65
N ILE E 353 78.34 -10.90 50.60
CA ILE E 353 77.46 -10.46 51.67
C ILE E 353 78.06 -10.84 53.02
N SER E 354 78.67 -9.87 53.68
CA SER E 354 79.35 -10.14 54.95
C SER E 354 79.03 -9.07 55.99
N GLU E 355 79.53 -9.28 57.20
CA GLU E 355 79.34 -8.33 58.29
C GLU E 355 80.07 -7.02 58.03
N TYR E 356 79.44 -5.91 58.37
CA TYR E 356 80.08 -4.60 58.24
C TYR E 356 80.66 -4.12 59.58
N ILE E 357 81.99 -3.99 59.62
CA ILE E 357 82.69 -3.52 60.81
C ILE E 357 83.02 -2.03 60.68
N PRO E 358 82.36 -1.19 61.49
CA PRO E 358 82.55 0.27 61.48
C PRO E 358 84.02 0.66 61.64
N ASP E 359 84.76 -0.08 62.45
CA ASP E 359 86.16 0.21 62.71
C ASP E 359 87.03 -0.98 62.31
N THR E 360 87.65 -0.89 61.13
CA THR E 360 88.42 -2.01 60.60
C THR E 360 89.82 -2.13 61.21
N THR E 361 89.99 -1.54 62.39
CA THR E 361 91.27 -1.63 63.10
C THR E 361 91.49 -3.02 63.68
N ARG E 362 92.58 -3.68 63.26
CA ARG E 362 92.90 -5.02 63.74
C ARG E 362 93.69 -4.98 65.06
N TYR E 363 93.52 -6.02 65.88
CA TYR E 363 94.17 -6.07 67.19
C TYR E 363 94.79 -7.43 67.53
N LYS E 364 95.68 -7.41 68.52
CA LYS E 364 96.24 -8.61 69.11
C LYS E 364 96.02 -8.56 70.62
N LEU E 365 95.51 -9.64 71.19
CA LEU E 365 95.28 -9.70 72.64
C LEU E 365 96.39 -10.48 73.35
N VAL E 366 97.32 -9.75 73.95
CA VAL E 366 98.47 -10.36 74.60
C VAL E 366 98.25 -10.58 76.10
N ASN E 367 98.53 -11.80 76.55
CA ASN E 367 98.41 -12.15 77.96
C ASN E 367 99.61 -11.68 78.78
N LYS E 368 99.33 -11.05 79.92
CA LYS E 368 100.39 -10.52 80.77
C LYS E 368 101.29 -11.62 81.32
N ASN E 369 100.68 -12.72 81.73
CA ASN E 369 101.42 -13.81 82.36
C ASN E 369 102.24 -14.65 81.38
N SER E 370 101.61 -15.07 80.29
CA SER E 370 102.24 -15.97 79.34
C SER E 370 102.97 -15.24 78.22
N GLY E 371 102.51 -14.04 77.89
CA GLY E 371 103.09 -13.29 76.80
C GLY E 371 102.51 -13.75 75.48
N LYS E 372 101.69 -14.80 75.54
CA LYS E 372 101.01 -15.33 74.37
C LYS E 372 99.83 -14.44 73.96
N VAL E 373 99.30 -14.69 72.77
CA VAL E 373 98.19 -13.90 72.25
C VAL E 373 96.94 -14.75 72.04
N LEU E 374 95.78 -14.11 72.05
CA LEU E 374 94.51 -14.81 71.83
C LEU E 374 94.46 -15.35 70.41
N ASP E 375 94.10 -16.62 70.26
CA ASP E 375 94.15 -17.27 68.95
C ASP E 375 93.09 -18.36 68.83
N VAL E 376 92.94 -18.90 67.63
CA VAL E 376 92.04 -20.02 67.39
C VAL E 376 92.82 -21.30 67.13
N LEU E 377 92.41 -22.39 67.76
CA LEU E 377 93.10 -23.67 67.62
C LEU E 377 93.24 -24.08 66.15
N ASP E 378 94.47 -24.31 65.73
CA ASP E 378 94.76 -24.71 64.34
C ASP E 378 94.35 -23.65 63.32
N GLY E 379 94.11 -22.43 63.78
CA GLY E 379 93.69 -21.36 62.90
C GLY E 379 92.48 -21.73 62.07
N SER E 380 91.57 -22.49 62.67
CA SER E 380 90.38 -22.97 61.96
C SER E 380 89.32 -21.90 61.80
N VAL E 381 88.59 -21.97 60.68
CA VAL E 381 87.49 -21.05 60.43
C VAL E 381 86.17 -21.73 60.70
N ASP E 382 86.24 -22.99 61.14
CA ASP E 382 85.08 -23.79 61.48
C ASP E 382 84.35 -23.24 62.69
N ASN E 383 83.05 -23.51 62.78
CA ASN E 383 82.24 -23.01 63.88
C ASN E 383 82.52 -23.76 65.18
N ALA E 384 82.36 -23.05 66.30
CA ALA E 384 82.59 -23.63 67.63
C ALA E 384 84.04 -24.03 67.88
N ALA E 385 84.94 -23.54 67.04
CA ALA E 385 86.37 -23.86 67.20
C ALA E 385 86.91 -23.39 68.54
N GLN E 386 87.81 -24.17 69.12
CA GLN E 386 88.38 -23.88 70.44
C GLN E 386 89.28 -22.65 70.39
N ILE E 387 89.15 -21.79 71.40
CA ILE E 387 89.98 -20.60 71.52
C ILE E 387 91.15 -20.83 72.47
N VAL E 388 92.37 -20.75 71.94
CA VAL E 388 93.56 -20.98 72.73
C VAL E 388 94.56 -19.84 72.63
N GLN E 389 95.48 -19.77 73.59
CA GLN E 389 96.54 -18.77 73.54
C GLN E 389 97.76 -19.36 72.84
N TRP E 390 98.19 -18.72 71.77
CA TRP E 390 99.36 -19.17 71.03
C TRP E 390 100.44 -18.10 71.00
N THR E 391 101.62 -18.47 70.52
CA THR E 391 102.73 -17.52 70.43
C THR E 391 102.45 -16.48 69.36
N ASP E 392 103.03 -15.29 69.51
CA ASP E 392 102.83 -14.22 68.54
C ASP E 392 103.57 -14.55 67.25
N ASN E 393 102.83 -15.04 66.27
CA ASN E 393 103.41 -15.40 64.97
C ASN E 393 102.89 -14.51 63.84
N GLY E 394 102.01 -13.58 64.19
CA GLY E 394 101.46 -12.64 63.22
C GLY E 394 100.47 -13.29 62.29
N SER E 395 100.15 -14.55 62.55
CA SER E 395 99.20 -15.30 61.73
C SER E 395 97.86 -14.57 61.66
N LEU E 396 97.11 -14.82 60.60
CA LEU E 396 95.81 -14.16 60.42
C LEU E 396 94.79 -14.64 61.46
N SER E 397 95.06 -15.80 62.05
CA SER E 397 94.15 -16.38 63.04
C SER E 397 94.21 -15.67 64.39
N GLN E 398 95.16 -14.75 64.54
CA GLN E 398 95.39 -14.09 65.82
C GLN E 398 95.03 -12.60 65.78
N GLN E 399 94.24 -12.20 64.79
CA GLN E 399 93.81 -10.81 64.67
C GLN E 399 92.31 -10.68 64.89
N TRP E 400 91.91 -9.61 65.56
CA TRP E 400 90.52 -9.45 65.97
C TRP E 400 90.00 -8.02 65.76
N TYR E 401 88.75 -7.92 65.33
CA TYR E 401 88.06 -6.64 65.21
C TYR E 401 87.31 -6.32 66.49
N LEU E 402 87.06 -5.04 66.74
CA LEU E 402 86.25 -4.66 67.89
C LEU E 402 84.97 -3.91 67.49
N VAL E 403 83.86 -4.64 67.43
CA VAL E 403 82.59 -4.05 67.01
C VAL E 403 81.75 -3.62 68.21
N ASP E 404 81.51 -2.31 68.32
CA ASP E 404 80.74 -1.74 69.41
C ASP E 404 79.26 -2.15 69.30
N VAL E 405 78.71 -2.72 70.38
CA VAL E 405 77.32 -3.18 70.40
C VAL E 405 76.46 -2.42 71.40
N GLY E 406 76.97 -1.28 71.88
CA GLY E 406 76.22 -0.45 72.81
C GLY E 406 76.18 -1.00 74.22
N GLY E 407 76.04 -0.10 75.18
CA GLY E 407 75.98 -0.46 76.58
C GLY E 407 77.37 -0.54 77.20
N GLY E 408 78.38 -0.22 76.40
CA GLY E 408 79.75 -0.26 76.85
C GLY E 408 80.41 -1.59 76.56
N TYR E 409 79.64 -2.51 75.99
CA TYR E 409 80.13 -3.83 75.63
C TYR E 409 80.50 -3.90 74.15
N LYS E 410 81.33 -4.87 73.79
CA LYS E 410 81.81 -4.99 72.42
C LYS E 410 81.91 -6.44 71.97
N LYS E 411 81.90 -6.65 70.66
CA LYS E 411 82.09 -7.98 70.09
C LYS E 411 83.55 -8.18 69.70
N ILE E 412 84.11 -9.31 70.10
CA ILE E 412 85.46 -9.68 69.72
C ILE E 412 85.43 -10.63 68.52
N VAL E 413 85.54 -10.06 67.32
CA VAL E 413 85.41 -10.83 66.10
C VAL E 413 86.75 -11.19 65.47
N ASN E 414 86.97 -12.49 65.23
CA ASN E 414 88.17 -12.96 64.58
C ASN E 414 88.24 -12.44 63.14
N VAL E 415 89.45 -12.30 62.61
CA VAL E 415 89.62 -11.78 61.26
C VAL E 415 89.58 -12.86 60.19
N LYS E 416 90.31 -13.96 60.41
CA LYS E 416 90.34 -15.06 59.45
C LYS E 416 88.94 -15.60 59.21
N SER E 417 88.20 -15.79 60.30
CA SER E 417 86.81 -16.21 60.23
C SER E 417 85.93 -15.13 60.84
N GLY E 418 84.83 -14.81 60.17
CA GLY E 418 83.95 -13.74 60.62
C GLY E 418 83.25 -14.03 61.93
N ARG E 419 83.60 -15.16 62.56
CA ARG E 419 82.95 -15.56 63.80
C ARG E 419 83.42 -14.74 64.99
N ALA E 420 82.63 -14.75 66.06
CA ALA E 420 82.92 -13.96 67.25
C ALA E 420 83.23 -14.82 68.47
N LEU E 421 83.95 -14.24 69.43
CA LEU E 421 84.31 -14.90 70.67
C LEU E 421 83.10 -14.96 71.59
N ASP E 422 82.77 -16.15 72.08
CA ASP E 422 81.62 -16.31 72.96
C ASP E 422 81.80 -17.40 74.02
N VAL E 423 81.09 -17.24 75.14
CA VAL E 423 81.08 -18.23 76.19
C VAL E 423 80.21 -19.42 75.80
N LYS E 424 80.85 -20.57 75.60
CA LYS E 424 80.17 -21.77 75.12
C LYS E 424 78.93 -22.12 75.93
N ASP E 425 77.83 -22.43 75.24
CA ASP E 425 76.58 -22.85 75.89
C ASP E 425 76.06 -21.84 76.91
N GLU E 426 76.39 -20.57 76.71
CA GLU E 426 75.98 -19.52 77.63
C GLU E 426 76.24 -19.96 79.07
N SER E 427 77.45 -20.43 79.32
CA SER E 427 77.83 -20.91 80.65
C SER E 427 77.97 -19.78 81.66
N LYS E 428 77.69 -20.09 82.93
CA LYS E 428 77.79 -19.13 84.01
C LYS E 428 78.81 -19.58 85.05
N GLU E 429 79.45 -20.71 84.81
CA GLU E 429 80.34 -21.31 85.80
C GLU E 429 81.82 -21.08 85.50
N ASP E 430 82.66 -21.22 86.52
CA ASP E 430 84.10 -21.13 86.34
C ASP E 430 84.58 -22.26 85.44
N GLY E 431 85.61 -22.00 84.66
CA GLY E 431 86.12 -23.02 83.75
C GLY E 431 85.33 -23.09 82.46
N GLY E 432 84.38 -22.18 82.31
CA GLY E 432 83.58 -22.11 81.10
C GLY E 432 84.45 -21.85 79.90
N VAL E 433 84.62 -22.87 79.06
CA VAL E 433 85.50 -22.77 77.90
C VAL E 433 84.97 -21.78 76.88
N LEU E 434 85.88 -21.04 76.25
CA LEU E 434 85.53 -20.08 75.21
C LEU E 434 85.80 -20.60 73.81
N ILE E 435 84.85 -20.35 72.91
CA ILE E 435 84.98 -20.77 71.51
C ILE E 435 84.58 -19.62 70.60
N GLN E 436 84.92 -19.76 69.31
CA GLN E 436 84.46 -18.81 68.30
C GLN E 436 83.16 -19.34 67.70
N TYR E 437 82.12 -18.52 67.67
CA TYR E 437 80.83 -18.96 67.21
C TYR E 437 80.17 -17.92 66.31
N THR E 438 79.21 -18.34 65.51
CA THR E 438 78.52 -17.41 64.62
C THR E 438 77.83 -16.32 65.43
N SER E 439 77.87 -15.10 64.94
CA SER E 439 77.23 -13.97 65.61
C SER E 439 75.72 -14.14 65.73
N ASN E 440 75.20 -13.98 66.94
CA ASN E 440 73.75 -14.12 67.17
C ASN E 440 73.19 -13.11 68.16
N GLY E 441 73.97 -12.07 68.48
CA GLY E 441 73.51 -11.01 69.35
C GLY E 441 73.32 -11.43 70.80
N GLY E 442 73.71 -12.66 71.12
CA GLY E 442 73.61 -13.17 72.48
C GLY E 442 74.57 -12.44 73.41
N TYR E 443 74.19 -12.28 74.67
CA TYR E 443 75.03 -11.56 75.64
C TYR E 443 76.31 -12.32 76.00
N ASN E 444 76.38 -13.59 75.66
CA ASN E 444 77.59 -14.37 75.88
C ASN E 444 78.64 -14.02 74.83
N GLN E 445 78.28 -13.11 73.92
CA GLN E 445 79.19 -12.66 72.88
C GLN E 445 79.58 -11.19 73.07
N HIS E 446 79.12 -10.60 74.16
CA HIS E 446 79.45 -9.21 74.47
C HIS E 446 80.47 -9.14 75.60
N TRP E 447 81.49 -8.31 75.42
CA TRP E 447 82.57 -8.20 76.39
C TRP E 447 82.83 -6.75 76.76
N LYS E 448 83.08 -6.51 78.05
CA LYS E 448 83.42 -5.18 78.52
C LYS E 448 84.91 -5.06 78.81
N PHE E 449 85.50 -3.95 78.36
CA PHE E 449 86.93 -3.72 78.58
C PHE E 449 87.16 -2.78 79.74
N THR E 450 87.77 -3.30 80.80
CA THR E 450 88.06 -2.50 81.99
C THR E 450 89.56 -2.22 82.10
N ASP E 451 89.94 -0.96 81.94
CA ASP E 451 91.33 -0.56 82.01
C ASP E 451 91.87 -0.63 83.43
N ILE E 452 93.00 -1.32 83.59
CA ILE E 452 93.62 -1.46 84.89
C ILE E 452 95.02 -0.83 84.90
N GLY E 453 95.34 -0.12 83.83
CA GLY E 453 96.60 0.58 83.72
C GLY E 453 97.62 -0.11 82.84
N ASP E 454 98.58 0.67 82.33
CA ASP E 454 99.64 0.16 81.47
C ASP E 454 99.11 -0.57 80.23
N GLY E 455 97.97 -0.09 79.72
CA GLY E 455 97.37 -0.66 78.52
C GLY E 455 96.90 -2.09 78.68
N TYR E 456 96.68 -2.52 79.91
CA TYR E 456 96.16 -3.86 80.18
C TYR E 456 94.70 -3.76 80.61
N TYR E 457 93.91 -4.76 80.20
CA TYR E 457 92.47 -4.75 80.46
C TYR E 457 91.97 -6.04 81.10
N LYS E 458 90.87 -5.93 81.83
CA LYS E 458 90.12 -7.09 82.32
C LYS E 458 88.84 -7.24 81.50
N ILE E 459 88.84 -8.19 80.58
CA ILE E 459 87.70 -8.40 79.69
C ILE E 459 86.64 -9.28 80.34
N SER E 460 85.53 -8.66 80.75
CA SER E 460 84.46 -9.38 81.42
C SER E 460 83.28 -9.68 80.49
N SER E 461 82.60 -10.79 80.74
CA SER E 461 81.45 -11.17 79.93
C SER E 461 80.19 -10.42 80.39
N ARG E 462 79.34 -10.09 79.42
CA ARG E 462 78.11 -9.36 79.73
C ARG E 462 77.09 -10.29 80.39
N HIS E 463 77.29 -11.60 80.22
CA HIS E 463 76.36 -12.59 80.72
C HIS E 463 76.39 -12.71 82.24
N CYS E 464 77.56 -13.03 82.78
CA CYS E 464 77.70 -13.22 84.23
C CYS E 464 78.69 -12.24 84.85
N GLY E 465 79.71 -11.85 84.08
CA GLY E 465 80.69 -10.88 84.55
C GLY E 465 82.07 -11.47 84.73
N LYS E 466 82.21 -12.76 84.49
CA LYS E 466 83.51 -13.43 84.63
C LYS E 466 84.47 -12.95 83.55
N LEU E 467 85.77 -13.09 83.82
CA LEU E 467 86.80 -12.56 82.91
C LEU E 467 87.35 -13.63 81.97
N ILE E 468 87.97 -13.18 80.89
CA ILE E 468 88.69 -14.07 79.99
C ILE E 468 89.94 -14.59 80.66
N ASP E 469 89.99 -15.91 80.86
CA ASP E 469 91.04 -16.54 81.65
C ASP E 469 91.88 -17.56 80.88
N VAL E 470 93.15 -17.65 81.22
CA VAL E 470 94.02 -18.69 80.68
C VAL E 470 94.07 -19.87 81.64
N ARG E 471 93.56 -21.02 81.19
CA ARG E 471 93.42 -22.20 82.05
C ARG E 471 94.69 -22.54 82.83
N LYS E 472 94.61 -22.43 84.15
CA LYS E 472 95.70 -22.83 85.04
C LYS E 472 96.98 -22.02 84.81
N TRP E 473 96.83 -20.73 84.49
CA TRP E 473 98.00 -19.86 84.31
C TRP E 473 98.98 -20.43 83.29
N SER E 474 98.48 -21.27 82.39
CA SER E 474 99.32 -21.93 81.39
C SER E 474 100.22 -20.93 80.66
N THR E 475 101.42 -21.37 80.33
CA THR E 475 102.39 -20.50 79.65
C THR E 475 102.80 -21.11 78.32
N GLU E 476 102.20 -22.23 77.96
CA GLU E 476 102.56 -22.93 76.74
C GLU E 476 101.56 -22.69 75.61
N ASP E 477 101.92 -23.10 74.41
CA ASP E 477 101.02 -22.99 73.27
C ASP E 477 99.84 -23.94 73.45
N GLY E 478 98.69 -23.54 72.93
CA GLY E 478 97.48 -24.32 73.06
C GLY E 478 96.85 -24.15 74.42
N GLY E 479 97.36 -23.17 75.17
CA GLY E 479 96.81 -22.86 76.48
C GLY E 479 95.34 -22.50 76.34
N ILE E 480 94.47 -23.37 76.83
CA ILE E 480 93.03 -23.17 76.68
C ILE E 480 92.53 -21.88 77.32
N ILE E 481 91.89 -21.04 76.52
CA ILE E 481 91.26 -19.82 77.02
C ILE E 481 89.87 -20.15 77.54
N GLN E 482 89.54 -19.65 78.72
CA GLN E 482 88.27 -19.99 79.36
C GLN E 482 87.63 -18.79 80.06
N GLN E 483 86.78 -19.09 81.02
CA GLN E 483 86.04 -18.09 81.77
C GLN E 483 86.21 -18.35 83.25
N TRP E 484 86.49 -17.29 84.01
CA TRP E 484 86.74 -17.44 85.44
C TRP E 484 86.42 -16.15 86.19
N SER E 485 86.13 -16.27 87.48
CA SER E 485 85.84 -15.11 88.31
C SER E 485 87.06 -14.21 88.42
N ASP E 486 86.83 -12.94 88.70
CA ASP E 486 87.92 -11.98 88.85
C ASP E 486 88.80 -12.37 90.03
N ALA E 487 90.00 -12.85 89.73
CA ALA E 487 90.93 -13.30 90.76
C ALA E 487 92.13 -12.38 90.88
N GLY E 488 92.19 -11.38 90.00
CA GLY E 488 93.26 -10.40 90.02
C GLY E 488 94.59 -10.96 89.55
N GLY E 489 94.55 -12.15 88.95
CA GLY E 489 95.75 -12.78 88.44
C GLY E 489 96.15 -12.19 87.10
N THR E 490 97.45 -12.20 86.83
CA THR E 490 98.00 -11.66 85.58
C THR E 490 97.57 -12.50 84.38
N ASN E 491 97.08 -13.70 84.64
CA ASN E 491 96.59 -14.58 83.58
C ASN E 491 95.23 -14.11 83.08
N GLN E 492 94.67 -13.11 83.76
CA GLN E 492 93.36 -12.57 83.40
C GLN E 492 93.50 -11.16 82.83
N HIS E 493 94.74 -10.73 82.63
CA HIS E 493 95.01 -9.40 82.11
C HIS E 493 95.49 -9.50 80.67
N TRP E 494 94.94 -8.66 79.80
CA TRP E 494 95.28 -8.68 78.38
C TRP E 494 95.64 -7.30 77.86
N LYS E 495 96.65 -7.25 77.01
CA LYS E 495 97.10 -5.99 76.44
C LYS E 495 96.62 -5.87 74.99
N LEU E 496 96.04 -4.72 74.67
CA LEU E 496 95.48 -4.50 73.33
C LEU E 496 96.53 -3.87 72.42
N VAL E 497 97.03 -4.66 71.47
CA VAL E 497 98.09 -4.22 70.56
C VAL E 497 97.61 -4.07 69.11
N LEU E 498 97.86 -2.90 68.53
CA LEU E 498 97.46 -2.64 67.15
C LEU E 498 98.38 -3.38 66.17
N VAL E 499 97.87 -3.69 65.00
CA VAL E 499 98.65 -4.39 63.98
C VAL E 499 98.25 -3.98 62.58
N GLU F 39 7.13 -3.57 9.00
CA GLU F 39 6.88 -3.69 10.43
C GLU F 39 7.91 -4.59 11.10
N GLY F 40 7.50 -5.30 12.15
CA GLY F 40 8.38 -6.20 12.85
C GLY F 40 8.58 -7.51 12.10
N VAL F 41 9.16 -7.40 10.90
CA VAL F 41 9.35 -8.56 10.05
C VAL F 41 10.83 -8.79 9.77
N ILE F 42 11.22 -10.06 9.69
CA ILE F 42 12.60 -10.43 9.43
C ILE F 42 12.72 -11.29 8.18
N VAL F 43 13.71 -11.00 7.34
CA VAL F 43 13.93 -11.79 6.13
C VAL F 43 15.11 -12.72 6.29
N ASN F 44 14.83 -14.02 6.46
CA ASN F 44 15.88 -15.01 6.65
C ASN F 44 16.76 -15.19 5.42
N GLY F 45 18.00 -15.63 5.64
CA GLY F 45 18.93 -15.87 4.55
C GLY F 45 19.64 -14.61 4.09
N THR F 46 19.61 -13.58 4.92
CA THR F 46 20.25 -12.31 4.60
C THR F 46 21.03 -11.76 5.79
N GLN F 47 21.87 -10.76 5.54
CA GLN F 47 22.61 -10.09 6.60
C GLN F 47 21.79 -8.94 7.16
N PHE F 48 21.24 -9.12 8.35
CA PHE F 48 20.45 -8.09 9.00
C PHE F 48 21.27 -6.81 9.14
N LYS F 49 20.59 -5.66 9.06
CA LYS F 49 21.29 -4.38 9.24
C LYS F 49 20.85 -3.71 10.54
N ASP F 50 21.78 -2.98 11.16
CA ASP F 50 21.49 -2.27 12.39
C ASP F 50 20.80 -0.95 12.10
N THR F 51 20.47 -0.21 13.15
CA THR F 51 19.77 1.07 13.00
C THR F 51 20.60 2.10 12.26
N SER F 52 21.88 1.81 12.07
CA SER F 52 22.77 2.73 11.38
C SER F 52 22.96 2.37 9.91
N GLY F 53 22.34 1.28 9.48
CA GLY F 53 22.39 0.87 8.09
C GLY F 53 23.53 -0.09 7.77
N ASN F 54 24.35 -0.37 8.78
CA ASN F 54 25.47 -1.29 8.63
C ASN F 54 25.06 -2.74 8.86
N VAL F 55 25.75 -3.66 8.20
CA VAL F 55 25.48 -5.09 8.39
C VAL F 55 25.84 -5.52 9.81
N ILE F 56 24.99 -6.34 10.41
CA ILE F 56 25.22 -6.81 11.77
C ILE F 56 26.25 -7.95 11.76
N HIS F 57 27.37 -7.73 12.44
CA HIS F 57 28.39 -8.78 12.55
C HIS F 57 28.39 -9.42 13.92
N ALA F 58 27.52 -10.40 14.11
CA ALA F 58 27.44 -11.15 15.36
C ALA F 58 27.19 -12.61 15.04
N HIS F 59 28.18 -13.26 14.43
CA HIS F 59 28.01 -14.63 13.96
C HIS F 59 28.20 -15.66 15.06
N GLY F 60 27.47 -16.78 14.94
CA GLY F 60 27.53 -17.84 15.92
C GLY F 60 27.39 -17.32 17.34
N GLY F 61 26.53 -16.33 17.50
CA GLY F 61 26.38 -15.68 18.79
C GLY F 61 25.15 -16.13 19.55
N GLY F 62 24.88 -15.47 20.67
CA GLY F 62 23.71 -15.78 21.47
C GLY F 62 23.00 -14.50 21.87
N MET F 63 22.01 -14.62 22.74
CA MET F 63 21.25 -13.45 23.16
C MET F 63 20.93 -13.50 24.65
N LEU F 64 20.89 -12.32 25.27
CA LEU F 64 20.61 -12.21 26.69
C LEU F 64 19.45 -11.25 26.93
N LYS F 65 18.51 -11.66 27.77
CA LYS F 65 17.38 -10.81 28.12
C LYS F 65 17.56 -10.20 29.51
N HIS F 66 17.98 -8.93 29.53
CA HIS F 66 18.18 -8.21 30.79
C HIS F 66 17.49 -6.86 30.77
N GLY F 67 16.68 -6.61 31.80
CA GLY F 67 15.89 -5.38 31.85
C GLY F 67 14.86 -5.35 30.75
N ASP F 68 14.78 -4.22 30.05
CA ASP F 68 13.82 -4.07 28.96
C ASP F 68 14.48 -4.31 27.61
N TYR F 69 15.76 -4.70 27.64
CA TYR F 69 16.53 -4.84 26.40
C TYR F 69 16.99 -6.26 26.13
N TYR F 70 17.08 -6.60 24.85
CA TYR F 70 17.72 -7.83 24.42
C TYR F 70 19.12 -7.52 23.92
N TYR F 71 20.10 -8.29 24.36
CA TYR F 71 21.49 -8.08 23.96
C TYR F 71 22.00 -9.25 23.12
N TRP F 72 22.40 -8.93 21.89
CA TRP F 72 22.85 -9.92 20.94
C TRP F 72 24.36 -9.88 20.76
N TYR F 73 25.06 -10.88 21.30
CA TYR F 73 26.51 -10.95 21.17
C TYR F 73 26.89 -11.93 20.06
N GLY F 74 28.03 -11.71 19.44
CA GLY F 74 28.48 -12.59 18.36
C GLY F 74 29.89 -12.29 17.87
N GLU F 75 30.39 -13.16 17.00
CA GLU F 75 31.73 -13.03 16.45
C GLU F 75 31.83 -11.84 15.49
N TYR F 76 33.01 -11.23 15.45
CA TYR F 76 33.32 -10.16 14.52
C TYR F 76 34.73 -10.41 13.99
N ARG F 77 34.82 -10.94 12.78
CA ARG F 77 36.09 -11.37 12.22
C ARG F 77 36.53 -10.54 11.01
N ASP F 78 37.83 -10.56 10.72
CA ASP F 78 38.36 -9.84 9.56
C ASP F 78 38.30 -10.73 8.32
N ASP F 79 38.90 -10.27 7.23
CA ASP F 79 38.89 -11.02 5.98
C ASP F 79 39.67 -12.34 6.06
N SER F 80 40.59 -12.42 7.01
CA SER F 80 41.41 -13.61 7.21
C SER F 80 40.81 -14.55 8.25
N ASN F 81 39.52 -14.41 8.49
CA ASN F 81 38.82 -15.23 9.49
C ASN F 81 39.48 -15.19 10.86
N LEU F 82 40.15 -14.08 11.17
CA LEU F 82 40.77 -13.90 12.47
C LEU F 82 39.89 -13.06 13.39
N PHE F 83 40.11 -13.21 14.70
CA PHE F 83 39.31 -12.53 15.71
C PHE F 83 39.57 -11.03 15.78
N LEU F 84 38.50 -10.24 15.61
CA LEU F 84 38.60 -8.80 15.80
C LEU F 84 37.91 -8.36 17.08
N GLY F 85 36.80 -9.00 17.40
CA GLY F 85 36.08 -8.69 18.62
C GLY F 85 34.74 -9.39 18.74
N VAL F 86 34.14 -9.30 19.92
CA VAL F 86 32.80 -9.80 20.15
C VAL F 86 31.84 -8.60 20.22
N SER F 87 31.03 -8.46 19.18
CA SER F 87 30.15 -7.29 19.05
C SER F 87 28.88 -7.45 19.87
N CYS F 88 28.33 -6.31 20.30
CA CYS F 88 27.11 -6.29 21.09
C CYS F 88 26.05 -5.43 20.43
N TYR F 89 24.86 -6.02 20.22
CA TYR F 89 23.75 -5.30 19.62
C TYR F 89 22.54 -5.33 20.55
N ARG F 90 21.95 -4.16 20.79
CA ARG F 90 20.83 -4.02 21.72
C ARG F 90 19.51 -3.77 20.98
N SER F 91 18.40 -4.22 21.57
CA SER F 91 17.09 -4.04 20.97
C SER F 91 15.95 -4.31 21.95
N LYS F 92 14.79 -3.71 21.70
CA LYS F 92 13.61 -3.96 22.52
C LYS F 92 12.59 -4.84 21.80
N ASP F 93 12.60 -4.78 20.48
CA ASP F 93 11.60 -5.47 19.66
C ASP F 93 12.16 -6.66 18.90
N LEU F 94 13.47 -6.89 19.03
CA LEU F 94 14.13 -8.01 18.36
C LEU F 94 14.20 -7.83 16.84
N VAL F 95 13.77 -6.66 16.37
CA VAL F 95 13.80 -6.38 14.93
C VAL F 95 14.76 -5.24 14.60
N ASN F 96 14.76 -4.19 15.42
CA ASN F 96 15.66 -3.06 15.22
C ASN F 96 16.82 -3.08 16.20
N TRP F 97 18.02 -3.36 15.69
CA TRP F 97 19.18 -3.51 16.55
C TRP F 97 20.11 -2.31 16.53
N GLU F 98 20.46 -1.82 17.71
CA GLU F 98 21.37 -0.68 17.85
C GLU F 98 22.78 -1.16 18.20
N TYR F 99 23.74 -0.84 17.34
CA TYR F 99 25.13 -1.25 17.55
C TYR F 99 25.72 -0.59 18.78
N ARG F 100 26.33 -1.40 19.66
CA ARG F 100 26.87 -0.90 20.91
C ARG F 100 28.39 -1.02 21.01
N GLY F 101 29.00 -1.50 19.93
CA GLY F 101 30.45 -1.64 19.88
C GLY F 101 30.93 -3.01 20.32
N GLU F 102 32.25 -3.18 20.39
CA GLU F 102 32.84 -4.44 20.82
C GLU F 102 33.00 -4.51 22.33
N VAL F 103 32.28 -5.44 22.96
CA VAL F 103 32.41 -5.65 24.40
C VAL F 103 33.72 -6.37 24.70
N LEU F 104 34.31 -6.97 23.68
CA LEU F 104 35.62 -7.59 23.78
C LEU F 104 36.31 -7.52 22.42
N SER F 105 37.62 -7.29 22.43
CA SER F 105 38.35 -7.14 21.17
C SER F 105 39.68 -7.87 21.18
N ARG F 106 40.35 -7.86 20.03
CA ARG F 106 41.66 -8.49 19.89
C ARG F 106 42.72 -7.72 20.69
N ASN F 107 42.32 -6.56 21.21
CA ASN F 107 43.22 -5.73 21.99
C ASN F 107 43.01 -5.87 23.49
N SER F 108 41.96 -6.60 23.87
CA SER F 108 41.62 -6.78 25.28
C SER F 108 42.67 -7.59 26.03
N ALA F 109 43.49 -8.33 25.29
CA ALA F 109 44.54 -9.15 25.88
C ALA F 109 45.56 -9.57 24.83
N PRO F 110 46.83 -9.72 25.24
CA PRO F 110 47.90 -10.09 24.30
C PRO F 110 47.61 -11.41 23.58
N GLU F 111 47.02 -12.38 24.27
CA GLU F 111 46.73 -13.66 23.65
C GLU F 111 45.53 -13.57 22.72
N LEU F 112 44.98 -12.37 22.60
CA LEU F 112 43.85 -12.14 21.71
C LEU F 112 44.26 -11.33 20.48
N ASN F 113 45.47 -10.78 20.50
CA ASN F 113 45.99 -9.99 19.38
C ASN F 113 45.85 -10.73 18.05
N HIS F 114 46.29 -11.98 18.00
CA HIS F 114 46.19 -12.79 16.80
C HIS F 114 45.63 -14.16 17.15
N CYS F 115 44.32 -14.32 17.01
CA CYS F 115 43.67 -15.58 17.40
C CYS F 115 42.32 -15.77 16.71
N ASN F 116 41.54 -16.71 17.25
CA ASN F 116 40.21 -17.02 16.73
C ASN F 116 39.23 -17.39 17.82
N ILE F 117 38.30 -16.48 18.11
CA ILE F 117 37.25 -16.71 19.10
C ILE F 117 35.95 -17.12 18.40
N GLU F 118 35.29 -18.14 18.93
CA GLU F 118 34.06 -18.64 18.32
C GLU F 118 32.91 -18.83 19.31
N ARG F 119 31.70 -18.52 18.86
CA ARG F 119 30.49 -18.77 19.64
C ARG F 119 30.52 -18.18 21.04
N PRO F 120 30.75 -16.86 21.13
CA PRO F 120 30.72 -16.21 22.45
C PRO F 120 29.31 -16.13 22.99
N LYS F 121 29.13 -16.51 24.25
CA LYS F 121 27.82 -16.47 24.89
C LYS F 121 27.90 -15.68 26.20
N VAL F 122 26.82 -14.99 26.53
CA VAL F 122 26.78 -14.18 27.75
C VAL F 122 25.67 -14.62 28.68
N MET F 123 26.00 -14.80 29.95
CA MET F 123 25.04 -15.20 30.97
C MET F 123 25.07 -14.22 32.13
N TYR F 124 23.92 -13.99 32.76
CA TYR F 124 23.83 -13.08 33.89
C TYR F 124 23.77 -13.82 35.22
N ASN F 125 24.59 -13.37 36.16
CA ASN F 125 24.62 -13.96 37.49
C ASN F 125 23.83 -13.10 38.47
N ALA F 126 22.68 -13.61 38.90
CA ALA F 126 21.76 -12.87 39.75
C ALA F 126 22.40 -12.45 41.07
N SER F 127 23.17 -13.35 41.68
CA SER F 127 23.77 -13.08 42.97
C SER F 127 24.91 -12.07 42.92
N THR F 128 25.86 -12.28 42.01
CA THR F 128 27.01 -11.39 41.90
C THR F 128 26.67 -10.12 41.14
N GLY F 129 25.61 -10.17 40.34
CA GLY F 129 25.17 -9.02 39.56
C GLY F 129 26.12 -8.72 38.43
N GLU F 130 26.96 -9.69 38.08
CA GLU F 130 27.93 -9.54 37.02
C GLU F 130 27.55 -10.35 35.78
N PHE F 131 27.98 -9.87 34.61
CA PHE F 131 27.75 -10.58 33.36
C PHE F 131 28.99 -11.37 32.96
N VAL F 132 28.84 -12.67 32.81
CA VAL F 132 29.96 -13.54 32.46
C VAL F 132 29.85 -13.99 31.00
N MET F 133 30.97 -13.91 30.28
CA MET F 133 31.01 -14.30 28.88
C MET F 133 31.88 -15.55 28.70
N TRP F 134 31.30 -16.58 28.08
CA TRP F 134 32.06 -17.80 27.77
C TRP F 134 32.24 -17.94 26.26
N MET F 135 33.41 -18.42 25.85
CA MET F 135 33.73 -18.48 24.43
C MET F 135 34.67 -19.63 24.09
N HIS F 136 34.77 -19.96 22.81
CA HIS F 136 35.68 -20.98 22.32
C HIS F 136 36.95 -20.33 21.78
N TRP F 137 38.08 -20.56 22.45
CA TRP F 137 39.35 -19.95 22.06
C TRP F 137 40.17 -20.87 21.16
N GLU F 138 40.81 -20.27 20.16
CA GLU F 138 41.69 -21.00 19.27
C GLU F 138 42.78 -20.06 18.79
N ASN F 139 43.87 -20.64 18.26
CA ASN F 139 44.90 -19.83 17.63
C ASN F 139 44.50 -19.53 16.20
N GLY F 140 45.25 -18.65 15.55
CA GLY F 140 44.91 -18.25 14.21
C GLY F 140 45.12 -19.36 13.20
N ILE F 141 45.94 -20.34 13.55
CA ILE F 141 46.31 -21.39 12.60
C ILE F 141 45.28 -22.53 12.49
N ASN F 142 44.98 -23.19 13.62
CA ASN F 142 44.08 -24.34 13.57
C ASN F 142 43.17 -24.47 14.78
N TYR F 143 42.48 -25.61 14.86
CA TYR F 143 41.57 -25.87 15.98
C TYR F 143 42.16 -26.92 16.92
N GLY F 144 43.49 -26.99 16.93
CA GLY F 144 44.22 -27.98 17.71
C GLY F 144 44.22 -27.70 19.19
N GLN F 145 44.18 -26.41 19.55
CA GLN F 145 44.23 -25.98 20.93
C GLN F 145 42.95 -26.33 21.71
N ALA F 146 41.80 -26.08 21.09
CA ALA F 146 40.51 -26.42 21.67
C ALA F 146 40.38 -25.99 23.13
N ARG F 147 40.46 -24.69 23.38
CA ARG F 147 40.31 -24.17 24.74
C ARG F 147 38.97 -23.47 24.95
N ALA F 148 38.72 -23.09 26.20
CA ALA F 148 37.58 -22.26 26.54
C ALA F 148 38.09 -21.00 27.20
N ALA F 149 37.37 -19.88 27.04
CA ALA F 149 37.81 -18.62 27.62
C ALA F 149 36.69 -17.91 28.37
N VAL F 150 37.05 -17.11 29.36
CA VAL F 150 36.07 -16.43 30.19
C VAL F 150 36.34 -14.94 30.29
N ALA F 151 35.26 -14.16 30.39
CA ALA F 151 35.36 -12.72 30.60
C ALA F 151 34.15 -12.25 31.41
N TYR F 152 34.29 -11.14 32.11
CA TYR F 152 33.19 -10.62 32.92
C TYR F 152 33.04 -9.11 32.80
N SER F 153 31.89 -8.61 33.23
CA SER F 153 31.59 -7.18 33.17
C SER F 153 30.45 -6.83 34.12
N LYS F 154 30.44 -5.57 34.58
CA LYS F 154 29.36 -5.10 35.45
C LYS F 154 28.12 -4.78 34.62
N THR F 155 28.34 -4.37 33.38
CA THR F 155 27.26 -4.01 32.47
C THR F 155 27.25 -4.90 31.23
N PRO F 156 26.07 -5.09 30.62
CA PRO F 156 25.93 -5.96 29.45
C PRO F 156 26.62 -5.41 28.20
N ASP F 157 26.64 -4.10 28.03
CA ASP F 157 27.21 -3.50 26.82
C ASP F 157 28.52 -2.77 27.10
N GLY F 158 29.05 -2.92 28.31
CA GLY F 158 30.32 -2.31 28.66
C GLY F 158 31.48 -3.14 28.13
N LYS F 159 32.70 -2.66 28.38
CA LYS F 159 33.89 -3.37 27.93
C LYS F 159 34.27 -4.50 28.89
N PHE F 160 34.00 -5.74 28.50
CA PHE F 160 34.35 -6.90 29.32
C PHE F 160 35.85 -6.99 29.54
N THR F 161 36.24 -7.30 30.78
CA THR F 161 37.65 -7.54 31.11
C THR F 161 37.97 -9.02 30.94
N TYR F 162 39.03 -9.31 30.19
CA TYR F 162 39.41 -10.69 29.90
C TYR F 162 40.04 -11.39 31.10
N ILE F 163 39.70 -12.66 31.28
CA ILE F 163 40.26 -13.45 32.39
C ILE F 163 41.37 -14.39 31.93
N ARG F 164 40.99 -15.44 31.19
CA ARG F 164 41.95 -16.45 30.77
C ARG F 164 41.34 -17.46 29.82
N SER F 165 42.21 -18.18 29.10
CA SER F 165 41.79 -19.31 28.28
C SER F 165 42.41 -20.58 28.87
N PHE F 166 41.68 -21.69 28.81
CA PHE F 166 42.15 -22.91 29.44
C PHE F 166 41.40 -24.13 28.94
N ARG F 167 41.95 -25.31 29.23
CA ARG F 167 41.29 -26.56 28.93
C ARG F 167 40.68 -27.12 30.21
N PRO F 168 39.36 -27.37 30.20
CA PRO F 168 38.60 -27.81 31.38
C PRO F 168 39.20 -29.03 32.07
N MET F 169 39.22 -28.99 33.40
CA MET F 169 39.64 -30.12 34.22
C MET F 169 41.09 -30.51 34.02
N GLN F 170 41.96 -29.52 33.76
CA GLN F 170 43.37 -29.80 33.57
C GLN F 170 44.07 -30.10 34.90
N ASP F 171 43.41 -29.77 36.00
CA ASP F 171 43.96 -30.07 37.32
C ASP F 171 43.99 -31.57 37.56
N THR F 172 42.94 -32.26 37.10
CA THR F 172 42.81 -33.69 37.35
C THR F 172 43.80 -34.51 36.53
N GLY F 173 44.70 -33.84 35.82
CA GLY F 173 45.72 -34.53 35.05
C GLY F 173 45.19 -35.29 33.86
N VAL F 174 43.93 -35.07 33.52
CA VAL F 174 43.31 -35.74 32.37
C VAL F 174 43.99 -35.34 31.07
N MET F 175 43.99 -36.25 30.09
CA MET F 175 44.58 -35.96 28.79
C MET F 175 43.55 -36.18 27.70
N ASP F 176 43.53 -35.28 26.71
CA ASP F 176 42.61 -35.41 25.60
C ASP F 176 43.31 -35.14 24.27
N HIS F 177 43.78 -36.20 23.62
CA HIS F 177 44.47 -36.05 22.33
C HIS F 177 45.73 -35.19 22.41
N GLY F 178 46.61 -35.53 23.34
CA GLY F 178 47.93 -34.92 23.43
C GLY F 178 48.10 -33.70 24.31
N LEU F 179 47.03 -33.25 24.95
CA LEU F 179 47.10 -32.07 25.80
C LEU F 179 46.36 -32.25 27.11
N PRO F 180 46.88 -31.64 28.19
CA PRO F 180 46.28 -31.71 29.52
C PRO F 180 44.91 -31.06 29.53
N GLY F 181 43.93 -31.74 30.11
CA GLY F 181 42.57 -31.23 30.19
C GLY F 181 41.76 -31.60 28.97
N TYR F 182 40.44 -31.70 29.15
CA TYR F 182 39.53 -32.02 28.08
C TYR F 182 39.58 -30.97 26.97
N MET F 183 39.33 -31.39 25.74
CA MET F 183 39.22 -30.47 24.62
C MET F 183 37.89 -29.73 24.73
N SER F 184 37.90 -28.44 24.38
CA SER F 184 36.69 -27.64 24.43
C SER F 184 36.56 -26.78 23.19
N ARG F 185 35.57 -27.07 22.35
CA ARG F 185 35.35 -26.32 21.13
C ARG F 185 33.99 -25.63 21.11
N ASP F 186 33.12 -26.08 20.21
CA ASP F 186 31.76 -25.54 20.12
C ASP F 186 31.14 -25.54 21.51
N CYS F 187 30.75 -24.35 21.97
CA CYS F 187 30.25 -24.16 23.33
C CYS F 187 28.91 -23.44 23.40
N ASN F 188 28.43 -23.27 24.63
CA ASN F 188 27.18 -22.58 24.91
C ASN F 188 26.93 -22.57 26.42
N VAL F 189 26.27 -21.52 26.90
CA VAL F 189 26.02 -21.39 28.33
C VAL F 189 24.56 -21.63 28.66
N PHE F 190 24.28 -21.92 29.93
CA PHE F 190 22.92 -22.17 30.37
C PHE F 190 22.71 -21.92 31.86
N VAL F 191 21.62 -21.24 32.21
CA VAL F 191 21.32 -20.98 33.61
C VAL F 191 20.04 -21.71 34.05
N ASP F 192 20.17 -22.57 35.06
CA ASP F 192 19.04 -23.36 35.54
C ASP F 192 18.14 -22.54 36.46
N THR F 193 16.95 -23.06 36.75
CA THR F 193 16.00 -22.38 37.62
C THR F 193 16.46 -22.35 39.07
N ASP F 194 17.39 -23.26 39.42
CA ASP F 194 17.93 -23.33 40.77
C ASP F 194 19.02 -22.28 41.01
N GLY F 195 19.47 -21.63 39.94
CA GLY F 195 20.48 -20.59 40.05
C GLY F 195 21.87 -21.05 39.67
N LYS F 196 22.01 -22.32 39.36
CA LYS F 196 23.30 -22.87 38.95
C LYS F 196 23.59 -22.59 37.48
N GLY F 197 24.82 -22.19 37.20
CA GLY F 197 25.23 -21.93 35.82
C GLY F 197 25.93 -23.13 35.22
N TYR F 198 25.87 -23.25 33.90
CA TYR F 198 26.48 -24.38 33.19
C TYR F 198 27.19 -23.98 31.91
N PHE F 199 28.17 -24.77 31.53
CA PHE F 199 28.94 -24.55 30.31
C PHE F 199 29.09 -25.85 29.54
N ILE F 200 28.41 -25.98 28.42
CA ILE F 200 28.47 -27.20 27.62
C ILE F 200 29.34 -26.99 26.38
N SER F 201 30.24 -27.93 26.11
CA SER F 201 31.12 -27.83 24.95
C SER F 201 31.49 -29.19 24.37
N ALA F 202 31.90 -29.20 23.11
CA ALA F 202 32.30 -30.43 22.45
C ALA F 202 33.72 -30.83 22.86
N ALA F 203 33.88 -32.05 23.36
CA ALA F 203 35.16 -32.55 23.81
C ALA F 203 35.55 -33.83 23.08
N ASN F 204 36.73 -34.35 23.39
CA ASN F 204 37.20 -35.60 22.80
C ASN F 204 37.13 -35.58 21.28
N GLU F 205 37.74 -34.55 20.69
CA GLU F 205 37.73 -34.37 19.24
C GLU F 205 36.30 -34.27 18.70
N ASN F 206 35.45 -33.53 19.41
CA ASN F 206 34.07 -33.28 18.98
C ASN F 206 33.17 -34.51 19.03
N MET F 207 33.72 -35.64 19.46
CA MET F 207 32.97 -36.89 19.51
C MET F 207 31.94 -36.90 20.64
N ASP F 208 32.27 -36.25 21.76
CA ASP F 208 31.39 -36.24 22.92
C ASP F 208 31.02 -34.81 23.33
N LEU F 209 29.95 -34.69 24.10
CA LEU F 209 29.55 -33.41 24.67
C LEU F 209 29.74 -33.41 26.17
N HIS F 210 30.48 -32.43 26.68
CA HIS F 210 30.74 -32.31 28.11
C HIS F 210 29.95 -31.18 28.74
N LEU F 211 29.07 -31.53 29.68
CA LEU F 211 28.33 -30.52 30.43
C LEU F 211 29.05 -30.22 31.73
N TYR F 212 29.57 -29.00 31.84
CA TYR F 212 30.32 -28.61 33.03
C TYR F 212 29.45 -27.74 33.94
N GLU F 213 29.57 -27.94 35.25
CA GLU F 213 28.88 -27.07 36.21
C GLU F 213 29.82 -25.95 36.64
N LEU F 214 29.37 -24.71 36.52
CA LEU F 214 30.20 -23.56 36.84
C LEU F 214 30.19 -23.25 38.33
N THR F 215 31.24 -22.57 38.79
CA THR F 215 31.32 -22.11 40.15
C THR F 215 30.21 -21.10 40.43
N PRO F 216 29.93 -20.82 41.71
CA PRO F 216 28.87 -19.91 42.11
C PRO F 216 28.88 -18.57 41.36
N ASP F 217 30.06 -18.09 40.99
CA ASP F 217 30.16 -16.79 40.32
C ASP F 217 30.17 -16.89 38.80
N TYR F 218 30.03 -18.11 38.29
CA TYR F 218 29.95 -18.36 36.84
C TYR F 218 31.28 -18.15 36.12
N LYS F 219 32.30 -17.68 36.83
CA LYS F 219 33.56 -17.34 36.17
C LYS F 219 34.58 -18.47 36.18
N ASN F 220 34.11 -19.69 36.41
CA ASN F 220 35.02 -20.85 36.44
C ASN F 220 34.26 -22.17 36.40
N ILE F 221 34.94 -23.23 35.97
CA ILE F 221 34.35 -24.57 35.95
C ILE F 221 34.58 -25.27 37.28
N ALA F 222 33.51 -25.73 37.90
CA ALA F 222 33.57 -26.36 39.21
C ALA F 222 33.72 -27.88 39.12
N SER F 223 33.03 -28.49 38.17
CA SER F 223 33.07 -29.95 38.02
C SER F 223 32.44 -30.39 36.70
N LEU F 224 32.60 -31.66 36.37
CA LEU F 224 31.98 -32.22 35.18
C LEU F 224 30.61 -32.80 35.51
N LYS F 225 29.57 -32.08 35.13
CA LYS F 225 28.19 -32.49 35.43
C LYS F 225 27.88 -33.87 34.85
N ALA F 226 28.16 -34.04 33.55
CA ALA F 226 27.88 -35.29 32.87
C ALA F 226 28.45 -35.31 31.44
N LYS F 227 28.72 -36.52 30.95
CA LYS F 227 29.12 -36.70 29.56
C LYS F 227 27.90 -37.11 28.73
N LEU F 228 27.46 -36.22 27.85
CA LEU F 228 26.22 -36.43 27.10
C LEU F 228 26.47 -36.85 25.65
N PHE F 229 25.69 -37.81 25.18
CA PHE F 229 25.74 -38.28 23.79
C PHE F 229 27.16 -38.63 23.36
N VAL F 230 27.75 -39.62 24.03
CA VAL F 230 29.10 -40.07 23.72
C VAL F 230 29.15 -40.81 22.38
N GLY F 231 30.10 -40.42 21.53
CA GLY F 231 30.28 -41.07 20.24
C GLY F 231 29.33 -40.56 19.17
N GLN F 232 28.28 -39.88 19.61
CA GLN F 232 27.27 -39.32 18.71
C GLN F 232 27.84 -38.24 17.80
N GLN F 233 28.89 -37.57 18.28
CA GLN F 233 29.58 -36.50 17.54
C GLN F 233 28.68 -35.30 17.21
N ARG F 234 27.86 -34.91 18.18
CA ARG F 234 27.00 -33.74 18.05
C ARG F 234 27.74 -32.41 18.33
N GLU F 235 27.43 -31.38 17.55
CA GLU F 235 28.16 -30.11 17.62
C GLU F 235 27.19 -28.94 17.80
N ALA F 236 27.73 -27.73 17.95
CA ALA F 236 26.93 -26.52 18.16
C ALA F 236 25.72 -26.70 19.07
N PRO F 237 25.97 -27.07 20.34
CA PRO F 237 24.91 -27.38 21.32
C PRO F 237 24.12 -26.15 21.74
N CYS F 238 22.82 -26.34 21.97
CA CYS F 238 21.95 -25.28 22.48
C CYS F 238 21.07 -25.82 23.60
N LEU F 239 21.39 -25.44 24.84
CA LEU F 239 20.71 -25.96 26.01
C LEU F 239 19.64 -25.00 26.54
N ILE F 240 18.40 -25.48 26.62
CA ILE F 240 17.30 -24.69 27.14
C ILE F 240 16.40 -25.51 28.07
N LYS F 241 15.43 -24.84 28.70
CA LYS F 241 14.51 -25.49 29.63
C LYS F 241 13.09 -24.95 29.50
N ARG F 242 12.11 -25.84 29.56
CA ARG F 242 10.71 -25.44 29.41
C ARG F 242 9.79 -26.40 30.16
N ASN F 243 9.05 -25.88 31.14
CA ASN F 243 8.11 -26.67 31.92
C ASN F 243 8.68 -27.94 32.55
N GLY F 244 9.79 -27.80 33.26
CA GLY F 244 10.38 -28.92 33.97
C GLY F 244 11.12 -29.88 33.06
N TYR F 245 11.21 -29.52 31.78
CA TYR F 245 11.92 -30.37 30.82
C TYR F 245 13.18 -29.68 30.30
N TYR F 246 14.25 -30.44 30.15
CA TYR F 246 15.47 -29.93 29.54
C TYR F 246 15.54 -30.31 28.07
N TYR F 247 16.01 -29.39 27.24
CA TYR F 247 16.11 -29.62 25.80
C TYR F 247 17.49 -29.29 25.25
N LEU F 248 18.00 -30.18 24.39
CA LEU F 248 19.31 -29.98 23.77
C LEU F 248 19.25 -30.06 22.25
N ILE F 249 19.41 -28.94 21.57
CA ILE F 249 19.41 -28.91 20.11
C ILE F 249 20.85 -28.83 19.58
N THR F 250 21.23 -29.78 18.73
CA THR F 250 22.59 -29.83 18.21
C THR F 250 22.65 -30.06 16.70
N SER F 251 23.86 -29.92 16.15
CA SER F 251 24.08 -30.20 14.73
C SER F 251 25.12 -31.30 14.55
N GLY F 252 25.46 -31.60 13.31
CA GLY F 252 26.49 -32.58 13.01
C GLY F 252 27.87 -31.95 12.86
N CYS F 253 28.85 -32.77 12.50
CA CYS F 253 30.21 -32.28 12.26
C CYS F 253 30.54 -32.36 10.78
N THR F 254 30.12 -31.35 10.03
CA THR F 254 30.35 -31.33 8.59
C THR F 254 30.99 -30.01 8.16
N GLY F 255 31.81 -29.44 9.03
CA GLY F 255 32.49 -28.19 8.75
C GLY F 255 31.52 -27.04 8.64
N TRP F 256 31.75 -26.16 7.68
CA TRP F 256 30.87 -25.03 7.44
C TRP F 256 29.55 -25.49 6.85
N ASN F 257 29.61 -26.54 6.03
CA ASN F 257 28.43 -27.08 5.38
C ASN F 257 27.34 -27.46 6.36
N PRO F 258 26.11 -26.99 6.11
CA PRO F 258 24.95 -27.29 6.97
C PRO F 258 24.56 -28.76 6.95
N ASN F 259 23.97 -29.24 8.04
CA ASN F 259 23.59 -30.63 8.16
C ASN F 259 22.29 -30.81 8.96
N GLN F 260 21.88 -32.07 9.14
CA GLN F 260 20.66 -32.36 9.89
C GLN F 260 20.78 -31.96 11.35
N ALA F 261 19.84 -31.14 11.82
CA ALA F 261 19.82 -30.77 13.23
C ALA F 261 18.96 -31.77 14.01
N LYS F 262 19.37 -32.09 15.23
CA LYS F 262 18.63 -33.02 16.07
C LYS F 262 18.41 -32.44 17.46
N TYR F 263 17.43 -33.00 18.17
CA TYR F 263 17.11 -32.55 19.51
C TYR F 263 16.79 -33.70 20.45
N ALA F 264 17.05 -33.50 21.74
CA ALA F 264 16.74 -34.50 22.76
C ALA F 264 16.21 -33.81 24.00
N TYR F 265 15.54 -34.56 24.87
CA TYR F 265 14.95 -34.00 26.08
C TYR F 265 15.20 -34.88 27.30
N SER F 266 14.98 -34.32 28.48
CA SER F 266 15.18 -35.05 29.72
C SER F 266 14.58 -34.32 30.92
N LYS F 267 14.31 -35.09 31.97
CA LYS F 267 13.79 -34.54 33.22
C LYS F 267 14.94 -34.10 34.11
N ASP F 268 16.15 -34.55 33.78
CA ASP F 268 17.33 -34.22 34.56
C ASP F 268 18.52 -33.89 33.65
N LEU F 269 19.42 -33.04 34.16
CA LEU F 269 20.62 -32.67 33.40
C LEU F 269 21.65 -33.79 33.38
N ALA F 270 21.85 -34.43 34.54
CA ALA F 270 22.84 -35.47 34.69
C ALA F 270 22.53 -36.70 33.84
N SER F 271 21.28 -37.15 33.91
CA SER F 271 20.84 -38.35 33.21
C SER F 271 19.36 -38.27 32.86
N GLY F 272 18.88 -39.28 32.13
CA GLY F 272 17.49 -39.34 31.73
C GLY F 272 17.23 -38.75 30.35
N TRP F 273 18.30 -38.51 29.61
CA TRP F 273 18.21 -37.93 28.27
C TRP F 273 17.65 -38.93 27.26
N SER F 274 16.73 -38.46 26.43
CA SER F 274 16.11 -39.30 25.42
C SER F 274 17.07 -39.52 24.25
N GLN F 275 16.52 -40.00 23.14
CA GLN F 275 17.29 -40.25 21.93
C GLN F 275 17.31 -39.01 21.04
N LEU F 276 17.98 -39.12 19.89
CA LEU F 276 18.08 -38.00 18.95
C LEU F 276 16.95 -38.00 17.92
N TYR F 277 16.10 -36.98 17.98
CA TYR F 277 15.01 -36.82 17.01
C TYR F 277 15.35 -35.72 16.01
N ASN F 278 14.95 -35.92 14.75
CA ASN F 278 15.23 -34.94 13.71
C ASN F 278 14.50 -33.63 13.94
N LEU F 279 15.16 -32.52 13.62
CA LEU F 279 14.56 -31.20 13.74
C LEU F 279 14.84 -30.42 12.47
N GLY F 280 13.79 -30.00 11.78
CA GLY F 280 13.93 -29.33 10.50
C GLY F 280 14.28 -30.34 9.41
N ASN F 281 14.74 -29.84 8.26
CA ASN F 281 15.09 -30.72 7.16
C ASN F 281 16.54 -31.20 7.21
N SER F 282 17.02 -31.82 6.14
CA SER F 282 18.35 -32.42 6.13
C SER F 282 19.49 -31.41 6.28
N THR F 283 19.20 -30.13 6.07
CA THR F 283 20.22 -29.10 6.15
C THR F 283 19.85 -28.02 7.16
N THR F 284 18.82 -28.30 7.95
CA THR F 284 18.30 -27.33 8.91
C THR F 284 18.02 -26.00 8.21
N TYR F 285 17.55 -26.08 6.97
CA TYR F 285 17.23 -24.90 6.18
C TYR F 285 18.48 -24.09 5.88
N ARG F 286 19.57 -24.78 5.57
CA ARG F 286 20.83 -24.13 5.26
C ARG F 286 21.29 -23.24 6.41
N SER F 287 21.34 -23.80 7.62
CA SER F 287 21.81 -23.05 8.77
C SER F 287 22.36 -23.98 9.84
N GLN F 288 23.02 -23.40 10.84
CA GLN F 288 23.54 -24.16 11.96
C GLN F 288 23.11 -23.53 13.28
N PRO F 289 22.49 -24.32 14.16
CA PRO F 289 22.03 -23.82 15.46
C PRO F 289 23.13 -23.05 16.19
N THR F 290 22.76 -21.98 16.90
CA THR F 290 23.73 -21.21 17.64
C THR F 290 23.21 -20.80 19.02
N PHE F 291 21.90 -20.61 19.11
CA PHE F 291 21.28 -20.25 20.38
C PHE F 291 19.76 -20.23 20.28
N ILE F 292 19.10 -20.59 21.38
CA ILE F 292 17.64 -20.55 21.45
C ILE F 292 17.21 -19.83 22.72
N ILE F 293 16.39 -18.80 22.56
CA ILE F 293 16.00 -17.97 23.70
C ILE F 293 14.49 -17.77 23.77
N PRO F 294 13.92 -17.91 24.97
CA PRO F 294 12.48 -17.72 25.19
C PRO F 294 12.09 -16.26 25.09
N VAL F 295 11.04 -15.96 24.33
CA VAL F 295 10.52 -14.60 24.23
C VAL F 295 9.17 -14.51 24.95
N GLN F 296 9.19 -14.00 26.18
CA GLN F 296 7.99 -13.94 27.00
C GLN F 296 7.26 -12.61 26.89
N GLY F 297 6.00 -12.65 26.48
CA GLY F 297 5.20 -11.45 26.33
C GLY F 297 3.87 -11.55 27.05
N SER F 298 2.99 -10.58 26.82
CA SER F 298 1.68 -10.56 27.46
C SER F 298 0.79 -11.69 26.96
N SER F 299 0.78 -11.92 25.66
CA SER F 299 -0.05 -12.97 25.08
C SER F 299 0.40 -14.35 25.52
N GLY F 300 1.72 -14.57 25.52
CA GLY F 300 2.28 -15.85 25.93
C GLY F 300 3.79 -15.89 25.80
N THR F 301 4.33 -17.09 25.59
CA THR F 301 5.77 -17.24 25.46
C THR F 301 6.13 -18.12 24.26
N SER F 302 6.89 -17.56 23.32
CA SER F 302 7.38 -18.31 22.18
C SER F 302 8.89 -18.50 22.27
N TYR F 303 9.45 -19.36 21.42
CA TYR F 303 10.88 -19.63 21.45
C TYR F 303 11.54 -19.27 20.13
N LEU F 304 12.58 -18.44 20.21
CA LEU F 304 13.27 -17.96 19.03
C LEU F 304 14.53 -18.78 18.73
N TYR F 305 14.55 -19.42 17.57
CA TYR F 305 15.71 -20.16 17.13
C TYR F 305 16.65 -19.27 16.34
N MET F 306 17.88 -19.16 16.81
CA MET F 306 18.89 -18.40 16.10
C MET F 306 19.86 -19.34 15.39
N GLY F 307 20.10 -19.08 14.11
CA GLY F 307 20.99 -19.90 13.32
C GLY F 307 21.91 -19.09 12.44
N ASP F 308 22.97 -19.73 11.95
CA ASP F 308 23.93 -19.08 11.07
C ASP F 308 24.04 -19.77 9.72
N ARG F 309 23.94 -18.97 8.65
CA ARG F 309 24.19 -19.47 7.31
C ARG F 309 25.63 -19.16 6.90
N TRP F 310 26.55 -20.00 7.38
CA TRP F 310 27.97 -19.78 7.18
C TRP F 310 28.34 -19.68 5.70
N ALA F 311 29.00 -18.58 5.34
CA ALA F 311 29.44 -18.38 3.97
C ALA F 311 30.48 -19.43 3.58
N GLY F 312 31.09 -20.05 4.58
CA GLY F 312 32.09 -21.08 4.34
C GLY F 312 31.53 -22.26 3.60
N ALA F 313 30.22 -22.47 3.72
CA ALA F 313 29.55 -23.57 3.05
C ALA F 313 29.73 -23.49 1.54
N TRP F 314 29.96 -22.28 1.04
CA TRP F 314 30.19 -22.08 -0.38
C TRP F 314 31.53 -21.41 -0.67
N GLY F 315 32.49 -21.57 0.22
CA GLY F 315 33.84 -21.08 0.01
C GLY F 315 34.05 -19.62 0.41
N GLY F 316 33.04 -19.04 1.05
CA GLY F 316 33.11 -17.65 1.47
C GLY F 316 33.66 -17.46 2.88
N LYS F 317 34.17 -16.26 3.16
CA LYS F 317 34.70 -15.96 4.48
C LYS F 317 33.58 -15.68 5.47
N VAL F 318 33.90 -15.71 6.77
CA VAL F 318 32.89 -15.53 7.81
C VAL F 318 32.14 -14.20 7.68
N ASN F 319 32.84 -13.18 7.21
CA ASN F 319 32.24 -11.87 7.03
C ASN F 319 30.96 -11.89 6.19
N ASP F 320 30.90 -12.82 5.23
CA ASP F 320 29.79 -12.88 4.30
C ASP F 320 28.68 -13.83 4.77
N SER F 321 28.77 -14.29 6.01
CA SER F 321 27.78 -15.21 6.56
C SER F 321 26.44 -14.51 6.84
N GLN F 322 25.36 -15.28 6.77
CA GLN F 322 24.01 -14.73 6.94
C GLN F 322 23.30 -15.32 8.15
N TYR F 323 22.05 -14.94 8.37
CA TYR F 323 21.30 -15.38 9.54
C TYR F 323 19.95 -16.02 9.19
N VAL F 324 19.50 -16.92 10.06
CA VAL F 324 18.20 -17.58 9.89
C VAL F 324 17.48 -17.70 11.22
N TRP F 325 16.43 -16.89 11.42
CA TRP F 325 15.65 -16.93 12.64
C TRP F 325 14.28 -17.57 12.41
N LEU F 326 13.94 -18.54 13.25
CA LEU F 326 12.69 -19.28 13.11
C LEU F 326 12.06 -19.53 14.48
N PRO F 327 10.74 -19.74 14.50
CA PRO F 327 10.04 -20.06 15.75
C PRO F 327 10.20 -21.53 16.11
N LEU F 328 10.51 -21.82 17.36
CA LEU F 328 10.58 -23.19 17.82
C LEU F 328 9.29 -23.57 18.54
N ASN F 329 8.49 -24.43 17.91
CA ASN F 329 7.18 -24.79 18.44
C ASN F 329 7.17 -26.11 19.19
N PHE F 330 6.48 -26.10 20.33
CA PHE F 330 6.37 -27.29 21.17
C PHE F 330 4.95 -27.84 21.10
N ILE F 331 4.72 -28.76 20.17
CA ILE F 331 3.44 -29.45 20.09
C ILE F 331 3.13 -30.07 21.44
N SER F 332 4.14 -30.70 22.03
CA SER F 332 4.04 -31.27 23.36
C SER F 332 5.42 -31.24 23.99
N ASP F 333 5.51 -31.66 25.24
CA ASP F 333 6.78 -31.70 25.95
C ASP F 333 7.73 -32.68 25.27
N THR F 334 7.18 -33.54 24.42
CA THR F 334 7.99 -34.57 23.76
C THR F 334 8.28 -34.24 22.29
N THR F 335 7.31 -33.64 21.61
CA THR F 335 7.43 -33.35 20.18
C THR F 335 7.79 -31.89 19.88
N LEU F 336 8.92 -31.68 19.21
CA LEU F 336 9.32 -30.33 18.82
C LEU F 336 9.20 -30.13 17.30
N GLU F 337 9.05 -28.86 16.91
CA GLU F 337 8.86 -28.49 15.51
C GLU F 337 9.58 -27.21 15.16
N LEU F 338 10.27 -27.22 14.03
CA LEU F 338 11.00 -26.05 13.55
C LEU F 338 10.63 -25.76 12.10
N PRO F 339 9.54 -25.01 11.89
CA PRO F 339 9.08 -24.68 10.53
C PRO F 339 10.00 -23.63 9.91
N TYR F 340 10.02 -23.57 8.58
CA TYR F 340 10.80 -22.55 7.90
C TYR F 340 9.91 -21.52 7.21
N TYR F 341 10.23 -20.24 7.44
CA TYR F 341 9.50 -19.15 6.82
C TYR F 341 10.49 -18.19 6.17
N ASP F 342 10.22 -17.79 4.94
CA ASP F 342 11.07 -16.82 4.25
C ASP F 342 11.06 -15.50 5.01
N SER F 343 9.93 -15.19 5.63
CA SER F 343 9.78 -13.97 6.43
C SER F 343 9.10 -14.28 7.76
N VAL F 344 9.72 -13.84 8.86
CA VAL F 344 9.17 -14.13 10.18
C VAL F 344 8.68 -12.86 10.90
N LYS F 345 7.44 -12.90 11.39
CA LYS F 345 6.86 -11.79 12.12
C LYS F 345 7.15 -11.97 13.60
N ILE F 346 7.85 -10.99 14.19
CA ILE F 346 8.22 -11.04 15.60
C ILE F 346 7.55 -9.93 16.41
N ASP F 347 6.79 -10.33 17.42
CA ASP F 347 6.13 -9.40 18.33
C ASP F 347 6.59 -9.64 19.76
N ALA F 348 7.63 -8.91 20.16
CA ALA F 348 8.25 -9.08 21.48
C ALA F 348 7.30 -8.78 22.63
N SER F 349 6.53 -7.71 22.50
CA SER F 349 5.61 -7.29 23.55
C SER F 349 4.53 -8.33 23.80
N SER F 350 4.07 -8.97 22.73
CA SER F 350 3.04 -10.00 22.82
C SER F 350 3.64 -11.35 23.19
N GLY F 351 4.89 -11.57 22.80
CA GLY F 351 5.55 -12.84 23.02
C GLY F 351 5.12 -13.82 21.95
N ILE F 352 4.94 -13.32 20.74
CA ILE F 352 4.47 -14.13 19.62
C ILE F 352 5.46 -14.12 18.45
N ILE F 353 5.77 -15.31 17.97
CA ILE F 353 6.62 -15.48 16.80
C ILE F 353 5.93 -16.36 15.76
N SER F 354 5.57 -15.79 14.61
CA SER F 354 4.83 -16.55 13.61
C SER F 354 5.30 -16.22 12.20
N GLU F 355 4.68 -16.85 11.22
CA GLU F 355 5.02 -16.61 9.82
C GLU F 355 4.43 -15.29 9.36
N TYR F 356 5.19 -14.58 8.53
CA TYR F 356 4.71 -13.33 7.95
C TYR F 356 4.16 -13.57 6.54
N ILE F 357 2.85 -13.40 6.40
CA ILE F 357 2.19 -13.57 5.12
C ILE F 357 2.02 -12.22 4.44
N PRO F 358 2.78 -11.98 3.37
CA PRO F 358 2.74 -10.70 2.64
C PRO F 358 1.34 -10.33 2.20
N ASP F 359 0.60 -11.30 1.66
CA ASP F 359 -0.76 -11.08 1.19
C ASP F 359 -1.78 -11.80 2.07
N THR F 360 -2.48 -11.04 2.91
CA THR F 360 -3.41 -11.60 3.88
C THR F 360 -4.80 -11.89 3.29
N THR F 361 -4.87 -11.97 1.96
CA THR F 361 -6.14 -12.25 1.30
C THR F 361 -6.60 -13.69 1.56
N ARG F 362 -7.63 -13.85 2.38
CA ARG F 362 -8.18 -15.16 2.66
C ARG F 362 -8.88 -15.72 1.42
N TYR F 363 -8.74 -17.03 1.19
CA TYR F 363 -9.33 -17.65 0.00
C TYR F 363 -10.21 -18.85 0.34
N LYS F 364 -10.79 -19.44 -0.69
CA LYS F 364 -11.67 -20.59 -0.53
C LYS F 364 -11.68 -21.40 -1.83
N LEU F 365 -11.23 -22.65 -1.75
CA LEU F 365 -11.10 -23.51 -2.92
C LEU F 365 -12.29 -24.45 -3.13
N VAL F 366 -13.08 -24.17 -4.17
CA VAL F 366 -14.26 -24.98 -4.47
C VAL F 366 -14.01 -25.93 -5.65
N ASN F 367 -14.42 -27.18 -5.49
CA ASN F 367 -14.24 -28.18 -6.54
C ASN F 367 -15.35 -28.14 -7.59
N LYS F 368 -14.97 -28.14 -8.86
CA LYS F 368 -15.94 -28.08 -9.95
C LYS F 368 -17.03 -29.14 -9.84
N ASN F 369 -16.60 -30.41 -9.83
CA ASN F 369 -17.51 -31.53 -9.74
C ASN F 369 -18.27 -31.56 -8.42
N SER F 370 -17.53 -31.82 -7.34
CA SER F 370 -18.14 -32.00 -6.03
C SER F 370 -18.95 -30.79 -5.58
N GLY F 371 -18.39 -29.60 -5.75
CA GLY F 371 -19.05 -28.39 -5.28
C GLY F 371 -18.67 -28.10 -3.83
N LYS F 372 -17.90 -29.00 -3.26
CA LYS F 372 -17.43 -28.83 -1.89
C LYS F 372 -16.17 -27.98 -1.88
N VAL F 373 -15.72 -27.58 -0.68
CA VAL F 373 -14.55 -26.73 -0.57
C VAL F 373 -13.41 -27.48 0.13
N LEU F 374 -12.17 -27.10 -0.19
CA LEU F 374 -11.00 -27.70 0.43
C LEU F 374 -11.00 -27.41 1.93
N ASP F 375 -10.92 -28.45 2.75
CA ASP F 375 -11.04 -28.31 4.19
C ASP F 375 -10.10 -29.25 4.95
N VAL F 376 -10.01 -29.06 6.26
CA VAL F 376 -9.21 -29.94 7.10
C VAL F 376 -10.12 -30.82 7.94
N LEU F 377 -9.81 -32.10 7.99
CA LEU F 377 -10.61 -33.09 8.72
C LEU F 377 -10.84 -32.68 10.17
N ASP F 378 -12.10 -32.48 10.54
CA ASP F 378 -12.48 -32.12 11.90
C ASP F 378 -11.97 -30.73 12.28
N GLY F 379 -11.67 -29.92 11.27
CA GLY F 379 -11.16 -28.57 11.49
C GLY F 379 -9.97 -28.59 12.44
N SER F 380 -9.19 -29.65 12.36
CA SER F 380 -8.04 -29.85 13.24
C SER F 380 -6.86 -28.95 12.88
N VAL F 381 -6.14 -28.52 13.92
CA VAL F 381 -4.93 -27.73 13.74
C VAL F 381 -3.71 -28.61 13.98
N ASP F 382 -3.95 -29.90 14.20
CA ASP F 382 -2.87 -30.85 14.44
C ASP F 382 -2.00 -31.03 13.20
N ASN F 383 -0.78 -31.49 13.41
CA ASN F 383 0.16 -31.68 12.31
C ASN F 383 -0.20 -32.91 11.50
N ALA F 384 -0.02 -32.85 10.18
CA ALA F 384 -0.32 -33.99 9.32
C ALA F 384 -1.78 -34.38 9.29
N ALA F 385 -2.66 -33.42 9.57
CA ALA F 385 -4.11 -33.68 9.54
C ALA F 385 -4.57 -33.94 8.11
N GLN F 386 -5.54 -34.84 7.96
CA GLN F 386 -6.03 -35.21 6.63
C GLN F 386 -6.82 -34.07 6.00
N ILE F 387 -6.58 -33.84 4.71
CA ILE F 387 -7.29 -32.83 3.94
C ILE F 387 -8.50 -33.40 3.19
N VAL F 388 -9.68 -32.86 3.46
CA VAL F 388 -10.89 -33.35 2.81
C VAL F 388 -11.72 -32.22 2.24
N GLN F 389 -12.61 -32.55 1.31
CA GLN F 389 -13.56 -31.58 0.77
C GLN F 389 -14.83 -31.56 1.61
N TRP F 390 -15.34 -30.38 1.91
CA TRP F 390 -16.52 -30.28 2.77
C TRP F 390 -17.43 -29.18 2.23
N THR F 391 -18.69 -29.20 2.64
CA THR F 391 -19.66 -28.18 2.23
C THR F 391 -19.25 -26.80 2.73
N ASP F 392 -19.37 -25.80 1.87
CA ASP F 392 -19.05 -24.43 2.24
C ASP F 392 -19.89 -24.00 3.44
N ASN F 393 -19.26 -24.00 4.61
CA ASN F 393 -19.93 -23.63 5.85
C ASN F 393 -19.28 -22.42 6.52
N GLY F 394 -18.35 -21.79 5.82
CA GLY F 394 -17.69 -20.60 6.33
C GLY F 394 -16.83 -20.84 7.56
N SER F 395 -16.36 -22.08 7.73
CA SER F 395 -15.51 -22.40 8.87
C SER F 395 -14.10 -21.87 8.62
N LEU F 396 -13.34 -21.63 9.69
CA LEU F 396 -11.98 -21.13 9.56
C LEU F 396 -11.10 -22.10 8.78
N SER F 397 -11.27 -23.39 9.06
CA SER F 397 -10.45 -24.43 8.44
C SER F 397 -10.61 -24.52 6.92
N GLN F 398 -11.57 -23.76 6.37
CA GLN F 398 -11.82 -23.77 4.94
C GLN F 398 -11.24 -22.54 4.25
N GLN F 399 -10.45 -21.76 4.98
CA GLN F 399 -9.84 -20.55 4.44
C GLN F 399 -8.33 -20.72 4.29
N TRP F 400 -7.77 -20.20 3.21
CA TRP F 400 -6.36 -20.41 2.92
C TRP F 400 -5.66 -19.15 2.41
N TYR F 401 -4.40 -18.99 2.79
CA TYR F 401 -3.57 -17.91 2.26
C TYR F 401 -2.83 -18.40 1.03
N LEU F 402 -2.30 -17.48 0.24
CA LEU F 402 -1.49 -17.84 -0.91
C LEU F 402 -0.16 -17.08 -0.87
N VAL F 403 0.89 -17.79 -0.48
CA VAL F 403 2.22 -17.21 -0.38
C VAL F 403 3.13 -17.65 -1.52
N ASP F 404 3.40 -16.73 -2.44
CA ASP F 404 4.26 -17.04 -3.58
C ASP F 404 5.68 -17.31 -3.11
N VAL F 405 6.29 -18.36 -3.66
CA VAL F 405 7.64 -18.76 -3.30
C VAL F 405 8.57 -18.76 -4.51
N GLY F 406 8.24 -17.93 -5.49
CA GLY F 406 9.04 -17.82 -6.69
C GLY F 406 8.84 -18.99 -7.62
N GLY F 407 9.32 -18.85 -8.86
CA GLY F 407 9.20 -19.89 -9.85
C GLY F 407 7.78 -20.08 -10.34
N GLY F 408 6.88 -19.24 -9.85
CA GLY F 408 5.48 -19.32 -10.25
C GLY F 408 4.66 -20.18 -9.31
N TYR F 409 5.35 -20.90 -8.43
CA TYR F 409 4.71 -21.76 -7.45
C TYR F 409 4.35 -21.00 -6.19
N LYS F 410 3.39 -21.52 -5.43
CA LYS F 410 2.92 -20.86 -4.22
C LYS F 410 2.57 -21.86 -3.12
N LYS F 411 2.65 -21.40 -1.87
CA LYS F 411 2.26 -22.21 -0.72
C LYS F 411 0.78 -22.00 -0.42
N ILE F 412 0.07 -23.08 -0.14
CA ILE F 412 -1.33 -22.98 0.25
C ILE F 412 -1.45 -23.19 1.76
N VAL F 413 -1.38 -22.10 2.51
CA VAL F 413 -1.36 -22.18 3.97
C VAL F 413 -2.76 -22.03 4.57
N ASN F 414 -3.14 -22.97 5.43
CA ASN F 414 -4.42 -22.89 6.12
C ASN F 414 -4.45 -21.68 7.05
N VAL F 415 -5.65 -21.21 7.38
CA VAL F 415 -5.82 -20.05 8.24
C VAL F 415 -6.06 -20.44 9.71
N LYS F 416 -6.93 -21.41 9.92
CA LYS F 416 -7.22 -21.90 11.27
C LYS F 416 -5.92 -22.32 11.95
N SER F 417 -5.12 -23.09 11.23
CA SER F 417 -3.77 -23.42 11.66
C SER F 417 -2.81 -22.65 10.77
N GLY F 418 -1.51 -22.84 10.99
CA GLY F 418 -0.51 -22.16 10.18
C GLY F 418 0.21 -23.13 9.27
N ARG F 419 -0.41 -24.29 9.06
CA ARG F 419 0.23 -25.37 8.31
C ARG F 419 -0.08 -25.29 6.82
N ALA F 420 0.89 -25.70 6.01
CA ALA F 420 0.78 -25.62 4.56
C ALA F 420 0.30 -26.94 3.93
N LEU F 421 -0.43 -26.82 2.83
CA LEU F 421 -0.88 -27.98 2.07
C LEU F 421 0.34 -28.80 1.63
N ASP F 422 0.36 -30.07 2.01
CA ASP F 422 1.54 -30.89 1.80
C ASP F 422 1.21 -32.28 1.24
N VAL F 423 2.02 -32.73 0.28
CA VAL F 423 1.90 -34.09 -0.24
C VAL F 423 2.62 -35.07 0.69
N LYS F 424 1.85 -35.86 1.42
CA LYS F 424 2.38 -36.78 2.42
C LYS F 424 3.58 -37.59 1.94
N ASP F 425 4.65 -37.54 2.72
CA ASP F 425 5.86 -38.35 2.45
C ASP F 425 6.49 -38.07 1.09
N GLU F 426 6.33 -36.84 0.60
CA GLU F 426 6.90 -36.46 -0.69
C GLU F 426 6.60 -37.54 -1.72
N SER F 427 5.37 -38.06 -1.68
CA SER F 427 4.97 -39.13 -2.58
C SER F 427 4.92 -38.67 -4.03
N LYS F 428 5.27 -39.57 -4.95
CA LYS F 428 5.21 -39.26 -6.37
C LYS F 428 4.30 -40.25 -7.08
N GLU F 429 3.31 -40.78 -6.36
CA GLU F 429 2.43 -41.80 -6.92
C GLU F 429 0.98 -41.32 -6.94
N ASP F 430 0.16 -41.94 -7.79
CA ASP F 430 -1.25 -41.62 -7.86
C ASP F 430 -1.95 -42.07 -6.58
N GLY F 431 -2.85 -41.22 -6.08
CA GLY F 431 -3.60 -41.51 -4.88
C GLY F 431 -2.91 -41.05 -3.61
N GLY F 432 -1.71 -40.48 -3.77
CA GLY F 432 -0.97 -39.97 -2.63
C GLY F 432 -1.76 -38.97 -1.82
N VAL F 433 -2.14 -39.37 -0.61
CA VAL F 433 -2.94 -38.53 0.28
C VAL F 433 -2.31 -37.17 0.57
N LEU F 434 -3.15 -36.14 0.66
CA LEU F 434 -2.70 -34.79 1.00
C LEU F 434 -3.01 -34.43 2.45
N ILE F 435 -2.05 -33.80 3.11
CA ILE F 435 -2.20 -33.40 4.51
C ILE F 435 -1.69 -31.98 4.72
N GLN F 436 -1.97 -31.42 5.89
CA GLN F 436 -1.40 -30.13 6.26
C GLN F 436 -0.19 -30.36 7.16
N TYR F 437 0.98 -29.93 6.70
CA TYR F 437 2.20 -30.19 7.45
C TYR F 437 3.00 -28.91 7.67
N THR F 438 3.88 -28.93 8.66
CA THR F 438 4.71 -27.76 8.97
C THR F 438 5.55 -27.34 7.76
N SER F 439 5.61 -26.03 7.51
CA SER F 439 6.42 -25.51 6.40
C SER F 439 7.90 -25.86 6.52
N ASN F 440 8.44 -26.51 5.50
CA ASN F 440 9.84 -26.91 5.50
C ASN F 440 10.56 -26.63 4.18
N GLY F 441 9.92 -25.84 3.31
CA GLY F 441 10.53 -25.45 2.05
C GLY F 441 10.66 -26.55 1.02
N GLY F 442 10.05 -27.72 1.29
CA GLY F 442 10.09 -28.83 0.37
C GLY F 442 9.18 -28.59 -0.82
N TYR F 443 9.57 -29.07 -1.99
CA TYR F 443 8.77 -28.89 -3.21
C TYR F 443 7.38 -29.53 -3.13
N ASN F 444 7.20 -30.49 -2.22
CA ASN F 444 5.90 -31.13 -2.03
C ASN F 444 4.94 -30.21 -1.27
N GLN F 445 5.34 -28.96 -1.10
CA GLN F 445 4.50 -27.96 -0.46
C GLN F 445 4.33 -26.73 -1.36
N HIS F 446 4.88 -26.82 -2.56
CA HIS F 446 4.78 -25.77 -3.56
C HIS F 446 3.77 -26.17 -4.62
N TRP F 447 2.84 -25.27 -4.94
CA TRP F 447 1.78 -25.59 -5.88
C TRP F 447 1.65 -24.54 -6.98
N LYS F 448 1.44 -25.00 -8.20
CA LYS F 448 1.26 -24.08 -9.33
C LYS F 448 -0.20 -24.05 -9.77
N PHE F 449 -0.70 -22.84 -10.04
CA PHE F 449 -2.06 -22.66 -10.52
C PHE F 449 -2.10 -22.45 -12.04
N THR F 450 -2.81 -23.34 -12.74
CA THR F 450 -2.95 -23.22 -14.18
C THR F 450 -4.40 -22.95 -14.58
N ASP F 451 -4.63 -21.83 -15.26
CA ASP F 451 -5.99 -21.45 -15.63
C ASP F 451 -6.50 -22.22 -16.84
N ILE F 452 -7.74 -22.70 -16.75
CA ILE F 452 -8.36 -23.44 -17.84
C ILE F 452 -9.65 -22.75 -18.28
N GLY F 453 -9.92 -21.58 -17.71
CA GLY F 453 -11.13 -20.84 -18.02
C GLY F 453 -12.20 -21.01 -16.95
N ASP F 454 -13.18 -20.11 -16.96
CA ASP F 454 -14.29 -20.14 -16.01
C ASP F 454 -13.80 -19.94 -14.58
N GLY F 455 -12.59 -19.40 -14.45
CA GLY F 455 -12.00 -19.14 -13.14
C GLY F 455 -11.61 -20.42 -12.42
N TYR F 456 -11.52 -21.51 -13.17
CA TYR F 456 -11.10 -22.78 -12.60
C TYR F 456 -9.63 -23.06 -12.93
N TYR F 457 -8.94 -23.68 -11.98
CA TYR F 457 -7.52 -23.97 -12.14
C TYR F 457 -7.21 -25.45 -11.96
N LYS F 458 -6.05 -25.87 -12.47
CA LYS F 458 -5.54 -27.21 -12.21
C LYS F 458 -4.30 -27.08 -11.33
N ILE F 459 -4.50 -27.19 -10.02
CA ILE F 459 -3.42 -26.96 -9.07
C ILE F 459 -2.43 -28.12 -9.01
N SER F 460 -1.36 -28.03 -9.80
CA SER F 460 -0.36 -29.08 -9.84
C SER F 460 0.66 -28.96 -8.70
N SER F 461 1.44 -30.01 -8.49
CA SER F 461 2.47 -30.02 -7.46
C SER F 461 3.86 -29.90 -8.08
N ARG F 462 4.71 -29.07 -7.47
CA ARG F 462 6.03 -28.80 -7.99
C ARG F 462 6.93 -30.04 -7.97
N HIS F 463 6.61 -30.99 -7.10
CA HIS F 463 7.44 -32.18 -6.92
C HIS F 463 7.46 -33.08 -8.16
N CYS F 464 6.32 -33.65 -8.50
CA CYS F 464 6.22 -34.59 -9.62
C CYS F 464 5.40 -34.02 -10.78
N GLY F 465 4.38 -33.24 -10.45
CA GLY F 465 3.55 -32.63 -11.48
C GLY F 465 2.07 -32.94 -11.31
N LYS F 466 1.79 -34.03 -10.60
CA LYS F 466 0.41 -34.44 -10.36
C LYS F 466 -0.33 -33.34 -9.59
N LEU F 467 -1.63 -33.22 -9.83
CA LEU F 467 -2.38 -32.09 -9.27
C LEU F 467 -3.42 -32.53 -8.24
N ILE F 468 -3.92 -31.57 -7.47
CA ILE F 468 -4.91 -31.85 -6.44
C ILE F 468 -6.13 -32.55 -7.03
N ASP F 469 -6.51 -33.68 -6.43
CA ASP F 469 -7.61 -34.49 -6.95
C ASP F 469 -8.53 -34.95 -5.82
N VAL F 470 -9.82 -35.05 -6.11
CA VAL F 470 -10.78 -35.62 -5.17
C VAL F 470 -10.94 -37.11 -5.42
N ARG F 471 -10.57 -37.92 -4.43
CA ARG F 471 -10.55 -39.37 -4.58
C ARG F 471 -11.84 -39.95 -5.17
N LYS F 472 -11.72 -40.54 -6.35
CA LYS F 472 -12.83 -41.23 -7.01
C LYS F 472 -14.06 -40.34 -7.20
N TRP F 473 -13.82 -39.08 -7.56
CA TRP F 473 -14.90 -38.14 -7.88
C TRP F 473 -15.95 -38.08 -6.78
N SER F 474 -15.51 -38.23 -5.53
CA SER F 474 -16.42 -38.21 -4.40
C SER F 474 -17.25 -36.92 -4.42
N THR F 475 -18.53 -37.04 -4.12
CA THR F 475 -19.43 -35.90 -4.13
C THR F 475 -19.82 -35.51 -2.72
N GLU F 476 -19.57 -36.39 -1.77
CA GLU F 476 -20.00 -36.17 -0.40
C GLU F 476 -18.90 -35.54 0.45
N ASP F 477 -19.24 -35.25 1.71
CA ASP F 477 -18.27 -34.68 2.64
C ASP F 477 -17.24 -35.71 3.05
N GLY F 478 -16.13 -35.24 3.62
CA GLY F 478 -15.06 -36.12 4.07
C GLY F 478 -14.30 -36.72 2.90
N GLY F 479 -14.64 -36.31 1.69
CA GLY F 479 -13.97 -36.80 0.49
C GLY F 479 -12.48 -36.56 0.53
N ILE F 480 -11.71 -37.65 0.62
CA ILE F 480 -10.25 -37.54 0.71
C ILE F 480 -9.65 -36.79 -0.46
N ILE F 481 -8.89 -35.74 -0.16
CA ILE F 481 -8.16 -34.97 -1.15
C ILE F 481 -6.79 -35.61 -1.37
N GLN F 482 -6.49 -35.93 -2.62
CA GLN F 482 -5.28 -36.68 -2.92
C GLN F 482 -4.49 -36.07 -4.07
N GLN F 483 -3.49 -36.81 -4.55
CA GLN F 483 -2.66 -36.39 -5.67
C GLN F 483 -2.91 -37.33 -6.82
N TRP F 484 -2.95 -36.81 -8.04
CA TRP F 484 -3.24 -37.66 -9.19
C TRP F 484 -2.77 -37.02 -10.49
N SER F 485 -2.42 -37.85 -11.48
CA SER F 485 -2.00 -37.34 -12.78
C SER F 485 -3.13 -36.60 -13.46
N ASP F 486 -2.78 -35.67 -14.34
CA ASP F 486 -3.78 -34.86 -15.03
C ASP F 486 -4.64 -35.69 -15.97
N ALA F 487 -5.89 -35.93 -15.57
CA ALA F 487 -6.84 -36.72 -16.36
C ALA F 487 -7.88 -35.84 -17.03
N GLY F 488 -7.91 -34.56 -16.68
CA GLY F 488 -8.86 -33.63 -17.25
C GLY F 488 -10.28 -33.83 -16.76
N GLY F 489 -10.42 -34.19 -15.49
CA GLY F 489 -11.72 -34.41 -14.88
C GLY F 489 -12.15 -33.25 -14.01
N THR F 490 -13.47 -33.08 -13.86
CA THR F 490 -14.02 -31.99 -13.05
C THR F 490 -13.69 -32.18 -11.57
N ASN F 491 -13.28 -33.38 -11.19
CA ASN F 491 -12.86 -33.65 -9.82
C ASN F 491 -11.46 -33.10 -9.56
N GLN F 492 -10.82 -32.65 -10.62
CA GLN F 492 -9.47 -32.10 -10.54
C GLN F 492 -9.43 -30.59 -10.72
N HIS F 493 -10.57 -30.02 -11.10
CA HIS F 493 -10.65 -28.58 -11.35
C HIS F 493 -11.14 -27.80 -10.13
N TRP F 494 -10.44 -26.72 -9.81
CA TRP F 494 -10.74 -25.95 -8.60
C TRP F 494 -10.98 -24.48 -8.88
N LYS F 495 -11.87 -23.87 -8.10
CA LYS F 495 -12.23 -22.47 -8.25
C LYS F 495 -11.71 -21.66 -7.07
N LEU F 496 -11.05 -20.55 -7.35
CA LEU F 496 -10.49 -19.69 -6.32
C LEU F 496 -11.47 -18.59 -5.94
N VAL F 497 -12.04 -18.70 -4.75
CA VAL F 497 -13.06 -17.76 -4.30
C VAL F 497 -12.64 -16.98 -3.06
N LEU F 498 -12.73 -15.65 -3.16
CA LEU F 498 -12.36 -14.76 -2.06
C LEU F 498 -13.40 -14.80 -0.96
N VAL F 499 -13.06 -14.23 0.19
CA VAL F 499 -13.96 -14.20 1.34
C VAL F 499 -13.65 -13.04 2.28
#